data_2L82
#
_entry.id   2L82
#
_entity_poly.entity_id   1
_entity_poly.type   'polypeptide(L)'
_entity_poly.pdbx_seq_one_letter_code
;MSQIFVVFSSDPEILKEIVREIKRQGVRVVLLYSDQDEKRRRERLEEFEKQGVDVRTVEDKEDFRENIREIWERYPQLDV
VVIVTTDDKEWIKDFIEEAKERGVEVFVVYNNKDDDRRKEAQQEFRSDGVDVRTVSDKEELIEQVRRFVRKVGSLEHHHH
HH
;
_entity_poly.pdbx_strand_id   A
#
# COMPACT_ATOMS: atom_id res chain seq x y z
N MET A 1 8.20 6.43 14.74
CA MET A 1 8.54 5.01 14.98
C MET A 1 7.66 4.06 14.16
N SER A 2 6.35 4.08 14.41
CA SER A 2 5.41 3.16 13.74
C SER A 2 5.10 3.60 12.29
N GLN A 3 5.62 2.85 11.32
CA GLN A 3 5.39 3.15 9.89
C GLN A 3 4.65 1.98 9.19
N ILE A 4 3.74 2.33 8.28
CA ILE A 4 3.06 1.34 7.43
C ILE A 4 3.28 1.67 5.95
N PHE A 5 3.44 0.63 5.13
CA PHE A 5 3.72 0.81 3.70
C PHE A 5 2.44 0.60 2.86
N VAL A 6 2.19 1.49 1.91
CA VAL A 6 1.01 1.37 1.05
C VAL A 6 1.33 1.68 -0.43
N VAL A 7 0.75 0.89 -1.33
CA VAL A 7 1.00 1.02 -2.77
C VAL A 7 -0.30 1.28 -3.54
N PHE A 8 -0.25 2.21 -4.49
CA PHE A 8 -1.38 2.42 -5.42
C PHE A 8 -0.94 2.17 -6.87
N SER A 9 -1.59 1.23 -7.54
CA SER A 9 -1.25 0.87 -8.92
C SER A 9 -2.51 0.57 -9.75
N SER A 10 -2.51 1.02 -11.00
CA SER A 10 -3.61 0.73 -11.93
C SER A 10 -3.40 -0.60 -12.65
N ASP A 11 -2.13 -1.00 -12.78
CA ASP A 11 -1.78 -2.24 -13.49
C ASP A 11 -1.80 -3.46 -12.55
N PRO A 12 -2.71 -4.41 -12.78
CA PRO A 12 -2.81 -5.64 -11.96
C PRO A 12 -1.58 -6.54 -12.11
N GLU A 13 -0.95 -6.50 -13.29
CA GLU A 13 0.27 -7.27 -13.56
C GLU A 13 1.46 -6.74 -12.75
N ILE A 14 1.41 -5.45 -12.40
CA ILE A 14 2.42 -4.84 -11.52
C ILE A 14 2.09 -5.19 -10.07
N LEU A 15 0.82 -5.04 -9.73
CA LEU A 15 0.29 -5.40 -8.41
C LEU A 15 0.71 -6.82 -8.00
N LYS A 16 0.51 -7.79 -8.89
CA LYS A 16 0.84 -9.19 -8.60
C LYS A 16 2.33 -9.36 -8.27
N GLU A 17 3.20 -8.68 -9.02
CA GLU A 17 4.64 -8.75 -8.80
C GLU A 17 5.04 -8.15 -7.45
N ILE A 18 4.37 -7.08 -7.05
CA ILE A 18 4.57 -6.48 -5.74
C ILE A 18 4.21 -7.49 -4.63
N VAL A 19 3.03 -8.09 -4.76
CA VAL A 19 2.54 -9.08 -3.79
C VAL A 19 3.52 -10.25 -3.58
N ARG A 20 3.95 -10.88 -4.67
CA ARG A 20 4.87 -12.03 -4.57
C ARG A 20 6.16 -11.63 -3.84
N GLU A 21 6.70 -10.44 -4.15
CA GLU A 21 7.89 -9.92 -3.48
C GLU A 21 7.66 -9.82 -1.96
N ILE A 22 6.53 -9.23 -1.57
CA ILE A 22 6.15 -9.12 -0.16
C ILE A 22 6.19 -10.50 0.53
N LYS A 23 5.65 -11.51 -0.17
CA LYS A 23 5.68 -12.89 0.33
C LYS A 23 7.12 -13.44 0.36
N ARG A 24 7.96 -13.04 -0.61
CA ARG A 24 9.37 -13.45 -0.63
C ARG A 24 10.11 -12.92 0.61
N GLN A 25 9.74 -11.71 1.04
CA GLN A 25 10.37 -11.06 2.19
C GLN A 25 9.80 -11.57 3.53
N GLY A 26 8.83 -12.48 3.46
CA GLY A 26 8.19 -13.00 4.67
C GLY A 26 7.27 -11.98 5.35
N VAL A 27 6.68 -11.11 4.55
CA VAL A 27 5.81 -10.04 5.07
C VAL A 27 4.35 -10.24 4.64
N ARG A 28 3.42 -9.73 5.44
CA ARG A 28 1.99 -9.82 5.13
C ARG A 28 1.55 -8.73 4.12
N VAL A 29 0.58 -9.06 3.28
CA VAL A 29 0.09 -8.14 2.24
C VAL A 29 -1.43 -7.97 2.31
N VAL A 30 -1.88 -6.73 2.53
CA VAL A 30 -3.30 -6.40 2.59
C VAL A 30 -3.76 -5.79 1.25
N LEU A 31 -4.36 -6.62 0.39
CA LEU A 31 -4.80 -6.15 -0.93
C LEU A 31 -6.25 -5.64 -0.87
N LEU A 32 -6.43 -4.36 -1.16
CA LEU A 32 -7.76 -3.76 -1.25
C LEU A 32 -8.20 -3.73 -2.72
N TYR A 33 -8.93 -4.76 -3.14
CA TYR A 33 -9.23 -4.97 -4.56
C TYR A 33 -10.53 -4.30 -4.99
N SER A 34 -10.43 -3.41 -5.97
CA SER A 34 -11.60 -2.72 -6.55
C SER A 34 -11.77 -3.07 -8.04
N ASP A 35 -12.93 -3.64 -8.37
CA ASP A 35 -13.25 -4.00 -9.76
C ASP A 35 -14.68 -3.55 -10.11
N GLN A 36 -15.02 -3.54 -11.39
CA GLN A 36 -16.34 -3.05 -11.84
C GLN A 36 -17.42 -4.14 -11.85
N ASP A 37 -17.01 -5.40 -11.70
CA ASP A 37 -17.95 -6.53 -11.69
C ASP A 37 -17.69 -7.44 -10.46
N GLU A 38 -18.76 -7.88 -9.81
CA GLU A 38 -18.64 -8.76 -8.63
C GLU A 38 -17.98 -10.10 -8.98
N LYS A 39 -18.50 -10.73 -10.03
CA LYS A 39 -18.00 -12.04 -10.48
C LYS A 39 -16.52 -11.95 -10.90
N ARG A 40 -16.21 -11.00 -11.78
CA ARG A 40 -14.82 -10.73 -12.19
C ARG A 40 -13.93 -10.47 -10.95
N ARG A 41 -14.40 -9.56 -10.09
CA ARG A 41 -13.67 -9.19 -8.88
C ARG A 41 -13.18 -10.42 -8.10
N ARG A 42 -14.10 -11.34 -7.81
CA ARG A 42 -13.74 -12.56 -7.07
C ARG A 42 -12.73 -13.42 -7.84
N GLU A 43 -13.02 -13.67 -9.12
CA GLU A 43 -12.15 -14.52 -9.96
C GLU A 43 -10.73 -13.95 -10.08
N ARG A 44 -10.62 -12.63 -9.95
CA ARG A 44 -9.33 -11.95 -9.99
C ARG A 44 -8.57 -12.09 -8.66
N LEU A 45 -9.19 -11.68 -7.57
CA LEU A 45 -8.55 -11.69 -6.25
C LEU A 45 -8.34 -13.11 -5.71
N GLU A 46 -9.14 -14.08 -6.17
CA GLU A 46 -8.99 -15.47 -5.73
C GLU A 46 -7.59 -15.99 -6.03
N GLU A 47 -6.99 -15.54 -7.13
CA GLU A 47 -5.62 -15.90 -7.47
C GLU A 47 -4.64 -15.49 -6.36
N PHE A 48 -5.00 -14.44 -5.62
CA PHE A 48 -4.20 -14.01 -4.47
C PHE A 48 -4.59 -14.77 -3.19
N GLU A 49 -5.88 -15.04 -3.01
CA GLU A 49 -6.34 -15.84 -1.86
C GLU A 49 -5.58 -17.18 -1.77
N LYS A 50 -5.51 -17.86 -2.91
CA LYS A 50 -4.82 -19.16 -3.02
C LYS A 50 -3.28 -19.02 -2.87
N GLN A 51 -2.78 -17.79 -2.98
CA GLN A 51 -1.34 -17.52 -2.78
C GLN A 51 -1.05 -17.01 -1.36
N GLY A 52 -2.02 -17.13 -0.47
CA GLY A 52 -1.84 -16.67 0.90
C GLY A 52 -1.70 -15.15 1.01
N VAL A 53 -2.76 -14.43 0.64
CA VAL A 53 -2.78 -12.97 0.68
C VAL A 53 -4.00 -12.46 1.48
N ASP A 54 -3.86 -11.32 2.16
CA ASP A 54 -4.98 -10.72 2.90
C ASP A 54 -5.77 -9.74 2.02
N VAL A 55 -6.75 -10.25 1.28
CA VAL A 55 -7.51 -9.42 0.33
C VAL A 55 -8.87 -8.97 0.89
N ARG A 56 -9.08 -7.65 0.90
CA ARG A 56 -10.39 -7.05 1.19
C ARG A 56 -10.96 -6.41 -0.09
N THR A 57 -12.27 -6.53 -0.29
CA THR A 57 -12.92 -5.96 -1.49
C THR A 57 -13.46 -4.55 -1.23
N VAL A 58 -13.18 -3.63 -2.15
CA VAL A 58 -13.70 -2.25 -2.05
C VAL A 58 -14.47 -1.83 -3.32
N GLU A 59 -15.55 -1.08 -3.10
CA GLU A 59 -16.38 -0.58 -4.20
C GLU A 59 -16.34 0.96 -4.31
N ASP A 60 -16.23 1.63 -3.17
CA ASP A 60 -16.34 3.09 -3.12
C ASP A 60 -15.19 3.71 -2.28
N LYS A 61 -15.10 5.04 -2.29
CA LYS A 61 -14.07 5.77 -1.55
C LYS A 61 -14.30 5.60 -0.04
N GLU A 62 -15.56 5.74 0.38
CA GLU A 62 -15.95 5.54 1.78
C GLU A 62 -15.82 4.06 2.18
N ASP A 63 -16.02 3.15 1.22
CA ASP A 63 -15.87 1.72 1.47
C ASP A 63 -14.37 1.38 1.57
N PHE A 64 -13.55 2.18 0.91
CA PHE A 64 -12.09 2.06 0.98
C PHE A 64 -11.58 2.38 2.39
N ARG A 65 -11.89 3.57 2.88
CA ARG A 65 -11.38 4.04 4.18
C ARG A 65 -11.76 3.10 5.34
N GLU A 66 -12.94 2.49 5.29
CA GLU A 66 -13.38 1.58 6.35
C GLU A 66 -12.57 0.28 6.37
N ASN A 67 -12.20 -0.24 5.19
CA ASN A 67 -11.36 -1.44 5.10
C ASN A 67 -9.93 -1.16 5.62
N ILE A 68 -9.54 0.11 5.65
CA ILE A 68 -8.27 0.52 6.26
C ILE A 68 -8.35 0.37 7.79
N ARG A 69 -9.50 0.73 8.34
CA ARG A 69 -9.76 0.58 9.78
C ARG A 69 -9.64 -0.88 10.21
N GLU A 70 -10.03 -1.79 9.32
CA GLU A 70 -9.77 -3.22 9.49
C GLU A 70 -8.30 -3.47 9.84
N ILE A 71 -7.40 -2.91 9.03
CA ILE A 71 -5.95 -3.07 9.24
C ILE A 71 -5.53 -2.58 10.63
N TRP A 72 -5.92 -1.34 10.99
CA TRP A 72 -5.59 -0.77 12.31
C TRP A 72 -6.08 -1.66 13.46
N GLU A 73 -7.22 -2.31 13.24
CA GLU A 73 -7.84 -3.17 14.25
C GLU A 73 -7.27 -4.60 14.24
N ARG A 74 -6.70 -5.00 13.11
CA ARG A 74 -6.13 -6.35 12.95
C ARG A 74 -4.65 -6.43 13.35
N TYR A 75 -3.81 -5.57 12.77
CA TYR A 75 -2.35 -5.70 12.91
C TYR A 75 -1.68 -4.43 13.48
N PRO A 76 -1.50 -4.36 14.83
CA PRO A 76 -0.74 -3.27 15.47
C PRO A 76 0.77 -3.36 15.18
N GLN A 77 1.24 -4.54 14.77
CA GLN A 77 2.64 -4.76 14.41
C GLN A 77 3.06 -3.90 13.21
N LEU A 78 2.10 -3.65 12.30
CA LEU A 78 2.31 -2.84 11.09
C LEU A 78 3.31 -3.46 10.10
N ASP A 79 3.67 -4.74 10.31
CA ASP A 79 4.50 -5.47 9.33
C ASP A 79 3.64 -5.90 8.11
N VAL A 80 2.73 -5.04 7.66
CA VAL A 80 1.86 -5.33 6.54
C VAL A 80 2.02 -4.30 5.41
N VAL A 81 2.09 -4.79 4.18
CA VAL A 81 2.13 -3.91 3.01
C VAL A 81 0.74 -3.86 2.33
N VAL A 82 0.13 -2.69 2.35
CA VAL A 82 -1.21 -2.51 1.79
C VAL A 82 -1.12 -2.12 0.30
N ILE A 83 -1.89 -2.78 -0.55
CA ILE A 83 -1.91 -2.48 -1.98
C ILE A 83 -3.35 -2.21 -2.47
N VAL A 84 -3.53 -1.11 -3.21
CA VAL A 84 -4.85 -0.72 -3.72
C VAL A 84 -4.86 -0.67 -5.25
N THR A 85 -5.88 -1.25 -5.86
CA THR A 85 -6.00 -1.30 -7.33
C THR A 85 -6.56 0.00 -7.92
N THR A 86 -5.73 1.05 -7.95
CA THR A 86 -6.11 2.36 -8.52
C THR A 86 -4.95 3.36 -8.46
N ASP A 87 -5.11 4.49 -9.13
CA ASP A 87 -4.14 5.59 -9.07
C ASP A 87 -4.81 6.91 -8.65
N ASP A 88 -6.08 6.83 -8.23
CA ASP A 88 -6.87 8.01 -7.87
C ASP A 88 -6.34 8.70 -6.60
N LYS A 89 -6.25 10.02 -6.66
CA LYS A 89 -5.75 10.82 -5.55
C LYS A 89 -6.72 10.79 -4.36
N GLU A 90 -8.01 10.57 -4.64
CA GLU A 90 -9.01 10.38 -3.59
C GLU A 90 -8.62 9.23 -2.66
N TRP A 91 -8.39 8.07 -3.27
CA TRP A 91 -8.04 6.85 -2.52
C TRP A 91 -6.71 7.03 -1.78
N ILE A 92 -5.77 7.75 -2.39
CA ILE A 92 -4.52 8.11 -1.71
C ILE A 92 -4.79 9.01 -0.48
N LYS A 93 -5.76 9.91 -0.62
CA LYS A 93 -6.14 10.84 0.44
C LYS A 93 -6.72 10.11 1.68
N ASP A 94 -7.79 9.34 1.48
CA ASP A 94 -8.49 8.65 2.58
C ASP A 94 -7.54 7.82 3.46
N PHE A 95 -6.57 7.14 2.83
CA PHE A 95 -5.61 6.33 3.58
C PHE A 95 -4.80 7.21 4.55
N ILE A 96 -4.40 8.39 4.07
CA ILE A 96 -3.63 9.34 4.88
C ILE A 96 -4.46 9.88 6.06
N GLU A 97 -5.71 10.25 5.79
CA GLU A 97 -6.63 10.76 6.83
C GLU A 97 -6.77 9.76 7.99
N GLU A 98 -7.25 8.55 7.66
CA GLU A 98 -7.44 7.49 8.66
C GLU A 98 -6.15 7.24 9.46
N ALA A 99 -5.02 7.22 8.77
CA ALA A 99 -3.71 6.99 9.42
C ALA A 99 -3.36 8.08 10.44
N LYS A 100 -3.54 9.35 10.05
CA LYS A 100 -3.27 10.48 10.96
C LYS A 100 -4.09 10.38 12.25
N GLU A 101 -5.34 9.90 12.13
CA GLU A 101 -6.20 9.73 13.30
C GLU A 101 -5.71 8.62 14.24
N ARG A 102 -4.92 7.68 13.71
CA ARG A 102 -4.29 6.64 14.54
C ARG A 102 -2.86 7.03 14.93
N GLY A 103 -2.42 8.21 14.48
CA GLY A 103 -1.09 8.71 14.83
C GLY A 103 0.05 7.87 14.27
N VAL A 104 -0.18 7.24 13.12
CA VAL A 104 0.84 6.37 12.49
C VAL A 104 1.48 7.03 11.27
N GLU A 105 2.74 6.68 11.01
CA GLU A 105 3.48 7.17 9.86
C GLU A 105 3.20 6.31 8.62
N VAL A 106 2.96 6.93 7.48
CA VAL A 106 2.62 6.19 6.25
C VAL A 106 3.56 6.52 5.10
N PHE A 107 4.18 5.50 4.54
CA PHE A 107 5.04 5.67 3.37
C PHE A 107 4.28 5.24 2.09
N VAL A 108 3.80 6.22 1.33
CA VAL A 108 2.98 5.96 0.14
C VAL A 108 3.83 5.86 -1.13
N VAL A 109 3.72 4.74 -1.84
CA VAL A 109 4.40 4.57 -3.13
C VAL A 109 3.39 4.22 -4.24
N TYR A 110 3.21 5.12 -5.21
CA TYR A 110 2.26 4.90 -6.29
C TYR A 110 2.90 5.06 -7.68
N ASN A 111 2.39 4.32 -8.66
CA ASN A 111 2.94 4.35 -10.01
C ASN A 111 2.05 5.13 -10.98
N ASN A 112 2.65 6.12 -11.65
CA ASN A 112 1.97 6.90 -12.67
C ASN A 112 3.00 7.68 -13.50
N LYS A 113 2.98 7.51 -14.82
CA LYS A 113 4.04 7.99 -15.71
C LYS A 113 4.20 9.53 -15.69
N ASP A 114 3.10 10.26 -15.75
CA ASP A 114 3.15 11.72 -15.75
C ASP A 114 3.55 12.28 -14.36
N ASP A 115 4.86 12.43 -14.16
CA ASP A 115 5.43 12.87 -12.87
C ASP A 115 5.17 14.37 -12.60
N ASP A 116 4.81 15.12 -13.63
CA ASP A 116 4.48 16.55 -13.48
C ASP A 116 3.36 16.76 -12.44
N ARG A 117 2.22 16.07 -12.65
CA ARG A 117 1.11 16.12 -11.70
C ARG A 117 1.47 15.42 -10.37
N ARG A 118 2.48 14.55 -10.41
CA ARG A 118 3.02 13.94 -9.19
C ARG A 118 3.65 15.01 -8.28
N LYS A 119 4.30 16.00 -8.89
CA LYS A 119 4.95 17.08 -8.14
C LYS A 119 3.95 17.82 -7.24
N GLU A 120 2.81 18.21 -7.80
CA GLU A 120 1.74 18.86 -7.03
C GLU A 120 1.16 17.89 -5.99
N ALA A 121 0.98 16.63 -6.38
CA ALA A 121 0.49 15.59 -5.48
C ALA A 121 1.41 15.43 -4.25
N GLN A 122 2.72 15.48 -4.47
CA GLN A 122 3.68 15.41 -3.38
C GLN A 122 3.53 16.61 -2.43
N GLN A 123 3.50 17.82 -3.00
CA GLN A 123 3.30 19.04 -2.21
C GLN A 123 1.95 19.03 -1.48
N GLU A 124 0.97 18.34 -2.05
CA GLU A 124 -0.37 18.29 -1.49
C GLU A 124 -0.48 17.31 -0.30
N PHE A 125 0.02 16.09 -0.49
CA PHE A 125 -0.19 15.00 0.48
C PHE A 125 0.99 14.81 1.47
N ARG A 126 2.20 15.18 1.08
CA ARG A 126 3.39 14.92 1.91
C ARG A 126 3.26 15.60 3.28
N SER A 127 3.07 14.81 4.32
CA SER A 127 2.87 15.31 5.68
C SER A 127 4.10 15.04 6.55
N ASP A 128 3.97 15.25 7.86
CA ASP A 128 5.06 14.97 8.81
C ASP A 128 5.51 13.50 8.73
N GLY A 129 4.64 12.59 9.14
CA GLY A 129 4.95 11.16 9.12
C GLY A 129 4.54 10.46 7.84
N VAL A 130 3.75 11.15 7.01
CA VAL A 130 3.28 10.57 5.74
C VAL A 130 4.22 10.96 4.59
N ASP A 131 4.93 9.96 4.06
CA ASP A 131 5.89 10.15 2.98
C ASP A 131 5.23 9.88 1.61
N VAL A 132 5.71 10.55 0.56
CA VAL A 132 5.16 10.38 -0.79
C VAL A 132 6.25 9.97 -1.80
N ARG A 133 6.07 8.81 -2.42
CA ARG A 133 7.03 8.27 -3.39
C ARG A 133 6.36 8.06 -4.76
N THR A 134 6.98 8.58 -5.81
CA THR A 134 6.42 8.48 -7.17
C THR A 134 7.33 7.67 -8.11
N VAL A 135 6.76 6.70 -8.81
CA VAL A 135 7.50 5.90 -9.79
C VAL A 135 6.72 5.74 -11.09
N SER A 136 7.44 5.46 -12.18
CA SER A 136 6.82 5.26 -13.50
C SER A 136 7.09 3.85 -14.03
N ASP A 137 7.48 2.93 -13.14
CA ASP A 137 7.84 1.57 -13.53
C ASP A 137 7.46 0.54 -12.46
N LYS A 138 7.43 -0.73 -12.84
CA LYS A 138 7.15 -1.82 -11.90
C LYS A 138 8.30 -1.99 -10.89
N GLU A 139 9.52 -2.22 -11.40
CA GLU A 139 10.66 -2.54 -10.54
C GLU A 139 11.08 -1.34 -9.68
N GLU A 140 10.92 -0.13 -10.22
CA GLU A 140 11.14 1.10 -9.44
C GLU A 140 10.28 1.10 -8.18
N LEU A 141 9.08 0.54 -8.30
CA LEU A 141 8.14 0.42 -7.17
C LEU A 141 8.57 -0.74 -6.26
N ILE A 142 8.95 -1.87 -6.86
CA ILE A 142 9.43 -3.05 -6.13
C ILE A 142 10.56 -2.67 -5.17
N GLU A 143 11.52 -1.88 -5.65
CA GLU A 143 12.66 -1.43 -4.84
C GLU A 143 12.20 -0.80 -3.51
N GLN A 144 11.27 0.13 -3.57
CA GLN A 144 10.75 0.79 -2.36
C GLN A 144 10.15 -0.25 -1.38
N VAL A 145 9.42 -1.22 -1.93
CA VAL A 145 8.82 -2.29 -1.13
C VAL A 145 9.89 -3.13 -0.41
N ARG A 146 10.90 -3.57 -1.16
CA ARG A 146 12.01 -4.35 -0.60
C ARG A 146 12.74 -3.56 0.49
N ARG A 147 13.10 -2.32 0.17
CA ARG A 147 13.79 -1.42 1.11
C ARG A 147 12.96 -1.18 2.39
N PHE A 148 11.63 -1.27 2.26
CA PHE A 148 10.74 -1.19 3.42
C PHE A 148 11.03 -2.31 4.42
N VAL A 149 10.94 -3.55 3.95
CA VAL A 149 11.20 -4.72 4.80
C VAL A 149 12.60 -4.63 5.44
N ARG A 150 13.55 -4.10 4.68
CA ARG A 150 14.92 -3.94 5.15
C ARG A 150 15.05 -2.83 6.21
N LYS A 151 14.17 -1.84 6.17
CA LYS A 151 14.21 -0.75 7.17
C LYS A 151 13.46 -1.14 8.45
N VAL A 152 12.25 -1.69 8.31
CA VAL A 152 11.42 -2.10 9.47
C VAL A 152 11.94 -3.41 10.10
N GLY A 153 12.56 -4.27 9.29
CA GLY A 153 13.06 -5.56 9.78
C GLY A 153 14.25 -5.45 10.73
N SER A 154 14.55 -4.23 11.19
CA SER A 154 15.64 -3.98 12.14
C SER A 154 15.29 -2.82 13.08
N LEU A 155 15.12 -1.63 12.52
CA LEU A 155 14.75 -0.43 13.28
C LEU A 155 13.59 0.32 12.61
N GLU A 156 13.44 1.61 12.91
CA GLU A 156 12.48 2.45 12.20
C GLU A 156 13.03 2.85 10.81
N HIS A 157 14.25 3.40 10.79
CA HIS A 157 15.02 3.59 9.56
C HIS A 157 14.24 4.34 8.46
N HIS A 158 13.42 5.33 8.85
CA HIS A 158 12.58 6.08 7.90
C HIS A 158 13.41 6.87 6.87
N HIS A 159 14.54 7.43 7.32
CA HIS A 159 15.33 8.41 6.55
C HIS A 159 15.54 8.05 5.06
N HIS A 160 15.63 6.77 4.73
CA HIS A 160 15.86 6.36 3.34
C HIS A 160 14.58 6.40 2.50
N HIS A 161 14.53 7.39 1.60
CA HIS A 161 13.38 7.62 0.72
C HIS A 161 13.75 7.47 -0.77
N HIS A 162 15.04 7.64 -1.08
CA HIS A 162 15.51 7.55 -2.47
C HIS A 162 15.74 6.07 -2.90
N MET A 1 8.47 5.83 14.50
CA MET A 1 8.12 4.44 14.10
C MET A 1 6.61 4.21 14.11
N SER A 2 6.20 2.97 13.80
CA SER A 2 4.78 2.66 13.56
C SER A 2 4.28 3.40 12.32
N GLN A 3 4.92 3.10 11.19
CA GLN A 3 4.57 3.68 9.89
C GLN A 3 4.02 2.59 8.98
N ILE A 4 3.01 2.90 8.17
CA ILE A 4 2.36 1.87 7.35
C ILE A 4 2.68 2.06 5.86
N PHE A 5 3.14 0.98 5.23
CA PHE A 5 3.56 0.98 3.83
C PHE A 5 2.40 0.57 2.92
N VAL A 6 1.94 1.51 2.08
CA VAL A 6 0.83 1.25 1.16
C VAL A 6 1.22 1.53 -0.29
N VAL A 7 0.79 0.65 -1.20
CA VAL A 7 1.08 0.80 -2.63
C VAL A 7 -0.21 1.01 -3.43
N PHE A 8 -0.31 2.13 -4.13
CA PHE A 8 -1.45 2.39 -5.03
C PHE A 8 -1.01 2.20 -6.50
N SER A 9 -1.69 1.29 -7.20
CA SER A 9 -1.39 1.05 -8.61
C SER A 9 -2.66 0.80 -9.42
N SER A 10 -2.78 1.45 -10.58
CA SER A 10 -3.90 1.22 -11.49
C SER A 10 -3.61 0.03 -12.43
N ASP A 11 -2.32 -0.32 -12.54
CA ASP A 11 -1.90 -1.42 -13.41
C ASP A 11 -1.76 -2.72 -12.59
N PRO A 12 -2.74 -3.66 -12.68
CA PRO A 12 -2.72 -4.91 -11.91
C PRO A 12 -1.51 -5.79 -12.22
N GLU A 13 -0.96 -5.64 -13.42
CA GLU A 13 0.20 -6.41 -13.87
C GLU A 13 1.44 -6.09 -13.02
N ILE A 14 1.51 -4.88 -12.46
CA ILE A 14 2.62 -4.48 -11.59
C ILE A 14 2.44 -5.02 -10.16
N LEU A 15 1.26 -4.78 -9.57
CA LEU A 15 0.99 -5.23 -8.20
C LEU A 15 1.14 -6.75 -8.08
N LYS A 16 0.80 -7.46 -9.16
CA LYS A 16 0.92 -8.93 -9.22
C LYS A 16 2.38 -9.37 -8.99
N GLU A 17 3.32 -8.54 -9.40
CA GLU A 17 4.75 -8.80 -9.16
C GLU A 17 5.19 -8.30 -7.77
N ILE A 18 4.52 -7.27 -7.27
CA ILE A 18 4.79 -6.74 -5.93
C ILE A 18 4.44 -7.78 -4.85
N VAL A 19 3.23 -8.33 -4.95
CA VAL A 19 2.72 -9.32 -3.97
C VAL A 19 3.70 -10.49 -3.76
N ARG A 20 4.17 -11.09 -4.86
CA ARG A 20 5.08 -12.25 -4.79
C ARG A 20 6.40 -11.88 -4.07
N GLU A 21 6.92 -10.69 -4.33
CA GLU A 21 8.12 -10.21 -3.63
C GLU A 21 7.88 -10.14 -2.12
N ILE A 22 6.80 -9.49 -1.72
CA ILE A 22 6.44 -9.36 -0.31
C ILE A 22 6.31 -10.74 0.36
N LYS A 23 5.56 -11.64 -0.29
CA LYS A 23 5.35 -12.99 0.23
C LYS A 23 6.64 -13.81 0.26
N ARG A 24 7.55 -13.57 -0.69
CA ARG A 24 8.85 -14.25 -0.72
C ARG A 24 9.72 -13.79 0.46
N GLN A 25 9.57 -12.51 0.83
CA GLN A 25 10.27 -11.94 1.99
C GLN A 25 9.69 -12.46 3.30
N GLY A 26 8.47 -13.01 3.25
CA GLY A 26 7.79 -13.51 4.43
C GLY A 26 6.82 -12.51 5.04
N VAL A 27 6.67 -11.35 4.40
CA VAL A 27 5.81 -10.28 4.91
C VAL A 27 4.34 -10.48 4.47
N ARG A 28 3.42 -10.13 5.36
CA ARG A 28 1.97 -10.29 5.12
C ARG A 28 1.45 -9.17 4.19
N VAL A 29 0.59 -9.55 3.24
CA VAL A 29 0.11 -8.62 2.21
C VAL A 29 -1.40 -8.36 2.36
N VAL A 30 -1.77 -7.11 2.60
CA VAL A 30 -3.19 -6.72 2.66
C VAL A 30 -3.63 -6.05 1.35
N LEU A 31 -4.26 -6.82 0.48
CA LEU A 31 -4.69 -6.33 -0.83
C LEU A 31 -6.14 -5.83 -0.81
N LEU A 32 -6.33 -4.54 -1.02
CA LEU A 32 -7.67 -3.96 -1.14
C LEU A 32 -8.07 -3.84 -2.61
N TYR A 33 -8.83 -4.83 -3.09
CA TYR A 33 -9.14 -4.94 -4.51
C TYR A 33 -10.40 -4.12 -4.90
N SER A 34 -10.20 -3.07 -5.67
CA SER A 34 -11.30 -2.20 -6.13
C SER A 34 -11.61 -2.42 -7.62
N ASP A 35 -12.70 -3.13 -7.90
CA ASP A 35 -13.14 -3.38 -9.28
C ASP A 35 -14.65 -3.13 -9.43
N GLN A 36 -15.11 -2.86 -10.65
CA GLN A 36 -16.51 -2.48 -10.90
C GLN A 36 -17.42 -3.70 -11.22
N ASP A 37 -16.92 -4.90 -11.01
CA ASP A 37 -17.71 -6.13 -11.26
C ASP A 37 -17.61 -7.07 -10.04
N GLU A 38 -18.51 -8.06 -9.95
CA GLU A 38 -18.49 -9.01 -8.84
C GLU A 38 -17.89 -10.36 -9.27
N LYS A 39 -18.37 -10.92 -10.38
CA LYS A 39 -17.91 -12.24 -10.85
C LYS A 39 -16.45 -12.20 -11.33
N ARG A 40 -16.16 -11.33 -12.29
CA ARG A 40 -14.79 -11.20 -12.82
C ARG A 40 -13.82 -10.71 -11.74
N ARG A 41 -14.26 -9.77 -10.90
CA ARG A 41 -13.45 -9.31 -9.77
C ARG A 41 -13.00 -10.49 -8.90
N ARG A 42 -13.94 -11.38 -8.57
CA ARG A 42 -13.62 -12.58 -7.80
C ARG A 42 -12.59 -13.44 -8.53
N GLU A 43 -12.77 -13.61 -9.84
CA GLU A 43 -11.81 -14.35 -10.67
C GLU A 43 -10.40 -13.72 -10.62
N ARG A 44 -10.36 -12.39 -10.57
CA ARG A 44 -9.09 -11.65 -10.54
C ARG A 44 -8.40 -11.75 -9.17
N LEU A 45 -9.16 -11.55 -8.09
CA LEU A 45 -8.59 -11.55 -6.73
C LEU A 45 -8.33 -12.98 -6.22
N GLU A 46 -9.08 -13.96 -6.74
CA GLU A 46 -8.89 -15.36 -6.38
C GLU A 46 -7.43 -15.79 -6.57
N GLU A 47 -6.83 -15.35 -7.68
CA GLU A 47 -5.42 -15.63 -7.97
C GLU A 47 -4.52 -15.21 -6.81
N PHE A 48 -4.89 -14.15 -6.10
CA PHE A 48 -4.11 -13.67 -4.96
C PHE A 48 -4.47 -14.42 -3.67
N GLU A 49 -5.76 -14.71 -3.48
CA GLU A 49 -6.22 -15.46 -2.30
C GLU A 49 -5.50 -16.82 -2.19
N LYS A 50 -5.44 -17.53 -3.32
CA LYS A 50 -4.79 -18.85 -3.38
C LYS A 50 -3.26 -18.75 -3.16
N GLN A 51 -2.72 -17.54 -3.24
CA GLN A 51 -1.28 -17.30 -3.00
C GLN A 51 -1.00 -16.88 -1.53
N GLY A 52 -2.03 -16.92 -0.69
CA GLY A 52 -1.87 -16.55 0.71
C GLY A 52 -1.85 -15.04 0.95
N VAL A 53 -2.78 -14.32 0.31
CA VAL A 53 -2.84 -12.86 0.42
C VAL A 53 -4.15 -12.39 1.10
N ASP A 54 -4.03 -11.44 2.02
CA ASP A 54 -5.17 -10.85 2.70
C ASP A 54 -5.96 -9.92 1.76
N VAL A 55 -6.85 -10.49 0.96
CA VAL A 55 -7.60 -9.71 -0.03
C VAL A 55 -8.98 -9.28 0.47
N ARG A 56 -9.21 -7.98 0.53
CA ARG A 56 -10.53 -7.42 0.87
C ARG A 56 -11.10 -6.67 -0.36
N THR A 57 -12.40 -6.79 -0.60
CA THR A 57 -13.05 -6.09 -1.72
C THR A 57 -13.57 -4.71 -1.32
N VAL A 58 -13.10 -3.67 -2.02
CA VAL A 58 -13.56 -2.30 -1.77
C VAL A 58 -14.43 -1.76 -2.92
N GLU A 59 -15.46 -0.99 -2.56
CA GLU A 59 -16.39 -0.42 -3.52
C GLU A 59 -16.29 1.12 -3.60
N ASP A 60 -16.10 1.77 -2.44
CA ASP A 60 -16.08 3.24 -2.36
C ASP A 60 -15.10 3.72 -1.28
N LYS A 61 -14.85 5.04 -1.26
CA LYS A 61 -13.92 5.66 -0.30
C LYS A 61 -14.24 5.29 1.16
N GLU A 62 -15.51 5.44 1.56
CA GLU A 62 -15.91 5.11 2.94
C GLU A 62 -15.75 3.61 3.24
N ASP A 63 -15.95 2.77 2.22
CA ASP A 63 -15.75 1.33 2.37
C ASP A 63 -14.24 1.03 2.41
N PHE A 64 -13.48 1.84 1.69
CA PHE A 64 -12.02 1.75 1.67
C PHE A 64 -11.42 2.00 3.06
N ARG A 65 -11.80 3.12 3.69
CA ARG A 65 -11.31 3.45 5.02
C ARG A 65 -11.73 2.41 6.07
N GLU A 66 -12.92 1.82 5.93
CA GLU A 66 -13.37 0.76 6.85
C GLU A 66 -12.37 -0.42 6.85
N ASN A 67 -11.92 -0.82 5.66
CA ASN A 67 -10.92 -1.89 5.53
C ASN A 67 -9.57 -1.45 6.13
N ILE A 68 -9.23 -0.18 5.99
CA ILE A 68 -8.02 0.38 6.62
C ILE A 68 -8.15 0.32 8.15
N ARG A 69 -9.33 0.68 8.65
CA ARG A 69 -9.63 0.62 10.09
C ARG A 69 -9.53 -0.83 10.62
N GLU A 70 -9.88 -1.80 9.77
CA GLU A 70 -9.66 -3.22 10.10
C GLU A 70 -8.16 -3.50 10.34
N ILE A 71 -7.31 -2.83 9.56
CA ILE A 71 -5.86 -2.96 9.70
C ILE A 71 -5.38 -2.37 11.04
N TRP A 72 -5.87 -1.18 11.38
CA TRP A 72 -5.52 -0.53 12.65
C TRP A 72 -5.89 -1.41 13.85
N GLU A 73 -7.01 -2.12 13.73
CA GLU A 73 -7.53 -2.97 14.81
C GLU A 73 -6.84 -4.35 14.85
N ARG A 74 -6.68 -4.97 13.67
CA ARG A 74 -6.15 -6.33 13.56
C ARG A 74 -4.61 -6.37 13.59
N TYR A 75 -3.97 -5.42 12.93
CA TYR A 75 -2.49 -5.39 12.84
C TYR A 75 -1.92 -4.09 13.44
N PRO A 76 -2.03 -3.89 14.78
CA PRO A 76 -1.63 -2.62 15.43
C PRO A 76 -0.12 -2.37 15.41
N GLN A 77 0.66 -3.38 15.04
CA GLN A 77 2.12 -3.24 14.93
C GLN A 77 2.54 -2.69 13.56
N LEU A 78 1.65 -2.85 12.56
CA LEU A 78 1.85 -2.30 11.20
C LEU A 78 2.99 -3.00 10.42
N ASP A 79 3.36 -4.21 10.83
CA ASP A 79 4.38 -5.00 10.13
C ASP A 79 3.84 -5.63 8.81
N VAL A 80 2.82 -5.02 8.21
CA VAL A 80 2.18 -5.55 7.00
C VAL A 80 2.23 -4.55 5.83
N VAL A 81 2.24 -5.06 4.61
CA VAL A 81 2.23 -4.21 3.41
C VAL A 81 0.84 -4.17 2.76
N VAL A 82 0.30 -2.97 2.57
CA VAL A 82 -1.04 -2.81 1.98
C VAL A 82 -0.95 -2.41 0.50
N ILE A 83 -1.75 -3.06 -0.35
CA ILE A 83 -1.78 -2.73 -1.78
C ILE A 83 -3.22 -2.45 -2.24
N VAL A 84 -3.43 -1.33 -2.93
CA VAL A 84 -4.76 -0.95 -3.42
C VAL A 84 -4.77 -0.77 -4.95
N THR A 85 -5.78 -1.33 -5.61
CA THR A 85 -5.84 -1.33 -7.08
C THR A 85 -6.49 -0.06 -7.65
N THR A 86 -5.89 1.09 -7.38
CA THR A 86 -6.45 2.38 -7.85
C THR A 86 -5.38 3.45 -8.06
N ASP A 87 -5.72 4.46 -8.86
CA ASP A 87 -4.87 5.62 -9.11
C ASP A 87 -5.57 6.92 -8.65
N ASP A 88 -6.77 6.79 -8.09
CA ASP A 88 -7.56 7.96 -7.68
C ASP A 88 -6.88 8.75 -6.54
N LYS A 89 -6.69 10.05 -6.77
CA LYS A 89 -6.03 10.93 -5.79
C LYS A 89 -6.80 10.97 -4.46
N GLU A 90 -8.13 11.02 -4.54
CA GLU A 90 -8.99 11.06 -3.35
C GLU A 90 -8.81 9.79 -2.49
N TRP A 91 -8.68 8.63 -3.13
CA TRP A 91 -8.46 7.37 -2.41
C TRP A 91 -7.11 7.38 -1.69
N ILE A 92 -6.08 7.92 -2.35
CA ILE A 92 -4.76 8.09 -1.71
C ILE A 92 -4.84 9.01 -0.48
N LYS A 93 -5.59 10.10 -0.63
CA LYS A 93 -5.82 11.06 0.47
C LYS A 93 -6.57 10.41 1.64
N ASP A 94 -7.66 9.69 1.31
CA ASP A 94 -8.51 9.05 2.32
C ASP A 94 -7.69 8.16 3.28
N PHE A 95 -6.78 7.37 2.71
CA PHE A 95 -5.88 6.51 3.48
C PHE A 95 -5.07 7.32 4.51
N ILE A 96 -4.45 8.40 4.05
CA ILE A 96 -3.58 9.23 4.90
C ILE A 96 -4.37 9.87 6.06
N GLU A 97 -5.59 10.31 5.77
CA GLU A 97 -6.43 10.96 6.78
C GLU A 97 -6.81 9.99 7.92
N GLU A 98 -7.23 8.78 7.55
CA GLU A 98 -7.57 7.75 8.56
C GLU A 98 -6.35 7.37 9.41
N ALA A 99 -5.17 7.36 8.81
CA ALA A 99 -3.94 7.12 9.55
C ALA A 99 -3.69 8.21 10.60
N LYS A 100 -3.85 9.47 10.18
CA LYS A 100 -3.69 10.61 11.08
C LYS A 100 -4.83 10.69 12.11
N GLU A 101 -5.97 10.08 11.77
CA GLU A 101 -7.07 9.93 12.72
C GLU A 101 -6.63 9.05 13.91
N ARG A 102 -5.81 8.04 13.61
CA ARG A 102 -5.22 7.18 14.65
C ARG A 102 -3.91 7.79 15.21
N GLY A 103 -3.33 8.73 14.47
CA GLY A 103 -2.10 9.38 14.92
C GLY A 103 -0.83 8.63 14.54
N VAL A 104 -0.92 7.72 13.57
CA VAL A 104 0.23 6.93 13.13
C VAL A 104 0.94 7.57 11.92
N GLU A 105 2.09 7.03 11.54
CA GLU A 105 2.86 7.57 10.41
C GLU A 105 2.50 6.86 9.09
N VAL A 106 2.62 7.57 7.97
CA VAL A 106 2.18 7.05 6.67
C VAL A 106 3.33 6.94 5.66
N PHE A 107 3.30 5.88 4.85
CA PHE A 107 4.28 5.71 3.75
C PHE A 107 3.54 5.27 2.47
N VAL A 108 3.37 6.21 1.53
CA VAL A 108 2.61 5.95 0.30
C VAL A 108 3.51 5.87 -0.94
N VAL A 109 3.53 4.70 -1.58
CA VAL A 109 4.25 4.52 -2.85
C VAL A 109 3.26 4.15 -3.97
N TYR A 110 3.13 5.00 -4.98
CA TYR A 110 2.18 4.76 -6.07
C TYR A 110 2.81 4.90 -7.46
N ASN A 111 2.28 4.12 -8.40
CA ASN A 111 2.77 4.14 -9.78
C ASN A 111 1.94 5.11 -10.63
N ASN A 112 2.61 6.08 -11.24
CA ASN A 112 1.96 7.04 -12.14
C ASN A 112 2.91 7.42 -13.28
N LYS A 113 2.33 7.73 -14.45
CA LYS A 113 3.10 7.81 -15.70
C LYS A 113 3.70 9.21 -15.96
N ASP A 114 3.00 10.26 -15.54
CA ASP A 114 3.42 11.63 -15.84
C ASP A 114 4.17 12.30 -14.66
N ASP A 115 5.42 12.71 -14.87
CA ASP A 115 6.22 13.35 -13.82
C ASP A 115 5.53 14.57 -13.21
N ASP A 116 5.13 15.52 -14.05
CA ASP A 116 4.43 16.73 -13.60
C ASP A 116 3.19 16.40 -12.74
N ARG A 117 2.32 15.52 -13.26
CA ARG A 117 1.11 15.09 -12.54
C ARG A 117 1.45 14.40 -11.21
N ARG A 118 2.64 13.80 -11.12
CA ARG A 118 3.11 13.21 -9.86
C ARG A 118 3.66 14.27 -8.91
N LYS A 119 4.36 15.27 -9.47
CA LYS A 119 4.98 16.34 -8.67
C LYS A 119 3.92 17.15 -7.90
N GLU A 120 2.88 17.59 -8.60
CA GLU A 120 1.77 18.30 -7.95
C GLU A 120 1.10 17.42 -6.88
N ALA A 121 1.10 16.11 -7.12
CA ALA A 121 0.55 15.15 -6.17
C ALA A 121 1.43 15.03 -4.92
N GLN A 122 2.76 15.01 -5.11
CA GLN A 122 3.71 15.02 -3.98
C GLN A 122 3.48 16.26 -3.12
N GLN A 123 3.39 17.41 -3.79
CA GLN A 123 3.10 18.69 -3.14
C GLN A 123 1.83 18.62 -2.26
N GLU A 124 0.86 17.81 -2.70
CA GLU A 124 -0.41 17.67 -1.98
C GLU A 124 -0.32 16.62 -0.84
N PHE A 125 0.17 15.42 -1.15
CA PHE A 125 0.13 14.30 -0.20
C PHE A 125 1.29 14.33 0.82
N ARG A 126 2.44 14.86 0.42
CA ARG A 126 3.60 14.92 1.32
C ARG A 126 3.27 15.79 2.54
N SER A 127 2.97 15.14 3.66
CA SER A 127 2.60 15.83 4.90
C SER A 127 3.47 15.38 6.07
N ASP A 128 3.19 15.91 7.26
CA ASP A 128 3.94 15.57 8.47
C ASP A 128 3.86 14.05 8.76
N GLY A 129 5.02 13.40 8.90
CA GLY A 129 5.06 11.97 9.18
C GLY A 129 4.57 11.11 8.00
N VAL A 130 4.49 11.72 6.82
CA VAL A 130 4.04 11.01 5.61
C VAL A 130 5.15 10.98 4.55
N ASP A 131 5.50 9.77 4.09
CA ASP A 131 6.51 9.60 3.05
C ASP A 131 5.85 9.30 1.70
N VAL A 132 6.21 10.06 0.66
CA VAL A 132 5.59 9.90 -0.66
C VAL A 132 6.63 9.54 -1.74
N ARG A 133 6.41 8.42 -2.42
CA ARG A 133 7.30 7.99 -3.51
C ARG A 133 6.54 7.82 -4.82
N THR A 134 6.91 8.62 -5.82
CA THR A 134 6.26 8.59 -7.13
C THR A 134 7.14 7.92 -8.19
N VAL A 135 6.68 6.80 -8.74
CA VAL A 135 7.45 6.06 -9.75
C VAL A 135 6.57 5.66 -10.94
N SER A 136 7.17 5.51 -12.12
CA SER A 136 6.47 5.00 -13.30
C SER A 136 6.96 3.59 -13.65
N ASP A 137 8.19 3.29 -13.27
CA ASP A 137 8.80 1.98 -13.53
C ASP A 137 8.35 0.92 -12.52
N LYS A 138 8.32 -0.33 -12.94
CA LYS A 138 7.97 -1.45 -12.06
C LYS A 138 9.06 -1.66 -10.98
N GLU A 139 10.30 -1.84 -11.42
CA GLU A 139 11.42 -2.13 -10.53
C GLU A 139 11.65 -1.03 -9.48
N GLU A 140 11.34 0.21 -9.83
CA GLU A 140 11.43 1.32 -8.86
C GLU A 140 10.40 1.15 -7.73
N LEU A 141 9.21 0.66 -8.09
CA LEU A 141 8.17 0.40 -7.10
C LEU A 141 8.56 -0.83 -6.24
N ILE A 142 9.02 -1.89 -6.92
CA ILE A 142 9.53 -3.09 -6.24
C ILE A 142 10.66 -2.72 -5.27
N GLU A 143 11.55 -1.83 -5.70
CA GLU A 143 12.68 -1.37 -4.87
C GLU A 143 12.19 -0.82 -3.53
N GLN A 144 11.21 0.08 -3.58
CA GLN A 144 10.63 0.66 -2.35
C GLN A 144 10.13 -0.44 -1.39
N VAL A 145 9.44 -1.43 -1.95
CA VAL A 145 8.98 -2.60 -1.18
C VAL A 145 10.16 -3.35 -0.54
N ARG A 146 11.19 -3.61 -1.34
CA ARG A 146 12.42 -4.24 -0.86
C ARG A 146 13.04 -3.42 0.27
N ARG A 147 13.01 -2.09 0.12
CA ARG A 147 13.55 -1.16 1.12
C ARG A 147 12.73 -1.21 2.42
N PHE A 148 11.44 -1.48 2.31
CA PHE A 148 10.59 -1.71 3.49
C PHE A 148 11.12 -2.90 4.31
N VAL A 149 11.35 -4.01 3.64
CA VAL A 149 11.93 -5.20 4.28
C VAL A 149 13.35 -4.93 4.78
N ARG A 150 14.10 -4.07 4.08
CA ARG A 150 15.46 -3.70 4.48
C ARG A 150 15.48 -2.85 5.78
N LYS A 151 14.41 -2.07 6.02
CA LYS A 151 14.33 -1.24 7.24
C LYS A 151 13.72 -2.03 8.42
N VAL A 152 12.71 -2.86 8.16
CA VAL A 152 12.07 -3.64 9.23
C VAL A 152 12.83 -4.95 9.54
N GLY A 153 13.37 -5.58 8.49
CA GLY A 153 14.16 -6.79 8.68
C GLY A 153 15.64 -6.50 8.92
N SER A 154 15.91 -5.52 9.79
CA SER A 154 17.27 -5.11 10.11
C SER A 154 17.44 -4.93 11.63
N LEU A 155 16.68 -5.69 12.41
CA LEU A 155 16.73 -5.58 13.87
C LEU A 155 17.96 -6.31 14.43
N GLU A 156 19.07 -5.59 14.44
CA GLU A 156 20.36 -6.12 14.90
C GLU A 156 21.14 -5.08 15.70
N HIS A 157 22.34 -5.44 16.14
CA HIS A 157 23.25 -4.48 16.80
C HIS A 157 24.70 -5.01 16.85
N HIS A 158 25.43 -4.84 15.76
CA HIS A 158 26.85 -5.23 15.70
C HIS A 158 27.73 -4.14 16.33
N HIS A 159 28.04 -4.26 17.62
CA HIS A 159 28.83 -3.25 18.34
C HIS A 159 30.31 -3.25 17.89
N HIS A 160 30.65 -4.16 16.98
CA HIS A 160 31.97 -4.17 16.33
C HIS A 160 32.07 -3.01 15.31
N HIS A 161 30.93 -2.37 15.06
CA HIS A 161 30.84 -1.25 14.11
C HIS A 161 30.73 0.09 14.86
N HIS A 162 31.41 0.18 16.01
CA HIS A 162 31.31 1.34 16.93
C HIS A 162 29.99 1.31 17.71
N MET A 1 7.04 4.27 16.20
CA MET A 1 7.71 3.54 15.09
C MET A 1 6.69 2.90 14.14
N SER A 2 5.42 2.87 14.55
CA SER A 2 4.36 2.23 13.77
C SER A 2 4.07 2.97 12.46
N GLN A 3 4.69 2.51 11.37
CA GLN A 3 4.45 3.07 10.04
C GLN A 3 3.74 2.06 9.15
N ILE A 4 2.79 2.52 8.35
CA ILE A 4 2.02 1.64 7.47
C ILE A 4 2.36 1.90 5.99
N PHE A 5 2.70 0.83 5.29
CA PHE A 5 3.13 0.90 3.88
C PHE A 5 1.96 0.63 2.93
N VAL A 6 1.73 1.53 1.98
CA VAL A 6 0.64 1.38 1.02
C VAL A 6 1.11 1.67 -0.42
N VAL A 7 0.69 0.82 -1.35
CA VAL A 7 1.06 0.97 -2.75
C VAL A 7 -0.19 1.07 -3.64
N PHE A 8 -0.22 2.08 -4.50
CA PHE A 8 -1.33 2.26 -5.44
C PHE A 8 -0.91 1.92 -6.88
N SER A 9 -1.60 0.95 -7.48
CA SER A 9 -1.34 0.55 -8.87
C SER A 9 -2.64 0.19 -9.58
N SER A 10 -2.77 0.60 -10.84
CA SER A 10 -3.98 0.32 -11.63
C SER A 10 -3.81 -0.92 -12.51
N ASP A 11 -2.65 -1.59 -12.39
CA ASP A 11 -2.33 -2.72 -13.26
C ASP A 11 -2.06 -4.01 -12.45
N PRO A 12 -2.82 -5.09 -12.73
CA PRO A 12 -2.65 -6.38 -12.04
C PRO A 12 -1.24 -6.96 -12.26
N GLU A 13 -0.61 -6.59 -13.38
CA GLU A 13 0.76 -7.01 -13.68
C GLU A 13 1.73 -6.58 -12.57
N ILE A 14 1.53 -5.37 -12.04
CA ILE A 14 2.44 -4.81 -11.05
C ILE A 14 2.07 -5.33 -9.66
N LEU A 15 0.77 -5.32 -9.39
CA LEU A 15 0.20 -5.86 -8.16
C LEU A 15 0.67 -7.31 -7.92
N LYS A 16 0.63 -8.15 -8.96
CA LYS A 16 1.16 -9.53 -8.88
C LYS A 16 2.63 -9.54 -8.42
N GLU A 17 3.46 -8.69 -9.05
CA GLU A 17 4.88 -8.62 -8.72
C GLU A 17 5.12 -8.15 -7.27
N ILE A 18 4.29 -7.23 -6.81
CA ILE A 18 4.37 -6.76 -5.42
C ILE A 18 4.10 -7.91 -4.43
N VAL A 19 2.95 -8.57 -4.62
CA VAL A 19 2.53 -9.67 -3.73
C VAL A 19 3.58 -10.79 -3.65
N ARG A 20 4.01 -11.31 -4.80
CA ARG A 20 4.98 -12.42 -4.84
C ARG A 20 6.28 -12.03 -4.10
N GLU A 21 6.65 -10.75 -4.16
CA GLU A 21 7.79 -10.24 -3.40
C GLU A 21 7.50 -10.26 -1.89
N ILE A 22 6.40 -9.63 -1.48
CA ILE A 22 6.01 -9.59 -0.06
C ILE A 22 6.05 -11.00 0.57
N LYS A 23 5.50 -11.97 -0.15
CA LYS A 23 5.48 -13.37 0.29
C LYS A 23 6.90 -13.93 0.50
N ARG A 24 7.82 -13.63 -0.42
CA ARG A 24 9.21 -14.12 -0.32
C ARG A 24 10.05 -13.25 0.65
N GLN A 25 9.59 -12.02 0.91
CA GLN A 25 10.26 -11.14 1.88
C GLN A 25 9.92 -11.56 3.32
N GLY A 26 8.81 -12.28 3.48
CA GLY A 26 8.39 -12.74 4.81
C GLY A 26 7.45 -11.77 5.51
N VAL A 27 6.79 -10.90 4.75
CA VAL A 27 5.89 -9.89 5.31
C VAL A 27 4.41 -10.24 5.05
N ARG A 28 3.52 -9.72 5.88
CA ARG A 28 2.08 -9.93 5.69
C ARG A 28 1.51 -8.91 4.70
N VAL A 29 0.48 -9.31 3.95
CA VAL A 29 -0.04 -8.48 2.84
C VAL A 29 -1.57 -8.32 2.88
N VAL A 30 -2.02 -7.06 2.88
CA VAL A 30 -3.45 -6.73 2.87
C VAL A 30 -3.84 -6.07 1.53
N LEU A 31 -4.53 -6.81 0.66
CA LEU A 31 -4.93 -6.30 -0.65
C LEU A 31 -6.36 -5.75 -0.62
N LEU A 32 -6.52 -4.48 -0.99
CA LEU A 32 -7.85 -3.86 -1.12
C LEU A 32 -8.22 -3.79 -2.60
N TYR A 33 -8.96 -4.80 -3.07
CA TYR A 33 -9.23 -4.96 -4.50
C TYR A 33 -10.50 -4.22 -4.94
N SER A 34 -10.32 -3.19 -5.76
CA SER A 34 -11.44 -2.39 -6.27
C SER A 34 -11.72 -2.70 -7.75
N ASP A 35 -12.78 -3.47 -8.01
CA ASP A 35 -13.22 -3.76 -9.37
C ASP A 35 -14.74 -3.57 -9.50
N GLN A 36 -15.18 -3.03 -10.63
CA GLN A 36 -16.59 -2.71 -10.84
C GLN A 36 -17.48 -3.97 -10.92
N ASP A 37 -16.91 -5.07 -11.41
CA ASP A 37 -17.65 -6.33 -11.57
C ASP A 37 -17.49 -7.21 -10.31
N GLU A 38 -18.30 -8.27 -10.21
CA GLU A 38 -18.23 -9.20 -9.07
C GLU A 38 -17.50 -10.51 -9.43
N LYS A 39 -18.01 -11.24 -10.43
CA LYS A 39 -17.45 -12.55 -10.78
C LYS A 39 -16.01 -12.44 -11.31
N ARG A 40 -15.76 -11.50 -12.23
CA ARG A 40 -14.40 -11.25 -12.72
C ARG A 40 -13.49 -10.77 -11.59
N ARG A 41 -14.00 -9.85 -10.77
CA ARG A 41 -13.29 -9.39 -9.58
C ARG A 41 -12.82 -10.58 -8.74
N ARG A 42 -13.75 -11.49 -8.45
CA ARG A 42 -13.48 -12.69 -7.67
C ARG A 42 -12.41 -13.58 -8.33
N GLU A 43 -12.49 -13.72 -9.66
CA GLU A 43 -11.48 -14.47 -10.43
C GLU A 43 -10.07 -13.86 -10.25
N ARG A 44 -10.00 -12.53 -10.25
CA ARG A 44 -8.71 -11.83 -10.16
C ARG A 44 -8.11 -11.90 -8.75
N LEU A 45 -8.90 -11.53 -7.74
CA LEU A 45 -8.43 -11.54 -6.35
C LEU A 45 -8.11 -12.98 -5.87
N GLU A 46 -8.72 -13.98 -6.51
CA GLU A 46 -8.41 -15.39 -6.26
C GLU A 46 -6.89 -15.63 -6.28
N GLU A 47 -6.24 -15.12 -7.32
CA GLU A 47 -4.79 -15.28 -7.52
C GLU A 47 -4.01 -15.07 -6.23
N PHE A 48 -4.43 -14.08 -5.46
CA PHE A 48 -3.72 -13.69 -4.24
C PHE A 48 -4.17 -14.51 -3.03
N GLU A 49 -5.48 -14.76 -2.91
CA GLU A 49 -6.01 -15.55 -1.80
C GLU A 49 -5.45 -16.98 -1.81
N LYS A 50 -5.40 -17.58 -3.01
CA LYS A 50 -4.88 -18.94 -3.18
C LYS A 50 -3.38 -19.02 -2.86
N GLN A 51 -2.72 -17.86 -2.77
CA GLN A 51 -1.30 -17.79 -2.38
C GLN A 51 -1.15 -17.37 -0.90
N GLY A 52 -2.26 -17.08 -0.24
CA GLY A 52 -2.22 -16.68 1.18
C GLY A 52 -2.06 -15.17 1.36
N VAL A 53 -2.95 -14.40 0.74
CA VAL A 53 -2.97 -12.93 0.88
C VAL A 53 -4.26 -12.44 1.55
N ASP A 54 -4.13 -11.50 2.48
CA ASP A 54 -5.29 -10.94 3.18
C ASP A 54 -6.06 -9.97 2.27
N VAL A 55 -6.97 -10.50 1.46
CA VAL A 55 -7.67 -9.69 0.46
C VAL A 55 -9.08 -9.25 0.93
N ARG A 56 -9.38 -7.97 0.70
CA ARG A 56 -10.72 -7.40 0.87
C ARG A 56 -11.20 -6.76 -0.45
N THR A 57 -12.52 -6.65 -0.62
CA THR A 57 -13.09 -5.97 -1.81
C THR A 57 -13.54 -4.54 -1.48
N VAL A 58 -13.23 -3.60 -2.36
CA VAL A 58 -13.67 -2.21 -2.20
C VAL A 58 -14.29 -1.65 -3.49
N GLU A 59 -15.01 -0.53 -3.38
CA GLU A 59 -15.75 0.05 -4.51
C GLU A 59 -15.75 1.58 -4.48
N ASP A 60 -15.81 2.16 -3.29
CA ASP A 60 -15.85 3.62 -3.13
C ASP A 60 -14.79 4.08 -2.12
N LYS A 61 -14.58 5.40 -2.02
CA LYS A 61 -13.59 5.96 -1.09
C LYS A 61 -13.96 5.64 0.36
N GLU A 62 -15.26 5.76 0.68
CA GLU A 62 -15.75 5.48 2.03
C GLU A 62 -15.63 3.98 2.37
N ASP A 63 -15.83 3.11 1.37
CA ASP A 63 -15.68 1.68 1.55
C ASP A 63 -14.19 1.34 1.72
N PHE A 64 -13.36 2.01 0.93
CA PHE A 64 -11.91 1.89 1.03
C PHE A 64 -11.41 2.12 2.46
N ARG A 65 -11.71 3.29 3.00
CA ARG A 65 -11.22 3.69 4.32
C ARG A 65 -11.84 2.86 5.46
N GLU A 66 -13.01 2.28 5.26
CA GLU A 66 -13.65 1.46 6.31
C GLU A 66 -13.03 0.06 6.40
N ASN A 67 -12.62 -0.49 5.25
CA ASN A 67 -11.83 -1.74 5.24
C ASN A 67 -10.45 -1.52 5.89
N ILE A 68 -9.90 -0.33 5.70
CA ILE A 68 -8.62 0.04 6.33
C ILE A 68 -8.70 -0.04 7.86
N ARG A 69 -9.88 0.27 8.41
CA ARG A 69 -10.07 0.28 9.86
C ARG A 69 -9.94 -1.13 10.48
N GLU A 70 -10.01 -2.17 9.64
CA GLU A 70 -9.66 -3.53 10.08
C GLU A 70 -8.17 -3.59 10.47
N ILE A 71 -7.34 -2.89 9.70
CA ILE A 71 -5.89 -2.87 9.92
C ILE A 71 -5.53 -2.25 11.29
N TRP A 72 -6.17 -1.14 11.63
CA TRP A 72 -5.92 -0.44 12.90
C TRP A 72 -6.19 -1.34 14.12
N GLU A 73 -6.95 -2.41 13.93
CA GLU A 73 -7.22 -3.37 15.00
C GLU A 73 -6.34 -4.64 14.87
N ARG A 74 -6.48 -5.32 13.74
CA ARG A 74 -5.79 -6.59 13.50
C ARG A 74 -4.26 -6.47 13.60
N TYR A 75 -3.72 -5.33 13.15
CA TYR A 75 -2.26 -5.14 13.08
C TYR A 75 -1.81 -3.89 13.85
N PRO A 76 -1.57 -4.02 15.17
CA PRO A 76 -1.19 -2.88 16.03
C PRO A 76 0.22 -2.34 15.73
N GLN A 77 1.06 -3.16 15.12
CA GLN A 77 2.43 -2.77 14.79
C GLN A 77 2.57 -2.38 13.31
N LEU A 78 1.48 -2.50 12.55
CA LEU A 78 1.42 -2.07 11.14
C LEU A 78 2.49 -2.77 10.26
N ASP A 79 2.91 -3.97 10.66
CA ASP A 79 3.89 -4.74 9.90
C ASP A 79 3.28 -5.40 8.63
N VAL A 80 2.39 -4.68 7.96
CA VAL A 80 1.69 -5.20 6.78
C VAL A 80 1.81 -4.28 5.56
N VAL A 81 1.88 -4.86 4.37
CA VAL A 81 1.88 -4.10 3.13
C VAL A 81 0.46 -4.00 2.54
N VAL A 82 -0.08 -2.79 2.50
CA VAL A 82 -1.42 -2.56 1.95
C VAL A 82 -1.36 -2.20 0.46
N ILE A 83 -1.92 -3.05 -0.38
CA ILE A 83 -1.94 -2.80 -1.83
C ILE A 83 -3.35 -2.41 -2.30
N VAL A 84 -3.45 -1.34 -3.08
CA VAL A 84 -4.74 -0.85 -3.57
C VAL A 84 -4.75 -0.78 -5.11
N THR A 85 -5.79 -1.33 -5.73
CA THR A 85 -5.87 -1.40 -7.20
C THR A 85 -6.44 -0.10 -7.81
N THR A 86 -5.66 0.97 -7.71
CA THR A 86 -6.03 2.28 -8.28
C THR A 86 -4.86 3.26 -8.20
N ASP A 87 -5.06 4.46 -8.74
CA ASP A 87 -4.03 5.51 -8.69
C ASP A 87 -4.65 6.88 -8.37
N ASP A 88 -5.92 6.88 -7.97
CA ASP A 88 -6.66 8.12 -7.72
C ASP A 88 -6.20 8.84 -6.43
N LYS A 89 -6.11 10.17 -6.50
CA LYS A 89 -5.60 10.97 -5.38
C LYS A 89 -6.53 10.95 -4.17
N GLU A 90 -7.85 10.94 -4.39
CA GLU A 90 -8.82 10.91 -3.30
C GLU A 90 -8.65 9.64 -2.45
N TRP A 91 -8.42 8.51 -3.13
CA TRP A 91 -8.16 7.24 -2.44
C TRP A 91 -6.88 7.32 -1.60
N ILE A 92 -5.82 7.91 -2.17
CA ILE A 92 -4.57 8.14 -1.43
C ILE A 92 -4.82 9.06 -0.22
N LYS A 93 -5.67 10.06 -0.42
CA LYS A 93 -6.03 11.02 0.63
C LYS A 93 -6.73 10.33 1.82
N ASP A 94 -7.86 9.68 1.55
CA ASP A 94 -8.64 8.99 2.60
C ASP A 94 -7.75 8.06 3.46
N PHE A 95 -6.80 7.39 2.83
CA PHE A 95 -5.85 6.53 3.54
C PHE A 95 -5.06 7.33 4.60
N ILE A 96 -4.50 8.47 4.18
CA ILE A 96 -3.72 9.32 5.07
C ILE A 96 -4.58 9.96 6.16
N GLU A 97 -5.82 10.33 5.82
CA GLU A 97 -6.77 10.87 6.79
C GLU A 97 -7.01 9.87 7.93
N GLU A 98 -7.31 8.62 7.56
CA GLU A 98 -7.46 7.53 8.55
C GLU A 98 -6.22 7.42 9.45
N ALA A 99 -5.04 7.46 8.83
CA ALA A 99 -3.78 7.40 9.57
C ALA A 99 -3.64 8.55 10.59
N LYS A 100 -4.02 9.76 10.17
CA LYS A 100 -3.99 10.93 11.07
C LYS A 100 -5.07 10.83 12.16
N GLU A 101 -6.17 10.14 11.87
CA GLU A 101 -7.18 9.83 12.90
C GLU A 101 -6.58 8.94 13.99
N ARG A 102 -5.61 8.10 13.60
CA ARG A 102 -4.97 7.15 14.51
C ARG A 102 -3.60 7.66 15.01
N GLY A 103 -3.07 8.70 14.36
CA GLY A 103 -1.78 9.26 14.75
C GLY A 103 -0.59 8.37 14.41
N VAL A 104 -0.66 7.69 13.27
CA VAL A 104 0.38 6.75 12.85
C VAL A 104 1.17 7.25 11.63
N GLU A 105 2.38 6.71 11.44
CA GLU A 105 3.23 7.10 10.30
C GLU A 105 2.78 6.40 9.00
N VAL A 106 3.01 7.06 7.86
CA VAL A 106 2.53 6.56 6.57
C VAL A 106 3.66 6.47 5.53
N PHE A 107 3.54 5.54 4.60
CA PHE A 107 4.46 5.45 3.47
C PHE A 107 3.69 5.09 2.19
N VAL A 108 3.56 6.05 1.27
CA VAL A 108 2.75 5.87 0.06
C VAL A 108 3.61 5.79 -1.21
N VAL A 109 3.50 4.68 -1.94
CA VAL A 109 4.18 4.50 -3.22
C VAL A 109 3.16 4.29 -4.35
N TYR A 110 3.13 5.21 -5.32
CA TYR A 110 2.17 5.12 -6.43
C TYR A 110 2.83 5.33 -7.80
N ASN A 111 2.27 4.68 -8.82
CA ASN A 111 2.81 4.70 -10.18
C ASN A 111 2.22 5.85 -11.03
N ASN A 112 3.09 6.74 -11.53
CA ASN A 112 2.67 7.84 -12.40
C ASN A 112 3.87 8.38 -13.21
N LYS A 113 3.66 8.65 -14.50
CA LYS A 113 4.74 9.10 -15.39
C LYS A 113 4.94 10.62 -15.34
N ASP A 114 3.92 11.36 -15.73
CA ASP A 114 4.00 12.82 -15.85
C ASP A 114 4.39 13.50 -14.52
N ASP A 115 5.60 14.06 -14.48
CA ASP A 115 6.17 14.63 -13.26
C ASP A 115 5.28 15.72 -12.64
N ASP A 116 4.65 16.55 -13.47
CA ASP A 116 3.77 17.62 -12.98
C ASP A 116 2.75 17.11 -11.97
N ARG A 117 2.08 16.00 -12.29
CA ARG A 117 1.11 15.39 -11.37
C ARG A 117 1.81 14.94 -10.08
N ARG A 118 2.95 14.29 -10.24
CA ARG A 118 3.72 13.74 -9.11
C ARG A 118 4.21 14.87 -8.18
N LYS A 119 4.60 15.99 -8.78
CA LYS A 119 5.14 17.12 -8.03
C LYS A 119 4.08 17.72 -7.09
N GLU A 120 2.89 17.97 -7.64
CA GLU A 120 1.78 18.51 -6.85
C GLU A 120 1.23 17.46 -5.88
N ALA A 121 1.17 16.21 -6.32
CA ALA A 121 0.68 15.10 -5.49
C ALA A 121 1.56 14.90 -4.24
N GLN A 122 2.87 14.75 -4.44
CA GLN A 122 3.81 14.60 -3.32
C GLN A 122 3.64 15.73 -2.30
N GLN A 123 3.57 16.97 -2.79
CA GLN A 123 3.37 18.13 -1.93
C GLN A 123 2.06 18.03 -1.13
N GLU A 124 1.01 17.53 -1.79
CA GLU A 124 -0.32 17.41 -1.16
C GLU A 124 -0.35 16.30 -0.09
N PHE A 125 0.41 15.22 -0.32
CA PHE A 125 0.38 14.05 0.58
C PHE A 125 1.58 13.95 1.53
N ARG A 126 2.61 14.77 1.32
CA ARG A 126 3.81 14.71 2.17
C ARG A 126 3.59 15.40 3.53
N SER A 127 3.16 14.63 4.52
CA SER A 127 2.90 15.14 5.87
C SER A 127 3.89 14.60 6.91
N ASP A 128 3.67 14.97 8.16
CA ASP A 128 4.50 14.52 9.29
C ASP A 128 4.53 12.99 9.43
N GLY A 129 5.68 12.39 9.14
CA GLY A 129 5.85 10.94 9.24
C GLY A 129 5.37 10.19 8.00
N VAL A 130 5.24 10.89 6.87
CA VAL A 130 4.76 10.29 5.62
C VAL A 130 5.85 10.26 4.53
N ASP A 131 6.31 9.06 4.18
CA ASP A 131 7.23 8.88 3.05
C ASP A 131 6.44 8.82 1.73
N VAL A 132 6.73 9.72 0.80
CA VAL A 132 6.07 9.69 -0.52
C VAL A 132 7.07 9.30 -1.63
N ARG A 133 6.68 8.32 -2.45
CA ARG A 133 7.50 7.87 -3.58
C ARG A 133 6.69 7.84 -4.88
N THR A 134 7.25 8.40 -5.95
CA THR A 134 6.59 8.44 -7.26
C THR A 134 7.45 7.78 -8.34
N VAL A 135 6.93 6.71 -8.94
CA VAL A 135 7.66 5.96 -9.98
C VAL A 135 6.77 5.71 -11.21
N SER A 136 7.38 5.66 -12.38
CA SER A 136 6.64 5.42 -13.64
C SER A 136 6.74 3.95 -14.07
N ASP A 137 7.85 3.30 -13.75
CA ASP A 137 8.10 1.93 -14.19
C ASP A 137 7.65 0.88 -13.17
N LYS A 138 7.33 -0.32 -13.66
CA LYS A 138 6.95 -1.45 -12.80
C LYS A 138 8.12 -1.84 -11.87
N GLU A 139 9.27 -2.14 -12.47
CA GLU A 139 10.48 -2.51 -11.72
C GLU A 139 10.77 -1.54 -10.56
N GLU A 140 10.80 -0.25 -10.87
CA GLU A 140 11.06 0.78 -9.86
C GLU A 140 10.06 0.73 -8.69
N LEU A 141 8.81 0.40 -9.00
CA LEU A 141 7.77 0.30 -7.97
C LEU A 141 8.06 -0.87 -7.02
N ILE A 142 8.39 -2.02 -7.60
CA ILE A 142 8.73 -3.21 -6.81
C ILE A 142 9.97 -2.93 -5.94
N GLU A 143 10.92 -2.19 -6.51
CA GLU A 143 12.14 -1.81 -5.81
C GLU A 143 11.84 -0.97 -4.56
N GLN A 144 10.81 -0.13 -4.61
CA GLN A 144 10.36 0.64 -3.44
C GLN A 144 9.83 -0.30 -2.35
N VAL A 145 8.98 -1.26 -2.76
CA VAL A 145 8.44 -2.27 -1.84
C VAL A 145 9.57 -3.03 -1.10
N ARG A 146 10.52 -3.53 -1.87
CA ARG A 146 11.67 -4.25 -1.31
C ARG A 146 12.42 -3.38 -0.29
N ARG A 147 12.75 -2.15 -0.69
CA ARG A 147 13.47 -1.21 0.17
C ARG A 147 12.73 -0.91 1.49
N PHE A 148 11.40 -0.94 1.48
CA PHE A 148 10.62 -0.79 2.71
C PHE A 148 10.94 -1.94 3.68
N VAL A 149 10.80 -3.17 3.20
CA VAL A 149 11.09 -4.37 4.01
C VAL A 149 12.52 -4.32 4.56
N ARG A 150 13.42 -3.70 3.80
CA ARG A 150 14.81 -3.54 4.23
C ARG A 150 14.95 -2.47 5.33
N LYS A 151 14.27 -1.33 5.15
CA LYS A 151 14.38 -0.21 6.10
C LYS A 151 13.75 -0.57 7.47
N VAL A 152 12.70 -1.39 7.45
CA VAL A 152 12.06 -1.86 8.69
C VAL A 152 12.61 -3.23 9.12
N GLY A 153 13.26 -3.94 8.20
CA GLY A 153 13.85 -5.23 8.52
C GLY A 153 15.04 -5.13 9.48
N SER A 154 15.87 -4.11 9.28
CA SER A 154 17.03 -3.87 10.16
C SER A 154 16.77 -2.65 11.06
N LEU A 155 16.09 -2.88 12.17
CA LEU A 155 15.74 -1.80 13.11
C LEU A 155 16.93 -1.42 14.01
N GLU A 156 17.13 -0.12 14.17
CA GLU A 156 18.23 0.42 14.99
C GLU A 156 18.06 0.09 16.48
N HIS A 157 19.16 -0.32 17.12
CA HIS A 157 19.14 -0.69 18.55
C HIS A 157 20.06 0.21 19.40
N HIS A 158 20.72 1.18 18.77
CA HIS A 158 21.54 2.15 19.50
C HIS A 158 21.43 3.56 18.89
N HIS A 159 20.60 3.70 17.86
CA HIS A 159 20.46 4.97 17.14
C HIS A 159 19.22 5.74 17.64
N HIS A 160 19.19 7.04 17.39
CA HIS A 160 18.04 7.88 17.77
C HIS A 160 17.80 9.02 16.76
N HIS A 161 16.57 9.12 16.25
CA HIS A 161 16.21 10.19 15.32
C HIS A 161 16.04 11.53 16.04
N HIS A 162 16.14 12.62 15.27
CA HIS A 162 15.98 13.99 15.81
C HIS A 162 14.94 14.79 15.00
N MET A 1 8.68 3.86 15.69
CA MET A 1 8.27 3.88 14.26
C MET A 1 7.08 2.93 14.00
N SER A 2 5.86 3.46 14.10
CA SER A 2 4.65 2.68 13.77
C SER A 2 4.13 3.09 12.40
N GLN A 3 4.75 2.55 11.36
CA GLN A 3 4.45 2.97 9.99
C GLN A 3 3.85 1.82 9.16
N ILE A 4 2.85 2.14 8.35
CA ILE A 4 2.21 1.15 7.47
C ILE A 4 2.53 1.45 6.00
N PHE A 5 2.96 0.41 5.27
CA PHE A 5 3.36 0.56 3.87
C PHE A 5 2.17 0.27 2.94
N VAL A 6 1.79 1.24 2.11
CA VAL A 6 0.65 1.10 1.20
C VAL A 6 1.03 1.46 -0.24
N VAL A 7 0.68 0.57 -1.18
CA VAL A 7 1.00 0.77 -2.60
C VAL A 7 -0.27 0.96 -3.44
N PHE A 8 -0.33 2.03 -4.22
CA PHE A 8 -1.44 2.25 -5.16
C PHE A 8 -1.00 1.95 -6.60
N SER A 9 -1.67 1.03 -7.26
CA SER A 9 -1.36 0.71 -8.66
C SER A 9 -2.62 0.40 -9.47
N SER A 10 -2.77 1.04 -10.62
CA SER A 10 -3.87 0.75 -11.55
C SER A 10 -3.51 -0.38 -12.51
N ASP A 11 -2.36 -1.01 -12.29
CA ASP A 11 -1.90 -2.15 -13.11
C ASP A 11 -1.87 -3.47 -12.31
N PRO A 12 -2.82 -4.39 -12.57
CA PRO A 12 -2.89 -5.69 -11.87
C PRO A 12 -1.64 -6.56 -12.11
N GLU A 13 -1.07 -6.46 -13.31
CA GLU A 13 0.14 -7.23 -13.65
C GLU A 13 1.35 -6.81 -12.80
N ILE A 14 1.43 -5.50 -12.50
CA ILE A 14 2.51 -4.97 -11.67
C ILE A 14 2.23 -5.26 -10.19
N LEU A 15 0.98 -5.06 -9.80
CA LEU A 15 0.50 -5.39 -8.45
C LEU A 15 0.84 -6.84 -8.07
N LYS A 16 0.64 -7.76 -9.01
CA LYS A 16 0.94 -9.18 -8.77
C LYS A 16 2.44 -9.41 -8.53
N GLU A 17 3.28 -8.69 -9.28
CA GLU A 17 4.73 -8.73 -9.10
C GLU A 17 5.14 -8.24 -7.70
N ILE A 18 4.49 -7.17 -7.25
CA ILE A 18 4.73 -6.61 -5.92
C ILE A 18 4.48 -7.67 -4.83
N VAL A 19 3.33 -8.33 -4.91
CA VAL A 19 2.92 -9.32 -3.91
C VAL A 19 3.94 -10.47 -3.76
N ARG A 20 4.33 -11.10 -4.87
CA ARG A 20 5.30 -12.21 -4.80
C ARG A 20 6.65 -11.77 -4.19
N GLU A 21 7.01 -10.50 -4.37
CA GLU A 21 8.16 -9.93 -3.66
C GLU A 21 7.90 -9.91 -2.14
N ILE A 22 6.83 -9.22 -1.74
CA ILE A 22 6.44 -9.12 -0.33
C ILE A 22 6.44 -10.49 0.36
N LYS A 23 5.82 -11.46 -0.30
CA LYS A 23 5.74 -12.84 0.21
C LYS A 23 7.15 -13.41 0.49
N ARG A 24 8.05 -13.31 -0.50
CA ARG A 24 9.40 -13.87 -0.35
C ARG A 24 10.27 -13.03 0.59
N GLN A 25 9.91 -11.76 0.78
CA GLN A 25 10.60 -10.90 1.76
C GLN A 25 10.26 -11.32 3.20
N GLY A 26 9.18 -12.10 3.34
CA GLY A 26 8.74 -12.54 4.65
C GLY A 26 7.68 -11.62 5.26
N VAL A 27 7.12 -10.74 4.44
CA VAL A 27 6.11 -9.78 4.90
C VAL A 27 4.70 -10.19 4.44
N ARG A 28 3.70 -9.85 5.25
CA ARG A 28 2.30 -10.21 4.96
C ARG A 28 1.65 -9.20 4.01
N VAL A 29 0.84 -9.69 3.07
CA VAL A 29 0.20 -8.82 2.06
C VAL A 29 -1.30 -8.62 2.34
N VAL A 30 -1.77 -7.39 2.20
CA VAL A 30 -3.21 -7.07 2.31
C VAL A 30 -3.69 -6.28 1.08
N LEU A 31 -4.43 -6.94 0.19
CA LEU A 31 -4.86 -6.33 -1.07
C LEU A 31 -6.27 -5.73 -0.97
N LEU A 32 -6.36 -4.40 -1.14
CA LEU A 32 -7.66 -3.74 -1.22
C LEU A 32 -8.08 -3.60 -2.69
N TYR A 33 -8.86 -4.56 -3.17
CA TYR A 33 -9.17 -4.68 -4.59
C TYR A 33 -10.48 -3.94 -4.95
N SER A 34 -10.38 -2.96 -5.84
CA SER A 34 -11.53 -2.16 -6.29
C SER A 34 -11.86 -2.44 -7.76
N ASP A 35 -12.95 -3.18 -7.99
CA ASP A 35 -13.39 -3.53 -9.35
C ASP A 35 -14.90 -3.31 -9.52
N GLN A 36 -15.37 -3.30 -10.77
CA GLN A 36 -16.78 -3.00 -11.09
C GLN A 36 -17.73 -4.09 -10.58
N ASP A 37 -17.49 -5.34 -10.98
CA ASP A 37 -18.41 -6.45 -10.67
C ASP A 37 -17.83 -7.39 -9.62
N GLU A 38 -18.70 -7.91 -8.74
CA GLU A 38 -18.30 -8.83 -7.69
C GLU A 38 -17.54 -10.06 -8.20
N LYS A 39 -18.11 -10.74 -9.19
CA LYS A 39 -17.53 -11.98 -9.72
C LYS A 39 -16.24 -11.71 -10.51
N ARG A 40 -16.28 -10.75 -11.42
CA ARG A 40 -15.08 -10.36 -12.18
C ARG A 40 -13.97 -9.91 -11.23
N ARG A 41 -14.34 -9.11 -10.25
CA ARG A 41 -13.45 -8.73 -9.15
C ARG A 41 -12.83 -9.97 -8.49
N ARG A 42 -13.68 -10.93 -8.14
CA ARG A 42 -13.24 -12.16 -7.48
C ARG A 42 -12.25 -12.97 -8.34
N GLU A 43 -12.59 -13.16 -9.61
CA GLU A 43 -11.75 -13.93 -10.54
C GLU A 43 -10.33 -13.34 -10.63
N ARG A 44 -10.24 -12.02 -10.58
CA ARG A 44 -8.94 -11.33 -10.67
C ARG A 44 -8.13 -11.49 -9.37
N LEU A 45 -8.76 -11.18 -8.24
CA LEU A 45 -8.10 -11.28 -6.93
C LEU A 45 -7.85 -12.75 -6.54
N GLU A 46 -8.60 -13.68 -7.14
CA GLU A 46 -8.36 -15.12 -6.95
C GLU A 46 -6.88 -15.48 -7.10
N GLU A 47 -6.22 -14.86 -8.08
CA GLU A 47 -4.77 -15.02 -8.28
C GLU A 47 -3.98 -14.79 -6.98
N PHE A 48 -4.46 -13.88 -6.15
CA PHE A 48 -3.79 -13.55 -4.89
C PHE A 48 -4.22 -14.49 -3.75
N GLU A 49 -5.45 -14.99 -3.82
CA GLU A 49 -5.92 -15.99 -2.84
C GLU A 49 -5.06 -17.25 -2.91
N LYS A 50 -4.85 -17.74 -4.13
CA LYS A 50 -3.99 -18.92 -4.38
C LYS A 50 -2.50 -18.64 -4.08
N GLN A 51 -2.15 -17.36 -3.94
CA GLN A 51 -0.80 -16.97 -3.50
C GLN A 51 -0.72 -16.88 -1.96
N GLY A 52 -1.87 -16.95 -1.30
CA GLY A 52 -1.90 -16.83 0.16
C GLY A 52 -1.86 -15.38 0.64
N VAL A 53 -2.85 -14.59 0.22
CA VAL A 53 -2.92 -13.16 0.57
C VAL A 53 -4.29 -12.79 1.17
N ASP A 54 -4.29 -11.94 2.20
CA ASP A 54 -5.54 -11.40 2.76
C ASP A 54 -6.14 -10.34 1.82
N VAL A 55 -7.02 -10.77 0.94
CA VAL A 55 -7.63 -9.87 -0.05
C VAL A 55 -8.98 -9.32 0.43
N ARG A 56 -9.10 -8.00 0.43
CA ARG A 56 -10.35 -7.32 0.75
C ARG A 56 -10.98 -6.71 -0.51
N THR A 57 -12.29 -6.55 -0.49
CA THR A 57 -13.02 -5.94 -1.61
C THR A 57 -13.66 -4.60 -1.22
N VAL A 58 -13.58 -3.61 -2.12
CA VAL A 58 -14.16 -2.28 -1.87
C VAL A 58 -14.97 -1.74 -3.05
N GLU A 59 -16.03 -0.99 -2.73
CA GLU A 59 -16.88 -0.34 -3.75
C GLU A 59 -16.42 1.09 -4.03
N ASP A 60 -16.30 1.90 -2.97
CA ASP A 60 -16.09 3.34 -3.09
C ASP A 60 -15.27 3.90 -1.91
N LYS A 61 -14.93 5.19 -1.98
CA LYS A 61 -14.16 5.89 -0.94
C LYS A 61 -14.61 5.52 0.49
N GLU A 62 -15.93 5.44 0.69
CA GLU A 62 -16.48 5.09 2.00
C GLU A 62 -16.14 3.64 2.41
N ASP A 63 -16.53 2.67 1.57
CA ASP A 63 -16.22 1.26 1.83
C ASP A 63 -14.70 1.05 1.92
N PHE A 64 -13.95 1.95 1.29
CA PHE A 64 -12.48 1.93 1.31
C PHE A 64 -11.92 2.20 2.72
N ARG A 65 -12.30 3.33 3.33
CA ARG A 65 -11.81 3.66 4.68
C ARG A 65 -12.31 2.66 5.73
N GLU A 66 -13.47 2.05 5.49
CA GLU A 66 -13.99 1.00 6.38
C GLU A 66 -12.98 -0.15 6.50
N ASN A 67 -12.47 -0.62 5.36
CA ASN A 67 -11.42 -1.65 5.34
C ASN A 67 -10.12 -1.16 5.98
N ILE A 68 -9.77 0.11 5.75
CA ILE A 68 -8.61 0.72 6.38
C ILE A 68 -8.71 0.65 7.91
N ARG A 69 -9.90 0.96 8.43
CA ARG A 69 -10.15 0.93 9.87
C ARG A 69 -10.09 -0.50 10.44
N GLU A 70 -10.33 -1.49 9.57
CA GLU A 70 -10.10 -2.89 9.95
C GLU A 70 -8.60 -3.15 10.16
N ILE A 71 -7.78 -2.59 9.27
CA ILE A 71 -6.33 -2.75 9.34
C ILE A 71 -5.76 -2.22 10.68
N TRP A 72 -6.19 -1.01 11.08
CA TRP A 72 -5.76 -0.40 12.34
C TRP A 72 -6.03 -1.30 13.55
N GLU A 73 -7.07 -2.12 13.44
CA GLU A 73 -7.49 -3.01 14.53
C GLU A 73 -6.82 -4.39 14.43
N ARG A 74 -6.80 -4.96 13.23
CA ARG A 74 -6.33 -6.33 13.02
C ARG A 74 -4.80 -6.45 12.99
N TYR A 75 -4.12 -5.40 12.53
CA TYR A 75 -2.66 -5.41 12.41
C TYR A 75 -2.01 -4.30 13.27
N PRO A 76 -1.72 -4.58 14.55
CA PRO A 76 -1.21 -3.55 15.49
C PRO A 76 0.21 -3.05 15.17
N GLN A 77 1.06 -3.92 14.61
CA GLN A 77 2.45 -3.52 14.30
C GLN A 77 2.51 -2.72 12.99
N LEU A 78 1.46 -2.80 12.17
CA LEU A 78 1.40 -2.13 10.85
C LEU A 78 2.49 -2.65 9.91
N ASP A 79 3.07 -3.80 10.24
CA ASP A 79 4.19 -4.38 9.48
C ASP A 79 3.73 -5.11 8.20
N VAL A 80 2.50 -4.81 7.75
CA VAL A 80 1.93 -5.46 6.58
C VAL A 80 1.85 -4.49 5.39
N VAL A 81 2.04 -5.01 4.18
CA VAL A 81 1.96 -4.19 2.97
C VAL A 81 0.54 -4.20 2.38
N VAL A 82 -0.12 -3.06 2.42
CA VAL A 82 -1.47 -2.90 1.87
C VAL A 82 -1.43 -2.33 0.45
N ILE A 83 -2.06 -3.00 -0.50
CA ILE A 83 -2.06 -2.54 -1.90
C ILE A 83 -3.48 -2.19 -2.39
N VAL A 84 -3.64 -0.98 -2.92
CA VAL A 84 -4.93 -0.53 -3.45
C VAL A 84 -4.87 -0.39 -4.99
N THR A 85 -5.89 -0.89 -5.67
CA THR A 85 -5.89 -0.93 -7.15
C THR A 85 -6.46 0.34 -7.79
N THR A 86 -5.74 1.46 -7.68
CA THR A 86 -6.14 2.73 -8.33
C THR A 86 -5.19 3.90 -8.03
N ASP A 87 -5.33 4.98 -8.80
CA ASP A 87 -4.54 6.21 -8.62
C ASP A 87 -5.38 7.37 -8.03
N ASP A 88 -6.63 7.10 -7.66
CA ASP A 88 -7.51 8.14 -7.09
C ASP A 88 -6.84 8.89 -5.92
N LYS A 89 -6.52 10.16 -6.15
CA LYS A 89 -5.82 11.00 -5.17
C LYS A 89 -6.61 11.11 -3.85
N GLU A 90 -7.93 11.15 -3.93
CA GLU A 90 -8.77 11.23 -2.72
C GLU A 90 -8.64 9.96 -1.88
N TRP A 91 -8.48 8.80 -2.53
CA TRP A 91 -8.23 7.55 -1.82
C TRP A 91 -6.85 7.59 -1.14
N ILE A 92 -5.85 8.07 -1.87
CA ILE A 92 -4.49 8.25 -1.33
C ILE A 92 -4.50 9.18 -0.11
N LYS A 93 -5.23 10.29 -0.21
CA LYS A 93 -5.32 11.26 0.88
C LYS A 93 -6.07 10.69 2.09
N ASP A 94 -7.25 10.11 1.83
CA ASP A 94 -8.13 9.60 2.89
C ASP A 94 -7.38 8.63 3.81
N PHE A 95 -6.58 7.74 3.21
CA PHE A 95 -5.73 6.81 3.98
C PHE A 95 -4.82 7.58 4.96
N ILE A 96 -4.24 8.68 4.48
CA ILE A 96 -3.36 9.52 5.31
C ILE A 96 -4.15 10.30 6.37
N GLU A 97 -5.31 10.83 5.99
CA GLU A 97 -6.17 11.57 6.92
C GLU A 97 -6.64 10.66 8.08
N GLU A 98 -7.00 9.43 7.75
CA GLU A 98 -7.27 8.40 8.76
C GLU A 98 -6.03 8.20 9.65
N ALA A 99 -4.87 7.98 9.03
CA ALA A 99 -3.62 7.77 9.76
C ALA A 99 -3.35 8.86 10.79
N LYS A 100 -3.42 10.12 10.35
CA LYS A 100 -3.26 11.28 11.25
C LYS A 100 -4.21 11.16 12.45
N GLU A 101 -5.47 10.86 12.16
CA GLU A 101 -6.52 10.73 13.18
C GLU A 101 -6.26 9.53 14.12
N ARG A 102 -5.69 8.46 13.57
CA ARG A 102 -5.36 7.26 14.36
C ARG A 102 -3.99 7.41 15.05
N GLY A 103 -3.26 8.48 14.70
CA GLY A 103 -1.96 8.74 15.29
C GLY A 103 -0.89 7.74 14.86
N VAL A 104 -0.87 7.40 13.57
CA VAL A 104 0.10 6.43 13.03
C VAL A 104 0.82 6.98 11.79
N GLU A 105 1.94 6.33 11.45
CA GLU A 105 2.78 6.76 10.32
C GLU A 105 2.45 5.94 9.06
N VAL A 106 2.69 6.52 7.88
CA VAL A 106 2.35 5.87 6.61
C VAL A 106 3.46 6.01 5.57
N PHE A 107 3.55 5.03 4.67
CA PHE A 107 4.48 5.09 3.53
C PHE A 107 3.71 4.75 2.24
N VAL A 108 3.39 5.77 1.45
CA VAL A 108 2.63 5.61 0.22
C VAL A 108 3.53 5.55 -1.02
N VAL A 109 3.52 4.41 -1.70
CA VAL A 109 4.25 4.25 -2.98
C VAL A 109 3.28 3.87 -4.10
N TYR A 110 3.14 4.73 -5.12
CA TYR A 110 2.20 4.45 -6.22
C TYR A 110 2.87 4.53 -7.59
N ASN A 111 2.35 3.71 -8.52
CA ASN A 111 2.91 3.61 -9.88
C ASN A 111 2.00 4.28 -10.92
N ASN A 112 2.58 5.17 -11.70
CA ASN A 112 1.86 5.79 -12.82
C ASN A 112 2.87 6.30 -13.86
N LYS A 113 2.48 6.26 -15.11
CA LYS A 113 3.39 6.58 -16.23
C LYS A 113 3.41 8.08 -16.53
N ASP A 114 3.63 8.88 -15.49
CA ASP A 114 3.63 10.35 -15.58
C ASP A 114 4.74 10.97 -14.72
N ASP A 115 4.83 12.30 -14.77
CA ASP A 115 5.75 13.06 -13.93
C ASP A 115 5.01 14.17 -13.16
N ASP A 116 4.57 15.21 -13.87
CA ASP A 116 3.91 16.36 -13.24
C ASP A 116 2.67 15.93 -12.41
N ARG A 117 1.85 15.03 -12.95
CA ARG A 117 0.67 14.53 -12.21
C ARG A 117 1.07 13.86 -10.88
N ARG A 118 2.29 13.33 -10.81
CA ARG A 118 2.81 12.78 -9.56
C ARG A 118 3.43 13.89 -8.67
N LYS A 119 4.07 14.86 -9.33
CA LYS A 119 4.68 16.00 -8.64
C LYS A 119 3.63 16.79 -7.83
N GLU A 120 2.49 17.09 -8.45
CA GLU A 120 1.40 17.80 -7.76
C GLU A 120 0.91 17.04 -6.51
N ALA A 121 0.95 15.71 -6.59
CA ALA A 121 0.51 14.85 -5.49
C ALA A 121 1.49 14.91 -4.30
N GLN A 122 2.79 14.73 -4.59
CA GLN A 122 3.82 14.80 -3.54
C GLN A 122 3.86 16.18 -2.86
N GLN A 123 3.43 17.21 -3.58
CA GLN A 123 3.32 18.57 -3.01
C GLN A 123 2.18 18.67 -1.99
N GLU A 124 1.12 17.88 -2.19
CA GLU A 124 -0.09 17.97 -1.38
C GLU A 124 -0.11 16.96 -0.22
N PHE A 125 0.20 15.70 -0.52
CA PHE A 125 0.00 14.59 0.44
C PHE A 125 1.24 14.29 1.31
N ARG A 126 2.40 14.80 0.90
CA ARG A 126 3.64 14.51 1.65
C ARG A 126 3.71 15.32 2.96
N SER A 127 3.78 14.60 4.08
CA SER A 127 3.93 15.22 5.40
C SER A 127 4.98 14.46 6.22
N ASP A 128 5.55 15.11 7.23
CA ASP A 128 6.54 14.46 8.09
C ASP A 128 5.89 13.36 8.94
N GLY A 129 6.27 12.12 8.66
CA GLY A 129 5.60 10.96 9.25
C GLY A 129 4.89 10.13 8.19
N VAL A 130 4.76 10.70 6.99
CA VAL A 130 4.19 9.99 5.84
C VAL A 130 5.11 10.12 4.61
N ASP A 131 5.74 9.02 4.21
CA ASP A 131 6.61 9.01 3.04
C ASP A 131 5.79 8.83 1.74
N VAL A 132 6.01 9.71 0.77
CA VAL A 132 5.30 9.61 -0.51
C VAL A 132 6.30 9.44 -1.68
N ARG A 133 6.35 8.22 -2.22
CA ARG A 133 7.23 7.89 -3.34
C ARG A 133 6.44 7.70 -4.64
N THR A 134 7.01 8.16 -5.75
CA THR A 134 6.36 8.06 -7.06
C THR A 134 7.26 7.34 -8.06
N VAL A 135 6.71 6.33 -8.74
CA VAL A 135 7.47 5.54 -9.73
C VAL A 135 6.66 5.30 -11.01
N SER A 136 7.36 5.21 -12.14
CA SER A 136 6.71 4.87 -13.43
C SER A 136 6.95 3.41 -13.79
N ASP A 137 8.13 2.90 -13.45
CA ASP A 137 8.51 1.52 -13.80
C ASP A 137 8.19 0.53 -12.68
N LYS A 138 8.15 -0.75 -13.03
CA LYS A 138 7.90 -1.83 -12.05
C LYS A 138 9.08 -1.99 -11.08
N GLU A 139 10.28 -2.15 -11.64
CA GLU A 139 11.50 -2.37 -10.84
C GLU A 139 11.67 -1.27 -9.77
N GLU A 140 11.38 -0.03 -10.15
CA GLU A 140 11.44 1.10 -9.22
C GLU A 140 10.47 0.90 -8.04
N LEU A 141 9.29 0.38 -8.32
CA LEU A 141 8.28 0.10 -7.28
C LEU A 141 8.77 -1.04 -6.38
N ILE A 142 9.26 -2.12 -7.01
CA ILE A 142 9.81 -3.27 -6.29
C ILE A 142 10.86 -2.82 -5.26
N GLU A 143 11.84 -2.05 -5.72
CA GLU A 143 12.87 -1.47 -4.85
C GLU A 143 12.27 -0.82 -3.61
N GLN A 144 11.27 0.04 -3.82
CA GLN A 144 10.60 0.74 -2.71
C GLN A 144 10.03 -0.27 -1.69
N VAL A 145 9.40 -1.33 -2.20
CA VAL A 145 8.81 -2.38 -1.35
C VAL A 145 9.87 -3.09 -0.49
N ARG A 146 10.95 -3.55 -1.13
CA ARG A 146 12.04 -4.20 -0.38
C ARG A 146 12.78 -3.20 0.53
N ARG A 147 12.79 -1.92 0.15
CA ARG A 147 13.34 -0.87 1.01
C ARG A 147 12.53 -0.72 2.30
N PHE A 148 11.23 -0.99 2.24
CA PHE A 148 10.40 -1.04 3.46
C PHE A 148 10.97 -2.06 4.45
N VAL A 149 11.22 -3.27 3.97
CA VAL A 149 11.85 -4.32 4.78
C VAL A 149 13.20 -3.85 5.34
N ARG A 150 13.97 -3.14 4.51
CA ARG A 150 15.28 -2.62 4.91
C ARG A 150 15.16 -1.57 6.04
N LYS A 151 14.23 -0.63 5.91
CA LYS A 151 14.10 0.45 6.90
C LYS A 151 13.53 -0.05 8.25
N VAL A 152 12.64 -1.04 8.20
CA VAL A 152 12.07 -1.61 9.43
C VAL A 152 13.04 -2.59 10.12
N GLY A 153 13.74 -3.40 9.34
CA GLY A 153 14.71 -4.34 9.89
C GLY A 153 16.01 -3.67 10.30
N SER A 154 16.54 -2.81 9.42
CA SER A 154 17.79 -2.07 9.67
C SER A 154 18.93 -2.99 10.14
N LEU A 155 18.94 -4.23 9.67
CA LEU A 155 19.87 -5.25 10.15
C LEU A 155 21.33 -4.95 9.79
N GLU A 156 21.95 -4.07 10.58
CA GLU A 156 23.40 -3.73 10.53
C GLU A 156 24.01 -3.58 9.11
N HIS A 157 23.19 -3.53 8.06
CA HIS A 157 23.71 -3.40 6.70
C HIS A 157 23.80 -1.94 6.27
N HIS A 158 25.03 -1.44 6.13
CA HIS A 158 25.26 -0.05 5.73
C HIS A 158 26.01 0.03 4.39
N HIS A 159 25.67 1.02 3.57
CA HIS A 159 26.23 1.15 2.23
C HIS A 159 27.41 2.13 2.20
N HIS A 160 28.11 2.16 1.06
CA HIS A 160 29.28 3.05 0.87
C HIS A 160 30.33 2.82 1.98
N HIS A 161 30.70 1.55 2.18
CA HIS A 161 31.66 1.17 3.23
C HIS A 161 32.94 2.04 3.19
N HIS A 162 33.20 2.75 4.28
CA HIS A 162 34.36 3.63 4.39
C HIS A 162 35.53 2.92 5.11
N MET A 1 9.55 4.39 15.23
CA MET A 1 8.61 4.75 14.14
C MET A 1 7.30 3.97 14.23
N SER A 2 6.21 4.58 13.76
CA SER A 2 4.92 3.90 13.60
C SER A 2 4.41 4.10 12.16
N GLN A 3 5.27 3.78 11.20
CA GLN A 3 5.01 4.04 9.78
C GLN A 3 4.49 2.79 9.04
N ILE A 4 3.48 2.98 8.19
CA ILE A 4 2.89 1.86 7.43
C ILE A 4 3.21 1.99 5.92
N PHE A 5 3.43 0.86 5.27
CA PHE A 5 3.79 0.82 3.85
C PHE A 5 2.56 0.55 2.97
N VAL A 6 2.16 1.55 2.19
CA VAL A 6 0.99 1.42 1.30
C VAL A 6 1.34 1.73 -0.16
N VAL A 7 0.87 0.89 -1.08
CA VAL A 7 1.15 1.04 -2.51
C VAL A 7 -0.12 1.26 -3.33
N PHE A 8 -0.23 2.40 -4.01
CA PHE A 8 -1.34 2.68 -4.91
C PHE A 8 -0.92 2.46 -6.37
N SER A 9 -1.64 1.60 -7.09
CA SER A 9 -1.30 1.28 -8.48
C SER A 9 -2.54 1.15 -9.36
N SER A 10 -2.44 1.68 -10.58
CA SER A 10 -3.51 1.56 -11.58
C SER A 10 -3.30 0.33 -12.46
N ASP A 11 -2.26 -0.45 -12.16
CA ASP A 11 -1.89 -1.61 -12.97
C ASP A 11 -1.89 -2.91 -12.14
N PRO A 12 -2.94 -3.74 -12.26
CA PRO A 12 -3.05 -4.99 -11.49
C PRO A 12 -1.94 -6.00 -11.83
N GLU A 13 -1.46 -5.96 -13.07
CA GLU A 13 -0.40 -6.86 -13.52
C GLU A 13 0.93 -6.59 -12.78
N ILE A 14 1.12 -5.35 -12.35
CA ILE A 14 2.33 -4.98 -11.61
C ILE A 14 2.27 -5.47 -10.15
N LEU A 15 1.09 -5.36 -9.51
CA LEU A 15 0.94 -5.77 -8.11
C LEU A 15 1.19 -7.28 -7.93
N LYS A 16 0.91 -8.06 -8.97
CA LYS A 16 1.21 -9.50 -8.97
C LYS A 16 2.68 -9.75 -8.64
N GLU A 17 3.56 -9.04 -9.33
CA GLU A 17 5.01 -9.13 -9.10
C GLU A 17 5.39 -8.64 -7.71
N ILE A 18 4.75 -7.55 -7.28
CA ILE A 18 4.94 -7.04 -5.91
C ILE A 18 4.60 -8.12 -4.87
N VAL A 19 3.47 -8.78 -5.06
CA VAL A 19 3.02 -9.85 -4.15
C VAL A 19 4.06 -10.99 -4.07
N ARG A 20 4.54 -11.46 -5.22
CA ARG A 20 5.48 -12.58 -5.26
C ARG A 20 6.76 -12.24 -4.47
N GLU A 21 7.17 -10.97 -4.55
CA GLU A 21 8.28 -10.45 -3.73
C GLU A 21 7.94 -10.54 -2.23
N ILE A 22 6.81 -9.93 -1.86
CA ILE A 22 6.35 -9.90 -0.47
C ILE A 22 6.31 -11.31 0.16
N LYS A 23 5.71 -12.26 -0.56
CA LYS A 23 5.60 -13.64 -0.09
C LYS A 23 6.97 -14.28 0.16
N ARG A 24 7.93 -14.06 -0.74
CA ARG A 24 9.27 -14.64 -0.58
C ARG A 24 10.07 -13.91 0.52
N GLN A 25 9.74 -12.64 0.75
CA GLN A 25 10.38 -11.86 1.83
C GLN A 25 9.87 -12.32 3.21
N GLY A 26 8.69 -12.95 3.23
CA GLY A 26 8.11 -13.43 4.49
C GLY A 26 7.15 -12.42 5.13
N VAL A 27 6.70 -11.45 4.34
CA VAL A 27 5.79 -10.41 4.82
C VAL A 27 4.34 -10.69 4.36
N ARG A 28 3.36 -10.23 5.14
CA ARG A 28 1.95 -10.41 4.77
C ARG A 28 1.47 -9.26 3.88
N VAL A 29 0.81 -9.61 2.78
CA VAL A 29 0.33 -8.63 1.81
C VAL A 29 -1.18 -8.41 1.89
N VAL A 30 -1.59 -7.18 2.20
CA VAL A 30 -3.00 -6.80 2.27
C VAL A 30 -3.44 -6.10 0.97
N LEU A 31 -4.11 -6.83 0.10
CA LEU A 31 -4.52 -6.30 -1.21
C LEU A 31 -5.95 -5.74 -1.17
N LEU A 32 -6.06 -4.41 -1.17
CA LEU A 32 -7.36 -3.75 -1.27
C LEU A 32 -7.77 -3.65 -2.75
N TYR A 33 -8.55 -4.63 -3.20
CA TYR A 33 -8.84 -4.79 -4.63
C TYR A 33 -10.14 -4.09 -5.03
N SER A 34 -10.02 -3.02 -5.82
CA SER A 34 -11.17 -2.22 -6.27
C SER A 34 -11.37 -2.30 -7.80
N ASP A 35 -12.43 -3.00 -8.22
CA ASP A 35 -12.78 -3.14 -9.64
C ASP A 35 -14.24 -2.72 -9.90
N GLN A 36 -14.63 -2.73 -11.17
CA GLN A 36 -16.01 -2.40 -11.55
C GLN A 36 -16.99 -3.51 -11.15
N ASP A 37 -16.85 -4.70 -11.75
CA ASP A 37 -17.77 -5.81 -11.49
C ASP A 37 -17.25 -6.75 -10.39
N GLU A 38 -18.17 -7.34 -9.64
CA GLU A 38 -17.84 -8.22 -8.52
C GLU A 38 -17.19 -9.55 -8.98
N LYS A 39 -17.89 -10.27 -9.85
CA LYS A 39 -17.48 -11.64 -10.24
C LYS A 39 -16.27 -11.62 -11.18
N ARG A 40 -16.20 -10.62 -12.06
CA ARG A 40 -15.02 -10.42 -12.91
C ARG A 40 -13.78 -10.15 -12.04
N ARG A 41 -13.96 -9.30 -11.04
CA ARG A 41 -12.93 -9.03 -10.04
C ARG A 41 -12.58 -10.29 -9.24
N ARG A 42 -13.60 -11.04 -8.83
CA ARG A 42 -13.40 -12.29 -8.07
C ARG A 42 -12.45 -13.24 -8.81
N GLU A 43 -12.60 -13.31 -10.14
CA GLU A 43 -11.71 -14.11 -10.98
C GLU A 43 -10.23 -13.80 -10.72
N ARG A 44 -9.91 -12.51 -10.53
CA ARG A 44 -8.52 -12.09 -10.35
C ARG A 44 -8.06 -12.17 -8.88
N LEU A 45 -8.90 -11.71 -7.94
CA LEU A 45 -8.51 -11.76 -6.51
C LEU A 45 -8.43 -13.20 -5.99
N GLU A 46 -9.25 -14.08 -6.55
CA GLU A 46 -9.24 -15.51 -6.17
C GLU A 46 -7.87 -16.13 -6.36
N GLU A 47 -7.20 -15.78 -7.47
CA GLU A 47 -5.86 -16.27 -7.76
C GLU A 47 -4.85 -15.83 -6.69
N PHE A 48 -5.10 -14.70 -6.06
CA PHE A 48 -4.21 -14.21 -5.00
C PHE A 48 -4.50 -14.92 -3.67
N GLU A 49 -5.77 -15.01 -3.30
CA GLU A 49 -6.17 -15.63 -2.03
C GLU A 49 -5.67 -17.09 -1.93
N LYS A 50 -5.89 -17.87 -2.98
CA LYS A 50 -5.45 -19.28 -3.01
C LYS A 50 -3.92 -19.41 -2.91
N GLN A 51 -3.21 -18.32 -3.22
CA GLN A 51 -1.74 -18.30 -3.10
C GLN A 51 -1.27 -17.59 -1.82
N GLY A 52 -2.17 -17.47 -0.85
CA GLY A 52 -1.83 -16.90 0.44
C GLY A 52 -1.67 -15.37 0.45
N VAL A 53 -2.65 -14.69 -0.14
CA VAL A 53 -2.67 -13.21 -0.13
C VAL A 53 -3.89 -12.69 0.65
N ASP A 54 -3.69 -11.65 1.45
CA ASP A 54 -4.75 -11.09 2.29
C ASP A 54 -5.57 -10.04 1.49
N VAL A 55 -6.55 -10.51 0.72
CA VAL A 55 -7.29 -9.65 -0.21
C VAL A 55 -8.65 -9.18 0.34
N ARG A 56 -8.88 -7.86 0.32
CA ARG A 56 -10.16 -7.26 0.74
C ARG A 56 -10.84 -6.58 -0.46
N THR A 57 -12.14 -6.77 -0.59
CA THR A 57 -12.89 -6.16 -1.71
C THR A 57 -13.47 -4.79 -1.34
N VAL A 58 -13.09 -3.77 -2.11
CA VAL A 58 -13.62 -2.41 -1.92
C VAL A 58 -14.29 -1.88 -3.18
N GLU A 59 -15.45 -1.22 -3.01
CA GLU A 59 -16.22 -0.68 -4.15
C GLU A 59 -16.16 0.86 -4.22
N ASP A 60 -16.04 1.51 -3.07
CA ASP A 60 -15.99 2.97 -3.02
C ASP A 60 -14.95 3.46 -2.01
N LYS A 61 -14.63 4.76 -2.06
CA LYS A 61 -13.66 5.37 -1.16
C LYS A 61 -14.06 5.26 0.31
N GLU A 62 -15.37 5.25 0.59
CA GLU A 62 -15.87 5.04 1.95
C GLU A 62 -15.66 3.58 2.37
N ASP A 63 -16.05 2.64 1.51
CA ASP A 63 -15.84 1.21 1.74
C ASP A 63 -14.33 0.93 1.90
N PHE A 64 -13.53 1.76 1.25
CA PHE A 64 -12.07 1.71 1.32
C PHE A 64 -11.57 2.20 2.69
N ARG A 65 -11.91 3.45 3.02
CA ARG A 65 -11.46 4.08 4.26
C ARG A 65 -11.90 3.28 5.51
N GLU A 66 -13.10 2.70 5.46
CA GLU A 66 -13.63 1.96 6.61
C GLU A 66 -12.96 0.58 6.79
N ASN A 67 -12.49 -0.02 5.69
CA ASN A 67 -11.67 -1.23 5.79
C ASN A 67 -10.30 -0.91 6.39
N ILE A 68 -9.78 0.27 6.07
CA ILE A 68 -8.52 0.75 6.65
C ILE A 68 -8.60 0.80 8.19
N ARG A 69 -9.76 1.22 8.70
CA ARG A 69 -10.02 1.25 10.15
C ARG A 69 -9.69 -0.12 10.80
N GLU A 70 -9.96 -1.20 10.08
CA GLU A 70 -9.66 -2.55 10.56
C GLU A 70 -8.15 -2.84 10.52
N ILE A 71 -7.48 -2.32 9.50
CA ILE A 71 -6.02 -2.52 9.35
C ILE A 71 -5.24 -2.03 10.58
N TRP A 72 -5.63 -0.87 11.09
CA TRP A 72 -4.95 -0.26 12.25
C TRP A 72 -5.06 -1.12 13.52
N GLU A 73 -6.14 -1.88 13.63
CA GLU A 73 -6.39 -2.72 14.81
C GLU A 73 -5.81 -4.13 14.62
N ARG A 74 -6.02 -4.70 13.45
CA ARG A 74 -5.53 -6.04 13.13
C ARG A 74 -4.01 -6.07 12.95
N TYR A 75 -3.43 -4.94 12.51
CA TYR A 75 -1.99 -4.84 12.29
C TYR A 75 -1.39 -3.59 12.97
N PRO A 76 -1.34 -3.56 14.32
CA PRO A 76 -0.80 -2.40 15.06
C PRO A 76 0.71 -2.23 14.87
N GLN A 77 1.38 -3.29 14.44
CA GLN A 77 2.82 -3.27 14.15
C GLN A 77 3.12 -2.66 12.76
N LEU A 78 2.11 -2.65 11.89
CA LEU A 78 2.22 -2.09 10.54
C LEU A 78 3.27 -2.83 9.68
N ASP A 79 3.74 -4.00 10.14
CA ASP A 79 4.72 -4.81 9.39
C ASP A 79 4.08 -5.53 8.18
N VAL A 80 3.14 -4.89 7.49
CA VAL A 80 2.46 -5.48 6.34
C VAL A 80 2.39 -4.51 5.15
N VAL A 81 2.31 -5.05 3.93
CA VAL A 81 2.22 -4.23 2.72
C VAL A 81 0.76 -4.11 2.23
N VAL A 82 0.21 -2.90 2.29
CA VAL A 82 -1.16 -2.66 1.85
C VAL A 82 -1.19 -2.14 0.40
N ILE A 83 -1.64 -2.97 -0.53
CA ILE A 83 -1.70 -2.59 -1.96
C ILE A 83 -3.14 -2.23 -2.38
N VAL A 84 -3.32 -1.01 -2.87
CA VAL A 84 -4.64 -0.54 -3.34
C VAL A 84 -4.64 -0.34 -4.86
N THR A 85 -5.64 -0.91 -5.54
CA THR A 85 -5.70 -0.86 -7.01
C THR A 85 -6.45 0.38 -7.53
N THR A 86 -5.83 1.56 -7.37
CA THR A 86 -6.43 2.82 -7.83
C THR A 86 -5.38 3.90 -8.06
N ASP A 87 -5.76 4.88 -8.90
CA ASP A 87 -4.91 6.03 -9.20
C ASP A 87 -5.58 7.33 -8.72
N ASP A 88 -6.60 7.18 -7.88
CA ASP A 88 -7.41 8.31 -7.39
C ASP A 88 -6.80 8.98 -6.15
N LYS A 89 -6.75 10.32 -6.16
CA LYS A 89 -6.12 11.09 -5.08
C LYS A 89 -7.01 11.17 -3.83
N GLU A 90 -8.33 11.10 -4.00
CA GLU A 90 -9.26 11.13 -2.87
C GLU A 90 -9.10 9.87 -2.02
N TRP A 91 -8.93 8.73 -2.69
CA TRP A 91 -8.63 7.46 -2.02
C TRP A 91 -7.31 7.57 -1.24
N ILE A 92 -6.26 8.07 -1.90
CA ILE A 92 -4.97 8.33 -1.22
C ILE A 92 -5.18 9.22 0.02
N LYS A 93 -6.07 10.21 -0.11
CA LYS A 93 -6.40 11.12 0.99
C LYS A 93 -7.08 10.37 2.16
N ASP A 94 -8.08 9.54 1.85
CA ASP A 94 -8.79 8.78 2.89
C ASP A 94 -7.83 7.95 3.77
N PHE A 95 -6.83 7.34 3.13
CA PHE A 95 -5.84 6.54 3.87
C PHE A 95 -5.10 7.41 4.89
N ILE A 96 -4.70 8.61 4.47
CA ILE A 96 -3.99 9.54 5.35
C ILE A 96 -4.88 10.03 6.50
N GLU A 97 -6.04 10.59 6.16
CA GLU A 97 -6.97 11.14 7.17
C GLU A 97 -7.22 10.15 8.32
N GLU A 98 -7.50 8.89 7.97
CA GLU A 98 -7.63 7.82 8.97
C GLU A 98 -6.36 7.69 9.81
N ALA A 99 -5.23 7.45 9.15
CA ALA A 99 -3.95 7.25 9.83
C ALA A 99 -3.62 8.38 10.81
N LYS A 100 -3.71 9.63 10.35
CA LYS A 100 -3.43 10.80 11.21
C LYS A 100 -4.33 10.78 12.46
N GLU A 101 -5.59 10.39 12.27
CA GLU A 101 -6.54 10.29 13.37
C GLU A 101 -6.16 9.16 14.35
N ARG A 102 -5.68 8.05 13.79
CA ARG A 102 -5.32 6.86 14.58
C ARG A 102 -3.96 7.02 15.28
N GLY A 103 -3.18 8.03 14.84
CA GLY A 103 -1.89 8.30 15.48
C GLY A 103 -0.73 7.55 14.84
N VAL A 104 -0.90 7.10 13.60
CA VAL A 104 0.14 6.35 12.88
C VAL A 104 0.66 7.12 11.65
N GLU A 105 1.89 6.82 11.25
CA GLU A 105 2.56 7.52 10.15
C GLU A 105 2.25 6.88 8.79
N VAL A 106 2.13 7.71 7.76
CA VAL A 106 1.79 7.25 6.41
C VAL A 106 3.02 7.30 5.48
N PHE A 107 3.23 6.23 4.73
CA PHE A 107 4.27 6.19 3.69
C PHE A 107 3.66 5.65 2.39
N VAL A 108 3.36 6.57 1.46
CA VAL A 108 2.65 6.22 0.22
C VAL A 108 3.60 6.07 -0.98
N VAL A 109 3.57 4.90 -1.61
CA VAL A 109 4.30 4.67 -2.87
C VAL A 109 3.30 4.39 -4.00
N TYR A 110 3.11 5.35 -4.91
CA TYR A 110 2.17 5.16 -6.02
C TYR A 110 2.88 4.97 -7.37
N ASN A 111 2.34 4.06 -8.18
CA ASN A 111 2.81 3.87 -9.55
C ASN A 111 1.99 4.74 -10.51
N ASN A 112 2.61 5.81 -11.00
CA ASN A 112 1.92 6.77 -11.86
C ASN A 112 2.80 7.12 -13.07
N LYS A 113 2.23 7.00 -14.26
CA LYS A 113 2.98 7.19 -15.51
C LYS A 113 2.91 8.65 -16.00
N ASP A 114 2.36 9.53 -15.17
CA ASP A 114 2.31 10.97 -15.48
C ASP A 114 3.20 11.76 -14.52
N ASP A 115 4.35 12.21 -15.00
CA ASP A 115 5.34 12.89 -14.15
C ASP A 115 4.76 14.12 -13.44
N ASP A 116 3.96 14.91 -14.14
CA ASP A 116 3.36 16.12 -13.57
C ASP A 116 2.30 15.77 -12.50
N ARG A 117 1.58 14.67 -12.69
CA ARG A 117 0.70 14.14 -11.64
C ARG A 117 1.51 13.81 -10.37
N ARG A 118 2.66 13.16 -10.57
CA ARG A 118 3.55 12.81 -9.47
C ARG A 118 4.08 14.08 -8.76
N LYS A 119 4.41 15.08 -9.57
CA LYS A 119 4.88 16.38 -9.06
C LYS A 119 3.83 17.02 -8.12
N GLU A 120 2.60 17.14 -8.59
CA GLU A 120 1.54 17.79 -7.81
C GLU A 120 1.09 16.93 -6.62
N ALA A 121 1.10 15.61 -6.79
CA ALA A 121 0.72 14.68 -5.72
C ALA A 121 1.65 14.82 -4.50
N GLN A 122 2.95 14.87 -4.77
CA GLN A 122 3.96 15.14 -3.73
C GLN A 122 3.62 16.43 -2.97
N GLN A 123 3.35 17.49 -3.73
CA GLN A 123 2.97 18.79 -3.17
C GLN A 123 1.65 18.71 -2.38
N GLU A 124 0.73 17.87 -2.86
CA GLU A 124 -0.63 17.79 -2.29
C GLU A 124 -0.67 17.04 -0.94
N PHE A 125 -0.04 15.87 -0.86
CA PHE A 125 -0.24 14.96 0.28
C PHE A 125 0.94 14.93 1.27
N ARG A 126 2.16 15.26 0.85
CA ARG A 126 3.33 15.15 1.73
C ARG A 126 3.16 16.05 2.97
N SER A 127 2.86 15.43 4.11
CA SER A 127 2.54 16.16 5.35
C SER A 127 3.35 15.65 6.55
N ASP A 128 2.99 16.15 7.72
CA ASP A 128 3.56 15.71 8.99
C ASP A 128 3.36 14.19 9.20
N GLY A 129 4.46 13.46 9.33
CA GLY A 129 4.39 12.01 9.50
C GLY A 129 3.90 11.27 8.25
N VAL A 130 3.86 11.98 7.12
CA VAL A 130 3.42 11.37 5.85
C VAL A 130 4.49 11.53 4.75
N ASP A 131 5.09 10.42 4.35
CA ASP A 131 6.05 10.42 3.25
C ASP A 131 5.36 10.02 1.94
N VAL A 132 5.75 10.66 0.84
CA VAL A 132 5.15 10.39 -0.47
C VAL A 132 6.23 10.05 -1.51
N ARG A 133 6.08 8.92 -2.18
CA ARG A 133 7.08 8.42 -3.14
C ARG A 133 6.49 8.26 -4.54
N THR A 134 7.33 8.48 -5.56
CA THR A 134 6.90 8.43 -6.96
C THR A 134 7.66 7.39 -7.78
N VAL A 135 6.92 6.47 -8.40
CA VAL A 135 7.50 5.52 -9.36
C VAL A 135 6.59 5.39 -10.59
N SER A 136 7.19 5.15 -11.75
CA SER A 136 6.43 4.92 -12.99
C SER A 136 6.54 3.47 -13.44
N ASP A 137 7.69 2.85 -13.16
CA ASP A 137 7.96 1.48 -13.59
C ASP A 137 7.77 0.46 -12.46
N LYS A 138 7.48 -0.77 -12.85
CA LYS A 138 7.32 -1.89 -11.91
C LYS A 138 8.55 -2.08 -11.01
N GLU A 139 9.71 -2.27 -11.63
CA GLU A 139 10.96 -2.56 -10.91
C GLU A 139 11.26 -1.47 -9.86
N GLU A 140 11.03 -0.21 -10.23
CA GLU A 140 11.22 0.92 -9.30
C GLU A 140 10.38 0.74 -8.04
N LEU A 141 9.16 0.25 -8.22
CA LEU A 141 8.23 0.02 -7.11
C LEU A 141 8.72 -1.15 -6.24
N ILE A 142 9.21 -2.21 -6.89
CA ILE A 142 9.75 -3.37 -6.18
C ILE A 142 10.86 -2.95 -5.19
N GLU A 143 11.73 -2.05 -5.64
CA GLU A 143 12.83 -1.55 -4.81
C GLU A 143 12.32 -0.92 -3.50
N GLN A 144 11.17 -0.26 -3.56
CA GLN A 144 10.54 0.30 -2.35
C GLN A 144 10.10 -0.82 -1.39
N VAL A 145 9.50 -1.86 -1.96
CA VAL A 145 9.05 -3.03 -1.19
C VAL A 145 10.25 -3.74 -0.52
N ARG A 146 11.33 -3.91 -1.28
CA ARG A 146 12.57 -4.50 -0.75
C ARG A 146 13.09 -3.68 0.44
N ARG A 147 13.07 -2.35 0.29
CA ARG A 147 13.53 -1.45 1.36
C ARG A 147 12.59 -1.45 2.57
N PHE A 148 11.32 -1.79 2.37
CA PHE A 148 10.38 -1.95 3.49
C PHE A 148 10.87 -3.06 4.45
N VAL A 149 11.20 -4.21 3.88
CA VAL A 149 11.72 -5.34 4.66
C VAL A 149 13.03 -4.96 5.38
N ARG A 150 13.76 -3.99 4.82
CA ARG A 150 15.03 -3.55 5.40
C ARG A 150 14.82 -2.56 6.57
N LYS A 151 13.90 -1.60 6.39
CA LYS A 151 13.63 -0.60 7.44
C LYS A 151 13.04 -1.23 8.71
N VAL A 152 12.17 -2.21 8.54
CA VAL A 152 11.57 -2.92 9.68
C VAL A 152 12.57 -3.89 10.33
N GLY A 153 13.55 -4.35 9.55
CA GLY A 153 14.56 -5.27 10.06
C GLY A 153 15.72 -4.56 10.78
N SER A 154 16.03 -3.35 10.36
CA SER A 154 17.11 -2.56 10.97
C SER A 154 16.57 -1.57 12.01
N LEU A 155 15.28 -1.24 11.92
CA LEU A 155 14.62 -0.27 12.80
C LEU A 155 15.24 1.13 12.66
N GLU A 156 14.73 1.89 11.69
CA GLU A 156 15.26 3.22 11.39
C GLU A 156 14.85 4.26 12.44
N HIS A 157 15.74 5.20 12.70
CA HIS A 157 15.47 6.35 13.58
C HIS A 157 16.57 7.42 13.46
N HIS A 158 16.83 7.84 12.22
CA HIS A 158 17.79 8.92 11.93
C HIS A 158 17.27 9.84 10.81
N HIS A 159 17.25 9.34 9.57
CA HIS A 159 16.79 10.14 8.42
C HIS A 159 15.26 10.27 8.41
N HIS A 160 14.59 9.45 9.23
CA HIS A 160 13.17 9.65 9.51
C HIS A 160 13.03 10.67 10.65
N HIS A 161 12.44 11.83 10.35
CA HIS A 161 12.34 12.93 11.32
C HIS A 161 11.26 12.68 12.39
N HIS A 162 11.02 11.41 12.72
CA HIS A 162 9.96 11.02 13.68
C HIS A 162 10.14 9.56 14.13
N MET A 1 5.93 7.05 15.55
CA MET A 1 6.40 5.78 16.17
C MET A 1 5.99 4.55 15.35
N SER A 2 4.81 4.60 14.73
CA SER A 2 4.27 3.46 13.96
C SER A 2 4.13 3.81 12.48
N GLN A 3 4.91 3.17 11.63
CA GLN A 3 4.96 3.49 10.20
C GLN A 3 4.26 2.40 9.36
N ILE A 4 3.30 2.81 8.52
CA ILE A 4 2.57 1.85 7.67
C ILE A 4 2.92 2.05 6.18
N PHE A 5 3.18 0.94 5.49
CA PHE A 5 3.60 0.96 4.09
C PHE A 5 2.43 0.64 3.16
N VAL A 6 2.10 1.57 2.26
CA VAL A 6 0.99 1.39 1.33
C VAL A 6 1.40 1.72 -0.12
N VAL A 7 1.03 0.85 -1.06
CA VAL A 7 1.35 1.04 -2.48
C VAL A 7 0.08 1.24 -3.31
N PHE A 8 0.07 2.26 -4.15
CA PHE A 8 -1.06 2.50 -5.07
C PHE A 8 -0.63 2.26 -6.52
N SER A 9 -1.33 1.37 -7.22
CA SER A 9 -1.00 1.07 -8.62
C SER A 9 -2.25 0.86 -9.46
N SER A 10 -2.35 1.58 -10.57
CA SER A 10 -3.48 1.45 -11.50
C SER A 10 -3.30 0.27 -12.47
N ASP A 11 -2.12 -0.36 -12.44
CA ASP A 11 -1.84 -1.54 -13.26
C ASP A 11 -1.81 -2.83 -12.40
N PRO A 12 -2.82 -3.71 -12.55
CA PRO A 12 -2.94 -4.94 -11.75
C PRO A 12 -1.72 -5.88 -11.93
N GLU A 13 -1.08 -5.81 -13.09
CA GLU A 13 0.11 -6.62 -13.37
C GLU A 13 1.27 -6.23 -12.44
N ILE A 14 1.42 -4.93 -12.21
CA ILE A 14 2.48 -4.41 -11.32
C ILE A 14 2.20 -4.84 -9.88
N LEU A 15 0.94 -4.69 -9.48
CA LEU A 15 0.46 -5.18 -8.19
C LEU A 15 0.89 -6.65 -7.97
N LYS A 16 0.65 -7.50 -8.97
CA LYS A 16 1.03 -8.92 -8.90
C LYS A 16 2.56 -9.08 -8.74
N GLU A 17 3.31 -8.33 -9.55
CA GLU A 17 4.78 -8.36 -9.50
C GLU A 17 5.30 -7.94 -8.12
N ILE A 18 4.55 -7.09 -7.43
CA ILE A 18 4.88 -6.72 -6.05
C ILE A 18 4.60 -7.88 -5.08
N VAL A 19 3.38 -8.40 -5.13
CA VAL A 19 2.94 -9.49 -4.24
C VAL A 19 3.90 -10.69 -4.29
N ARG A 20 4.27 -11.12 -5.49
CA ARG A 20 5.17 -12.27 -5.66
C ARG A 20 6.51 -12.06 -4.93
N GLU A 21 6.96 -10.82 -4.85
CA GLU A 21 8.17 -10.47 -4.10
C GLU A 21 7.91 -10.43 -2.58
N ILE A 22 6.78 -9.85 -2.19
CA ILE A 22 6.38 -9.82 -0.77
C ILE A 22 6.40 -11.24 -0.17
N LYS A 23 5.85 -12.19 -0.90
CA LYS A 23 5.85 -13.60 -0.49
C LYS A 23 7.28 -14.16 -0.37
N ARG A 24 8.20 -13.64 -1.18
CA ARG A 24 9.61 -14.04 -1.10
C ARG A 24 10.26 -13.49 0.17
N GLN A 25 9.92 -12.27 0.53
CA GLN A 25 10.49 -11.61 1.71
C GLN A 25 9.91 -12.17 3.02
N GLY A 26 8.72 -12.76 2.93
CA GLY A 26 8.10 -13.41 4.08
C GLY A 26 7.11 -12.50 4.83
N VAL A 27 6.88 -11.31 4.31
CA VAL A 27 5.98 -10.34 4.94
C VAL A 27 4.52 -10.60 4.53
N ARG A 28 3.59 -10.28 5.42
CA ARG A 28 2.16 -10.44 5.14
C ARG A 28 1.67 -9.33 4.19
N VAL A 29 0.74 -9.68 3.29
CA VAL A 29 0.27 -8.74 2.26
C VAL A 29 -1.25 -8.52 2.32
N VAL A 30 -1.65 -7.25 2.45
CA VAL A 30 -3.07 -6.88 2.48
C VAL A 30 -3.45 -6.11 1.20
N LEU A 31 -4.17 -6.78 0.32
CA LEU A 31 -4.59 -6.17 -0.96
C LEU A 31 -6.00 -5.59 -0.88
N LEU A 32 -6.11 -4.27 -1.08
CA LEU A 32 -7.41 -3.60 -1.13
C LEU A 32 -7.88 -3.52 -2.59
N TYR A 33 -8.67 -4.49 -3.00
CA TYR A 33 -9.02 -4.66 -4.43
C TYR A 33 -10.28 -3.87 -4.80
N SER A 34 -10.13 -2.87 -5.66
CA SER A 34 -11.26 -2.07 -6.14
C SER A 34 -11.57 -2.39 -7.61
N ASP A 35 -12.71 -3.02 -7.86
CA ASP A 35 -13.12 -3.38 -9.21
C ASP A 35 -14.61 -3.00 -9.45
N GLN A 36 -14.96 -2.75 -10.71
CA GLN A 36 -16.33 -2.38 -11.08
C GLN A 36 -17.31 -3.56 -10.98
N ASP A 37 -16.85 -4.74 -11.39
CA ASP A 37 -17.71 -5.93 -11.47
C ASP A 37 -17.68 -6.74 -10.17
N GLU A 38 -18.54 -7.76 -10.08
CA GLU A 38 -18.57 -8.68 -8.93
C GLU A 38 -17.82 -9.99 -9.24
N LYS A 39 -18.19 -10.64 -10.35
CA LYS A 39 -17.67 -11.95 -10.70
C LYS A 39 -16.18 -11.88 -11.07
N ARG A 40 -15.84 -10.99 -12.02
CA ARG A 40 -14.44 -10.79 -12.42
C ARG A 40 -13.60 -10.32 -11.24
N ARG A 41 -14.19 -9.46 -10.40
CA ARG A 41 -13.55 -9.00 -9.17
C ARG A 41 -13.10 -10.19 -8.30
N ARG A 42 -14.05 -11.05 -7.94
CA ARG A 42 -13.77 -12.26 -7.14
C ARG A 42 -12.71 -13.14 -7.83
N GLU A 43 -12.92 -13.37 -9.12
CA GLU A 43 -11.99 -14.18 -9.93
C GLU A 43 -10.54 -13.66 -9.82
N ARG A 44 -10.35 -12.37 -10.11
CA ARG A 44 -9.01 -11.76 -10.13
C ARG A 44 -8.30 -11.84 -8.77
N LEU A 45 -9.00 -11.48 -7.70
CA LEU A 45 -8.41 -11.45 -6.36
C LEU A 45 -8.22 -12.86 -5.78
N GLU A 46 -9.09 -13.79 -6.16
CA GLU A 46 -8.99 -15.18 -5.70
C GLU A 46 -7.63 -15.78 -6.08
N GLU A 47 -7.15 -15.45 -7.28
CA GLU A 47 -5.81 -15.83 -7.74
C GLU A 47 -4.74 -15.52 -6.68
N PHE A 48 -4.90 -14.38 -6.00
CA PHE A 48 -3.97 -13.96 -4.96
C PHE A 48 -4.22 -14.72 -3.64
N GLU A 49 -5.48 -14.83 -3.24
CA GLU A 49 -5.84 -15.51 -1.99
C GLU A 49 -5.33 -16.96 -1.96
N LYS A 50 -5.57 -17.70 -3.05
CA LYS A 50 -5.14 -19.09 -3.16
C LYS A 50 -3.61 -19.24 -3.15
N GLN A 51 -2.90 -18.12 -3.36
CA GLN A 51 -1.44 -18.10 -3.26
C GLN A 51 -0.97 -17.70 -1.85
N GLY A 52 -1.87 -17.08 -1.08
CA GLY A 52 -1.54 -16.67 0.29
C GLY A 52 -1.56 -15.17 0.51
N VAL A 53 -2.57 -14.49 -0.04
CA VAL A 53 -2.69 -13.03 0.08
C VAL A 53 -3.98 -12.63 0.80
N ASP A 54 -3.87 -11.69 1.74
CA ASP A 54 -5.04 -11.18 2.47
C ASP A 54 -5.73 -10.05 1.70
N VAL A 55 -6.74 -10.40 0.90
CA VAL A 55 -7.41 -9.42 0.04
C VAL A 55 -8.74 -8.92 0.65
N ARG A 56 -8.85 -7.60 0.79
CA ARG A 56 -10.11 -6.96 1.20
C ARG A 56 -10.73 -6.23 0.00
N THR A 57 -12.05 -6.33 -0.16
CA THR A 57 -12.74 -5.74 -1.30
C THR A 57 -13.25 -4.32 -1.00
N VAL A 58 -12.91 -3.37 -1.86
CA VAL A 58 -13.39 -1.99 -1.72
C VAL A 58 -14.27 -1.58 -2.90
N GLU A 59 -15.49 -1.15 -2.58
CA GLU A 59 -16.47 -0.75 -3.59
C GLU A 59 -16.46 0.77 -3.84
N ASP A 60 -15.96 1.55 -2.89
CA ASP A 60 -15.83 3.01 -3.06
C ASP A 60 -14.87 3.63 -2.02
N LYS A 61 -14.82 4.97 -2.00
CA LYS A 61 -13.88 5.71 -1.14
C LYS A 61 -14.20 5.55 0.36
N GLU A 62 -15.46 5.74 0.73
CA GLU A 62 -15.88 5.56 2.12
C GLU A 62 -15.72 4.11 2.58
N ASP A 63 -15.88 3.16 1.66
CA ASP A 63 -15.65 1.75 1.96
C ASP A 63 -14.15 1.49 2.10
N PHE A 64 -13.36 2.23 1.31
CA PHE A 64 -11.90 2.16 1.38
C PHE A 64 -11.39 2.43 2.80
N ARG A 65 -11.81 3.56 3.38
CA ARG A 65 -11.39 3.90 4.75
C ARG A 65 -11.86 2.86 5.78
N GLU A 66 -13.05 2.30 5.59
CA GLU A 66 -13.58 1.28 6.51
C GLU A 66 -12.72 0.00 6.52
N ASN A 67 -12.31 -0.46 5.34
CA ASN A 67 -11.41 -1.62 5.24
C ASN A 67 -10.06 -1.32 5.93
N ILE A 68 -9.61 -0.07 5.87
CA ILE A 68 -8.40 0.36 6.57
C ILE A 68 -8.58 0.28 8.10
N ARG A 69 -9.79 0.57 8.56
CA ARG A 69 -10.11 0.53 10.00
C ARG A 69 -10.01 -0.90 10.56
N GLU A 70 -10.14 -1.90 9.69
CA GLU A 70 -9.83 -3.29 10.07
C GLU A 70 -8.35 -3.43 10.38
N ILE A 71 -7.51 -2.87 9.51
CA ILE A 71 -6.04 -2.93 9.67
C ILE A 71 -5.60 -2.44 11.05
N TRP A 72 -6.13 -1.30 11.49
CA TRP A 72 -5.79 -0.73 12.80
C TRP A 72 -6.17 -1.69 13.95
N GLU A 73 -7.23 -2.47 13.76
CA GLU A 73 -7.74 -3.38 14.79
C GLU A 73 -7.08 -4.77 14.70
N ARG A 74 -6.74 -5.20 13.49
CA ARG A 74 -6.22 -6.56 13.25
C ARG A 74 -4.69 -6.64 13.30
N TYR A 75 -4.03 -5.56 12.88
CA TYR A 75 -2.56 -5.55 12.82
C TYR A 75 -1.97 -4.44 13.72
N PRO A 76 -1.79 -4.72 15.02
CA PRO A 76 -1.35 -3.71 16.01
C PRO A 76 0.08 -3.19 15.77
N GLN A 77 0.91 -3.98 15.11
CA GLN A 77 2.31 -3.58 14.81
C GLN A 77 2.51 -3.26 13.32
N LEU A 78 1.41 -3.27 12.56
CA LEU A 78 1.43 -2.90 11.13
C LEU A 78 2.44 -3.69 10.29
N ASP A 79 2.61 -4.99 10.60
CA ASP A 79 3.57 -5.85 9.87
C ASP A 79 2.99 -6.31 8.52
N VAL A 80 2.30 -5.42 7.80
CA VAL A 80 1.62 -5.79 6.55
C VAL A 80 1.87 -4.80 5.42
N VAL A 81 2.08 -5.31 4.21
CA VAL A 81 2.21 -4.49 3.01
C VAL A 81 0.83 -4.26 2.38
N VAL A 82 0.32 -3.03 2.49
CA VAL A 82 -1.01 -2.70 1.94
C VAL A 82 -0.90 -2.22 0.49
N ILE A 83 -1.63 -2.87 -0.42
CA ILE A 83 -1.64 -2.48 -1.84
C ILE A 83 -3.05 -2.09 -2.31
N VAL A 84 -3.14 -1.02 -3.08
CA VAL A 84 -4.43 -0.53 -3.59
C VAL A 84 -4.42 -0.46 -5.12
N THR A 85 -5.50 -0.93 -5.75
CA THR A 85 -5.58 -1.03 -7.22
C THR A 85 -5.96 0.30 -7.91
N THR A 86 -5.38 1.41 -7.45
CA THR A 86 -5.64 2.74 -8.05
C THR A 86 -4.72 3.82 -7.45
N ASP A 87 -4.37 4.83 -8.25
CA ASP A 87 -3.57 5.96 -7.77
C ASP A 87 -4.41 7.25 -7.73
N ASP A 88 -5.73 7.10 -7.61
CA ASP A 88 -6.66 8.23 -7.57
C ASP A 88 -6.36 9.18 -6.40
N LYS A 89 -6.56 10.48 -6.64
CA LYS A 89 -6.29 11.53 -5.65
C LYS A 89 -7.00 11.26 -4.32
N GLU A 90 -8.30 11.02 -4.38
CA GLU A 90 -9.13 10.90 -3.17
C GLU A 90 -8.80 9.62 -2.39
N TRP A 91 -8.59 8.51 -3.10
CA TRP A 91 -8.25 7.24 -2.45
C TRP A 91 -6.95 7.35 -1.62
N ILE A 92 -5.95 8.02 -2.17
CA ILE A 92 -4.71 8.29 -1.44
C ILE A 92 -5.00 9.22 -0.23
N LYS A 93 -5.86 10.22 -0.46
CA LYS A 93 -6.23 11.19 0.55
C LYS A 93 -6.96 10.53 1.75
N ASP A 94 -7.95 9.68 1.47
CA ASP A 94 -8.71 8.99 2.51
C ASP A 94 -7.81 8.12 3.40
N PHE A 95 -6.83 7.44 2.79
CA PHE A 95 -5.87 6.64 3.55
C PHE A 95 -5.10 7.51 4.55
N ILE A 96 -4.66 8.69 4.09
CA ILE A 96 -3.95 9.65 4.93
C ILE A 96 -4.80 10.08 6.13
N GLU A 97 -6.07 10.40 5.89
CA GLU A 97 -6.99 10.80 6.96
C GLU A 97 -7.00 9.77 8.10
N GLU A 98 -7.40 8.54 7.75
CA GLU A 98 -7.53 7.46 8.72
C GLU A 98 -6.26 7.28 9.56
N ALA A 99 -5.12 7.20 8.89
CA ALA A 99 -3.84 7.00 9.55
C ALA A 99 -3.48 8.16 10.50
N LYS A 100 -3.56 9.39 10.02
CA LYS A 100 -3.21 10.57 10.83
C LYS A 100 -4.16 10.76 12.02
N GLU A 101 -5.39 10.23 11.90
CA GLU A 101 -6.34 10.26 13.03
C GLU A 101 -5.87 9.36 14.18
N ARG A 102 -5.24 8.23 13.83
CA ARG A 102 -4.69 7.31 14.85
C ARG A 102 -3.26 7.70 15.24
N GLY A 103 -2.76 8.77 14.63
CA GLY A 103 -1.42 9.26 14.93
C GLY A 103 -0.30 8.32 14.47
N VAL A 104 -0.43 7.75 13.27
CA VAL A 104 0.60 6.86 12.71
C VAL A 104 1.24 7.46 11.44
N GLU A 105 2.48 7.05 11.18
CA GLU A 105 3.26 7.54 10.04
C GLU A 105 2.76 6.93 8.72
N VAL A 106 2.45 7.80 7.77
CA VAL A 106 1.93 7.37 6.46
C VAL A 106 3.03 7.40 5.39
N PHE A 107 3.34 6.25 4.82
CA PHE A 107 4.35 6.17 3.75
C PHE A 107 3.71 5.61 2.46
N VAL A 108 3.45 6.51 1.52
CA VAL A 108 2.75 6.16 0.27
C VAL A 108 3.72 6.02 -0.92
N VAL A 109 3.76 4.82 -1.51
CA VAL A 109 4.57 4.57 -2.71
C VAL A 109 3.66 4.15 -3.89
N TYR A 110 3.59 4.96 -4.94
CA TYR A 110 2.69 4.64 -6.06
C TYR A 110 3.36 4.84 -7.44
N ASN A 111 2.92 4.03 -8.40
CA ASN A 111 3.49 4.04 -9.76
C ASN A 111 2.48 4.56 -10.79
N ASN A 112 2.93 5.52 -11.60
CA ASN A 112 2.16 6.01 -12.74
C ASN A 112 3.08 6.83 -13.66
N LYS A 113 2.97 6.61 -14.98
CA LYS A 113 3.85 7.25 -15.96
C LYS A 113 3.71 8.79 -15.92
N ASP A 114 2.49 9.28 -15.78
CA ASP A 114 2.20 10.72 -15.79
C ASP A 114 2.98 11.47 -14.69
N ASP A 115 4.18 11.92 -15.03
CA ASP A 115 5.07 12.59 -14.06
C ASP A 115 4.43 13.86 -13.46
N ASP A 116 3.76 14.65 -14.28
CA ASP A 116 3.10 15.87 -13.83
C ASP A 116 2.01 15.58 -12.76
N ARG A 117 1.14 14.63 -13.07
CA ARG A 117 0.08 14.21 -12.14
C ARG A 117 0.66 13.75 -10.79
N ARG A 118 1.91 13.29 -10.81
CA ARG A 118 2.62 12.88 -9.60
C ARG A 118 3.23 14.08 -8.87
N LYS A 119 3.97 14.90 -9.61
CA LYS A 119 4.62 16.10 -9.07
C LYS A 119 3.61 16.98 -8.30
N GLU A 120 2.46 17.25 -8.91
CA GLU A 120 1.42 18.04 -8.27
C GLU A 120 0.85 17.33 -7.02
N ALA A 121 0.70 16.01 -7.11
CA ALA A 121 0.12 15.21 -6.03
C ALA A 121 1.06 15.13 -4.81
N GLN A 122 2.36 15.11 -5.04
CA GLN A 122 3.35 15.04 -3.95
C GLN A 122 3.20 16.22 -2.99
N GLN A 123 3.24 17.44 -3.53
CA GLN A 123 3.05 18.65 -2.72
C GLN A 123 1.65 18.68 -2.06
N GLU A 124 0.69 18.04 -2.73
CA GLU A 124 -0.70 17.98 -2.23
C GLU A 124 -0.83 17.10 -0.97
N PHE A 125 -0.34 15.86 -1.07
CA PHE A 125 -0.58 14.85 -0.05
C PHE A 125 0.56 14.74 1.00
N ARG A 126 1.79 15.04 0.61
CA ARG A 126 2.93 14.88 1.54
C ARG A 126 2.93 15.98 2.62
N SER A 127 2.30 15.67 3.75
CA SER A 127 2.24 16.59 4.91
C SER A 127 3.05 16.02 6.10
N ASP A 128 2.84 16.59 7.29
CA ASP A 128 3.50 16.09 8.50
C ASP A 128 3.22 14.60 8.74
N GLY A 129 4.26 13.83 9.01
CA GLY A 129 4.09 12.40 9.25
C GLY A 129 3.65 11.63 8.01
N VAL A 130 3.82 12.23 6.84
CA VAL A 130 3.47 11.58 5.57
C VAL A 130 4.61 11.72 4.55
N ASP A 131 5.06 10.59 4.00
CA ASP A 131 6.12 10.57 2.99
C ASP A 131 5.62 9.91 1.69
N VAL A 132 5.95 10.53 0.55
CA VAL A 132 5.46 10.05 -0.75
C VAL A 132 6.61 9.69 -1.70
N ARG A 133 6.62 8.44 -2.17
CA ARG A 133 7.56 7.97 -3.19
C ARG A 133 6.82 7.68 -4.51
N THR A 134 7.18 8.39 -5.57
CA THR A 134 6.56 8.19 -6.89
C THR A 134 7.55 7.52 -7.85
N VAL A 135 7.06 6.61 -8.68
CA VAL A 135 7.89 5.92 -9.67
C VAL A 135 7.16 5.77 -11.02
N SER A 136 7.92 5.81 -12.11
CA SER A 136 7.37 5.63 -13.47
C SER A 136 7.58 4.20 -13.96
N ASP A 137 8.57 3.51 -13.39
CA ASP A 137 8.89 2.13 -13.77
C ASP A 137 8.47 1.12 -12.67
N LYS A 138 8.12 -0.09 -13.10
CA LYS A 138 7.69 -1.15 -12.18
C LYS A 138 8.81 -1.54 -11.20
N GLU A 139 10.00 -1.79 -11.72
CA GLU A 139 11.13 -2.28 -10.92
C GLU A 139 11.55 -1.25 -9.86
N GLU A 140 11.36 0.03 -10.16
CA GLU A 140 11.61 1.11 -9.19
C GLU A 140 10.70 0.98 -7.96
N LEU A 141 9.47 0.52 -8.18
CA LEU A 141 8.50 0.31 -7.11
C LEU A 141 8.91 -0.90 -6.26
N ILE A 142 9.20 -2.02 -6.93
CA ILE A 142 9.65 -3.25 -6.26
C ILE A 142 10.79 -2.96 -5.27
N GLU A 143 11.74 -2.15 -5.72
CA GLU A 143 12.86 -1.71 -4.90
C GLU A 143 12.39 -1.19 -3.52
N GLN A 144 11.50 -0.20 -3.53
CA GLN A 144 10.96 0.38 -2.30
C GLN A 144 10.29 -0.68 -1.41
N VAL A 145 9.58 -1.63 -2.03
CA VAL A 145 8.95 -2.73 -1.30
C VAL A 145 10.01 -3.60 -0.59
N ARG A 146 11.12 -3.86 -1.27
CA ARG A 146 12.21 -4.64 -0.71
C ARG A 146 12.87 -3.89 0.46
N ARG A 147 13.12 -2.59 0.26
CA ARG A 147 13.64 -1.71 1.32
C ARG A 147 12.75 -1.72 2.57
N PHE A 148 11.42 -1.74 2.37
CA PHE A 148 10.48 -1.79 3.49
C PHE A 148 10.78 -2.97 4.43
N VAL A 149 10.99 -4.15 3.85
CA VAL A 149 11.33 -5.35 4.63
C VAL A 149 12.60 -5.14 5.45
N ARG A 150 13.56 -4.41 4.89
CA ARG A 150 14.82 -4.12 5.58
C ARG A 150 14.69 -3.03 6.65
N LYS A 151 13.82 -2.03 6.41
CA LYS A 151 13.64 -0.94 7.38
C LYS A 151 12.90 -1.43 8.63
N VAL A 152 11.90 -2.31 8.45
CA VAL A 152 11.19 -2.91 9.60
C VAL A 152 12.07 -3.96 10.31
N GLY A 153 12.97 -4.57 9.56
CA GLY A 153 13.95 -5.49 10.15
C GLY A 153 15.12 -4.75 10.80
N SER A 154 15.10 -3.42 10.74
CA SER A 154 16.15 -2.57 11.32
C SER A 154 15.55 -1.44 12.16
N LEU A 155 14.44 -1.71 12.85
CA LEU A 155 13.79 -0.72 13.71
C LEU A 155 14.62 -0.44 14.97
N GLU A 156 15.33 0.69 14.97
CA GLU A 156 16.16 1.07 16.12
C GLU A 156 15.32 1.33 17.39
N HIS A 157 15.51 0.47 18.39
CA HIS A 157 14.88 0.67 19.70
C HIS A 157 15.49 1.92 20.38
N HIS A 158 14.79 2.45 21.40
CA HIS A 158 15.20 3.69 22.09
C HIS A 158 14.85 4.95 21.28
N HIS A 159 15.34 5.03 20.03
CA HIS A 159 15.09 6.22 19.19
C HIS A 159 14.54 5.85 17.80
N HIS A 160 13.30 6.28 17.53
CA HIS A 160 12.70 6.14 16.20
C HIS A 160 13.39 7.05 15.17
N HIS A 161 13.78 8.24 15.61
CA HIS A 161 14.50 9.18 14.74
C HIS A 161 15.25 10.23 15.57
N HIS A 162 16.41 10.66 15.08
CA HIS A 162 17.18 11.74 15.69
C HIS A 162 17.83 12.64 14.61
N MET A 1 9.27 2.60 14.75
CA MET A 1 8.56 3.38 13.70
C MET A 1 7.25 2.69 13.30
N SER A 2 6.12 3.21 13.78
CA SER A 2 4.79 2.66 13.44
C SER A 2 4.30 3.26 12.12
N GLN A 3 4.79 2.72 11.01
CA GLN A 3 4.48 3.25 9.67
C GLN A 3 3.87 2.18 8.77
N ILE A 4 2.89 2.57 7.97
CA ILE A 4 2.20 1.64 7.07
C ILE A 4 2.52 1.94 5.59
N PHE A 5 2.93 0.90 4.87
CA PHE A 5 3.32 1.03 3.46
C PHE A 5 2.14 0.71 2.53
N VAL A 6 1.74 1.66 1.70
CA VAL A 6 0.61 1.47 0.79
C VAL A 6 0.98 1.79 -0.67
N VAL A 7 0.62 0.88 -1.57
CA VAL A 7 0.89 1.04 -3.00
C VAL A 7 -0.42 1.20 -3.80
N PHE A 8 -0.52 2.27 -4.56
CA PHE A 8 -1.66 2.46 -5.46
C PHE A 8 -1.25 2.20 -6.92
N SER A 9 -1.92 1.23 -7.55
CA SER A 9 -1.65 0.90 -8.95
C SER A 9 -2.93 0.56 -9.69
N SER A 10 -3.10 1.12 -10.88
CA SER A 10 -4.27 0.83 -11.73
C SER A 10 -4.00 -0.39 -12.61
N ASP A 11 -2.80 -0.98 -12.47
CA ASP A 11 -2.38 -2.12 -13.28
C ASP A 11 -2.08 -3.36 -12.41
N PRO A 12 -2.95 -4.40 -12.45
CA PRO A 12 -2.78 -5.62 -11.64
C PRO A 12 -1.46 -6.36 -11.92
N GLU A 13 -0.91 -6.15 -13.11
CA GLU A 13 0.35 -6.80 -13.52
C GLU A 13 1.54 -6.36 -12.65
N ILE A 14 1.46 -5.13 -12.12
CA ILE A 14 2.51 -4.60 -11.24
C ILE A 14 2.28 -5.11 -9.81
N LEU A 15 1.01 -5.13 -9.42
CA LEU A 15 0.58 -5.67 -8.14
C LEU A 15 1.09 -7.11 -7.91
N LYS A 16 1.01 -7.94 -8.95
CA LYS A 16 1.50 -9.33 -8.87
C LYS A 16 2.99 -9.39 -8.47
N GLU A 17 3.82 -8.60 -9.15
CA GLU A 17 5.26 -8.54 -8.88
C GLU A 17 5.55 -8.13 -7.43
N ILE A 18 4.72 -7.22 -6.91
CA ILE A 18 4.84 -6.78 -5.51
C ILE A 18 4.53 -7.93 -4.55
N VAL A 19 3.42 -8.63 -4.80
CA VAL A 19 2.99 -9.76 -3.96
C VAL A 19 4.07 -10.84 -3.81
N ARG A 20 4.60 -11.32 -4.95
CA ARG A 20 5.61 -12.39 -4.92
C ARG A 20 6.83 -11.99 -4.08
N GLU A 21 7.14 -10.69 -4.05
CA GLU A 21 8.19 -10.16 -3.16
C GLU A 21 7.77 -10.27 -1.69
N ILE A 22 6.66 -9.61 -1.35
CA ILE A 22 6.18 -9.56 0.02
C ILE A 22 6.17 -10.94 0.69
N LYS A 23 5.65 -11.94 -0.03
CA LYS A 23 5.59 -13.31 0.46
C LYS A 23 6.98 -13.90 0.74
N ARG A 24 7.90 -13.78 -0.22
CA ARG A 24 9.25 -14.35 -0.05
C ARG A 24 10.04 -13.59 1.02
N GLN A 25 9.72 -12.31 1.21
CA GLN A 25 10.37 -11.48 2.23
C GLN A 25 9.93 -11.89 3.65
N GLY A 26 8.78 -12.55 3.75
CA GLY A 26 8.23 -12.95 5.05
C GLY A 26 7.29 -11.91 5.64
N VAL A 27 6.79 -11.02 4.80
CA VAL A 27 5.88 -9.95 5.23
C VAL A 27 4.43 -10.24 4.82
N ARG A 28 3.47 -9.64 5.51
CA ARG A 28 2.05 -9.82 5.18
C ARG A 28 1.55 -8.74 4.20
N VAL A 29 0.66 -9.14 3.30
CA VAL A 29 0.15 -8.27 2.24
C VAL A 29 -1.36 -8.05 2.35
N VAL A 30 -1.77 -6.77 2.35
CA VAL A 30 -3.19 -6.40 2.40
C VAL A 30 -3.66 -5.85 1.04
N LEU A 31 -4.30 -6.70 0.24
CA LEU A 31 -4.75 -6.32 -1.10
C LEU A 31 -6.20 -5.81 -1.09
N LEU A 32 -6.39 -4.55 -1.45
CA LEU A 32 -7.74 -3.96 -1.56
C LEU A 32 -8.16 -3.84 -3.03
N TYR A 33 -9.01 -4.76 -3.48
CA TYR A 33 -9.44 -4.82 -4.88
C TYR A 33 -10.59 -3.84 -5.18
N SER A 34 -10.27 -2.71 -5.83
CA SER A 34 -11.27 -1.71 -6.21
C SER A 34 -11.62 -1.82 -7.71
N ASP A 35 -12.76 -2.46 -8.00
CA ASP A 35 -13.24 -2.60 -9.38
C ASP A 35 -14.76 -2.35 -9.45
N GLN A 36 -15.30 -2.38 -10.66
CA GLN A 36 -16.72 -2.15 -10.91
C GLN A 36 -17.61 -3.34 -10.46
N ASP A 37 -17.11 -4.57 -10.59
CA ASP A 37 -17.94 -5.76 -10.28
C ASP A 37 -17.38 -6.61 -9.13
N GLU A 38 -18.27 -7.35 -8.46
CA GLU A 38 -17.94 -8.25 -7.35
C GLU A 38 -17.59 -9.67 -7.85
N LYS A 39 -18.42 -10.18 -8.77
CA LYS A 39 -18.34 -11.57 -9.20
C LYS A 39 -17.05 -11.86 -10.00
N ARG A 40 -16.78 -11.00 -10.98
CA ARG A 40 -15.51 -11.04 -11.73
C ARG A 40 -14.31 -10.90 -10.78
N ARG A 41 -14.52 -10.19 -9.68
CA ARG A 41 -13.46 -9.92 -8.71
C ARG A 41 -12.97 -11.22 -8.08
N ARG A 42 -13.91 -12.03 -7.58
CA ARG A 42 -13.60 -13.34 -6.96
C ARG A 42 -12.59 -14.15 -7.81
N GLU A 43 -12.82 -14.20 -9.12
CA GLU A 43 -11.90 -14.93 -10.02
C GLU A 43 -10.49 -14.32 -10.02
N ARG A 44 -10.42 -12.99 -10.12
CA ARG A 44 -9.13 -12.29 -10.21
C ARG A 44 -8.35 -12.33 -8.88
N LEU A 45 -9.04 -12.10 -7.76
CA LEU A 45 -8.37 -12.04 -6.45
C LEU A 45 -8.06 -13.44 -5.90
N GLU A 46 -8.80 -14.46 -6.34
CA GLU A 46 -8.52 -15.85 -5.93
C GLU A 46 -7.04 -16.19 -6.11
N GLU A 47 -6.49 -15.77 -7.26
CA GLU A 47 -5.08 -16.03 -7.57
C GLU A 47 -4.15 -15.57 -6.45
N PHE A 48 -4.52 -14.48 -5.79
CA PHE A 48 -3.73 -13.95 -4.67
C PHE A 48 -4.02 -14.70 -3.37
N GLU A 49 -5.29 -14.96 -3.08
CA GLU A 49 -5.68 -15.68 -1.86
C GLU A 49 -5.07 -17.10 -1.82
N LYS A 50 -5.14 -17.80 -2.95
CA LYS A 50 -4.58 -19.15 -3.07
C LYS A 50 -3.05 -19.16 -2.96
N GLN A 51 -2.45 -17.97 -3.07
CA GLN A 51 -1.00 -17.79 -2.86
C GLN A 51 -0.72 -17.23 -1.46
N GLY A 52 -1.76 -17.09 -0.64
CA GLY A 52 -1.60 -16.60 0.71
C GLY A 52 -1.53 -15.08 0.82
N VAL A 53 -2.54 -14.41 0.27
CA VAL A 53 -2.65 -12.94 0.35
C VAL A 53 -3.96 -12.52 1.05
N ASP A 54 -3.87 -11.51 1.92
CA ASP A 54 -5.06 -10.99 2.61
C ASP A 54 -5.81 -9.98 1.72
N VAL A 55 -6.82 -10.46 0.99
CA VAL A 55 -7.54 -9.60 0.03
C VAL A 55 -8.94 -9.19 0.53
N ARG A 56 -9.25 -7.90 0.43
CA ARG A 56 -10.61 -7.38 0.66
C ARG A 56 -11.05 -6.50 -0.52
N THR A 57 -12.33 -6.55 -0.88
CA THR A 57 -12.86 -5.79 -2.02
C THR A 57 -13.46 -4.44 -1.58
N VAL A 58 -13.23 -3.41 -2.39
CA VAL A 58 -13.77 -2.06 -2.13
C VAL A 58 -14.47 -1.47 -3.36
N GLU A 59 -15.73 -1.06 -3.19
CA GLU A 59 -16.52 -0.50 -4.29
C GLU A 59 -16.33 1.03 -4.43
N ASP A 60 -16.12 1.71 -3.31
CA ASP A 60 -16.10 3.18 -3.29
C ASP A 60 -15.24 3.71 -2.12
N LYS A 61 -15.08 5.04 -2.04
CA LYS A 61 -14.30 5.67 -0.97
C LYS A 61 -14.84 5.27 0.41
N GLU A 62 -16.16 5.35 0.59
CA GLU A 62 -16.81 4.99 1.85
C GLU A 62 -16.48 3.55 2.28
N ASP A 63 -16.29 2.68 1.30
CA ASP A 63 -15.91 1.29 1.56
C ASP A 63 -14.41 1.22 1.89
N PHE A 64 -13.62 1.92 1.09
CA PHE A 64 -12.15 1.97 1.24
C PHE A 64 -11.75 2.31 2.69
N ARG A 65 -12.27 3.43 3.20
CA ARG A 65 -11.93 3.88 4.56
C ARG A 65 -12.20 2.79 5.62
N GLU A 66 -13.31 2.05 5.46
CA GLU A 66 -13.65 0.96 6.38
C GLU A 66 -12.54 -0.10 6.41
N ASN A 67 -12.11 -0.53 5.22
CA ASN A 67 -11.04 -1.52 5.08
C ASN A 67 -9.71 -1.00 5.64
N ILE A 68 -9.55 0.32 5.71
CA ILE A 68 -8.37 0.91 6.34
C ILE A 68 -8.46 0.81 7.87
N ARG A 69 -9.66 1.06 8.40
CA ARG A 69 -9.87 1.07 9.85
C ARG A 69 -9.60 -0.30 10.49
N GLU A 70 -9.99 -1.38 9.80
CA GLU A 70 -9.72 -2.73 10.31
C GLU A 70 -8.22 -2.99 10.46
N ILE A 71 -7.42 -2.44 9.54
CA ILE A 71 -5.97 -2.66 9.53
C ILE A 71 -5.32 -2.36 10.89
N TRP A 72 -5.78 -1.28 11.53
CA TRP A 72 -5.21 -0.83 12.81
C TRP A 72 -5.47 -1.84 13.94
N GLU A 73 -6.52 -2.66 13.78
CA GLU A 73 -6.86 -3.70 14.75
C GLU A 73 -6.36 -5.09 14.29
N ARG A 74 -6.32 -5.29 12.98
CA ARG A 74 -5.88 -6.55 12.38
C ARG A 74 -4.37 -6.77 12.58
N TYR A 75 -3.58 -5.74 12.27
CA TYR A 75 -2.11 -5.86 12.32
C TYR A 75 -1.51 -4.73 13.18
N PRO A 76 -1.46 -4.91 14.52
CA PRO A 76 -1.00 -3.86 15.46
C PRO A 76 0.50 -3.56 15.39
N GLN A 77 1.22 -4.28 14.54
CA GLN A 77 2.67 -4.06 14.36
C GLN A 77 2.94 -3.04 13.24
N LEU A 78 2.04 -2.99 12.25
CA LEU A 78 2.18 -2.11 11.09
C LEU A 78 3.48 -2.39 10.30
N ASP A 79 3.56 -3.60 9.74
CA ASP A 79 4.64 -3.99 8.84
C ASP A 79 4.10 -4.41 7.46
N VAL A 80 2.79 -4.26 7.30
CA VAL A 80 2.09 -4.83 6.14
C VAL A 80 2.02 -3.87 4.95
N VAL A 81 2.09 -4.43 3.76
CA VAL A 81 1.98 -3.65 2.51
C VAL A 81 0.55 -3.69 1.97
N VAL A 82 -0.13 -2.54 2.01
CA VAL A 82 -1.50 -2.41 1.51
C VAL A 82 -1.50 -1.99 0.03
N ILE A 83 -1.96 -2.89 -0.86
CA ILE A 83 -1.99 -2.60 -2.30
C ILE A 83 -3.43 -2.34 -2.77
N VAL A 84 -3.68 -1.15 -3.31
CA VAL A 84 -5.01 -0.78 -3.80
C VAL A 84 -5.03 -0.65 -5.32
N THR A 85 -6.00 -1.28 -5.98
CA THR A 85 -6.06 -1.31 -7.45
C THR A 85 -6.72 -0.05 -8.04
N THR A 86 -6.07 1.10 -7.84
CA THR A 86 -6.55 2.36 -8.41
C THR A 86 -5.48 3.46 -8.38
N ASP A 87 -5.74 4.56 -9.08
CA ASP A 87 -4.81 5.69 -9.17
C ASP A 87 -5.42 6.99 -8.60
N ASP A 88 -6.63 6.88 -8.03
CA ASP A 88 -7.39 8.07 -7.58
C ASP A 88 -6.73 8.79 -6.40
N LYS A 89 -6.55 10.11 -6.55
CA LYS A 89 -5.95 10.94 -5.51
C LYS A 89 -6.79 10.96 -4.22
N GLU A 90 -8.11 10.95 -4.36
CA GLU A 90 -9.00 10.91 -3.18
C GLU A 90 -8.67 9.73 -2.28
N TRP A 91 -8.56 8.53 -2.87
CA TRP A 91 -8.22 7.32 -2.13
C TRP A 91 -6.87 7.48 -1.40
N ILE A 92 -5.88 8.01 -2.11
CA ILE A 92 -4.57 8.29 -1.50
C ILE A 92 -4.70 9.23 -0.30
N LYS A 93 -5.50 10.29 -0.45
CA LYS A 93 -5.70 11.30 0.59
C LYS A 93 -6.41 10.71 1.83
N ASP A 94 -7.58 10.10 1.62
CA ASP A 94 -8.38 9.57 2.73
C ASP A 94 -7.62 8.48 3.51
N PHE A 95 -6.75 7.73 2.82
CA PHE A 95 -5.90 6.74 3.49
C PHE A 95 -5.01 7.43 4.54
N ILE A 96 -4.39 8.54 4.14
CA ILE A 96 -3.54 9.33 5.04
C ILE A 96 -4.36 9.93 6.19
N GLU A 97 -5.58 10.37 5.88
CA GLU A 97 -6.49 10.94 6.88
C GLU A 97 -6.83 9.92 8.00
N GLU A 98 -7.39 8.77 7.62
CA GLU A 98 -7.70 7.72 8.59
C GLU A 98 -6.46 7.34 9.42
N ALA A 99 -5.31 7.26 8.77
CA ALA A 99 -4.06 6.92 9.45
C ALA A 99 -3.66 7.98 10.50
N LYS A 100 -3.66 9.26 10.10
CA LYS A 100 -3.34 10.36 11.03
C LYS A 100 -4.35 10.41 12.18
N GLU A 101 -5.60 10.07 11.88
CA GLU A 101 -6.65 9.98 12.89
C GLU A 101 -6.31 8.93 13.97
N ARG A 102 -5.51 7.93 13.59
CA ARG A 102 -5.07 6.88 14.54
C ARG A 102 -3.69 7.18 15.13
N GLY A 103 -3.09 8.28 14.68
CA GLY A 103 -1.78 8.69 15.19
C GLY A 103 -0.62 7.84 14.66
N VAL A 104 -0.82 7.22 13.50
CA VAL A 104 0.21 6.35 12.90
C VAL A 104 0.86 7.00 11.67
N GLU A 105 2.03 6.50 11.29
CA GLU A 105 2.79 7.05 10.15
C GLU A 105 2.37 6.38 8.83
N VAL A 106 2.47 7.12 7.73
CA VAL A 106 2.06 6.62 6.42
C VAL A 106 3.23 6.65 5.41
N PHE A 107 3.20 5.74 4.45
CA PHE A 107 4.17 5.73 3.35
C PHE A 107 3.49 5.27 2.05
N VAL A 108 3.21 6.23 1.17
CA VAL A 108 2.50 5.97 -0.09
C VAL A 108 3.45 5.91 -1.29
N VAL A 109 3.35 4.82 -2.06
CA VAL A 109 4.08 4.70 -3.33
C VAL A 109 3.12 4.35 -4.49
N TYR A 110 3.14 5.15 -5.55
CA TYR A 110 2.25 4.92 -6.70
C TYR A 110 2.98 5.05 -8.04
N ASN A 111 2.52 4.30 -9.03
CA ASN A 111 3.12 4.30 -10.37
C ASN A 111 2.45 5.33 -11.29
N ASN A 112 3.16 6.41 -11.60
CA ASN A 112 2.64 7.48 -12.47
C ASN A 112 3.72 7.94 -13.46
N LYS A 113 3.35 8.04 -14.73
CA LYS A 113 4.34 8.24 -15.81
C LYS A 113 4.67 9.73 -16.08
N ASP A 114 4.08 10.64 -15.32
CA ASP A 114 4.31 12.08 -15.53
C ASP A 114 4.88 12.76 -14.27
N ASP A 115 6.05 13.38 -14.43
CA ASP A 115 6.73 14.08 -13.31
C ASP A 115 5.84 15.18 -12.72
N ASP A 116 5.28 16.03 -13.58
CA ASP A 116 4.38 17.10 -13.16
C ASP A 116 3.23 16.57 -12.28
N ARG A 117 2.50 15.57 -12.79
CA ARG A 117 1.40 14.94 -12.03
C ARG A 117 1.89 14.35 -10.70
N ARG A 118 3.13 13.86 -10.69
CA ARG A 118 3.74 13.25 -9.50
C ARG A 118 4.09 14.28 -8.42
N LYS A 119 4.88 15.28 -8.80
CA LYS A 119 5.40 16.27 -7.85
C LYS A 119 4.28 17.08 -7.17
N GLU A 120 3.31 17.53 -7.97
CA GLU A 120 2.16 18.28 -7.42
C GLU A 120 1.41 17.44 -6.37
N ALA A 121 1.28 16.15 -6.65
CA ALA A 121 0.63 15.23 -5.72
C ALA A 121 1.45 15.07 -4.43
N GLN A 122 2.77 14.92 -4.57
CA GLN A 122 3.67 14.84 -3.40
C GLN A 122 3.50 16.07 -2.49
N GLN A 123 3.22 17.22 -3.09
CA GLN A 123 2.98 18.45 -2.32
C GLN A 123 1.66 18.37 -1.52
N GLU A 124 0.65 17.70 -2.08
CA GLU A 124 -0.67 17.62 -1.43
C GLU A 124 -0.84 16.34 -0.56
N PHE A 125 0.13 15.42 -0.61
CA PHE A 125 0.04 14.17 0.18
C PHE A 125 1.16 14.03 1.22
N ARG A 126 2.36 14.54 0.92
CA ARG A 126 3.51 14.33 1.78
C ARG A 126 3.53 15.32 2.97
N SER A 127 3.11 14.84 4.12
CA SER A 127 3.14 15.61 5.38
C SER A 127 4.12 14.97 6.37
N ASP A 128 4.31 15.58 7.53
CA ASP A 128 5.20 15.01 8.55
C ASP A 128 4.65 13.67 9.08
N GLY A 129 5.46 12.62 8.98
CA GLY A 129 4.99 11.29 9.32
C GLY A 129 4.45 10.52 8.11
N VAL A 130 4.33 11.22 6.99
CA VAL A 130 3.79 10.63 5.76
C VAL A 130 4.80 10.76 4.60
N ASP A 131 5.35 9.63 4.16
CA ASP A 131 6.28 9.62 3.03
C ASP A 131 5.53 9.32 1.71
N VAL A 132 5.95 9.97 0.63
CA VAL A 132 5.32 9.77 -0.69
C VAL A 132 6.38 9.62 -1.79
N ARG A 133 6.53 8.40 -2.31
CA ARG A 133 7.50 8.11 -3.37
C ARG A 133 6.79 7.84 -4.70
N THR A 134 7.25 8.49 -5.74
CA THR A 134 6.61 8.39 -7.07
C THR A 134 7.53 7.71 -8.08
N VAL A 135 7.00 6.70 -8.78
CA VAL A 135 7.78 5.95 -9.77
C VAL A 135 7.03 5.85 -11.11
N SER A 136 7.78 5.82 -12.21
CA SER A 136 7.19 5.69 -13.55
C SER A 136 7.37 4.27 -14.10
N ASP A 137 7.96 3.40 -13.30
CA ASP A 137 8.28 2.03 -13.73
C ASP A 137 7.80 0.99 -12.72
N LYS A 138 7.72 -0.27 -13.17
CA LYS A 138 7.32 -1.39 -12.32
C LYS A 138 8.43 -1.74 -11.31
N GLU A 139 9.63 -2.04 -11.81
CA GLU A 139 10.76 -2.42 -10.96
C GLU A 139 11.07 -1.31 -9.94
N GLU A 140 11.08 -0.06 -10.42
CA GLU A 140 11.23 1.12 -9.55
C GLU A 140 10.31 1.04 -8.32
N LEU A 141 9.07 0.59 -8.54
CA LEU A 141 8.09 0.46 -7.46
C LEU A 141 8.49 -0.71 -6.53
N ILE A 142 8.92 -1.82 -7.12
CA ILE A 142 9.37 -2.99 -6.37
C ILE A 142 10.53 -2.61 -5.43
N GLU A 143 11.44 -1.76 -5.92
CA GLU A 143 12.59 -1.29 -5.12
C GLU A 143 12.13 -0.67 -3.79
N GLN A 144 11.10 0.17 -3.84
CA GLN A 144 10.56 0.80 -2.63
C GLN A 144 10.08 -0.26 -1.62
N VAL A 145 9.41 -1.30 -2.14
CA VAL A 145 8.95 -2.41 -1.31
C VAL A 145 10.13 -3.17 -0.67
N ARG A 146 11.13 -3.49 -1.48
CA ARG A 146 12.34 -4.18 -1.01
C ARG A 146 13.02 -3.40 0.14
N ARG A 147 13.07 -2.07 -0.01
CA ARG A 147 13.65 -1.20 1.02
C ARG A 147 12.78 -1.18 2.30
N PHE A 148 11.47 -1.09 2.13
CA PHE A 148 10.53 -1.12 3.26
C PHE A 148 10.72 -2.39 4.12
N VAL A 149 10.77 -3.54 3.47
CA VAL A 149 11.03 -4.81 4.16
C VAL A 149 12.30 -4.75 5.03
N ARG A 150 13.32 -4.02 4.56
CA ARG A 150 14.58 -3.92 5.31
C ARG A 150 14.43 -3.01 6.54
N LYS A 151 13.62 -1.96 6.44
CA LYS A 151 13.41 -1.03 7.57
C LYS A 151 12.45 -1.59 8.62
N VAL A 152 11.71 -2.67 8.29
CA VAL A 152 10.77 -3.29 9.23
C VAL A 152 11.11 -4.77 9.56
N GLY A 153 11.30 -5.59 8.55
CA GLY A 153 11.48 -7.04 8.77
C GLY A 153 12.90 -7.46 9.12
N SER A 154 13.79 -6.49 9.34
CA SER A 154 15.19 -6.80 9.71
C SER A 154 15.56 -6.23 11.08
N LEU A 155 14.54 -5.90 11.88
CA LEU A 155 14.74 -5.29 13.20
C LEU A 155 14.97 -6.35 14.29
N GLU A 156 15.48 -5.92 15.45
CA GLU A 156 15.68 -6.81 16.59
C GLU A 156 14.33 -7.24 17.19
N HIS A 157 13.36 -6.33 17.15
CA HIS A 157 11.99 -6.64 17.54
C HIS A 157 11.38 -7.70 16.62
N HIS A 158 11.28 -8.93 17.11
CA HIS A 158 10.79 -10.06 16.29
C HIS A 158 9.36 -9.81 15.79
N HIS A 159 9.18 -9.99 14.49
CA HIS A 159 7.86 -9.83 13.86
C HIS A 159 6.91 -10.96 14.25
N HIS A 160 5.82 -10.61 14.93
CA HIS A 160 4.81 -11.59 15.35
C HIS A 160 3.84 -11.93 14.20
N HIS A 161 3.02 -12.96 14.39
CA HIS A 161 1.95 -13.28 13.43
C HIS A 161 0.80 -12.27 13.54
N HIS A 162 0.60 -11.76 14.75
CA HIS A 162 -0.42 -10.73 15.03
C HIS A 162 0.24 -9.39 15.47
N MET A 1 6.71 7.05 16.06
CA MET A 1 5.73 6.10 16.65
C MET A 1 5.73 4.77 15.90
N SER A 2 5.31 4.81 14.63
CA SER A 2 5.20 3.61 13.78
C SER A 2 4.73 4.00 12.38
N GLN A 3 5.28 3.37 11.35
CA GLN A 3 4.98 3.75 9.97
C GLN A 3 4.46 2.55 9.14
N ILE A 4 3.45 2.81 8.32
CA ILE A 4 2.83 1.76 7.49
C ILE A 4 3.12 1.97 5.99
N PHE A 5 3.36 0.87 5.28
CA PHE A 5 3.68 0.91 3.85
C PHE A 5 2.43 0.62 3.00
N VAL A 6 2.17 1.46 2.00
CA VAL A 6 1.00 1.28 1.13
C VAL A 6 1.31 1.64 -0.35
N VAL A 7 0.76 0.85 -1.27
CA VAL A 7 0.99 1.05 -2.71
C VAL A 7 -0.33 1.19 -3.48
N PHE A 8 -0.37 2.11 -4.44
CA PHE A 8 -1.53 2.24 -5.33
C PHE A 8 -1.12 1.96 -6.79
N SER A 9 -1.77 0.98 -7.41
CA SER A 9 -1.51 0.64 -8.81
C SER A 9 -2.79 0.21 -9.53
N SER A 10 -2.99 0.70 -10.75
CA SER A 10 -4.16 0.32 -11.57
C SER A 10 -3.88 -0.92 -12.42
N ASP A 11 -2.69 -1.50 -12.28
CA ASP A 11 -2.27 -2.65 -13.08
C ASP A 11 -2.15 -3.92 -12.24
N PRO A 12 -3.07 -4.90 -12.42
CA PRO A 12 -3.05 -6.17 -11.67
C PRO A 12 -1.73 -6.96 -11.90
N GLU A 13 -1.11 -6.74 -13.06
CA GLU A 13 0.16 -7.37 -13.40
C GLU A 13 1.30 -6.88 -12.50
N ILE A 14 1.27 -5.58 -12.16
CA ILE A 14 2.29 -4.99 -11.28
C ILE A 14 2.03 -5.42 -9.85
N LEU A 15 0.77 -5.32 -9.45
CA LEU A 15 0.29 -5.81 -8.16
C LEU A 15 0.71 -7.27 -7.92
N LYS A 16 0.53 -8.11 -8.94
CA LYS A 16 0.91 -9.54 -8.84
C LYS A 16 2.39 -9.70 -8.48
N GLU A 17 3.24 -8.94 -9.18
CA GLU A 17 4.69 -8.97 -8.94
C GLU A 17 5.03 -8.53 -7.50
N ILE A 18 4.36 -7.49 -7.02
CA ILE A 18 4.55 -7.01 -5.65
C ILE A 18 4.23 -8.12 -4.63
N VAL A 19 3.05 -8.74 -4.79
CA VAL A 19 2.58 -9.80 -3.89
C VAL A 19 3.61 -10.93 -3.73
N ARG A 20 4.08 -11.49 -4.85
CA ARG A 20 5.00 -12.63 -4.80
C ARG A 20 6.31 -12.25 -4.08
N GLU A 21 6.80 -11.03 -4.29
CA GLU A 21 7.98 -10.55 -3.56
C GLU A 21 7.72 -10.50 -2.06
N ILE A 22 6.62 -9.85 -1.66
CA ILE A 22 6.22 -9.77 -0.25
C ILE A 22 6.25 -11.15 0.42
N LYS A 23 5.67 -12.14 -0.26
CA LYS A 23 5.66 -13.53 0.22
C LYS A 23 7.10 -14.06 0.42
N ARG A 24 8.00 -13.74 -0.51
CA ARG A 24 9.39 -14.20 -0.44
C ARG A 24 10.20 -13.41 0.61
N GLN A 25 9.75 -12.20 0.94
CA GLN A 25 10.41 -11.37 1.96
C GLN A 25 9.94 -11.76 3.37
N GLY A 26 8.87 -12.55 3.44
CA GLY A 26 8.34 -12.99 4.74
C GLY A 26 7.32 -12.03 5.34
N VAL A 27 7.03 -10.94 4.64
CA VAL A 27 6.10 -9.92 5.13
C VAL A 27 4.64 -10.29 4.81
N ARG A 28 3.69 -9.80 5.60
CA ARG A 28 2.27 -10.08 5.38
C ARG A 28 1.67 -9.06 4.39
N VAL A 29 0.83 -9.55 3.47
CA VAL A 29 0.28 -8.71 2.40
C VAL A 29 -1.23 -8.46 2.54
N VAL A 30 -1.61 -7.19 2.62
CA VAL A 30 -3.01 -6.78 2.70
C VAL A 30 -3.48 -6.13 1.39
N LEU A 31 -4.21 -6.88 0.56
CA LEU A 31 -4.70 -6.36 -0.72
C LEU A 31 -6.12 -5.82 -0.60
N LEU A 32 -6.29 -4.53 -0.86
CA LEU A 32 -7.62 -3.93 -0.92
C LEU A 32 -8.06 -3.81 -2.38
N TYR A 33 -8.78 -4.82 -2.86
CA TYR A 33 -9.05 -4.96 -4.29
C TYR A 33 -10.24 -4.09 -4.73
N SER A 34 -9.96 -3.03 -5.48
CA SER A 34 -11.00 -2.11 -5.96
C SER A 34 -11.30 -2.32 -7.44
N ASP A 35 -12.39 -3.02 -7.72
CA ASP A 35 -12.88 -3.21 -9.08
C ASP A 35 -14.41 -2.98 -9.13
N GLN A 36 -14.95 -2.64 -10.30
CA GLN A 36 -16.39 -2.33 -10.42
C GLN A 36 -17.23 -3.57 -10.79
N ASP A 37 -16.58 -4.63 -11.28
CA ASP A 37 -17.29 -5.84 -11.71
C ASP A 37 -17.47 -6.83 -10.55
N GLU A 38 -18.39 -7.78 -10.70
CA GLU A 38 -18.64 -8.79 -9.67
C GLU A 38 -17.77 -10.04 -9.89
N LYS A 39 -17.94 -10.70 -11.04
CA LYS A 39 -17.23 -11.95 -11.32
C LYS A 39 -15.74 -11.71 -11.64
N ARG A 40 -15.45 -10.73 -12.50
CA ARG A 40 -14.05 -10.43 -12.84
C ARG A 40 -13.25 -10.03 -11.61
N ARG A 41 -13.84 -9.16 -10.78
CA ARG A 41 -13.22 -8.80 -9.50
C ARG A 41 -12.92 -10.05 -8.65
N ARG A 42 -13.91 -10.94 -8.52
CA ARG A 42 -13.73 -12.19 -7.77
C ARG A 42 -12.59 -13.04 -8.35
N GLU A 43 -12.64 -13.28 -9.67
CA GLU A 43 -11.65 -14.12 -10.35
C GLU A 43 -10.22 -13.62 -10.13
N ARG A 44 -10.02 -12.32 -10.29
CA ARG A 44 -8.68 -11.73 -10.16
C ARG A 44 -8.12 -11.85 -8.73
N LEU A 45 -8.96 -11.54 -7.73
CA LEU A 45 -8.52 -11.59 -6.33
C LEU A 45 -8.40 -13.04 -5.82
N GLU A 46 -9.23 -13.93 -6.38
CA GLU A 46 -9.18 -15.36 -6.05
C GLU A 46 -7.76 -15.92 -6.23
N GLU A 47 -7.13 -15.53 -7.35
CA GLU A 47 -5.76 -15.94 -7.64
C GLU A 47 -4.79 -15.56 -6.50
N PHE A 48 -5.09 -14.48 -5.79
CA PHE A 48 -4.23 -14.02 -4.68
C PHE A 48 -4.56 -14.74 -3.37
N GLU A 49 -5.85 -14.93 -3.08
CA GLU A 49 -6.26 -15.61 -1.84
C GLU A 49 -5.65 -17.01 -1.76
N LYS A 50 -5.75 -17.76 -2.86
CA LYS A 50 -5.16 -19.11 -2.95
C LYS A 50 -3.63 -19.08 -2.82
N GLN A 51 -3.03 -17.89 -2.96
CA GLN A 51 -1.58 -17.72 -2.81
C GLN A 51 -1.20 -17.16 -1.42
N GLY A 52 -2.18 -17.09 -0.51
CA GLY A 52 -1.91 -16.63 0.85
C GLY A 52 -1.82 -15.10 0.96
N VAL A 53 -2.84 -14.41 0.47
CA VAL A 53 -2.91 -12.94 0.54
C VAL A 53 -4.18 -12.48 1.28
N ASP A 54 -4.03 -11.49 2.17
CA ASP A 54 -5.17 -10.93 2.91
C ASP A 54 -5.95 -9.94 2.04
N VAL A 55 -6.86 -10.44 1.20
CA VAL A 55 -7.58 -9.60 0.24
C VAL A 55 -8.97 -9.17 0.73
N ARG A 56 -9.22 -7.86 0.75
CA ARG A 56 -10.55 -7.31 0.96
C ARG A 56 -11.14 -6.84 -0.39
N THR A 57 -12.46 -6.77 -0.47
CA THR A 57 -13.14 -6.27 -1.68
C THR A 57 -13.71 -4.87 -1.48
N VAL A 58 -13.17 -3.90 -2.22
CA VAL A 58 -13.67 -2.53 -2.16
C VAL A 58 -14.15 -2.03 -3.51
N GLU A 59 -15.03 -1.04 -3.49
CA GLU A 59 -15.59 -0.46 -4.72
C GLU A 59 -15.70 1.08 -4.65
N ASP A 60 -16.01 1.62 -3.48
CA ASP A 60 -16.17 3.07 -3.32
C ASP A 60 -15.21 3.65 -2.27
N LYS A 61 -15.05 4.96 -2.31
CA LYS A 61 -14.18 5.70 -1.39
C LYS A 61 -14.53 5.42 0.08
N GLU A 62 -15.82 5.36 0.39
CA GLU A 62 -16.29 5.07 1.75
C GLU A 62 -16.05 3.60 2.13
N ASP A 63 -16.28 2.69 1.18
CA ASP A 63 -16.04 1.27 1.41
C ASP A 63 -14.53 1.01 1.61
N PHE A 64 -13.73 1.80 0.91
CA PHE A 64 -12.27 1.74 1.04
C PHE A 64 -11.81 2.09 2.47
N ARG A 65 -12.17 3.28 2.93
CA ARG A 65 -11.68 3.78 4.22
C ARG A 65 -12.10 2.90 5.41
N GLU A 66 -13.27 2.26 5.32
CA GLU A 66 -13.73 1.39 6.40
C GLU A 66 -12.87 0.11 6.48
N ASN A 67 -12.48 -0.42 5.33
CA ASN A 67 -11.57 -1.59 5.29
C ASN A 67 -10.18 -1.23 5.81
N ILE A 68 -9.78 0.03 5.64
CA ILE A 68 -8.53 0.53 6.24
C ILE A 68 -8.61 0.45 7.77
N ARG A 69 -9.78 0.77 8.31
CA ARG A 69 -10.01 0.71 9.76
C ARG A 69 -9.90 -0.72 10.29
N GLU A 70 -10.09 -1.73 9.42
CA GLU A 70 -9.80 -3.12 9.77
C GLU A 70 -8.29 -3.31 9.98
N ILE A 71 -7.51 -2.69 9.10
CA ILE A 71 -6.04 -2.78 9.14
C ILE A 71 -5.47 -2.26 10.47
N TRP A 72 -5.89 -1.07 10.86
CA TRP A 72 -5.44 -0.47 12.14
C TRP A 72 -5.74 -1.39 13.34
N GLU A 73 -6.90 -2.04 13.30
CA GLU A 73 -7.33 -2.94 14.37
C GLU A 73 -6.57 -4.28 14.36
N ARG A 74 -6.46 -4.90 13.19
CA ARG A 74 -5.88 -6.24 13.06
C ARG A 74 -4.35 -6.25 13.20
N TYR A 75 -3.69 -5.18 12.75
CA TYR A 75 -2.22 -5.16 12.71
C TYR A 75 -1.64 -4.04 13.60
N PRO A 76 -1.25 -4.36 14.85
CA PRO A 76 -0.74 -3.37 15.81
C PRO A 76 0.66 -2.84 15.46
N GLN A 77 1.50 -3.69 14.85
CA GLN A 77 2.87 -3.32 14.52
C GLN A 77 2.97 -2.66 13.12
N LEU A 78 1.85 -2.62 12.40
CA LEU A 78 1.83 -2.10 11.02
C LEU A 78 2.82 -2.84 10.10
N ASP A 79 3.18 -4.06 10.50
CA ASP A 79 4.16 -4.87 9.78
C ASP A 79 3.54 -5.58 8.55
N VAL A 80 2.69 -4.85 7.82
CA VAL A 80 2.00 -5.38 6.64
C VAL A 80 2.10 -4.43 5.44
N VAL A 81 2.19 -5.00 4.24
CA VAL A 81 2.21 -4.21 3.00
C VAL A 81 0.80 -4.10 2.41
N VAL A 82 0.24 -2.90 2.43
CA VAL A 82 -1.12 -2.67 1.90
C VAL A 82 -1.08 -2.26 0.42
N ILE A 83 -1.84 -2.97 -0.42
CA ILE A 83 -1.89 -2.68 -1.86
C ILE A 83 -3.32 -2.33 -2.30
N VAL A 84 -3.47 -1.26 -3.07
CA VAL A 84 -4.78 -0.84 -3.58
C VAL A 84 -4.77 -0.77 -5.12
N THR A 85 -5.84 -1.26 -5.75
CA THR A 85 -5.87 -1.37 -7.22
C THR A 85 -6.57 -0.16 -7.89
N THR A 86 -6.08 1.05 -7.58
CA THR A 86 -6.58 2.30 -8.21
C THR A 86 -5.67 3.49 -7.88
N ASP A 87 -5.87 4.60 -8.60
CA ASP A 87 -5.06 5.82 -8.42
C ASP A 87 -5.92 7.03 -8.05
N ASP A 88 -7.17 6.80 -7.62
CA ASP A 88 -8.07 7.90 -7.27
C ASP A 88 -7.52 8.75 -6.10
N LYS A 89 -7.56 10.08 -6.26
CA LYS A 89 -7.00 11.00 -5.28
C LYS A 89 -7.59 10.83 -3.88
N GLU A 90 -8.88 10.52 -3.78
CA GLU A 90 -9.54 10.33 -2.48
C GLU A 90 -8.98 9.09 -1.77
N TRP A 91 -8.78 8.01 -2.53
CA TRP A 91 -8.25 6.77 -1.97
C TRP A 91 -6.82 6.96 -1.43
N ILE A 92 -6.03 7.77 -2.13
CA ILE A 92 -4.68 8.12 -1.67
C ILE A 92 -4.73 9.08 -0.46
N LYS A 93 -5.67 10.03 -0.52
CA LYS A 93 -5.81 11.06 0.53
C LYS A 93 -6.35 10.49 1.85
N ASP A 94 -7.56 9.94 1.81
CA ASP A 94 -8.25 9.47 3.01
C ASP A 94 -7.48 8.37 3.75
N PHE A 95 -6.70 7.56 3.03
CA PHE A 95 -5.83 6.55 3.65
C PHE A 95 -4.86 7.24 4.64
N ILE A 96 -4.26 8.34 4.17
CA ILE A 96 -3.33 9.13 4.98
C ILE A 96 -4.07 9.80 6.16
N GLU A 97 -5.25 10.32 5.90
CA GLU A 97 -6.09 10.95 6.93
C GLU A 97 -6.42 9.96 8.07
N GLU A 98 -6.97 8.79 7.71
CA GLU A 98 -7.29 7.73 8.69
C GLU A 98 -6.07 7.44 9.59
N ALA A 99 -4.91 7.33 8.98
CA ALA A 99 -3.67 7.07 9.72
C ALA A 99 -3.34 8.20 10.72
N LYS A 100 -3.38 9.44 10.25
CA LYS A 100 -3.10 10.59 11.11
C LYS A 100 -4.12 10.72 12.26
N GLU A 101 -5.34 10.22 12.04
CA GLU A 101 -6.35 10.14 13.11
C GLU A 101 -5.97 9.08 14.14
N ARG A 102 -5.42 7.96 13.68
CA ARG A 102 -4.85 6.95 14.55
C ARG A 102 -3.49 7.41 15.13
N GLY A 103 -2.90 8.42 14.49
CA GLY A 103 -1.62 8.97 14.95
C GLY A 103 -0.41 8.21 14.41
N VAL A 104 -0.62 7.37 13.39
CA VAL A 104 0.45 6.55 12.82
C VAL A 104 1.02 7.16 11.53
N GLU A 105 2.33 6.95 11.34
CA GLU A 105 3.05 7.47 10.18
C GLU A 105 2.76 6.63 8.92
N VAL A 106 2.82 7.27 7.74
CA VAL A 106 2.45 6.61 6.48
C VAL A 106 3.59 6.68 5.45
N PHE A 107 3.66 5.67 4.58
CA PHE A 107 4.58 5.70 3.43
C PHE A 107 3.83 5.28 2.16
N VAL A 108 3.49 6.25 1.32
CA VAL A 108 2.66 6.01 0.13
C VAL A 108 3.49 5.96 -1.17
N VAL A 109 3.35 4.86 -1.91
CA VAL A 109 3.98 4.74 -3.24
C VAL A 109 2.95 4.39 -4.32
N TYR A 110 2.88 5.19 -5.37
CA TYR A 110 1.96 4.92 -6.49
C TYR A 110 2.67 5.07 -7.85
N ASN A 111 2.22 4.30 -8.84
CA ASN A 111 2.84 4.31 -10.16
C ASN A 111 2.17 5.34 -11.09
N ASN A 112 2.99 6.25 -11.62
CA ASN A 112 2.52 7.32 -12.50
C ASN A 112 3.67 7.85 -13.36
N LYS A 113 3.39 8.16 -14.62
CA LYS A 113 4.42 8.63 -15.56
C LYS A 113 4.54 10.17 -15.58
N ASP A 114 3.44 10.87 -15.27
CA ASP A 114 3.41 12.33 -15.36
C ASP A 114 4.26 13.00 -14.27
N ASP A 115 5.48 13.37 -14.62
CA ASP A 115 6.44 13.96 -13.68
C ASP A 115 5.90 15.24 -13.01
N ASP A 116 5.33 16.15 -13.82
CA ASP A 116 4.78 17.41 -13.30
C ASP A 116 3.58 17.17 -12.35
N ARG A 117 2.68 16.27 -12.74
CA ARG A 117 1.54 15.91 -11.88
C ARG A 117 2.00 15.23 -10.58
N ARG A 118 3.10 14.48 -10.67
CA ARG A 118 3.69 13.84 -9.49
C ARG A 118 4.30 14.88 -8.54
N LYS A 119 4.87 15.94 -9.10
CA LYS A 119 5.41 17.06 -8.32
C LYS A 119 4.34 17.68 -7.41
N GLU A 120 3.22 18.09 -8.00
CA GLU A 120 2.13 18.71 -7.25
C GLU A 120 1.46 17.71 -6.29
N ALA A 121 1.32 16.46 -6.74
CA ALA A 121 0.72 15.39 -5.92
C ALA A 121 1.52 15.13 -4.64
N GLN A 122 2.84 14.92 -4.78
CA GLN A 122 3.72 14.65 -3.64
C GLN A 122 3.59 15.72 -2.54
N GLN A 123 3.64 16.98 -2.94
CA GLN A 123 3.56 18.11 -2.00
C GLN A 123 2.19 18.15 -1.28
N GLU A 124 1.13 17.83 -2.01
CA GLU A 124 -0.23 17.89 -1.46
C GLU A 124 -0.55 16.71 -0.53
N PHE A 125 -0.14 15.50 -0.93
CA PHE A 125 -0.47 14.29 -0.17
C PHE A 125 0.46 14.07 1.02
N ARG A 126 1.61 14.75 1.05
CA ARG A 126 2.55 14.59 2.16
C ARG A 126 2.15 15.44 3.38
N SER A 127 2.34 14.88 4.57
CA SER A 127 1.91 15.52 5.82
C SER A 127 2.82 15.11 7.00
N ASP A 128 2.45 15.51 8.21
CA ASP A 128 3.24 15.19 9.41
C ASP A 128 3.40 13.67 9.59
N GLY A 129 4.65 13.19 9.46
CA GLY A 129 4.94 11.77 9.62
C GLY A 129 4.70 10.95 8.36
N VAL A 130 4.18 11.58 7.32
CA VAL A 130 3.84 10.89 6.08
C VAL A 130 4.89 11.11 4.97
N ASP A 131 5.35 10.02 4.37
CA ASP A 131 6.27 10.08 3.23
C ASP A 131 5.55 9.68 1.92
N VAL A 132 5.98 10.27 0.80
CA VAL A 132 5.38 9.99 -0.51
C VAL A 132 6.46 9.68 -1.56
N ARG A 133 6.24 8.62 -2.34
CA ARG A 133 7.12 8.26 -3.44
C ARG A 133 6.34 8.00 -4.73
N THR A 134 6.91 8.40 -5.86
CA THR A 134 6.29 8.21 -7.18
C THR A 134 7.23 7.50 -8.15
N VAL A 135 6.72 6.51 -8.88
CA VAL A 135 7.53 5.77 -9.85
C VAL A 135 6.72 5.45 -11.13
N SER A 136 7.37 5.49 -12.29
CA SER A 136 6.71 5.15 -13.57
C SER A 136 6.95 3.67 -13.92
N ASP A 137 8.08 3.13 -13.47
CA ASP A 137 8.47 1.76 -13.79
C ASP A 137 7.90 0.76 -12.76
N LYS A 138 7.71 -0.48 -13.19
CA LYS A 138 7.25 -1.55 -12.30
C LYS A 138 8.34 -1.89 -11.26
N GLU A 139 9.53 -2.22 -11.74
CA GLU A 139 10.61 -2.69 -10.87
C GLU A 139 11.04 -1.62 -9.86
N GLU A 140 10.93 -0.36 -10.24
CA GLU A 140 11.16 0.76 -9.30
C GLU A 140 10.18 0.67 -8.11
N LEU A 141 8.93 0.32 -8.42
CA LEU A 141 7.89 0.14 -7.39
C LEU A 141 8.23 -1.08 -6.52
N ILE A 142 8.57 -2.20 -7.17
CA ILE A 142 9.00 -3.41 -6.47
C ILE A 142 10.14 -3.09 -5.49
N GLU A 143 11.13 -2.33 -5.98
CA GLU A 143 12.25 -1.87 -5.16
C GLU A 143 11.78 -1.18 -3.88
N GLN A 144 10.76 -0.31 -3.98
CA GLN A 144 10.24 0.41 -2.81
C GLN A 144 9.86 -0.58 -1.68
N VAL A 145 9.20 -1.67 -2.06
CA VAL A 145 8.82 -2.71 -1.10
C VAL A 145 10.06 -3.39 -0.49
N ARG A 146 11.00 -3.78 -1.35
CA ARG A 146 12.22 -4.46 -0.93
C ARG A 146 13.07 -3.56 0.00
N ARG A 147 13.04 -2.26 -0.27
CA ARG A 147 13.77 -1.26 0.54
C ARG A 147 13.04 -1.01 1.87
N PHE A 148 11.71 -1.05 1.85
CA PHE A 148 10.91 -0.97 3.08
C PHE A 148 11.32 -2.08 4.06
N VAL A 149 11.43 -3.31 3.55
CA VAL A 149 11.92 -4.44 4.35
C VAL A 149 13.28 -4.14 4.99
N ARG A 150 14.12 -3.39 4.28
CA ARG A 150 15.43 -2.99 4.79
C ARG A 150 15.31 -1.84 5.81
N LYS A 151 14.31 -0.98 5.62
CA LYS A 151 14.03 0.10 6.58
C LYS A 151 13.63 -0.46 7.95
N VAL A 152 12.66 -1.37 7.94
CA VAL A 152 12.20 -2.02 9.16
C VAL A 152 13.13 -3.18 9.56
N GLY A 153 13.99 -3.59 8.63
CA GLY A 153 14.93 -4.69 8.90
C GLY A 153 16.15 -4.27 9.71
N SER A 154 15.96 -3.37 10.68
CA SER A 154 17.03 -2.94 11.58
C SER A 154 17.16 -3.91 12.76
N LEU A 155 16.88 -5.19 12.49
CA LEU A 155 16.89 -6.24 13.53
C LEU A 155 18.29 -6.39 14.15
N GLU A 156 18.38 -6.04 15.44
CA GLU A 156 19.66 -6.00 16.16
C GLU A 156 20.37 -7.37 16.14
N HIS A 157 19.68 -8.40 16.59
CA HIS A 157 20.27 -9.74 16.72
C HIS A 157 20.26 -10.48 15.38
N HIS A 158 21.44 -10.77 14.85
CA HIS A 158 21.56 -11.43 13.53
C HIS A 158 21.93 -12.91 13.65
N HIS A 159 20.97 -13.79 13.36
CA HIS A 159 21.22 -15.22 13.26
C HIS A 159 20.66 -15.77 11.94
N HIS A 160 21.30 -16.79 11.38
CA HIS A 160 20.89 -17.35 10.09
C HIS A 160 19.54 -18.08 10.19
N HIS A 161 18.45 -17.33 10.04
CA HIS A 161 17.10 -17.91 10.00
C HIS A 161 16.91 -18.75 8.72
N HIS A 162 17.54 -18.30 7.64
CA HIS A 162 17.46 -18.99 6.34
C HIS A 162 18.86 -19.33 5.79
N MET A 1 7.95 6.20 14.74
CA MET A 1 8.47 5.08 13.90
C MET A 1 7.34 4.15 13.44
N SER A 2 6.13 4.36 13.97
CA SER A 2 4.97 3.53 13.62
C SER A 2 4.40 3.95 12.27
N GLN A 3 5.01 3.46 11.19
CA GLN A 3 4.62 3.85 9.84
C GLN A 3 4.15 2.64 9.02
N ILE A 4 3.12 2.85 8.18
CA ILE A 4 2.56 1.75 7.38
C ILE A 4 2.83 1.95 5.88
N PHE A 5 3.07 0.85 5.18
CA PHE A 5 3.41 0.87 3.75
C PHE A 5 2.16 0.64 2.88
N VAL A 6 1.90 1.57 1.97
CA VAL A 6 0.73 1.44 1.09
C VAL A 6 1.09 1.77 -0.38
N VAL A 7 0.77 0.82 -1.26
CA VAL A 7 1.03 0.98 -2.70
C VAL A 7 -0.26 1.23 -3.48
N PHE A 8 -0.22 2.16 -4.42
CA PHE A 8 -1.36 2.40 -5.30
C PHE A 8 -0.97 2.13 -6.77
N SER A 9 -1.67 1.19 -7.40
CA SER A 9 -1.42 0.84 -8.80
C SER A 9 -2.72 0.48 -9.52
N SER A 10 -3.02 1.18 -10.61
CA SER A 10 -4.23 0.89 -11.42
C SER A 10 -4.17 -0.50 -12.07
N ASP A 11 -3.00 -0.87 -12.59
CA ASP A 11 -2.82 -2.19 -13.21
C ASP A 11 -2.54 -3.29 -12.17
N PRO A 12 -3.50 -4.22 -11.97
CA PRO A 12 -3.29 -5.36 -11.07
C PRO A 12 -2.13 -6.25 -11.54
N GLU A 13 -1.83 -6.17 -12.84
CA GLU A 13 -0.69 -6.89 -13.42
C GLU A 13 0.64 -6.45 -12.80
N ILE A 14 0.71 -5.19 -12.36
CA ILE A 14 1.89 -4.68 -11.65
C ILE A 14 1.99 -5.26 -10.23
N LEU A 15 0.88 -5.23 -9.49
CA LEU A 15 0.88 -5.68 -8.09
C LEU A 15 1.11 -7.19 -7.97
N LYS A 16 0.82 -7.95 -9.04
CA LYS A 16 1.12 -9.39 -9.08
C LYS A 16 2.59 -9.65 -8.75
N GLU A 17 3.47 -8.86 -9.35
CA GLU A 17 4.91 -9.00 -9.17
C GLU A 17 5.34 -8.48 -7.79
N ILE A 18 4.60 -7.50 -7.27
CA ILE A 18 4.81 -7.02 -5.91
C ILE A 18 4.47 -8.12 -4.89
N VAL A 19 3.33 -8.78 -5.11
CA VAL A 19 2.88 -9.90 -4.27
C VAL A 19 3.95 -10.99 -4.13
N ARG A 20 4.42 -11.52 -5.26
CA ARG A 20 5.41 -12.61 -5.24
C ARG A 20 6.67 -12.21 -4.43
N GLU A 21 7.10 -10.96 -4.58
CA GLU A 21 8.27 -10.45 -3.83
C GLU A 21 7.99 -10.42 -2.33
N ILE A 22 6.87 -9.79 -1.95
CA ILE A 22 6.44 -9.74 -0.54
C ILE A 22 6.45 -11.15 0.09
N LYS A 23 5.96 -12.12 -0.67
CA LYS A 23 5.95 -13.52 -0.24
C LYS A 23 7.38 -14.06 -0.06
N ARG A 24 8.29 -13.75 -1.00
CA ARG A 24 9.69 -14.16 -0.89
C ARG A 24 10.36 -13.55 0.34
N GLN A 25 9.94 -12.34 0.70
CA GLN A 25 10.50 -11.63 1.86
C GLN A 25 9.95 -12.20 3.18
N GLY A 26 8.75 -12.78 3.13
CA GLY A 26 8.10 -13.31 4.34
C GLY A 26 7.28 -12.25 5.06
N VAL A 27 6.68 -11.33 4.31
CA VAL A 27 5.87 -10.26 4.88
C VAL A 27 4.38 -10.44 4.52
N ARG A 28 3.49 -9.96 5.37
CA ARG A 28 2.04 -10.04 5.11
C ARG A 28 1.59 -8.93 4.15
N VAL A 29 0.69 -9.29 3.24
CA VAL A 29 0.22 -8.37 2.20
C VAL A 29 -1.31 -8.18 2.27
N VAL A 30 -1.75 -6.94 2.45
CA VAL A 30 -3.18 -6.61 2.49
C VAL A 30 -3.62 -5.95 1.18
N LEU A 31 -4.29 -6.72 0.33
CA LEU A 31 -4.70 -6.23 -0.99
C LEU A 31 -6.13 -5.67 -0.97
N LEU A 32 -6.26 -4.35 -1.09
CA LEU A 32 -7.57 -3.70 -1.19
C LEU A 32 -8.01 -3.61 -2.66
N TYR A 33 -8.79 -4.59 -3.10
CA TYR A 33 -9.12 -4.73 -4.53
C TYR A 33 -10.42 -3.99 -4.89
N SER A 34 -10.29 -2.92 -5.66
CA SER A 34 -11.45 -2.17 -6.18
C SER A 34 -11.66 -2.46 -7.67
N ASP A 35 -12.70 -3.21 -7.99
CA ASP A 35 -13.00 -3.58 -9.38
C ASP A 35 -14.46 -3.25 -9.73
N GLN A 36 -14.71 -2.97 -11.01
CA GLN A 36 -16.04 -2.54 -11.48
C GLN A 36 -17.10 -3.65 -11.32
N ASP A 37 -16.73 -4.88 -11.63
CA ASP A 37 -17.68 -6.00 -11.62
C ASP A 37 -17.61 -6.80 -10.31
N GLU A 38 -18.46 -7.82 -10.20
CA GLU A 38 -18.47 -8.72 -9.05
C GLU A 38 -17.79 -10.06 -9.39
N LYS A 39 -18.23 -10.69 -10.49
CA LYS A 39 -17.66 -11.98 -10.91
C LYS A 39 -16.22 -11.81 -11.42
N ARG A 40 -16.03 -10.91 -12.39
CA ARG A 40 -14.68 -10.58 -12.88
C ARG A 40 -13.76 -10.21 -11.72
N ARG A 41 -14.28 -9.43 -10.77
CA ARG A 41 -13.55 -9.07 -9.55
C ARG A 41 -13.11 -10.33 -8.78
N ARG A 42 -14.04 -11.26 -8.57
CA ARG A 42 -13.77 -12.50 -7.84
C ARG A 42 -12.64 -13.29 -8.53
N GLU A 43 -12.76 -13.48 -9.84
CA GLU A 43 -11.73 -14.18 -10.63
C GLU A 43 -10.36 -13.50 -10.48
N ARG A 44 -10.38 -12.17 -10.43
CA ARG A 44 -9.17 -11.36 -10.31
C ARG A 44 -8.45 -11.56 -8.96
N LEU A 45 -9.18 -11.36 -7.86
CA LEU A 45 -8.57 -11.39 -6.52
C LEU A 45 -8.32 -12.81 -6.01
N GLU A 46 -9.13 -13.78 -6.47
CA GLU A 46 -8.99 -15.17 -6.02
C GLU A 46 -7.57 -15.72 -6.30
N GLU A 47 -7.01 -15.35 -7.44
CA GLU A 47 -5.65 -15.76 -7.81
C GLU A 47 -4.63 -15.32 -6.75
N PHE A 48 -4.92 -14.24 -6.05
CA PHE A 48 -4.06 -13.76 -4.96
C PHE A 48 -4.35 -14.52 -3.66
N GLU A 49 -5.63 -14.80 -3.39
CA GLU A 49 -6.02 -15.56 -2.20
C GLU A 49 -5.28 -16.92 -2.14
N LYS A 50 -5.38 -17.66 -3.24
CA LYS A 50 -4.77 -19.00 -3.35
C LYS A 50 -3.23 -18.95 -3.25
N GLN A 51 -2.64 -17.77 -3.37
CA GLN A 51 -1.18 -17.60 -3.23
C GLN A 51 -0.80 -17.05 -1.83
N GLY A 52 -1.80 -16.90 -0.96
CA GLY A 52 -1.54 -16.44 0.40
C GLY A 52 -1.53 -14.92 0.55
N VAL A 53 -2.50 -14.25 -0.08
CA VAL A 53 -2.64 -12.79 0.03
C VAL A 53 -3.90 -12.41 0.83
N ASP A 54 -3.73 -11.53 1.82
CA ASP A 54 -4.86 -11.09 2.64
C ASP A 54 -5.69 -10.04 1.90
N VAL A 55 -6.65 -10.49 1.09
CA VAL A 55 -7.43 -9.61 0.23
C VAL A 55 -8.71 -9.07 0.90
N ARG A 56 -8.94 -7.76 0.76
CA ARG A 56 -10.20 -7.11 1.12
C ARG A 56 -10.74 -6.33 -0.09
N THR A 57 -12.04 -6.46 -0.37
CA THR A 57 -12.66 -5.73 -1.50
C THR A 57 -13.16 -4.35 -1.09
N VAL A 58 -13.08 -3.38 -2.00
CA VAL A 58 -13.55 -2.01 -1.74
C VAL A 58 -14.41 -1.44 -2.88
N GLU A 59 -15.47 -0.72 -2.50
CA GLU A 59 -16.36 -0.07 -3.47
C GLU A 59 -15.96 1.39 -3.74
N ASP A 60 -15.83 2.16 -2.67
CA ASP A 60 -15.53 3.59 -2.76
C ASP A 60 -14.89 4.07 -1.44
N LYS A 61 -14.71 5.39 -1.28
CA LYS A 61 -13.95 5.94 -0.13
C LYS A 61 -14.47 5.43 1.22
N GLU A 62 -15.78 5.53 1.44
CA GLU A 62 -16.39 5.14 2.73
C GLU A 62 -16.14 3.66 3.07
N ASP A 63 -16.13 2.79 2.07
CA ASP A 63 -15.81 1.37 2.29
C ASP A 63 -14.29 1.20 2.41
N PHE A 64 -13.57 1.99 1.62
CA PHE A 64 -12.11 1.98 1.60
C PHE A 64 -11.51 2.27 2.98
N ARG A 65 -11.94 3.37 3.59
CA ARG A 65 -11.45 3.77 4.91
C ARG A 65 -11.65 2.66 5.95
N GLU A 66 -12.80 1.98 5.92
CA GLU A 66 -13.08 0.89 6.85
C GLU A 66 -12.15 -0.31 6.63
N ASN A 67 -11.78 -0.58 5.37
CA ASN A 67 -10.83 -1.63 5.05
C ASN A 67 -9.39 -1.22 5.44
N ILE A 68 -9.13 0.09 5.50
CA ILE A 68 -7.87 0.59 6.06
C ILE A 68 -7.84 0.37 7.58
N ARG A 69 -8.96 0.70 8.21
CA ARG A 69 -9.11 0.53 9.67
C ARG A 69 -9.01 -0.94 10.09
N GLU A 70 -9.17 -1.85 9.13
CA GLU A 70 -8.86 -3.27 9.33
C GLU A 70 -7.45 -3.44 9.90
N ILE A 71 -6.47 -2.76 9.29
CA ILE A 71 -5.08 -2.87 9.70
C ILE A 71 -4.88 -2.33 11.13
N TRP A 72 -5.50 -1.17 11.41
CA TRP A 72 -5.38 -0.54 12.74
C TRP A 72 -5.86 -1.48 13.86
N GLU A 73 -6.86 -2.30 13.55
CA GLU A 73 -7.42 -3.26 14.51
C GLU A 73 -6.61 -4.58 14.53
N ARG A 74 -6.34 -5.12 13.35
CA ARG A 74 -5.66 -6.42 13.21
C ARG A 74 -4.19 -6.36 13.65
N TYR A 75 -3.42 -5.44 13.06
CA TYR A 75 -1.95 -5.43 13.24
C TYR A 75 -1.45 -4.07 13.74
N PRO A 76 -1.35 -3.89 15.07
CA PRO A 76 -0.90 -2.61 15.67
C PRO A 76 0.57 -2.26 15.33
N GLN A 77 1.34 -3.26 14.92
CA GLN A 77 2.75 -3.06 14.55
C GLN A 77 2.91 -2.61 13.07
N LEU A 78 1.83 -2.74 12.30
CA LEU A 78 1.80 -2.27 10.90
C LEU A 78 2.80 -3.02 9.99
N ASP A 79 3.04 -4.30 10.26
CA ASP A 79 4.01 -5.11 9.50
C ASP A 79 3.45 -5.56 8.13
N VAL A 80 2.55 -4.78 7.53
CA VAL A 80 1.83 -5.22 6.34
C VAL A 80 1.99 -4.26 5.15
N VAL A 81 2.01 -4.84 3.96
CA VAL A 81 2.02 -4.05 2.71
C VAL A 81 0.59 -3.92 2.15
N VAL A 82 0.01 -2.74 2.27
CA VAL A 82 -1.35 -2.50 1.79
C VAL A 82 -1.36 -2.04 0.32
N ILE A 83 -1.88 -2.87 -0.57
CA ILE A 83 -1.91 -2.54 -2.02
C ILE A 83 -3.34 -2.23 -2.48
N VAL A 84 -3.53 -1.05 -3.07
CA VAL A 84 -4.84 -0.64 -3.59
C VAL A 84 -4.82 -0.56 -5.14
N THR A 85 -5.85 -1.12 -5.77
CA THR A 85 -5.89 -1.23 -7.24
C THR A 85 -6.43 0.05 -7.92
N THR A 86 -5.84 1.19 -7.57
CA THR A 86 -6.20 2.48 -8.20
C THR A 86 -5.21 3.58 -7.80
N ASP A 87 -4.98 4.53 -8.71
CA ASP A 87 -4.06 5.64 -8.45
C ASP A 87 -4.81 6.88 -7.92
N ASP A 88 -6.09 6.70 -7.57
CA ASP A 88 -6.97 7.81 -7.19
C ASP A 88 -6.33 8.73 -6.14
N LYS A 89 -6.14 10.00 -6.51
CA LYS A 89 -5.52 11.00 -5.65
C LYS A 89 -6.26 11.15 -4.31
N GLU A 90 -7.58 11.08 -4.34
CA GLU A 90 -8.39 11.31 -3.14
C GLU A 90 -8.37 10.09 -2.21
N TRP A 91 -8.31 8.89 -2.79
CA TRP A 91 -8.15 7.66 -2.01
C TRP A 91 -6.83 7.67 -1.22
N ILE A 92 -5.75 8.01 -1.92
CA ILE A 92 -4.42 8.11 -1.28
C ILE A 92 -4.44 9.09 -0.10
N LYS A 93 -5.06 10.25 -0.33
CA LYS A 93 -5.19 11.28 0.72
C LYS A 93 -6.10 10.83 1.87
N ASP A 94 -7.19 10.13 1.54
CA ASP A 94 -8.14 9.62 2.55
C ASP A 94 -7.44 8.61 3.48
N PHE A 95 -6.57 7.79 2.91
CA PHE A 95 -5.73 6.85 3.69
C PHE A 95 -4.98 7.59 4.80
N ILE A 96 -4.44 8.76 4.46
CA ILE A 96 -3.72 9.61 5.42
C ILE A 96 -4.67 10.14 6.52
N GLU A 97 -5.89 10.52 6.11
CA GLU A 97 -6.91 10.99 7.05
C GLU A 97 -7.15 9.98 8.18
N GLU A 98 -7.47 8.74 7.80
CA GLU A 98 -7.73 7.67 8.77
C GLU A 98 -6.48 7.30 9.56
N ALA A 99 -5.31 7.41 8.94
CA ALA A 99 -4.04 7.14 9.63
C ALA A 99 -3.80 8.13 10.77
N LYS A 100 -3.95 9.43 10.48
CA LYS A 100 -3.79 10.47 11.49
C LYS A 100 -4.91 10.41 12.54
N GLU A 101 -6.05 9.82 12.18
CA GLU A 101 -7.11 9.52 13.14
C GLU A 101 -6.57 8.62 14.27
N ARG A 102 -5.69 7.70 13.89
CA ARG A 102 -5.00 6.82 14.85
C ARG A 102 -3.69 7.45 15.37
N GLY A 103 -3.24 8.51 14.71
CA GLY A 103 -2.00 9.18 15.08
C GLY A 103 -0.75 8.46 14.57
N VAL A 104 -0.92 7.61 13.56
CA VAL A 104 0.20 6.84 12.98
C VAL A 104 0.78 7.52 11.73
N GLU A 105 1.94 7.02 11.27
CA GLU A 105 2.64 7.60 10.14
C GLU A 105 2.35 6.82 8.84
N VAL A 106 2.46 7.50 7.69
CA VAL A 106 2.08 6.91 6.40
C VAL A 106 3.26 6.86 5.40
N PHE A 107 3.35 5.77 4.64
CA PHE A 107 4.34 5.66 3.56
C PHE A 107 3.65 5.25 2.25
N VAL A 108 3.52 6.19 1.31
CA VAL A 108 2.79 5.97 0.06
C VAL A 108 3.73 5.80 -1.14
N VAL A 109 3.55 4.72 -1.89
CA VAL A 109 4.29 4.50 -3.15
C VAL A 109 3.33 4.22 -4.31
N TYR A 110 3.20 5.17 -5.24
CA TYR A 110 2.29 5.02 -6.40
C TYR A 110 3.04 5.05 -7.74
N ASN A 111 2.51 4.33 -8.73
CA ASN A 111 3.14 4.23 -10.05
C ASN A 111 2.51 5.21 -11.06
N ASN A 112 3.27 6.26 -11.42
CA ASN A 112 2.85 7.22 -12.45
C ASN A 112 4.01 7.53 -13.39
N LYS A 113 3.75 7.47 -14.70
CA LYS A 113 4.78 7.72 -15.71
C LYS A 113 5.08 9.22 -15.84
N ASP A 114 4.03 10.02 -15.98
CA ASP A 114 4.18 11.47 -16.15
C ASP A 114 4.67 12.15 -14.88
N ASP A 115 5.75 12.91 -14.98
CA ASP A 115 6.34 13.62 -13.84
C ASP A 115 5.33 14.61 -13.21
N ASP A 116 4.50 15.22 -14.04
CA ASP A 116 3.49 16.17 -13.58
C ASP A 116 2.48 15.53 -12.61
N ARG A 117 1.89 14.39 -13.01
CA ARG A 117 0.94 13.67 -12.15
C ARG A 117 1.57 13.36 -10.78
N ARG A 118 2.87 13.12 -10.79
CA ARG A 118 3.63 12.80 -9.58
C ARG A 118 3.83 14.03 -8.68
N LYS A 119 4.25 15.15 -9.28
CA LYS A 119 4.49 16.38 -8.52
C LYS A 119 3.21 16.95 -7.89
N GLU A 120 2.13 17.03 -8.67
CA GLU A 120 0.85 17.51 -8.14
C GLU A 120 0.32 16.58 -7.03
N ALA A 121 0.68 15.30 -7.12
CA ALA A 121 0.31 14.31 -6.10
C ALA A 121 1.16 14.50 -4.82
N GLN A 122 2.48 14.66 -5.01
CA GLN A 122 3.38 14.92 -3.89
C GLN A 122 2.92 16.13 -3.05
N GLN A 123 2.66 17.25 -3.73
CA GLN A 123 2.17 18.46 -3.07
C GLN A 123 0.84 18.21 -2.33
N GLU A 124 0.04 17.28 -2.85
CA GLU A 124 -1.26 16.93 -2.27
C GLU A 124 -1.10 16.15 -0.94
N PHE A 125 -0.32 15.07 -0.98
CA PHE A 125 -0.24 14.11 0.14
C PHE A 125 0.78 14.51 1.20
N ARG A 126 1.77 15.32 0.84
CA ARG A 126 2.86 15.68 1.77
C ARG A 126 2.36 16.35 3.05
N SER A 127 2.57 15.67 4.16
CA SER A 127 2.26 16.16 5.50
C SER A 127 3.18 15.51 6.53
N ASP A 128 3.24 16.05 7.73
CA ASP A 128 4.15 15.52 8.78
C ASP A 128 3.87 14.05 9.09
N GLY A 129 4.93 13.25 9.19
CA GLY A 129 4.78 11.82 9.42
C GLY A 129 4.24 11.06 8.20
N VAL A 130 4.54 11.57 7.00
CA VAL A 130 4.10 10.93 5.75
C VAL A 130 5.18 11.03 4.66
N ASP A 131 5.67 9.87 4.19
CA ASP A 131 6.62 9.81 3.07
C ASP A 131 5.88 9.55 1.75
N VAL A 132 6.13 10.40 0.75
CA VAL A 132 5.49 10.27 -0.56
C VAL A 132 6.50 9.92 -1.66
N ARG A 133 6.47 8.67 -2.14
CA ARG A 133 7.34 8.22 -3.23
C ARG A 133 6.61 8.20 -4.58
N THR A 134 7.35 8.39 -5.65
CA THR A 134 6.79 8.37 -7.01
C THR A 134 7.66 7.54 -7.96
N VAL A 135 7.06 6.56 -8.62
CA VAL A 135 7.79 5.71 -9.57
C VAL A 135 7.04 5.57 -10.91
N SER A 136 7.79 5.51 -12.00
CA SER A 136 7.21 5.29 -13.33
C SER A 136 7.26 3.81 -13.72
N ASP A 137 8.27 3.11 -13.21
CA ASP A 137 8.48 1.71 -13.55
C ASP A 137 7.94 0.76 -12.45
N LYS A 138 7.67 -0.47 -12.84
CA LYS A 138 7.25 -1.52 -11.90
C LYS A 138 8.42 -1.92 -10.98
N GLU A 139 9.60 -2.11 -11.56
CA GLU A 139 10.80 -2.52 -10.80
C GLU A 139 11.15 -1.46 -9.75
N GLU A 140 11.05 -0.18 -10.12
CA GLU A 140 11.25 0.92 -9.16
C GLU A 140 10.31 0.77 -7.95
N LEU A 141 9.10 0.28 -8.21
CA LEU A 141 8.10 0.10 -7.15
C LEU A 141 8.53 -1.06 -6.22
N ILE A 142 8.98 -2.16 -6.82
CA ILE A 142 9.53 -3.29 -6.06
C ILE A 142 10.66 -2.83 -5.13
N GLU A 143 11.54 -1.99 -5.66
CA GLU A 143 12.65 -1.40 -4.90
C GLU A 143 12.18 -0.84 -3.55
N GLN A 144 11.15 0.01 -3.60
CA GLN A 144 10.59 0.63 -2.38
C GLN A 144 9.98 -0.42 -1.43
N VAL A 145 9.34 -1.44 -2.00
CA VAL A 145 8.77 -2.53 -1.20
C VAL A 145 9.87 -3.24 -0.39
N ARG A 146 11.01 -3.49 -1.04
CA ARG A 146 12.15 -4.13 -0.38
C ARG A 146 12.72 -3.22 0.72
N ARG A 147 12.79 -1.92 0.44
CA ARG A 147 13.22 -0.92 1.45
C ARG A 147 12.36 -1.04 2.73
N PHE A 148 11.05 -1.18 2.55
CA PHE A 148 10.12 -1.37 3.67
C PHE A 148 10.48 -2.63 4.48
N VAL A 149 10.55 -3.77 3.79
CA VAL A 149 10.87 -5.05 4.42
C VAL A 149 12.11 -4.97 5.31
N ARG A 150 13.14 -4.27 4.84
CA ARG A 150 14.38 -4.13 5.61
C ARG A 150 14.23 -3.11 6.75
N LYS A 151 13.60 -1.96 6.48
CA LYS A 151 13.53 -0.88 7.47
C LYS A 151 12.63 -1.25 8.67
N VAL A 152 11.66 -2.14 8.46
CA VAL A 152 10.83 -2.63 9.58
C VAL A 152 11.64 -3.57 10.49
N GLY A 153 12.63 -4.25 9.91
CA GLY A 153 13.57 -5.05 10.69
C GLY A 153 14.87 -4.30 10.98
N SER A 154 14.91 -3.02 10.59
CA SER A 154 16.09 -2.19 10.80
C SER A 154 15.74 -0.92 11.59
N LEU A 155 15.80 -1.02 12.91
CA LEU A 155 15.59 0.12 13.81
C LEU A 155 16.94 0.81 14.10
N GLU A 156 17.83 0.75 13.11
CA GLU A 156 19.21 1.22 13.27
C GLU A 156 19.33 2.66 13.79
N HIS A 157 20.47 2.91 14.42
CA HIS A 157 20.85 4.22 14.94
C HIS A 157 20.63 5.35 13.92
N HIS A 158 19.66 6.22 14.20
CA HIS A 158 19.44 7.42 13.38
C HIS A 158 19.67 8.69 14.22
N HIS A 159 20.52 9.59 13.73
CA HIS A 159 20.96 10.75 14.50
C HIS A 159 19.91 11.87 14.53
N HIS A 160 19.43 12.28 13.36
CA HIS A 160 18.31 13.23 13.26
C HIS A 160 18.60 14.58 13.96
N HIS A 161 19.87 15.00 13.98
CA HIS A 161 20.24 16.21 14.74
C HIS A 161 19.81 17.51 14.03
N HIS A 162 18.51 17.82 14.11
CA HIS A 162 17.96 19.08 13.56
C HIS A 162 16.52 19.34 14.06
N MET A 1 7.60 6.38 14.80
CA MET A 1 8.17 5.27 14.01
C MET A 1 7.14 4.20 13.63
N SER A 2 5.93 4.29 14.19
CA SER A 2 4.83 3.38 13.80
C SER A 2 4.37 3.69 12.37
N GLN A 3 5.02 3.07 11.39
CA GLN A 3 4.75 3.37 9.98
C GLN A 3 4.26 2.14 9.21
N ILE A 4 3.26 2.35 8.35
CA ILE A 4 2.68 1.26 7.54
C ILE A 4 3.00 1.45 6.05
N PHE A 5 3.23 0.35 5.34
CA PHE A 5 3.56 0.40 3.91
C PHE A 5 2.30 0.21 3.05
N VAL A 6 2.05 1.16 2.14
CA VAL A 6 0.88 1.08 1.27
C VAL A 6 1.25 1.41 -0.20
N VAL A 7 0.78 0.57 -1.12
CA VAL A 7 1.08 0.74 -2.55
C VAL A 7 -0.20 0.92 -3.37
N PHE A 8 -0.25 1.97 -4.18
CA PHE A 8 -1.40 2.22 -5.06
C PHE A 8 -1.01 1.99 -6.54
N SER A 9 -1.72 1.08 -7.20
CA SER A 9 -1.45 0.76 -8.62
C SER A 9 -2.75 0.51 -9.39
N SER A 10 -2.83 1.03 -10.62
CA SER A 10 -4.00 0.82 -11.47
C SER A 10 -3.74 -0.31 -12.48
N ASP A 11 -2.57 -0.95 -12.38
CA ASP A 11 -2.21 -2.05 -13.27
C ASP A 11 -2.15 -3.40 -12.50
N PRO A 12 -3.15 -4.27 -12.70
CA PRO A 12 -3.25 -5.56 -11.97
C PRO A 12 -2.04 -6.47 -12.20
N GLU A 13 -1.48 -6.43 -13.42
CA GLU A 13 -0.30 -7.24 -13.75
C GLU A 13 0.93 -6.79 -12.95
N ILE A 14 1.02 -5.50 -12.64
CA ILE A 14 2.13 -4.98 -11.84
C ILE A 14 2.00 -5.36 -10.35
N LEU A 15 0.80 -5.17 -9.79
CA LEU A 15 0.57 -5.47 -8.37
C LEU A 15 0.86 -6.95 -8.08
N LYS A 16 0.57 -7.82 -9.05
CA LYS A 16 0.88 -9.25 -8.94
C LYS A 16 2.37 -9.45 -8.61
N GLU A 17 3.22 -8.76 -9.36
CA GLU A 17 4.67 -8.81 -9.14
C GLU A 17 5.04 -8.29 -7.74
N ILE A 18 4.40 -7.20 -7.33
CA ILE A 18 4.62 -6.64 -5.99
C ILE A 18 4.28 -7.67 -4.90
N VAL A 19 3.13 -8.34 -5.05
CA VAL A 19 2.69 -9.35 -4.09
C VAL A 19 3.73 -10.46 -3.89
N ARG A 20 4.20 -11.07 -4.99
CA ARG A 20 5.15 -12.17 -4.89
C ARG A 20 6.48 -11.72 -4.23
N GLU A 21 6.84 -10.46 -4.42
CA GLU A 21 8.04 -9.90 -3.79
C GLU A 21 7.85 -9.70 -2.28
N ILE A 22 6.68 -9.21 -1.89
CA ILE A 22 6.35 -9.08 -0.47
C ILE A 22 6.47 -10.43 0.25
N LYS A 23 5.99 -11.48 -0.41
CA LYS A 23 6.05 -12.85 0.12
C LYS A 23 7.50 -13.30 0.38
N ARG A 24 8.41 -13.06 -0.57
CA ARG A 24 9.82 -13.46 -0.39
C ARG A 24 10.54 -12.60 0.67
N GLN A 25 10.08 -11.36 0.86
CA GLN A 25 10.66 -10.49 1.91
C GLN A 25 10.24 -10.96 3.31
N GLY A 26 9.22 -11.81 3.37
CA GLY A 26 8.71 -12.31 4.64
C GLY A 26 7.67 -11.40 5.27
N VAL A 27 7.02 -10.59 4.45
CA VAL A 27 5.99 -9.64 4.93
C VAL A 27 4.57 -10.08 4.50
N ARG A 28 3.57 -9.76 5.31
CA ARG A 28 2.20 -10.16 5.02
C ARG A 28 1.54 -9.23 3.99
N VAL A 29 0.83 -9.81 3.02
CA VAL A 29 0.20 -9.03 1.94
C VAL A 29 -1.30 -8.82 2.18
N VAL A 30 -1.71 -7.55 2.27
CA VAL A 30 -3.13 -7.20 2.37
C VAL A 30 -3.58 -6.44 1.11
N LEU A 31 -4.36 -7.09 0.26
CA LEU A 31 -4.79 -6.52 -1.02
C LEU A 31 -6.22 -5.97 -0.96
N LEU A 32 -6.36 -4.66 -1.08
CA LEU A 32 -7.67 -4.02 -1.15
C LEU A 32 -8.10 -3.89 -2.62
N TYR A 33 -8.86 -4.87 -3.10
CA TYR A 33 -9.21 -4.97 -4.51
C TYR A 33 -10.41 -4.08 -4.86
N SER A 34 -10.12 -2.93 -5.46
CA SER A 34 -11.15 -1.98 -5.88
C SER A 34 -11.45 -2.09 -7.38
N ASP A 35 -12.56 -2.73 -7.73
CA ASP A 35 -12.95 -2.89 -9.14
C ASP A 35 -14.44 -2.57 -9.34
N GLN A 36 -14.85 -2.31 -10.58
CA GLN A 36 -16.21 -1.83 -10.87
C GLN A 36 -17.25 -2.97 -10.87
N ASP A 37 -16.87 -4.16 -11.34
CA ASP A 37 -17.80 -5.32 -11.31
C ASP A 37 -17.51 -6.20 -10.07
N GLU A 38 -18.36 -7.20 -9.82
CA GLU A 38 -18.16 -8.09 -8.66
C GLU A 38 -17.66 -9.49 -9.06
N LYS A 39 -18.24 -10.10 -10.10
CA LYS A 39 -17.91 -11.49 -10.45
C LYS A 39 -16.50 -11.60 -11.06
N ARG A 40 -16.16 -10.73 -12.02
CA ARG A 40 -14.81 -10.71 -12.60
C ARG A 40 -13.79 -10.28 -11.54
N ARG A 41 -14.23 -9.34 -10.69
CA ARG A 41 -13.46 -8.92 -9.51
C ARG A 41 -13.03 -10.15 -8.69
N ARG A 42 -14.00 -10.98 -8.34
CA ARG A 42 -13.73 -12.24 -7.61
C ARG A 42 -12.79 -13.15 -8.41
N GLU A 43 -13.11 -13.39 -9.68
CA GLU A 43 -12.31 -14.28 -10.53
C GLU A 43 -10.86 -13.77 -10.67
N ARG A 44 -10.65 -12.49 -10.43
CA ARG A 44 -9.30 -11.91 -10.38
C ARG A 44 -8.63 -12.13 -9.02
N LEU A 45 -9.24 -11.60 -7.96
CA LEU A 45 -8.65 -11.65 -6.61
C LEU A 45 -8.46 -13.08 -6.09
N GLU A 46 -9.28 -14.01 -6.59
CA GLU A 46 -9.18 -15.41 -6.20
C GLU A 46 -7.75 -15.95 -6.42
N GLU A 47 -7.15 -15.55 -7.54
CA GLU A 47 -5.77 -15.95 -7.86
C GLU A 47 -4.78 -15.53 -6.76
N PHE A 48 -5.08 -14.44 -6.07
CA PHE A 48 -4.22 -13.95 -4.99
C PHE A 48 -4.54 -14.65 -3.65
N GLU A 49 -5.84 -14.84 -3.36
CA GLU A 49 -6.24 -15.51 -2.11
C GLU A 49 -5.67 -16.93 -2.02
N LYS A 50 -5.68 -17.66 -3.15
CA LYS A 50 -5.11 -19.02 -3.20
C LYS A 50 -3.57 -18.99 -3.05
N GLN A 51 -2.96 -17.84 -3.29
CA GLN A 51 -1.50 -17.67 -3.12
C GLN A 51 -1.13 -17.20 -1.70
N GLY A 52 -2.11 -17.20 -0.80
CA GLY A 52 -1.86 -16.79 0.58
C GLY A 52 -1.81 -15.27 0.76
N VAL A 53 -2.87 -14.60 0.32
CA VAL A 53 -2.98 -13.14 0.46
C VAL A 53 -4.33 -12.73 1.06
N ASP A 54 -4.32 -11.78 2.00
CA ASP A 54 -5.54 -11.23 2.56
C ASP A 54 -6.17 -10.20 1.62
N VAL A 55 -7.12 -10.63 0.79
CA VAL A 55 -7.74 -9.75 -0.19
C VAL A 55 -9.16 -9.34 0.23
N ARG A 56 -9.45 -8.05 0.11
CA ARG A 56 -10.78 -7.51 0.44
C ARG A 56 -11.40 -6.81 -0.77
N THR A 57 -12.73 -6.74 -0.81
CA THR A 57 -13.43 -6.08 -1.90
C THR A 57 -13.90 -4.67 -1.52
N VAL A 58 -13.34 -3.67 -2.19
CA VAL A 58 -13.76 -2.28 -2.00
C VAL A 58 -14.28 -1.68 -3.32
N GLU A 59 -15.33 -0.87 -3.22
CA GLU A 59 -15.93 -0.24 -4.41
C GLU A 59 -15.82 1.29 -4.39
N ASP A 60 -15.93 1.88 -3.21
CA ASP A 60 -15.94 3.34 -3.08
C ASP A 60 -14.95 3.82 -2.00
N LYS A 61 -14.70 5.13 -1.96
CA LYS A 61 -13.77 5.73 -1.00
C LYS A 61 -14.20 5.44 0.45
N GLU A 62 -15.51 5.51 0.71
CA GLU A 62 -16.05 5.23 2.05
C GLU A 62 -15.91 3.75 2.40
N ASP A 63 -16.09 2.87 1.41
CA ASP A 63 -15.91 1.44 1.60
C ASP A 63 -14.42 1.12 1.82
N PHE A 64 -13.57 1.95 1.21
CA PHE A 64 -12.12 1.86 1.38
C PHE A 64 -11.69 2.12 2.84
N ARG A 65 -12.01 3.31 3.35
CA ARG A 65 -11.62 3.70 4.71
C ARG A 65 -12.13 2.72 5.79
N GLU A 66 -13.36 2.22 5.63
CA GLU A 66 -13.94 1.32 6.64
C GLU A 66 -13.16 -0.01 6.73
N ASN A 67 -12.66 -0.48 5.58
CA ASN A 67 -11.78 -1.66 5.57
C ASN A 67 -10.44 -1.35 6.27
N ILE A 68 -9.94 -0.14 6.06
CA ILE A 68 -8.69 0.31 6.69
C ILE A 68 -8.81 0.30 8.22
N ARG A 69 -9.95 0.77 8.72
CA ARG A 69 -10.22 0.79 10.17
C ARG A 69 -9.93 -0.58 10.81
N GLU A 70 -10.32 -1.64 10.12
CA GLU A 70 -10.08 -3.01 10.59
C GLU A 70 -8.58 -3.34 10.60
N ILE A 71 -7.84 -2.84 9.60
CA ILE A 71 -6.39 -3.06 9.52
C ILE A 71 -5.65 -2.53 10.76
N TRP A 72 -5.95 -1.28 11.13
CA TRP A 72 -5.34 -0.63 12.29
C TRP A 72 -5.53 -1.46 13.57
N GLU A 73 -6.69 -2.12 13.68
CA GLU A 73 -7.03 -2.92 14.85
C GLU A 73 -6.48 -4.35 14.73
N ARG A 74 -6.51 -4.90 13.52
CA ARG A 74 -6.04 -6.27 13.26
C ARG A 74 -4.53 -6.42 13.48
N TYR A 75 -3.76 -5.52 12.87
CA TYR A 75 -2.30 -5.60 12.91
C TYR A 75 -1.69 -4.34 13.53
N PRO A 76 -1.69 -4.23 14.88
CA PRO A 76 -1.23 -3.00 15.58
C PRO A 76 0.27 -2.71 15.40
N GLN A 77 1.03 -3.69 14.91
CA GLN A 77 2.47 -3.50 14.64
C GLN A 77 2.72 -2.92 13.23
N LEU A 78 1.69 -2.94 12.39
CA LEU A 78 1.75 -2.38 11.03
C LEU A 78 2.82 -3.07 10.15
N ASP A 79 3.22 -4.28 10.52
CA ASP A 79 4.26 -5.03 9.79
C ASP A 79 3.73 -5.67 8.48
N VAL A 80 2.70 -5.07 7.90
CA VAL A 80 2.07 -5.62 6.69
C VAL A 80 2.05 -4.60 5.54
N VAL A 81 1.94 -5.10 4.32
CA VAL A 81 1.85 -4.22 3.14
C VAL A 81 0.42 -4.19 2.57
N VAL A 82 -0.15 -2.99 2.48
CA VAL A 82 -1.50 -2.81 1.93
C VAL A 82 -1.45 -2.33 0.47
N ILE A 83 -1.91 -3.17 -0.45
CA ILE A 83 -1.94 -2.82 -1.88
C ILE A 83 -3.36 -2.47 -2.32
N VAL A 84 -3.56 -1.26 -2.85
CA VAL A 84 -4.87 -0.82 -3.33
C VAL A 84 -4.88 -0.66 -4.86
N THR A 85 -5.89 -1.25 -5.51
CA THR A 85 -5.95 -1.26 -6.98
C THR A 85 -6.60 0.02 -7.54
N THR A 86 -5.88 1.14 -7.44
CA THR A 86 -6.37 2.42 -7.96
C THR A 86 -5.23 3.43 -8.13
N ASP A 87 -5.51 4.51 -8.85
CA ASP A 87 -4.52 5.57 -9.10
C ASP A 87 -5.06 6.93 -8.64
N ASP A 88 -6.24 6.93 -8.00
CA ASP A 88 -6.92 8.17 -7.62
C ASP A 88 -6.28 8.83 -6.39
N LYS A 89 -5.85 10.08 -6.58
CA LYS A 89 -5.22 10.86 -5.52
C LYS A 89 -6.10 10.98 -4.25
N GLU A 90 -7.41 10.86 -4.41
CA GLU A 90 -8.34 10.93 -3.27
C GLU A 90 -8.25 9.68 -2.40
N TRP A 91 -8.14 8.50 -3.02
CA TRP A 91 -7.95 7.25 -2.28
C TRP A 91 -6.63 7.29 -1.49
N ILE A 92 -5.58 7.80 -2.14
CA ILE A 92 -4.28 7.97 -1.49
C ILE A 92 -4.39 8.91 -0.27
N LYS A 93 -5.06 10.05 -0.47
CA LYS A 93 -5.32 11.01 0.62
C LYS A 93 -6.10 10.38 1.78
N ASP A 94 -7.21 9.73 1.45
CA ASP A 94 -8.10 9.14 2.45
C ASP A 94 -7.34 8.18 3.40
N PHE A 95 -6.54 7.28 2.82
CA PHE A 95 -5.72 6.35 3.62
C PHE A 95 -4.82 7.12 4.61
N ILE A 96 -4.13 8.13 4.11
CA ILE A 96 -3.25 8.97 4.93
C ILE A 96 -4.02 9.65 6.08
N GLU A 97 -5.20 10.18 5.77
CA GLU A 97 -6.01 10.87 6.77
C GLU A 97 -6.60 9.91 7.82
N GLU A 98 -6.83 8.66 7.45
CA GLU A 98 -7.16 7.62 8.44
C GLU A 98 -5.99 7.40 9.39
N ALA A 99 -4.77 7.40 8.85
CA ALA A 99 -3.55 7.32 9.66
C ALA A 99 -3.45 8.53 10.61
N LYS A 100 -3.80 9.71 10.10
CA LYS A 100 -3.90 10.91 10.92
C LYS A 100 -4.88 10.69 12.09
N GLU A 101 -6.01 10.07 11.76
CA GLU A 101 -7.07 9.76 12.74
C GLU A 101 -6.57 8.73 13.79
N ARG A 102 -5.71 7.81 13.37
CA ARG A 102 -5.10 6.84 14.29
C ARG A 102 -3.82 7.41 14.95
N GLY A 103 -3.26 8.46 14.36
CA GLY A 103 -2.00 9.01 14.84
C GLY A 103 -0.80 8.11 14.54
N VAL A 104 -0.67 7.70 13.27
CA VAL A 104 0.42 6.81 12.84
C VAL A 104 1.08 7.31 11.55
N GLU A 105 2.34 6.91 11.33
CA GLU A 105 3.07 7.29 10.13
C GLU A 105 2.72 6.39 8.93
N VAL A 106 2.95 6.89 7.72
CA VAL A 106 2.63 6.13 6.49
C VAL A 106 3.77 6.17 5.47
N PHE A 107 3.92 5.08 4.71
CA PHE A 107 4.85 5.03 3.59
C PHE A 107 4.08 4.72 2.29
N VAL A 108 3.85 5.74 1.47
CA VAL A 108 3.05 5.62 0.26
C VAL A 108 3.92 5.50 -1.01
N VAL A 109 3.80 4.38 -1.71
CA VAL A 109 4.51 4.18 -2.97
C VAL A 109 3.52 3.81 -4.09
N TYR A 110 3.34 4.72 -5.06
CA TYR A 110 2.40 4.48 -6.16
C TYR A 110 3.06 4.64 -7.54
N ASN A 111 2.56 3.87 -8.51
CA ASN A 111 3.11 3.86 -9.87
C ASN A 111 2.40 4.87 -10.78
N ASN A 112 3.16 5.82 -11.32
CA ASN A 112 2.62 6.88 -12.18
C ASN A 112 3.73 7.45 -13.08
N LYS A 113 3.39 7.83 -14.30
CA LYS A 113 4.37 8.34 -15.28
C LYS A 113 4.31 9.87 -15.41
N ASP A 114 3.09 10.43 -15.34
CA ASP A 114 2.89 11.86 -15.57
C ASP A 114 3.56 12.72 -14.48
N ASP A 115 4.73 13.29 -14.79
CA ASP A 115 5.49 14.11 -13.85
C ASP A 115 4.63 15.13 -13.08
N ASP A 116 3.94 16.01 -13.81
CA ASP A 116 3.09 17.02 -13.19
C ASP A 116 2.09 16.39 -12.20
N ARG A 117 1.34 15.39 -12.66
CA ARG A 117 0.36 14.70 -11.82
C ARG A 117 1.02 14.03 -10.60
N ARG A 118 2.30 13.70 -10.71
CA ARG A 118 3.05 13.11 -9.58
C ARG A 118 3.49 14.20 -8.58
N LYS A 119 4.05 15.28 -9.09
CA LYS A 119 4.58 16.37 -8.25
C LYS A 119 3.45 17.14 -7.56
N GLU A 120 2.47 17.61 -8.33
CA GLU A 120 1.35 18.39 -7.77
C GLU A 120 0.55 17.56 -6.76
N ALA A 121 0.53 16.23 -6.97
CA ALA A 121 -0.11 15.32 -6.02
C ALA A 121 0.70 15.22 -4.72
N GLN A 122 2.02 15.05 -4.84
CA GLN A 122 2.91 15.01 -3.66
C GLN A 122 2.81 16.30 -2.83
N GLN A 123 2.51 17.41 -3.48
CA GLN A 123 2.27 18.68 -2.77
C GLN A 123 1.19 18.51 -1.68
N GLU A 124 0.19 17.69 -1.98
CA GLU A 124 -0.91 17.41 -1.05
C GLU A 124 -0.63 16.16 -0.19
N PHE A 125 0.18 15.23 -0.70
CA PHE A 125 0.48 13.99 0.02
C PHE A 125 1.60 14.18 1.06
N ARG A 126 2.51 15.11 0.79
CA ARG A 126 3.64 15.35 1.71
C ARG A 126 3.16 15.95 3.02
N SER A 127 3.32 15.16 4.08
CA SER A 127 2.88 15.52 5.41
C SER A 127 3.81 14.92 6.47
N ASP A 128 4.13 15.68 7.50
CA ASP A 128 5.08 15.26 8.52
C ASP A 128 4.70 13.90 9.15
N GLY A 129 5.38 12.85 8.72
CA GLY A 129 5.08 11.49 9.17
C GLY A 129 4.74 10.55 8.02
N VAL A 130 4.72 11.08 6.80
CA VAL A 130 4.38 10.29 5.62
C VAL A 130 5.48 10.37 4.53
N ASP A 131 6.06 9.23 4.19
CA ASP A 131 7.04 9.15 3.10
C ASP A 131 6.35 8.78 1.78
N VAL A 132 6.39 9.69 0.81
CA VAL A 132 5.75 9.45 -0.50
C VAL A 132 6.78 9.14 -1.61
N ARG A 133 6.44 8.19 -2.49
CA ARG A 133 7.29 7.83 -3.63
C ARG A 133 6.49 7.80 -4.93
N THR A 134 7.11 8.23 -6.03
CA THR A 134 6.48 8.20 -7.35
C THR A 134 7.42 7.56 -8.39
N VAL A 135 7.01 6.42 -8.95
CA VAL A 135 7.81 5.72 -9.96
C VAL A 135 6.96 5.30 -11.17
N SER A 136 7.57 5.23 -12.34
CA SER A 136 6.87 4.78 -13.55
C SER A 136 7.19 3.31 -13.87
N ASP A 137 8.40 2.86 -13.54
CA ASP A 137 8.81 1.48 -13.77
C ASP A 137 8.24 0.54 -12.70
N LYS A 138 8.27 -0.75 -13.00
CA LYS A 138 7.82 -1.78 -12.06
C LYS A 138 8.89 -2.11 -11.01
N GLU A 139 10.12 -2.40 -11.47
CA GLU A 139 11.22 -2.75 -10.57
C GLU A 139 11.59 -1.58 -9.64
N GLU A 140 11.36 -0.36 -10.11
CA GLU A 140 11.55 0.84 -9.27
C GLU A 140 10.58 0.83 -8.08
N LEU A 141 9.38 0.29 -8.30
CA LEU A 141 8.38 0.14 -7.24
C LEU A 141 8.78 -1.05 -6.32
N ILE A 142 9.21 -2.15 -6.94
CA ILE A 142 9.69 -3.32 -6.20
C ILE A 142 10.81 -2.93 -5.21
N GLU A 143 11.74 -2.09 -5.67
CA GLU A 143 12.85 -1.62 -4.83
C GLU A 143 12.33 -1.04 -3.50
N GLN A 144 11.37 -0.12 -3.55
CA GLN A 144 10.81 0.48 -2.34
C GLN A 144 10.24 -0.60 -1.39
N VAL A 145 9.60 -1.61 -1.96
CA VAL A 145 9.09 -2.75 -1.17
C VAL A 145 10.23 -3.47 -0.44
N ARG A 146 11.31 -3.75 -1.18
CA ARG A 146 12.49 -4.40 -0.60
C ARG A 146 13.14 -3.53 0.48
N ARG A 147 13.22 -2.23 0.20
CA ARG A 147 13.89 -1.27 1.08
C ARG A 147 13.07 -0.98 2.35
N PHE A 148 11.74 -1.03 2.24
CA PHE A 148 10.86 -0.86 3.41
C PHE A 148 11.24 -1.82 4.55
N VAL A 149 11.45 -3.09 4.21
CA VAL A 149 11.88 -4.09 5.18
C VAL A 149 13.18 -3.67 5.89
N ARG A 150 14.08 -3.05 5.13
CA ARG A 150 15.34 -2.51 5.66
C ARG A 150 15.10 -1.20 6.45
N LYS A 151 14.04 -0.49 6.05
CA LYS A 151 13.64 0.77 6.68
C LYS A 151 13.08 0.55 8.10
N VAL A 152 12.20 -0.45 8.23
CA VAL A 152 11.56 -0.73 9.53
C VAL A 152 12.35 -1.78 10.35
N GLY A 153 13.15 -2.60 9.67
CA GLY A 153 13.91 -3.64 10.36
C GLY A 153 14.90 -3.09 11.39
N SER A 154 15.35 -1.86 11.19
CA SER A 154 16.29 -1.23 12.12
C SER A 154 15.55 -0.57 13.29
N LEU A 155 15.43 -1.30 14.39
CA LEU A 155 14.75 -0.81 15.61
C LEU A 155 15.74 -0.62 16.76
N GLU A 156 17.00 -0.35 16.43
CA GLU A 156 18.06 -0.18 17.42
C GLU A 156 17.69 0.86 18.50
N HIS A 157 17.52 0.40 19.74
CA HIS A 157 17.15 1.28 20.85
C HIS A 157 18.38 1.96 21.48
N HIS A 158 18.90 3.00 20.82
CA HIS A 158 19.98 3.81 21.40
C HIS A 158 19.40 5.06 22.07
N HIS A 159 18.62 5.83 21.30
CA HIS A 159 17.88 6.98 21.83
C HIS A 159 16.41 6.94 21.36
N HIS A 160 15.48 7.26 22.26
CA HIS A 160 14.05 7.10 21.98
C HIS A 160 13.50 8.21 21.05
N HIS A 161 14.29 9.26 20.82
CA HIS A 161 13.92 10.31 19.88
C HIS A 161 14.42 10.00 18.45
N HIS A 162 14.00 10.80 17.48
CA HIS A 162 14.37 10.59 16.06
C HIS A 162 15.81 11.07 15.78
N MET A 1 7.62 2.28 16.96
CA MET A 1 7.38 2.79 15.59
C MET A 1 5.98 2.39 15.07
N SER A 2 5.18 3.38 14.67
CA SER A 2 3.87 3.13 14.09
C SER A 2 3.77 3.74 12.69
N GLN A 3 4.19 2.96 11.69
CA GLN A 3 4.23 3.43 10.30
C GLN A 3 3.73 2.32 9.34
N ILE A 4 2.80 2.66 8.46
CA ILE A 4 2.20 1.67 7.55
C ILE A 4 2.60 1.92 6.09
N PHE A 5 2.97 0.85 5.39
CA PHE A 5 3.38 0.93 3.99
C PHE A 5 2.20 0.63 3.04
N VAL A 6 1.92 1.55 2.11
CA VAL A 6 0.81 1.38 1.18
C VAL A 6 1.22 1.71 -0.27
N VAL A 7 0.75 0.89 -1.21
CA VAL A 7 1.04 1.07 -2.63
C VAL A 7 -0.25 1.27 -3.44
N PHE A 8 -0.32 2.38 -4.18
CA PHE A 8 -1.45 2.63 -5.08
C PHE A 8 -1.03 2.38 -6.53
N SER A 9 -1.74 1.49 -7.22
CA SER A 9 -1.40 1.13 -8.61
C SER A 9 -2.66 0.92 -9.46
N SER A 10 -2.74 1.62 -10.58
CA SER A 10 -3.86 1.46 -11.52
C SER A 10 -3.78 0.12 -12.27
N ASP A 11 -2.56 -0.34 -12.53
CA ASP A 11 -2.33 -1.60 -13.25
C ASP A 11 -2.20 -2.79 -12.28
N PRO A 12 -3.19 -3.72 -12.30
CA PRO A 12 -3.18 -4.89 -11.40
C PRO A 12 -1.97 -5.82 -11.63
N GLU A 13 -1.50 -5.88 -12.87
CA GLU A 13 -0.34 -6.71 -13.21
C GLU A 13 0.94 -6.23 -12.49
N ILE A 14 0.99 -4.94 -12.17
CA ILE A 14 2.11 -4.38 -11.41
C ILE A 14 2.07 -4.84 -9.94
N LEU A 15 0.91 -4.69 -9.29
CA LEU A 15 0.75 -5.09 -7.89
C LEU A 15 0.95 -6.61 -7.75
N LYS A 16 0.56 -7.35 -8.79
CA LYS A 16 0.71 -8.81 -8.80
C LYS A 16 2.20 -9.21 -8.74
N GLU A 17 3.07 -8.35 -9.25
CA GLU A 17 4.52 -8.56 -9.17
C GLU A 17 5.07 -8.13 -7.80
N ILE A 18 4.40 -7.16 -7.18
CA ILE A 18 4.75 -6.73 -5.82
C ILE A 18 4.45 -7.84 -4.80
N VAL A 19 3.25 -8.41 -4.89
CA VAL A 19 2.80 -9.46 -3.96
C VAL A 19 3.78 -10.64 -3.89
N ARG A 20 4.24 -11.13 -5.05
CA ARG A 20 5.17 -12.27 -5.08
C ARG A 20 6.45 -11.97 -4.29
N GLU A 21 6.91 -10.72 -4.36
CA GLU A 21 8.08 -10.29 -3.58
C GLU A 21 7.77 -10.27 -2.07
N ILE A 22 6.69 -9.58 -1.71
CA ILE A 22 6.29 -9.47 -0.29
C ILE A 22 6.28 -10.84 0.40
N LYS A 23 5.65 -11.83 -0.26
CA LYS A 23 5.59 -13.19 0.27
C LYS A 23 6.99 -13.82 0.40
N ARG A 24 7.81 -13.72 -0.64
CA ARG A 24 9.17 -14.31 -0.61
C ARG A 24 10.08 -13.55 0.37
N GLN A 25 9.71 -12.32 0.72
CA GLN A 25 10.42 -11.54 1.74
C GLN A 25 10.01 -12.01 3.15
N GLY A 26 8.83 -12.61 3.24
CA GLY A 26 8.30 -13.07 4.53
C GLY A 26 7.36 -12.07 5.19
N VAL A 27 6.86 -11.12 4.41
CA VAL A 27 5.96 -10.08 4.92
C VAL A 27 4.50 -10.37 4.53
N ARG A 28 3.55 -9.88 5.34
CA ARG A 28 2.13 -10.12 5.11
C ARG A 28 1.53 -9.12 4.10
N VAL A 29 0.72 -9.62 3.16
CA VAL A 29 0.11 -8.78 2.12
C VAL A 29 -1.36 -8.48 2.44
N VAL A 30 -1.71 -7.19 2.50
CA VAL A 30 -3.10 -6.78 2.69
C VAL A 30 -3.62 -6.05 1.43
N LEU A 31 -4.35 -6.79 0.59
CA LEU A 31 -4.82 -6.25 -0.69
C LEU A 31 -6.26 -5.71 -0.58
N LEU A 32 -6.42 -4.41 -0.80
CA LEU A 32 -7.74 -3.80 -0.88
C LEU A 32 -8.18 -3.74 -2.35
N TYR A 33 -8.93 -4.75 -2.77
CA TYR A 33 -9.21 -4.95 -4.19
C TYR A 33 -10.51 -4.28 -4.63
N SER A 34 -10.38 -3.24 -5.45
CA SER A 34 -11.54 -2.54 -6.04
C SER A 34 -11.65 -2.84 -7.53
N ASP A 35 -12.74 -3.47 -7.94
CA ASP A 35 -12.94 -3.86 -9.35
C ASP A 35 -14.36 -3.49 -9.82
N GLN A 36 -14.48 -3.13 -11.09
CA GLN A 36 -15.77 -2.67 -11.65
C GLN A 36 -16.83 -3.78 -11.69
N ASP A 37 -16.37 -5.04 -11.80
CA ASP A 37 -17.29 -6.19 -11.81
C ASP A 37 -17.18 -6.98 -10.50
N GLU A 38 -18.09 -7.93 -10.29
CA GLU A 38 -18.07 -8.77 -9.08
C GLU A 38 -17.56 -10.19 -9.38
N LYS A 39 -18.07 -10.80 -10.45
CA LYS A 39 -17.77 -12.20 -10.77
C LYS A 39 -16.35 -12.34 -11.35
N ARG A 40 -16.04 -11.52 -12.35
CA ARG A 40 -14.71 -11.45 -12.93
C ARG A 40 -13.69 -10.97 -11.88
N ARG A 41 -14.15 -10.08 -10.99
CA ARG A 41 -13.37 -9.64 -9.83
C ARG A 41 -12.92 -10.86 -9.01
N ARG A 42 -13.88 -11.72 -8.66
CA ARG A 42 -13.61 -12.97 -7.95
C ARG A 42 -12.48 -13.76 -8.61
N GLU A 43 -12.57 -13.91 -9.93
CA GLU A 43 -11.57 -14.65 -10.72
C GLU A 43 -10.19 -14.01 -10.64
N ARG A 44 -10.16 -12.68 -10.50
CA ARG A 44 -8.90 -11.93 -10.38
C ARG A 44 -8.29 -12.07 -8.97
N LEU A 45 -9.01 -11.61 -7.96
CA LEU A 45 -8.50 -11.64 -6.58
C LEU A 45 -8.24 -13.07 -6.09
N GLU A 46 -8.93 -14.05 -6.70
CA GLU A 46 -8.70 -15.47 -6.42
C GLU A 46 -7.22 -15.83 -6.52
N GLU A 47 -6.55 -15.31 -7.55
CA GLU A 47 -5.13 -15.58 -7.77
C GLU A 47 -4.29 -15.20 -6.54
N PHE A 48 -4.73 -14.17 -5.83
CA PHE A 48 -4.03 -13.70 -4.62
C PHE A 48 -4.44 -14.52 -3.39
N GLU A 49 -5.74 -14.81 -3.27
CA GLU A 49 -6.24 -15.60 -2.13
C GLU A 49 -5.55 -16.98 -2.06
N LYS A 50 -5.48 -17.66 -3.21
CA LYS A 50 -4.83 -18.97 -3.29
C LYS A 50 -3.32 -18.88 -3.05
N GLN A 51 -2.77 -17.67 -3.12
CA GLN A 51 -1.35 -17.43 -2.83
C GLN A 51 -1.14 -16.88 -1.40
N GLY A 52 -2.13 -17.11 -0.54
CA GLY A 52 -2.03 -16.68 0.85
C GLY A 52 -1.92 -15.16 1.01
N VAL A 53 -2.94 -14.45 0.56
CA VAL A 53 -3.02 -12.99 0.70
C VAL A 53 -4.34 -12.55 1.34
N ASP A 54 -4.27 -11.62 2.29
CA ASP A 54 -5.45 -11.02 2.90
C ASP A 54 -6.12 -10.02 1.95
N VAL A 55 -7.12 -10.49 1.19
CA VAL A 55 -7.81 -9.65 0.20
C VAL A 55 -9.18 -9.17 0.70
N ARG A 56 -9.33 -7.86 0.84
CA ARG A 56 -10.62 -7.24 1.18
C ARG A 56 -11.17 -6.46 -0.02
N THR A 57 -12.42 -6.73 -0.41
CA THR A 57 -13.03 -6.01 -1.53
C THR A 57 -13.51 -4.62 -1.12
N VAL A 58 -13.24 -3.62 -1.97
CA VAL A 58 -13.71 -2.25 -1.76
C VAL A 58 -14.41 -1.71 -3.02
N GLU A 59 -15.61 -1.19 -2.85
CA GLU A 59 -16.40 -0.69 -3.99
C GLU A 59 -16.26 0.84 -4.18
N ASP A 60 -15.95 1.58 -3.12
CA ASP A 60 -15.79 3.05 -3.24
C ASP A 60 -14.94 3.63 -2.09
N LYS A 61 -14.93 4.96 -1.98
CA LYS A 61 -14.13 5.67 -0.96
C LYS A 61 -14.65 5.37 0.46
N GLU A 62 -15.97 5.39 0.62
CA GLU A 62 -16.61 5.11 1.91
C GLU A 62 -16.24 3.71 2.42
N ASP A 63 -16.39 2.72 1.54
CA ASP A 63 -16.04 1.33 1.87
C ASP A 63 -14.54 1.20 2.13
N PHE A 64 -13.75 1.93 1.33
CA PHE A 64 -12.29 1.94 1.44
C PHE A 64 -11.81 2.24 2.87
N ARG A 65 -12.14 3.43 3.39
CA ARG A 65 -11.66 3.86 4.71
C ARG A 65 -12.09 2.89 5.82
N GLU A 66 -13.29 2.30 5.69
CA GLU A 66 -13.79 1.34 6.67
C GLU A 66 -12.92 0.07 6.72
N ASN A 67 -12.55 -0.45 5.55
CA ASN A 67 -11.66 -1.62 5.49
C ASN A 67 -10.28 -1.32 6.09
N ILE A 68 -9.84 -0.07 5.98
CA ILE A 68 -8.58 0.37 6.59
C ILE A 68 -8.63 0.28 8.12
N ARG A 69 -9.80 0.57 8.69
CA ARG A 69 -10.01 0.53 10.13
C ARG A 69 -9.68 -0.85 10.71
N GLU A 70 -9.99 -1.90 9.94
CA GLU A 70 -9.59 -3.27 10.30
C GLU A 70 -8.06 -3.37 10.46
N ILE A 71 -7.33 -2.81 9.50
CA ILE A 71 -5.86 -2.84 9.52
C ILE A 71 -5.30 -2.28 10.84
N TRP A 72 -5.82 -1.13 11.27
CA TRP A 72 -5.40 -0.51 12.52
C TRP A 72 -5.66 -1.44 13.73
N GLU A 73 -6.74 -2.22 13.65
CA GLU A 73 -7.14 -3.12 14.73
C GLU A 73 -6.33 -4.44 14.69
N ARG A 74 -6.04 -4.90 13.49
CA ARG A 74 -5.37 -6.20 13.30
C ARG A 74 -3.87 -6.10 13.56
N TYR A 75 -3.22 -5.06 13.00
CA TYR A 75 -1.76 -4.96 13.04
C TYR A 75 -1.32 -3.65 13.73
N PRO A 76 -1.04 -3.69 15.05
CA PRO A 76 -0.66 -2.50 15.84
C PRO A 76 0.71 -1.92 15.43
N GLN A 77 1.65 -2.80 15.05
CA GLN A 77 2.98 -2.37 14.61
C GLN A 77 3.00 -2.06 13.11
N LEU A 78 1.94 -2.46 12.40
CA LEU A 78 1.79 -2.18 10.96
C LEU A 78 2.88 -2.88 10.12
N ASP A 79 3.24 -4.10 10.50
CA ASP A 79 4.29 -4.88 9.82
C ASP A 79 3.82 -5.45 8.46
N VAL A 80 2.85 -4.80 7.83
CA VAL A 80 2.21 -5.35 6.61
C VAL A 80 2.26 -4.37 5.43
N VAL A 81 2.19 -4.92 4.22
CA VAL A 81 2.14 -4.13 3.00
C VAL A 81 0.72 -4.06 2.43
N VAL A 82 0.12 -2.86 2.47
CA VAL A 82 -1.24 -2.66 1.98
C VAL A 82 -1.23 -2.16 0.53
N ILE A 83 -1.91 -2.87 -0.36
CA ILE A 83 -1.97 -2.50 -1.78
C ILE A 83 -3.40 -2.13 -2.20
N VAL A 84 -3.55 -1.00 -2.91
CA VAL A 84 -4.86 -0.54 -3.38
C VAL A 84 -4.90 -0.50 -4.92
N THR A 85 -5.93 -1.11 -5.51
CA THR A 85 -6.02 -1.23 -6.97
C THR A 85 -6.57 0.03 -7.66
N THR A 86 -5.86 1.15 -7.49
CA THR A 86 -6.23 2.41 -8.16
C THR A 86 -5.18 3.50 -7.92
N ASP A 87 -5.37 4.65 -8.56
CA ASP A 87 -4.45 5.79 -8.44
C ASP A 87 -5.19 7.07 -8.04
N ASP A 88 -6.49 6.95 -7.76
CA ASP A 88 -7.31 8.13 -7.43
C ASP A 88 -6.79 8.89 -6.20
N LYS A 89 -6.64 10.21 -6.36
CA LYS A 89 -6.17 11.07 -5.26
C LYS A 89 -7.08 10.96 -4.02
N GLU A 90 -8.36 10.69 -4.27
CA GLU A 90 -9.35 10.51 -3.20
C GLU A 90 -8.94 9.36 -2.26
N TRP A 91 -8.70 8.19 -2.84
CA TRP A 91 -8.31 7.00 -2.07
C TRP A 91 -7.00 7.26 -1.31
N ILE A 92 -6.04 7.91 -1.95
CA ILE A 92 -4.79 8.29 -1.28
C ILE A 92 -5.05 9.26 -0.12
N LYS A 93 -5.99 10.19 -0.34
CA LYS A 93 -6.38 11.19 0.68
C LYS A 93 -7.02 10.51 1.90
N ASP A 94 -8.05 9.67 1.68
CA ASP A 94 -8.73 8.97 2.77
C ASP A 94 -7.76 8.13 3.61
N PHE A 95 -6.79 7.49 2.97
CA PHE A 95 -5.82 6.64 3.67
C PHE A 95 -5.00 7.47 4.68
N ILE A 96 -4.59 8.67 4.28
CA ILE A 96 -3.83 9.56 5.16
C ILE A 96 -4.67 10.05 6.35
N GLU A 97 -5.95 10.39 6.09
CA GLU A 97 -6.87 10.82 7.15
C GLU A 97 -6.99 9.75 8.24
N GLU A 98 -7.34 8.52 7.83
CA GLU A 98 -7.43 7.38 8.75
C GLU A 98 -6.19 7.27 9.65
N ALA A 99 -5.01 7.22 9.02
CA ALA A 99 -3.77 7.06 9.76
C ALA A 99 -3.60 8.12 10.85
N LYS A 100 -3.65 9.39 10.46
CA LYS A 100 -3.44 10.49 11.41
C LYS A 100 -4.55 10.59 12.48
N GLU A 101 -5.74 10.05 12.18
CA GLU A 101 -6.80 9.98 13.20
C GLU A 101 -6.51 8.89 14.25
N ARG A 102 -5.77 7.87 13.83
CA ARG A 102 -5.45 6.72 14.71
C ARG A 102 -4.07 6.86 15.36
N GLY A 103 -3.42 8.01 15.14
CA GLY A 103 -2.11 8.27 15.74
C GLY A 103 -0.96 7.51 15.09
N VAL A 104 -1.14 7.14 13.81
CA VAL A 104 -0.12 6.42 13.05
C VAL A 104 0.26 7.18 11.77
N GLU A 105 1.47 6.97 11.27
CA GLU A 105 1.95 7.67 10.05
C GLU A 105 2.08 6.70 8.87
N VAL A 106 2.14 7.26 7.65
CA VAL A 106 2.08 6.45 6.43
C VAL A 106 3.35 6.56 5.57
N PHE A 107 3.62 5.51 4.81
CA PHE A 107 4.66 5.51 3.78
C PHE A 107 4.03 5.08 2.45
N VAL A 108 3.79 6.06 1.56
CA VAL A 108 3.03 5.83 0.33
C VAL A 108 3.95 5.72 -0.89
N VAL A 109 3.81 4.63 -1.64
CA VAL A 109 4.53 4.46 -2.91
C VAL A 109 3.55 4.16 -4.06
N TYR A 110 3.32 5.13 -4.93
CA TYR A 110 2.39 4.96 -6.05
C TYR A 110 3.05 5.22 -7.41
N ASN A 111 2.56 4.52 -8.44
CA ASN A 111 3.13 4.63 -9.79
C ASN A 111 2.34 5.66 -10.63
N ASN A 112 3.07 6.54 -11.31
CA ASN A 112 2.48 7.55 -12.20
C ASN A 112 3.53 8.00 -13.23
N LYS A 113 3.24 7.78 -14.51
CA LYS A 113 4.24 8.00 -15.57
C LYS A 113 4.25 9.45 -16.11
N ASP A 114 3.30 10.27 -15.67
CA ASP A 114 3.29 11.69 -16.03
C ASP A 114 4.06 12.51 -14.98
N ASP A 115 5.16 13.16 -15.39
CA ASP A 115 6.04 13.88 -14.47
C ASP A 115 5.32 15.02 -13.73
N ASP A 116 4.54 15.82 -14.46
CA ASP A 116 3.83 16.95 -13.85
C ASP A 116 2.88 16.48 -12.73
N ARG A 117 1.92 15.63 -13.10
CA ARG A 117 0.93 15.11 -12.15
C ARG A 117 1.59 14.41 -10.96
N ARG A 118 2.58 13.59 -11.26
CA ARG A 118 3.31 12.84 -10.23
C ARG A 118 4.06 13.78 -9.27
N LYS A 119 4.72 14.79 -9.83
CA LYS A 119 5.54 15.71 -9.04
C LYS A 119 4.69 16.65 -8.17
N GLU A 120 3.57 17.13 -8.71
CA GLU A 120 2.67 17.99 -7.95
C GLU A 120 1.86 17.17 -6.93
N ALA A 121 1.59 15.90 -7.24
CA ALA A 121 0.93 14.99 -6.31
C ALA A 121 1.78 14.79 -5.05
N GLN A 122 3.09 14.65 -5.23
CA GLN A 122 4.03 14.59 -4.10
C GLN A 122 3.85 15.79 -3.17
N GLN A 123 3.79 16.98 -3.76
CA GLN A 123 3.55 18.24 -3.00
C GLN A 123 2.22 18.17 -2.22
N GLU A 124 1.22 17.55 -2.84
CA GLU A 124 -0.13 17.47 -2.27
C GLU A 124 -0.17 16.61 -0.99
N PHE A 125 0.37 15.40 -1.07
CA PHE A 125 0.28 14.44 0.04
C PHE A 125 1.53 14.45 0.95
N ARG A 126 2.46 15.37 0.71
CA ARG A 126 3.72 15.40 1.48
C ARG A 126 3.47 15.93 2.90
N SER A 127 3.74 15.09 3.89
CA SER A 127 3.73 15.50 5.30
C SER A 127 4.94 14.88 6.01
N ASP A 128 5.43 15.52 7.08
CA ASP A 128 6.63 15.07 7.77
C ASP A 128 6.52 13.60 8.23
N GLY A 129 5.30 13.17 8.52
CA GLY A 129 5.06 11.77 8.83
C GLY A 129 4.92 10.89 7.59
N VAL A 130 4.05 11.28 6.68
CA VAL A 130 3.79 10.49 5.46
C VAL A 130 4.91 10.66 4.42
N ASP A 131 5.67 9.60 4.19
CA ASP A 131 6.74 9.63 3.19
C ASP A 131 6.17 9.35 1.79
N VAL A 132 6.24 10.32 0.89
CA VAL A 132 5.67 10.19 -0.45
C VAL A 132 6.74 9.81 -1.49
N ARG A 133 6.71 8.56 -1.94
CA ARG A 133 7.61 8.08 -2.99
C ARG A 133 6.82 7.77 -4.28
N THR A 134 7.38 8.13 -5.42
CA THR A 134 6.69 7.96 -6.70
C THR A 134 7.62 7.36 -7.76
N VAL A 135 7.05 6.59 -8.68
CA VAL A 135 7.83 5.97 -9.75
C VAL A 135 7.12 6.06 -11.11
N SER A 136 7.87 5.87 -12.18
CA SER A 136 7.32 5.83 -13.55
C SER A 136 7.48 4.42 -14.15
N ASP A 137 7.92 3.47 -13.33
CA ASP A 137 8.18 2.11 -13.77
C ASP A 137 7.74 1.08 -12.71
N LYS A 138 7.29 -0.08 -13.19
CA LYS A 138 6.93 -1.21 -12.33
C LYS A 138 8.09 -1.60 -11.40
N GLU A 139 9.25 -1.86 -11.99
CA GLU A 139 10.42 -2.35 -11.24
C GLU A 139 10.93 -1.30 -10.24
N GLU A 140 10.90 -0.03 -10.63
CA GLU A 140 11.23 1.07 -9.72
C GLU A 140 10.33 1.08 -8.47
N LEU A 141 9.09 0.59 -8.63
CA LEU A 141 8.16 0.47 -7.51
C LEU A 141 8.59 -0.70 -6.60
N ILE A 142 8.96 -1.82 -7.23
CA ILE A 142 9.46 -2.99 -6.50
C ILE A 142 10.65 -2.61 -5.60
N GLU A 143 11.51 -1.73 -6.11
CA GLU A 143 12.64 -1.20 -5.35
C GLU A 143 12.24 -0.75 -3.94
N GLN A 144 11.29 0.19 -3.85
CA GLN A 144 10.84 0.73 -2.56
C GLN A 144 10.26 -0.36 -1.65
N VAL A 145 9.55 -1.31 -2.25
CA VAL A 145 8.95 -2.44 -1.51
C VAL A 145 10.02 -3.29 -0.82
N ARG A 146 11.03 -3.74 -1.59
CA ARG A 146 12.10 -4.57 -1.05
C ARG A 146 12.89 -3.82 0.03
N ARG A 147 13.09 -2.51 -0.18
CA ARG A 147 13.80 -1.66 0.79
C ARG A 147 13.00 -1.50 2.10
N PHE A 148 11.67 -1.39 1.98
CA PHE A 148 10.80 -1.32 3.17
C PHE A 148 11.00 -2.53 4.09
N VAL A 149 10.98 -3.73 3.50
CA VAL A 149 11.23 -4.97 4.25
C VAL A 149 12.53 -4.90 5.08
N ARG A 150 13.50 -4.13 4.58
CA ARG A 150 14.80 -3.99 5.26
C ARG A 150 14.70 -3.04 6.47
N LYS A 151 14.07 -1.87 6.30
CA LYS A 151 13.95 -0.89 7.39
C LYS A 151 13.11 -1.44 8.56
N VAL A 152 12.18 -2.35 8.28
CA VAL A 152 11.37 -2.99 9.34
C VAL A 152 12.02 -4.29 9.85
N GLY A 153 12.75 -4.97 8.98
CA GLY A 153 13.42 -6.22 9.37
C GLY A 153 14.68 -6.00 10.20
N SER A 154 15.19 -4.77 10.20
CA SER A 154 16.43 -4.43 10.95
C SER A 154 16.14 -4.05 12.41
N LEU A 155 14.88 -4.16 12.83
CA LEU A 155 14.45 -3.77 14.19
C LEU A 155 14.97 -4.74 15.26
N GLU A 156 15.39 -5.94 14.84
CA GLU A 156 15.91 -6.95 15.77
C GLU A 156 17.18 -6.47 16.49
N HIS A 157 17.52 -7.14 17.60
CA HIS A 157 18.72 -6.80 18.37
C HIS A 157 19.68 -8.01 18.50
N HIS A 158 20.13 -8.54 17.35
CA HIS A 158 21.12 -9.63 17.33
C HIS A 158 22.24 -9.34 16.32
N HIS A 159 21.88 -8.79 15.16
CA HIS A 159 22.88 -8.43 14.13
C HIS A 159 23.64 -7.14 14.50
N HIS A 160 23.99 -6.99 15.77
CA HIS A 160 24.55 -5.74 16.28
C HIS A 160 26.08 -5.66 16.11
N HIS A 161 26.64 -6.45 15.19
CA HIS A 161 28.06 -6.35 14.83
C HIS A 161 28.32 -5.17 13.87
N HIS A 162 27.37 -4.22 13.84
CA HIS A 162 27.50 -3.02 13.01
C HIS A 162 26.54 -1.91 13.50
N MET A 1 8.28 5.17 14.34
CA MET A 1 8.71 3.89 13.74
C MET A 1 7.53 3.10 13.15
N SER A 2 6.35 3.22 13.74
CA SER A 2 5.14 2.52 13.25
C SER A 2 4.67 3.10 11.91
N GLN A 3 5.20 2.55 10.81
CA GLN A 3 4.88 3.01 9.46
C GLN A 3 4.14 1.92 8.67
N ILE A 4 3.14 2.31 7.89
CA ILE A 4 2.42 1.39 7.02
C ILE A 4 2.70 1.67 5.54
N PHE A 5 3.04 0.63 4.79
CA PHE A 5 3.38 0.76 3.37
C PHE A 5 2.14 0.54 2.50
N VAL A 6 1.87 1.46 1.59
CA VAL A 6 0.68 1.35 0.71
C VAL A 6 1.01 1.71 -0.75
N VAL A 7 0.58 0.85 -1.66
CA VAL A 7 0.80 1.06 -3.10
C VAL A 7 -0.52 1.26 -3.84
N PHE A 8 -0.61 2.32 -4.64
CA PHE A 8 -1.77 2.53 -5.51
C PHE A 8 -1.39 2.29 -6.98
N SER A 9 -2.05 1.33 -7.62
CA SER A 9 -1.77 1.02 -9.03
C SER A 9 -3.04 0.63 -9.79
N SER A 10 -3.15 1.09 -11.03
CA SER A 10 -4.24 0.65 -11.93
C SER A 10 -3.79 -0.49 -12.84
N ASP A 11 -2.53 -0.92 -12.66
CA ASP A 11 -1.99 -2.07 -13.40
C ASP A 11 -1.98 -3.33 -12.51
N PRO A 12 -2.98 -4.23 -12.65
CA PRO A 12 -3.07 -5.45 -11.82
C PRO A 12 -1.85 -6.38 -12.00
N GLU A 13 -1.27 -6.39 -13.20
CA GLU A 13 -0.11 -7.23 -13.48
C GLU A 13 1.15 -6.74 -12.73
N ILE A 14 1.13 -5.48 -12.31
CA ILE A 14 2.21 -4.93 -11.45
C ILE A 14 1.96 -5.34 -10.00
N LEU A 15 0.71 -5.20 -9.58
CA LEU A 15 0.25 -5.66 -8.26
C LEU A 15 0.68 -7.13 -8.01
N LYS A 16 0.53 -7.97 -9.03
CA LYS A 16 0.98 -9.36 -8.96
C LYS A 16 2.48 -9.47 -8.65
N GLU A 17 3.28 -8.66 -9.33
CA GLU A 17 4.74 -8.67 -9.15
C GLU A 17 5.16 -8.16 -7.77
N ILE A 18 4.37 -7.26 -7.19
CA ILE A 18 4.63 -6.77 -5.84
C ILE A 18 4.39 -7.89 -4.81
N VAL A 19 3.23 -8.54 -4.89
CA VAL A 19 2.85 -9.60 -3.95
C VAL A 19 3.85 -10.76 -3.95
N ARG A 20 4.22 -11.24 -5.14
CA ARG A 20 5.16 -12.36 -5.26
C ARG A 20 6.50 -12.06 -4.55
N GLU A 21 6.88 -10.78 -4.52
CA GLU A 21 8.07 -10.34 -3.82
C GLU A 21 7.84 -10.27 -2.30
N ILE A 22 6.76 -9.61 -1.89
CA ILE A 22 6.44 -9.46 -0.46
C ILE A 22 6.48 -10.82 0.28
N LYS A 23 5.89 -11.85 -0.35
CA LYS A 23 5.93 -13.20 0.20
C LYS A 23 7.36 -13.72 0.43
N ARG A 24 8.25 -13.54 -0.55
CA ARG A 24 9.65 -13.98 -0.40
C ARG A 24 10.45 -13.01 0.49
N GLN A 25 9.85 -11.87 0.82
CA GLN A 25 10.44 -10.94 1.80
C GLN A 25 10.02 -11.32 3.23
N GLY A 26 9.04 -12.23 3.35
CA GLY A 26 8.56 -12.67 4.66
C GLY A 26 7.55 -11.71 5.30
N VAL A 27 6.94 -10.87 4.47
CA VAL A 27 5.97 -9.87 4.97
C VAL A 27 4.52 -10.24 4.59
N ARG A 28 3.56 -9.77 5.37
CA ARG A 28 2.14 -10.04 5.12
C ARG A 28 1.54 -9.02 4.11
N VAL A 29 0.70 -9.51 3.20
CA VAL A 29 0.11 -8.67 2.16
C VAL A 29 -1.39 -8.43 2.40
N VAL A 30 -1.79 -7.16 2.45
CA VAL A 30 -3.21 -6.80 2.57
C VAL A 30 -3.70 -6.12 1.28
N LEU A 31 -4.46 -6.85 0.47
CA LEU A 31 -4.92 -6.34 -0.82
C LEU A 31 -6.34 -5.75 -0.72
N LEU A 32 -6.46 -4.46 -0.99
CA LEU A 32 -7.77 -3.81 -1.04
C LEU A 32 -8.21 -3.67 -2.50
N TYR A 33 -8.97 -4.65 -2.98
CA TYR A 33 -9.26 -4.75 -4.41
C TYR A 33 -10.55 -4.01 -4.79
N SER A 34 -10.40 -2.97 -5.60
CA SER A 34 -11.53 -2.15 -6.06
C SER A 34 -11.81 -2.35 -7.56
N ASP A 35 -12.85 -3.12 -7.86
CA ASP A 35 -13.29 -3.33 -9.24
C ASP A 35 -14.79 -3.06 -9.37
N GLN A 36 -15.26 -2.86 -10.60
CA GLN A 36 -16.65 -2.47 -10.85
C GLN A 36 -17.60 -3.68 -10.89
N ASP A 37 -17.06 -4.87 -11.17
CA ASP A 37 -17.88 -6.10 -11.27
C ASP A 37 -17.50 -7.09 -10.16
N GLU A 38 -18.50 -7.71 -9.53
CA GLU A 38 -18.27 -8.66 -8.43
C GLU A 38 -17.54 -9.92 -8.90
N LYS A 39 -17.99 -10.50 -10.01
CA LYS A 39 -17.39 -11.72 -10.56
C LYS A 39 -16.01 -11.44 -11.13
N ARG A 40 -15.91 -10.40 -11.96
CA ARG A 40 -14.64 -9.96 -12.53
C ARG A 40 -13.59 -9.78 -11.42
N ARG A 41 -14.00 -9.05 -10.39
CA ARG A 41 -13.17 -8.80 -9.23
C ARG A 41 -12.70 -10.10 -8.57
N ARG A 42 -13.64 -11.02 -8.32
CA ARG A 42 -13.32 -12.30 -7.67
C ARG A 42 -12.28 -13.11 -8.46
N GLU A 43 -12.51 -13.27 -9.76
CA GLU A 43 -11.63 -14.07 -10.63
C GLU A 43 -10.18 -13.53 -10.63
N ARG A 44 -10.04 -12.23 -10.39
CA ARG A 44 -8.73 -11.57 -10.38
C ARG A 44 -8.03 -11.68 -9.02
N LEU A 45 -8.78 -11.52 -7.94
CA LEU A 45 -8.21 -11.54 -6.58
C LEU A 45 -7.93 -12.97 -6.07
N GLU A 46 -8.65 -13.96 -6.63
CA GLU A 46 -8.44 -15.38 -6.25
C GLU A 46 -6.96 -15.75 -6.27
N GLU A 47 -6.24 -15.33 -7.31
CA GLU A 47 -4.80 -15.61 -7.45
C GLU A 47 -4.02 -15.22 -6.19
N PHE A 48 -4.46 -14.17 -5.51
CA PHE A 48 -3.82 -13.69 -4.30
C PHE A 48 -4.32 -14.47 -3.06
N GLU A 49 -5.60 -14.83 -3.07
CA GLU A 49 -6.17 -15.63 -1.99
C GLU A 49 -5.43 -16.97 -1.82
N LYS A 50 -5.32 -17.71 -2.92
CA LYS A 50 -4.64 -19.02 -2.93
C LYS A 50 -3.14 -18.91 -2.54
N GLN A 51 -2.60 -17.68 -2.55
CA GLN A 51 -1.21 -17.46 -2.13
C GLN A 51 -1.09 -17.01 -0.66
N GLY A 52 -2.24 -16.64 -0.06
CA GLY A 52 -2.25 -16.25 1.36
C GLY A 52 -2.28 -14.74 1.59
N VAL A 53 -2.96 -14.01 0.70
CA VAL A 53 -3.08 -12.55 0.82
C VAL A 53 -4.45 -12.14 1.40
N ASP A 54 -4.43 -11.25 2.39
CA ASP A 54 -5.68 -10.72 2.97
C ASP A 54 -6.38 -9.79 1.98
N VAL A 55 -7.25 -10.35 1.14
CA VAL A 55 -7.96 -9.59 0.13
C VAL A 55 -9.31 -9.08 0.64
N ARG A 56 -9.46 -7.76 0.71
CA ARG A 56 -10.75 -7.14 1.03
C ARG A 56 -11.30 -6.39 -0.20
N THR A 57 -12.56 -6.65 -0.52
CA THR A 57 -13.19 -6.07 -1.71
C THR A 57 -13.83 -4.70 -1.43
N VAL A 58 -13.23 -3.67 -1.98
CA VAL A 58 -13.75 -2.29 -1.82
C VAL A 58 -14.41 -1.77 -3.10
N GLU A 59 -15.06 -0.62 -2.98
CA GLU A 59 -15.77 0.00 -4.12
C GLU A 59 -15.75 1.53 -4.03
N ASP A 60 -15.94 2.06 -2.81
CA ASP A 60 -16.00 3.50 -2.58
C ASP A 60 -15.01 3.93 -1.50
N LYS A 61 -14.81 5.25 -1.36
CA LYS A 61 -13.85 5.81 -0.40
C LYS A 61 -14.25 5.43 1.05
N GLU A 62 -15.55 5.44 1.33
CA GLU A 62 -16.05 5.08 2.66
C GLU A 62 -15.81 3.59 2.95
N ASP A 63 -16.11 2.72 1.99
CA ASP A 63 -15.85 1.30 2.15
C ASP A 63 -14.33 1.04 2.23
N PHE A 64 -13.57 1.92 1.58
CA PHE A 64 -12.10 1.86 1.60
C PHE A 64 -11.56 1.99 3.03
N ARG A 65 -11.81 3.12 3.69
CA ARG A 65 -11.35 3.34 5.07
C ARG A 65 -11.87 2.26 6.03
N GLU A 66 -13.08 1.74 5.78
CA GLU A 66 -13.64 0.66 6.59
C GLU A 66 -12.69 -0.56 6.65
N ASN A 67 -12.31 -1.06 5.49
CA ASN A 67 -11.38 -2.20 5.41
C ASN A 67 -9.98 -1.83 5.93
N ILE A 68 -9.65 -0.54 5.90
CA ILE A 68 -8.40 -0.04 6.49
C ILE A 68 -8.46 -0.06 8.03
N ARG A 69 -9.64 0.23 8.57
CA ARG A 69 -9.85 0.20 10.03
C ARG A 69 -9.62 -1.21 10.59
N GLU A 70 -9.88 -2.23 9.77
CA GLU A 70 -9.49 -3.60 10.11
C GLU A 70 -7.98 -3.70 10.30
N ILE A 71 -7.23 -3.06 9.40
CA ILE A 71 -5.76 -3.07 9.45
C ILE A 71 -5.24 -2.46 10.76
N TRP A 72 -5.76 -1.26 11.10
CA TRP A 72 -5.39 -0.59 12.35
C TRP A 72 -5.69 -1.48 13.57
N GLU A 73 -6.83 -2.17 13.51
CA GLU A 73 -7.29 -3.06 14.59
C GLU A 73 -6.43 -4.33 14.69
N ARG A 74 -6.14 -4.95 13.55
CA ARG A 74 -5.44 -6.24 13.50
C ARG A 74 -3.92 -6.10 13.68
N TYR A 75 -3.31 -5.17 12.95
CA TYR A 75 -1.85 -5.03 12.94
C TYR A 75 -1.40 -3.63 13.42
N PRO A 76 -1.40 -3.38 14.74
CA PRO A 76 -0.99 -2.08 15.30
C PRO A 76 0.50 -1.74 15.07
N GLN A 77 1.31 -2.77 14.77
CA GLN A 77 2.73 -2.55 14.48
C GLN A 77 2.94 -2.22 12.99
N LEU A 78 1.95 -2.57 12.16
CA LEU A 78 1.95 -2.24 10.73
C LEU A 78 3.03 -2.99 9.92
N ASP A 79 3.32 -4.23 10.31
CA ASP A 79 4.27 -5.07 9.56
C ASP A 79 3.62 -5.67 8.28
N VAL A 80 2.83 -4.86 7.58
CA VAL A 80 2.09 -5.35 6.40
C VAL A 80 2.19 -4.38 5.22
N VAL A 81 2.08 -4.92 4.01
CA VAL A 81 2.07 -4.10 2.79
C VAL A 81 0.65 -4.06 2.19
N VAL A 82 0.06 -2.88 2.17
CA VAL A 82 -1.30 -2.69 1.64
C VAL A 82 -1.27 -2.24 0.17
N ILE A 83 -2.05 -2.89 -0.68
CA ILE A 83 -2.11 -2.54 -2.10
C ILE A 83 -3.55 -2.22 -2.54
N VAL A 84 -3.73 -1.07 -3.19
CA VAL A 84 -5.05 -0.63 -3.66
C VAL A 84 -5.07 -0.52 -5.19
N THR A 85 -6.10 -1.09 -5.82
CA THR A 85 -6.17 -1.15 -7.28
C THR A 85 -6.88 0.07 -7.89
N THR A 86 -6.20 1.23 -7.86
CA THR A 86 -6.73 2.46 -8.47
C THR A 86 -5.72 3.63 -8.39
N ASP A 87 -5.96 4.67 -9.19
CA ASP A 87 -5.10 5.88 -9.17
C ASP A 87 -5.78 7.04 -8.42
N ASP A 88 -7.06 6.87 -8.09
CA ASP A 88 -7.87 7.95 -7.51
C ASP A 88 -7.20 8.66 -6.31
N LYS A 89 -6.87 9.94 -6.52
CA LYS A 89 -6.26 10.78 -5.47
C LYS A 89 -7.09 10.78 -4.18
N GLU A 90 -8.42 10.72 -4.34
CA GLU A 90 -9.34 10.72 -3.20
C GLU A 90 -9.11 9.52 -2.28
N TRP A 91 -8.76 8.38 -2.88
CA TRP A 91 -8.45 7.17 -2.12
C TRP A 91 -7.08 7.30 -1.44
N ILE A 92 -6.11 7.86 -2.15
CA ILE A 92 -4.80 8.18 -1.55
C ILE A 92 -4.96 9.10 -0.34
N LYS A 93 -5.81 10.11 -0.50
CA LYS A 93 -6.18 11.04 0.58
C LYS A 93 -6.83 10.28 1.75
N ASP A 94 -7.89 9.54 1.43
CA ASP A 94 -8.69 8.83 2.43
C ASP A 94 -7.82 7.95 3.35
N PHE A 95 -6.91 7.19 2.74
CA PHE A 95 -5.98 6.33 3.50
C PHE A 95 -5.15 7.14 4.51
N ILE A 96 -4.64 8.28 4.06
CA ILE A 96 -3.80 9.14 4.90
C ILE A 96 -4.60 9.81 6.03
N GLU A 97 -5.86 10.16 5.74
CA GLU A 97 -6.73 10.81 6.72
C GLU A 97 -6.96 9.90 7.95
N GLU A 98 -7.47 8.70 7.73
CA GLU A 98 -7.67 7.73 8.82
C GLU A 98 -6.35 7.49 9.59
N ALA A 99 -5.23 7.47 8.87
CA ALA A 99 -3.92 7.32 9.49
C ALA A 99 -3.62 8.45 10.49
N LYS A 100 -3.98 9.68 10.12
CA LYS A 100 -3.84 10.84 11.01
C LYS A 100 -4.69 10.66 12.27
N GLU A 101 -5.94 10.21 12.08
CA GLU A 101 -6.85 9.89 13.19
C GLU A 101 -6.28 8.76 14.08
N ARG A 102 -5.36 7.95 13.52
CA ARG A 102 -4.72 6.87 14.27
C ARG A 102 -3.34 7.28 14.80
N GLY A 103 -2.83 8.42 14.36
CA GLY A 103 -1.52 8.90 14.80
C GLY A 103 -0.36 8.01 14.33
N VAL A 104 -0.52 7.40 13.17
CA VAL A 104 0.51 6.50 12.61
C VAL A 104 1.22 7.12 11.40
N GLU A 105 2.24 6.41 10.90
CA GLU A 105 3.01 6.87 9.73
C GLU A 105 2.58 6.12 8.46
N VAL A 106 2.67 6.80 7.32
CA VAL A 106 2.26 6.22 6.03
C VAL A 106 3.33 6.43 4.95
N PHE A 107 3.57 5.42 4.14
CA PHE A 107 4.47 5.54 3.00
C PHE A 107 3.75 5.14 1.71
N VAL A 108 3.35 6.15 0.92
CA VAL A 108 2.59 5.93 -0.31
C VAL A 108 3.51 5.82 -1.53
N VAL A 109 3.44 4.70 -2.22
CA VAL A 109 4.19 4.50 -3.47
C VAL A 109 3.26 4.11 -4.63
N TYR A 110 3.09 5.01 -5.59
CA TYR A 110 2.23 4.74 -6.76
C TYR A 110 2.98 4.91 -8.09
N ASN A 111 2.56 4.16 -9.09
CA ASN A 111 3.25 4.13 -10.39
C ASN A 111 2.68 5.18 -11.36
N ASN A 112 3.53 6.10 -11.79
CA ASN A 112 3.16 7.14 -12.76
C ASN A 112 4.42 7.74 -13.42
N LYS A 113 4.38 7.92 -14.74
CA LYS A 113 5.54 8.40 -15.49
C LYS A 113 5.52 9.92 -15.73
N ASP A 114 4.49 10.61 -15.25
CA ASP A 114 4.38 12.06 -15.42
C ASP A 114 4.95 12.83 -14.22
N ASP A 115 6.18 13.31 -14.35
CA ASP A 115 6.85 14.05 -13.26
C ASP A 115 5.96 15.17 -12.68
N ASP A 116 5.33 15.97 -13.55
CA ASP A 116 4.48 17.07 -13.11
C ASP A 116 3.25 16.58 -12.32
N ARG A 117 2.50 15.63 -12.88
CA ARG A 117 1.33 15.05 -12.21
C ARG A 117 1.70 14.47 -10.84
N ARG A 118 2.93 14.00 -10.72
CA ARG A 118 3.47 13.50 -9.45
C ARG A 118 3.87 14.65 -8.51
N LYS A 119 4.53 15.67 -9.08
CA LYS A 119 4.96 16.86 -8.33
C LYS A 119 3.79 17.51 -7.57
N GLU A 120 2.72 17.83 -8.29
CA GLU A 120 1.54 18.46 -7.67
C GLU A 120 0.90 17.57 -6.59
N ALA A 121 0.97 16.26 -6.78
CA ALA A 121 0.36 15.31 -5.84
C ALA A 121 1.19 15.15 -4.56
N GLN A 122 2.49 14.86 -4.71
CA GLN A 122 3.39 14.64 -3.56
C GLN A 122 3.34 15.80 -2.55
N GLN A 123 3.30 17.03 -3.06
CA GLN A 123 3.24 18.23 -2.20
C GLN A 123 1.96 18.25 -1.34
N GLU A 124 0.89 17.66 -1.86
CA GLU A 124 -0.40 17.65 -1.18
C GLU A 124 -0.53 16.48 -0.18
N PHE A 125 0.08 15.33 -0.52
CA PHE A 125 -0.06 14.13 0.31
C PHE A 125 1.06 13.97 1.36
N ARG A 126 2.26 14.47 1.06
CA ARG A 126 3.40 14.33 2.00
C ARG A 126 3.18 15.22 3.23
N SER A 127 3.37 14.65 4.42
CA SER A 127 3.18 15.38 5.68
C SER A 127 3.87 14.66 6.84
N ASP A 128 3.58 15.10 8.07
CA ASP A 128 4.16 14.49 9.27
C ASP A 128 3.96 12.96 9.32
N GLY A 129 5.07 12.22 9.22
CA GLY A 129 5.02 10.76 9.26
C GLY A 129 4.56 10.13 7.94
N VAL A 130 4.17 10.96 6.97
CA VAL A 130 3.65 10.46 5.69
C VAL A 130 4.59 10.81 4.53
N ASP A 131 5.24 9.80 3.95
CA ASP A 131 6.12 9.99 2.80
C ASP A 131 5.46 9.46 1.52
N VAL A 132 5.80 10.06 0.38
CA VAL A 132 5.23 9.67 -0.92
C VAL A 132 6.32 9.50 -1.99
N ARG A 133 6.51 8.26 -2.45
CA ARG A 133 7.43 7.96 -3.55
C ARG A 133 6.66 7.71 -4.84
N THR A 134 7.17 8.27 -5.94
CA THR A 134 6.51 8.14 -7.25
C THR A 134 7.46 7.51 -8.28
N VAL A 135 7.09 6.34 -8.79
CA VAL A 135 7.95 5.59 -9.70
C VAL A 135 7.35 5.45 -11.11
N SER A 136 8.21 5.54 -12.12
CA SER A 136 7.79 5.38 -13.52
C SER A 136 7.80 3.89 -13.93
N ASP A 137 8.78 3.15 -13.43
CA ASP A 137 8.96 1.73 -13.78
C ASP A 137 8.32 0.79 -12.74
N LYS A 138 8.07 -0.45 -13.17
CA LYS A 138 7.49 -1.47 -12.29
C LYS A 138 8.50 -1.97 -11.24
N GLU A 139 9.69 -2.35 -11.67
CA GLU A 139 10.72 -2.84 -10.74
C GLU A 139 11.17 -1.75 -9.75
N GLU A 140 11.14 -0.49 -10.18
CA GLU A 140 11.42 0.64 -9.28
C GLU A 140 10.35 0.75 -8.17
N LEU A 141 9.15 0.26 -8.46
CA LEU A 141 8.09 0.16 -7.45
C LEU A 141 8.44 -0.95 -6.45
N ILE A 142 8.84 -2.10 -6.99
CA ILE A 142 9.31 -3.24 -6.17
C ILE A 142 10.48 -2.82 -5.27
N GLU A 143 11.38 -2.04 -5.85
CA GLU A 143 12.57 -1.52 -5.15
C GLU A 143 12.21 -0.93 -3.78
N GLN A 144 11.24 -0.01 -3.76
CA GLN A 144 10.79 0.63 -2.51
C GLN A 144 10.21 -0.39 -1.52
N VAL A 145 9.45 -1.36 -2.05
CA VAL A 145 8.90 -2.45 -1.22
C VAL A 145 10.01 -3.23 -0.51
N ARG A 146 11.09 -3.51 -1.24
CA ARG A 146 12.24 -4.24 -0.69
C ARG A 146 12.92 -3.45 0.44
N ARG A 147 12.96 -2.12 0.29
CA ARG A 147 13.47 -1.24 1.35
C ARG A 147 12.60 -1.31 2.61
N PHE A 148 11.27 -1.26 2.43
CA PHE A 148 10.33 -1.33 3.55
C PHE A 148 10.67 -2.48 4.50
N VAL A 149 10.82 -3.67 3.95
CA VAL A 149 11.18 -4.86 4.73
C VAL A 149 12.42 -4.64 5.61
N ARG A 150 13.45 -4.02 5.04
CA ARG A 150 14.74 -3.84 5.73
C ARG A 150 14.74 -2.66 6.70
N LYS A 151 13.81 -1.71 6.54
CA LYS A 151 13.70 -0.57 7.48
C LYS A 151 12.80 -0.90 8.68
N VAL A 152 11.90 -1.86 8.52
CA VAL A 152 11.01 -2.27 9.63
C VAL A 152 11.52 -3.52 10.36
N GLY A 153 12.00 -4.51 9.60
CA GLY A 153 12.52 -5.74 10.21
C GLY A 153 13.98 -5.63 10.61
N SER A 154 14.31 -4.59 11.37
CA SER A 154 15.70 -4.33 11.77
C SER A 154 15.78 -3.33 12.94
N LEU A 155 16.05 -3.84 14.14
CA LEU A 155 16.25 -2.98 15.31
C LEU A 155 17.63 -2.30 15.29
N GLU A 156 17.82 -1.29 16.13
CA GLU A 156 19.08 -0.55 16.18
C GLU A 156 20.23 -1.38 16.76
N HIS A 157 20.86 -2.18 15.90
CA HIS A 157 22.07 -2.91 16.27
C HIS A 157 23.30 -2.12 15.79
N HIS A 158 23.36 -0.86 16.20
CA HIS A 158 24.43 0.06 15.80
C HIS A 158 25.83 -0.46 16.18
N HIS A 159 26.85 0.08 15.53
CA HIS A 159 28.23 -0.36 15.75
C HIS A 159 29.01 0.58 16.69
N HIS A 160 30.27 0.26 16.92
CA HIS A 160 31.19 1.12 17.68
C HIS A 160 32.63 0.88 17.20
N HIS A 161 33.35 1.95 16.89
CA HIS A 161 34.71 1.88 16.30
C HIS A 161 34.68 1.47 14.81
N HIS A 162 33.67 0.69 14.41
CA HIS A 162 33.45 0.36 13.00
C HIS A 162 32.37 1.27 12.37
N MET A 1 8.62 6.12 14.31
CA MET A 1 8.98 4.70 14.06
C MET A 1 7.76 3.83 13.72
N SER A 2 6.56 4.30 14.07
CA SER A 2 5.31 3.60 13.74
C SER A 2 4.88 3.91 12.30
N GLN A 3 5.41 3.16 11.34
CA GLN A 3 5.15 3.43 9.92
C GLN A 3 4.32 2.30 9.27
N ILE A 4 3.37 2.69 8.42
CA ILE A 4 2.60 1.73 7.61
C ILE A 4 2.95 1.90 6.12
N PHE A 5 3.11 0.78 5.42
CA PHE A 5 3.50 0.81 4.00
C PHE A 5 2.30 0.52 3.09
N VAL A 6 2.06 1.38 2.11
CA VAL A 6 0.93 1.21 1.19
C VAL A 6 1.32 1.51 -0.27
N VAL A 7 0.79 0.69 -1.19
CA VAL A 7 1.07 0.83 -2.63
C VAL A 7 -0.23 0.95 -3.44
N PHE A 8 -0.28 1.93 -4.34
CA PHE A 8 -1.44 2.10 -5.24
C PHE A 8 -1.05 1.88 -6.71
N SER A 9 -1.71 0.94 -7.38
CA SER A 9 -1.45 0.68 -8.81
C SER A 9 -2.75 0.35 -9.56
N SER A 10 -2.82 0.73 -10.84
CA SER A 10 -3.98 0.38 -11.68
C SER A 10 -3.69 -0.86 -12.54
N ASP A 11 -2.44 -1.32 -12.51
CA ASP A 11 -2.02 -2.51 -13.28
C ASP A 11 -1.98 -3.77 -12.38
N PRO A 12 -2.95 -4.70 -12.55
CA PRO A 12 -2.99 -5.94 -11.75
C PRO A 12 -1.77 -6.83 -12.00
N GLU A 13 -1.19 -6.75 -13.20
CA GLU A 13 -0.01 -7.53 -13.56
C GLU A 13 1.26 -7.00 -12.87
N ILE A 14 1.21 -5.74 -12.41
CA ILE A 14 2.29 -5.17 -11.61
C ILE A 14 2.08 -5.53 -10.14
N LEU A 15 0.81 -5.48 -9.73
CA LEU A 15 0.39 -5.93 -8.41
C LEU A 15 0.84 -7.37 -8.13
N LYS A 16 0.72 -8.25 -9.13
CA LYS A 16 1.21 -9.64 -9.02
C LYS A 16 2.69 -9.69 -8.59
N GLU A 17 3.53 -8.90 -9.26
CA GLU A 17 4.96 -8.83 -8.96
C GLU A 17 5.20 -8.37 -7.51
N ILE A 18 4.46 -7.33 -7.10
CA ILE A 18 4.57 -6.81 -5.73
C ILE A 18 4.30 -7.92 -4.70
N VAL A 19 3.18 -8.64 -4.89
CA VAL A 19 2.77 -9.71 -3.97
C VAL A 19 3.87 -10.78 -3.79
N ARG A 20 4.30 -11.39 -4.89
CA ARG A 20 5.31 -12.47 -4.83
C ARG A 20 6.62 -12.00 -4.19
N GLU A 21 6.92 -10.71 -4.28
CA GLU A 21 8.09 -10.14 -3.60
C GLU A 21 7.85 -10.04 -2.08
N ILE A 22 6.66 -9.57 -1.69
CA ILE A 22 6.29 -9.53 -0.27
C ILE A 22 6.37 -10.93 0.35
N LYS A 23 5.88 -11.92 -0.40
CA LYS A 23 5.90 -13.33 0.03
C LYS A 23 7.33 -13.81 0.35
N ARG A 24 8.28 -13.52 -0.53
CA ARG A 24 9.68 -13.95 -0.33
C ARG A 24 10.33 -13.23 0.87
N GLN A 25 9.96 -11.96 1.09
CA GLN A 25 10.54 -11.17 2.18
C GLN A 25 10.03 -11.63 3.56
N GLY A 26 9.01 -12.47 3.57
CA GLY A 26 8.42 -12.94 4.82
C GLY A 26 7.51 -11.91 5.48
N VAL A 27 6.86 -11.08 4.66
CA VAL A 27 5.94 -10.06 5.15
C VAL A 27 4.50 -10.41 4.79
N ARG A 28 3.54 -10.03 5.64
CA ARG A 28 2.13 -10.29 5.37
C ARG A 28 1.56 -9.28 4.35
N VAL A 29 0.76 -9.78 3.42
CA VAL A 29 0.23 -8.96 2.31
C VAL A 29 -1.28 -8.70 2.45
N VAL A 30 -1.65 -7.42 2.53
CA VAL A 30 -3.06 -7.01 2.61
C VAL A 30 -3.51 -6.34 1.32
N LEU A 31 -4.34 -7.03 0.53
CA LEU A 31 -4.79 -6.51 -0.77
C LEU A 31 -6.22 -5.95 -0.71
N LEU A 32 -6.35 -4.66 -0.96
CA LEU A 32 -7.66 -4.02 -1.09
C LEU A 32 -8.03 -3.89 -2.57
N TYR A 33 -8.77 -4.87 -3.07
CA TYR A 33 -9.08 -4.96 -4.49
C TYR A 33 -10.31 -4.11 -4.86
N SER A 34 -10.07 -3.06 -5.64
CA SER A 34 -11.14 -2.10 -5.99
C SER A 34 -11.60 -2.24 -7.46
N ASP A 35 -12.73 -2.92 -7.64
CA ASP A 35 -13.42 -2.98 -8.94
C ASP A 35 -14.93 -2.77 -8.74
N GLN A 36 -15.63 -2.33 -9.78
CA GLN A 36 -17.06 -2.01 -9.66
C GLN A 36 -17.97 -3.23 -9.85
N ASP A 37 -17.45 -4.29 -10.48
CA ASP A 37 -18.25 -5.48 -10.77
C ASP A 37 -17.99 -6.60 -9.76
N GLU A 38 -18.92 -7.57 -9.67
CA GLU A 38 -18.77 -8.71 -8.76
C GLU A 38 -17.98 -9.85 -9.41
N LYS A 39 -18.27 -10.10 -10.68
CA LYS A 39 -17.74 -11.27 -11.38
C LYS A 39 -16.30 -11.02 -11.87
N ARG A 40 -16.10 -9.97 -12.66
CA ARG A 40 -14.76 -9.59 -13.12
C ARG A 40 -13.79 -9.45 -11.94
N ARG A 41 -14.24 -8.75 -10.91
CA ARG A 41 -13.44 -8.56 -9.70
C ARG A 41 -13.04 -9.90 -9.06
N ARG A 42 -14.02 -10.79 -8.86
CA ARG A 42 -13.77 -12.10 -8.25
C ARG A 42 -12.80 -12.94 -9.08
N GLU A 43 -13.02 -13.00 -10.40
CA GLU A 43 -12.15 -13.74 -11.31
C GLU A 43 -10.67 -13.31 -11.15
N ARG A 44 -10.46 -12.01 -11.02
CA ARG A 44 -9.11 -11.46 -10.89
C ARG A 44 -8.49 -11.75 -9.51
N LEU A 45 -9.22 -11.41 -8.44
CA LEU A 45 -8.69 -11.56 -7.07
C LEU A 45 -8.49 -13.04 -6.69
N GLU A 46 -9.23 -13.94 -7.35
CA GLU A 46 -9.07 -15.39 -7.12
C GLU A 46 -7.60 -15.81 -7.17
N GLU A 47 -6.86 -15.26 -8.14
CA GLU A 47 -5.43 -15.56 -8.30
C GLU A 47 -4.62 -15.25 -7.04
N PHE A 48 -5.04 -14.24 -6.29
CA PHE A 48 -4.34 -13.85 -5.06
C PHE A 48 -4.82 -14.68 -3.85
N GLU A 49 -6.10 -15.08 -3.86
CA GLU A 49 -6.63 -15.95 -2.82
C GLU A 49 -5.85 -17.27 -2.75
N LYS A 50 -5.75 -17.93 -3.90
CA LYS A 50 -5.00 -19.19 -4.03
C LYS A 50 -3.50 -19.02 -3.73
N GLN A 51 -3.01 -17.79 -3.77
CA GLN A 51 -1.61 -17.48 -3.42
C GLN A 51 -1.45 -17.16 -1.91
N GLY A 52 -2.55 -17.22 -1.17
CA GLY A 52 -2.52 -16.95 0.27
C GLY A 52 -2.33 -15.47 0.61
N VAL A 53 -3.20 -14.62 0.05
CA VAL A 53 -3.14 -13.17 0.28
C VAL A 53 -4.39 -12.68 1.03
N ASP A 54 -4.22 -11.70 1.94
CA ASP A 54 -5.37 -11.10 2.63
C ASP A 54 -6.15 -10.19 1.68
N VAL A 55 -6.99 -10.79 0.83
CA VAL A 55 -7.74 -10.04 -0.19
C VAL A 55 -9.12 -9.57 0.31
N ARG A 56 -9.38 -8.28 0.13
CA ARG A 56 -10.68 -7.67 0.43
C ARG A 56 -11.25 -6.95 -0.78
N THR A 57 -12.57 -6.93 -0.89
CA THR A 57 -13.25 -6.25 -2.00
C THR A 57 -13.79 -4.87 -1.58
N VAL A 58 -13.29 -3.82 -2.23
CA VAL A 58 -13.78 -2.45 -2.01
C VAL A 58 -14.37 -1.87 -3.30
N GLU A 59 -15.62 -1.40 -3.21
CA GLU A 59 -16.30 -0.82 -4.38
C GLU A 59 -16.25 0.71 -4.38
N ASP A 60 -16.15 1.31 -3.19
CA ASP A 60 -16.19 2.76 -3.06
C ASP A 60 -15.15 3.26 -2.05
N LYS A 61 -14.85 4.55 -2.11
CA LYS A 61 -13.90 5.17 -1.19
C LYS A 61 -14.39 5.09 0.26
N GLU A 62 -15.71 5.07 0.44
CA GLU A 62 -16.33 4.86 1.75
C GLU A 62 -15.95 3.49 2.32
N ASP A 63 -16.15 2.42 1.53
CA ASP A 63 -15.81 1.07 1.99
C ASP A 63 -14.29 0.92 2.14
N PHE A 64 -13.55 1.61 1.27
CA PHE A 64 -12.09 1.63 1.32
C PHE A 64 -11.56 1.99 2.73
N ARG A 65 -11.93 3.16 3.23
CA ARG A 65 -11.51 3.60 4.56
C ARG A 65 -12.04 2.66 5.67
N GLU A 66 -13.22 2.09 5.47
CA GLU A 66 -13.77 1.13 6.43
C GLU A 66 -12.81 -0.05 6.68
N ASN A 67 -12.27 -0.61 5.60
CA ASN A 67 -11.31 -1.71 5.69
C ASN A 67 -9.98 -1.24 6.33
N ILE A 68 -9.59 0.00 6.06
CA ILE A 68 -8.38 0.58 6.67
C ILE A 68 -8.50 0.61 8.20
N ARG A 69 -9.70 0.93 8.69
CA ARG A 69 -9.96 1.01 10.13
C ARG A 69 -9.80 -0.37 10.82
N GLU A 70 -9.87 -1.44 10.03
CA GLU A 70 -9.56 -2.78 10.54
C GLU A 70 -8.06 -3.06 10.56
N ILE A 71 -7.32 -2.43 9.64
CA ILE A 71 -5.86 -2.60 9.58
C ILE A 71 -5.19 -2.15 10.88
N TRP A 72 -5.55 -0.96 11.35
CA TRP A 72 -5.02 -0.42 12.62
C TRP A 72 -5.35 -1.36 13.80
N GLU A 73 -6.47 -2.06 13.68
CA GLU A 73 -6.98 -2.93 14.76
C GLU A 73 -6.39 -4.34 14.68
N ARG A 74 -6.13 -4.83 13.47
CA ARG A 74 -5.61 -6.19 13.27
C ARG A 74 -4.08 -6.25 13.36
N TYR A 75 -3.40 -5.16 12.99
CA TYR A 75 -1.93 -5.15 12.93
C TYR A 75 -1.35 -4.02 13.81
N PRO A 76 -0.97 -4.33 15.07
CA PRO A 76 -0.48 -3.32 16.03
C PRO A 76 0.91 -2.73 15.67
N GLN A 77 1.72 -3.47 14.92
CA GLN A 77 3.06 -3.00 14.54
C GLN A 77 3.10 -2.40 13.13
N LEU A 78 1.98 -2.52 12.39
CA LEU A 78 1.87 -1.96 11.04
C LEU A 78 2.89 -2.58 10.06
N ASP A 79 3.43 -3.74 10.41
CA ASP A 79 4.49 -4.40 9.63
C ASP A 79 3.95 -5.13 8.39
N VAL A 80 2.79 -4.70 7.88
CA VAL A 80 2.16 -5.34 6.72
C VAL A 80 2.12 -4.38 5.51
N VAL A 81 2.16 -4.95 4.30
CA VAL A 81 2.09 -4.16 3.08
C VAL A 81 0.65 -4.11 2.53
N VAL A 82 0.07 -2.91 2.51
CA VAL A 82 -1.29 -2.72 2.00
C VAL A 82 -1.28 -2.29 0.52
N ILE A 83 -1.76 -3.16 -0.36
CA ILE A 83 -1.81 -2.86 -1.80
C ILE A 83 -3.25 -2.55 -2.25
N VAL A 84 -3.43 -1.44 -2.96
CA VAL A 84 -4.76 -1.05 -3.46
C VAL A 84 -4.76 -0.93 -4.99
N THR A 85 -5.75 -1.52 -5.65
CA THR A 85 -5.80 -1.56 -7.12
C THR A 85 -6.47 -0.31 -7.73
N THR A 86 -5.93 0.86 -7.40
CA THR A 86 -6.41 2.12 -7.99
C THR A 86 -5.39 3.24 -7.79
N ASP A 87 -5.31 4.12 -8.78
CA ASP A 87 -4.39 5.26 -8.76
C ASP A 87 -5.12 6.56 -8.39
N ASP A 88 -6.33 6.45 -7.83
CA ASP A 88 -7.16 7.62 -7.55
C ASP A 88 -6.56 8.53 -6.46
N LYS A 89 -6.55 9.83 -6.74
CA LYS A 89 -5.99 10.83 -5.84
C LYS A 89 -6.68 10.85 -4.46
N GLU A 90 -8.01 10.73 -4.44
CA GLU A 90 -8.77 10.83 -3.19
C GLU A 90 -8.59 9.58 -2.33
N TRP A 91 -8.62 8.41 -2.96
CA TRP A 91 -8.37 7.15 -2.24
C TRP A 91 -7.01 7.18 -1.52
N ILE A 92 -6.00 7.72 -2.19
CA ILE A 92 -4.68 7.93 -1.57
C ILE A 92 -4.80 8.90 -0.37
N LYS A 93 -5.57 9.96 -0.56
CA LYS A 93 -5.76 10.99 0.47
C LYS A 93 -6.49 10.43 1.71
N ASP A 94 -7.60 9.72 1.49
CA ASP A 94 -8.39 9.16 2.60
C ASP A 94 -7.58 8.18 3.45
N PHE A 95 -6.71 7.41 2.80
CA PHE A 95 -5.82 6.50 3.53
C PHE A 95 -4.97 7.27 4.56
N ILE A 96 -4.42 8.40 4.13
CA ILE A 96 -3.61 9.25 5.00
C ILE A 96 -4.43 9.82 6.17
N GLU A 97 -5.66 10.26 5.89
CA GLU A 97 -6.53 10.84 6.94
C GLU A 97 -6.77 9.84 8.08
N GLU A 98 -7.14 8.61 7.75
CA GLU A 98 -7.32 7.55 8.76
C GLU A 98 -6.03 7.33 9.56
N ALA A 99 -4.90 7.59 8.93
CA ALA A 99 -3.59 7.49 9.58
C ALA A 99 -3.35 8.68 10.54
N LYS A 100 -3.73 9.88 10.12
CA LYS A 100 -3.62 11.07 10.97
C LYS A 100 -4.54 10.95 12.20
N GLU A 101 -5.71 10.35 11.98
CA GLU A 101 -6.62 9.98 13.06
C GLU A 101 -5.89 9.15 14.14
N ARG A 102 -5.05 8.23 13.68
CA ARG A 102 -4.26 7.38 14.58
C ARG A 102 -2.92 8.03 14.96
N GLY A 103 -2.59 9.15 14.30
CA GLY A 103 -1.32 9.81 14.54
C GLY A 103 -0.10 8.94 14.21
N VAL A 104 -0.21 8.17 13.13
CA VAL A 104 0.87 7.27 12.71
C VAL A 104 1.60 7.80 11.47
N GLU A 105 2.78 7.23 11.22
CA GLU A 105 3.61 7.61 10.07
C GLU A 105 3.29 6.71 8.86
N VAL A 106 3.29 7.31 7.67
CA VAL A 106 2.85 6.59 6.46
C VAL A 106 3.89 6.67 5.33
N PHE A 107 4.09 5.56 4.63
CA PHE A 107 4.94 5.54 3.44
C PHE A 107 4.10 5.11 2.21
N VAL A 108 3.76 6.09 1.38
CA VAL A 108 2.88 5.87 0.22
C VAL A 108 3.67 5.80 -1.09
N VAL A 109 3.60 4.66 -1.76
CA VAL A 109 4.25 4.50 -3.07
C VAL A 109 3.24 4.06 -4.14
N TYR A 110 2.93 4.96 -5.08
CA TYR A 110 1.97 4.65 -6.14
C TYR A 110 2.59 4.73 -7.54
N ASN A 111 2.06 3.94 -8.45
CA ASN A 111 2.57 3.85 -9.83
C ASN A 111 1.87 4.86 -10.74
N ASN A 112 2.65 5.79 -11.26
CA ASN A 112 2.14 6.83 -12.17
C ASN A 112 3.28 7.32 -13.08
N LYS A 113 2.95 7.66 -14.31
CA LYS A 113 3.96 8.00 -15.32
C LYS A 113 4.31 9.50 -15.34
N ASP A 114 3.29 10.36 -15.44
CA ASP A 114 3.50 11.80 -15.60
C ASP A 114 4.14 12.46 -14.36
N ASP A 115 5.42 12.78 -14.46
CA ASP A 115 6.19 13.36 -13.35
C ASP A 115 5.58 14.68 -12.85
N ASP A 116 4.98 15.45 -13.75
CA ASP A 116 4.35 16.73 -13.40
C ASP A 116 3.21 16.53 -12.39
N ARG A 117 2.20 15.75 -12.78
CA ARG A 117 1.05 15.48 -11.91
C ARG A 117 1.47 14.65 -10.68
N ARG A 118 2.58 13.92 -10.80
CA ARG A 118 3.18 13.23 -9.65
C ARG A 118 3.80 14.23 -8.66
N LYS A 119 4.36 15.32 -9.19
CA LYS A 119 4.95 16.37 -8.36
C LYS A 119 3.89 17.12 -7.54
N GLU A 120 2.81 17.53 -8.21
CA GLU A 120 1.70 18.21 -7.51
C GLU A 120 1.10 17.26 -6.45
N ALA A 121 1.05 15.97 -6.77
CA ALA A 121 0.57 14.95 -5.84
C ALA A 121 1.49 14.83 -4.61
N GLN A 122 2.81 14.75 -4.83
CA GLN A 122 3.77 14.71 -3.72
C GLN A 122 3.73 15.99 -2.88
N GLN A 123 3.12 17.04 -3.42
CA GLN A 123 2.90 18.29 -2.68
C GLN A 123 1.56 18.23 -1.92
N GLU A 124 0.54 17.74 -2.61
CA GLU A 124 -0.84 17.68 -2.07
C GLU A 124 -0.95 16.73 -0.86
N PHE A 125 -0.41 15.52 -0.99
CA PHE A 125 -0.58 14.47 0.02
C PHE A 125 0.56 14.46 1.06
N ARG A 126 1.47 15.41 0.98
CA ARG A 126 2.64 15.42 1.88
C ARG A 126 2.32 16.06 3.23
N SER A 127 1.85 15.25 4.17
CA SER A 127 1.64 15.72 5.55
C SER A 127 2.80 15.26 6.45
N ASP A 128 2.95 15.89 7.61
CA ASP A 128 4.00 15.53 8.56
C ASP A 128 3.97 14.03 8.91
N GLY A 129 5.09 13.34 8.65
CA GLY A 129 5.17 11.91 8.93
C GLY A 129 4.73 11.05 7.75
N VAL A 130 4.47 11.66 6.60
CA VAL A 130 4.02 10.93 5.40
C VAL A 130 5.04 11.07 4.26
N ASP A 131 5.69 9.96 3.90
CA ASP A 131 6.60 9.92 2.75
C ASP A 131 5.84 9.60 1.45
N VAL A 132 5.70 10.59 0.57
CA VAL A 132 5.01 10.39 -0.70
C VAL A 132 6.00 10.10 -1.85
N ARG A 133 6.02 8.84 -2.29
CA ARG A 133 6.89 8.41 -3.39
C ARG A 133 6.07 8.07 -4.64
N THR A 134 6.53 8.54 -5.80
CA THR A 134 5.85 8.27 -7.08
C THR A 134 6.81 7.59 -8.06
N VAL A 135 6.42 6.42 -8.56
CA VAL A 135 7.28 5.67 -9.48
C VAL A 135 6.53 5.34 -10.78
N SER A 136 7.23 5.47 -11.90
CA SER A 136 6.68 5.09 -13.22
C SER A 136 7.16 3.70 -13.64
N ASP A 137 8.22 3.24 -12.99
CA ASP A 137 8.78 1.92 -13.26
C ASP A 137 8.34 0.89 -12.21
N LYS A 138 7.82 -0.23 -12.69
CA LYS A 138 7.45 -1.37 -11.84
C LYS A 138 8.62 -1.77 -10.91
N GLU A 139 9.82 -1.85 -11.49
CA GLU A 139 11.02 -2.23 -10.74
C GLU A 139 11.32 -1.22 -9.60
N GLU A 140 11.17 0.08 -9.89
CA GLU A 140 11.33 1.12 -8.86
C GLU A 140 10.29 0.97 -7.74
N LEU A 141 9.13 0.39 -8.07
CA LEU A 141 8.09 0.11 -7.08
C LEU A 141 8.54 -1.03 -6.16
N ILE A 142 9.01 -2.12 -6.76
CA ILE A 142 9.56 -3.26 -6.00
C ILE A 142 10.70 -2.80 -5.08
N GLU A 143 11.55 -1.91 -5.60
CA GLU A 143 12.64 -1.30 -4.83
C GLU A 143 12.15 -0.72 -3.50
N GLN A 144 11.02 -0.01 -3.52
CA GLN A 144 10.46 0.59 -2.32
C GLN A 144 10.06 -0.49 -1.30
N VAL A 145 9.46 -1.57 -1.79
CA VAL A 145 9.06 -2.71 -0.95
C VAL A 145 10.30 -3.34 -0.27
N ARG A 146 11.36 -3.56 -1.07
CA ARG A 146 12.62 -4.10 -0.55
C ARG A 146 13.17 -3.23 0.59
N ARG A 147 13.21 -1.92 0.35
CA ARG A 147 13.76 -0.97 1.31
C ARG A 147 12.88 -0.84 2.58
N PHE A 148 11.58 -1.08 2.43
CA PHE A 148 10.68 -1.16 3.59
C PHE A 148 11.11 -2.29 4.53
N VAL A 149 11.31 -3.48 3.98
CA VAL A 149 11.76 -4.65 4.75
C VAL A 149 13.12 -4.37 5.44
N ARG A 150 13.91 -3.49 4.84
CA ARG A 150 15.21 -3.10 5.40
C ARG A 150 15.05 -2.22 6.64
N LYS A 151 14.26 -1.14 6.52
CA LYS A 151 14.08 -0.18 7.63
C LYS A 151 13.42 -0.84 8.85
N VAL A 152 12.50 -1.79 8.61
CA VAL A 152 11.83 -2.50 9.71
C VAL A 152 12.64 -3.72 10.17
N GLY A 153 13.48 -4.26 9.29
CA GLY A 153 14.32 -5.40 9.64
C GLY A 153 15.61 -4.99 10.36
N SER A 154 15.96 -3.71 10.29
CA SER A 154 17.15 -3.20 10.96
C SER A 154 16.79 -2.43 12.24
N LEU A 155 16.52 -3.17 13.32
CA LEU A 155 16.13 -2.55 14.60
C LEU A 155 17.35 -2.03 15.38
N GLU A 156 17.53 -0.71 15.36
CA GLU A 156 18.64 -0.08 16.09
C GLU A 156 18.43 -0.14 17.62
N HIS A 157 19.42 -0.69 18.33
CA HIS A 157 19.35 -0.82 19.79
C HIS A 157 19.33 0.55 20.48
N HIS A 158 20.24 1.44 20.08
CA HIS A 158 20.20 2.84 20.51
C HIS A 158 19.40 3.68 19.51
N HIS A 159 18.22 4.13 19.93
CA HIS A 159 17.25 4.75 19.02
C HIS A 159 17.50 6.24 18.80
N HIS A 160 17.11 6.73 17.62
CA HIS A 160 17.24 8.14 17.28
C HIS A 160 15.86 8.75 17.01
N HIS A 161 15.83 10.03 16.61
CA HIS A 161 14.57 10.65 16.15
C HIS A 161 14.41 10.45 14.63
N HIS A 162 15.22 9.54 14.08
CA HIS A 162 15.21 9.24 12.64
C HIS A 162 15.95 7.92 12.36
N MET A 1 8.27 3.06 16.17
CA MET A 1 7.89 3.75 14.92
C MET A 1 6.69 3.06 14.25
N SER A 2 5.49 3.54 14.54
CA SER A 2 4.27 2.97 13.95
C SER A 2 4.00 3.55 12.56
N GLN A 3 4.58 2.94 11.52
CA GLN A 3 4.39 3.41 10.15
C GLN A 3 3.79 2.30 9.28
N ILE A 4 2.84 2.65 8.41
CA ILE A 4 2.17 1.67 7.55
C ILE A 4 2.55 1.87 6.08
N PHE A 5 2.91 0.77 5.42
CA PHE A 5 3.33 0.80 4.01
C PHE A 5 2.17 0.50 3.07
N VAL A 6 1.89 1.41 2.16
CA VAL A 6 0.78 1.26 1.20
C VAL A 6 1.22 1.58 -0.23
N VAL A 7 0.88 0.69 -1.16
CA VAL A 7 1.20 0.87 -2.58
C VAL A 7 -0.06 1.06 -3.42
N PHE A 8 -0.12 2.15 -4.20
CA PHE A 8 -1.25 2.41 -5.10
C PHE A 8 -0.87 2.15 -6.57
N SER A 9 -1.58 1.25 -7.23
CA SER A 9 -1.35 0.96 -8.64
C SER A 9 -2.67 0.70 -9.39
N SER A 10 -2.77 1.21 -10.61
CA SER A 10 -3.96 0.96 -11.44
C SER A 10 -3.72 -0.18 -12.44
N ASP A 11 -2.61 -0.90 -12.27
CA ASP A 11 -2.29 -2.06 -13.11
C ASP A 11 -2.20 -3.34 -12.27
N PRO A 12 -3.14 -4.29 -12.44
CA PRO A 12 -3.16 -5.54 -11.66
C PRO A 12 -1.91 -6.40 -11.90
N GLU A 13 -1.33 -6.29 -13.09
CA GLU A 13 -0.12 -7.05 -13.44
C GLU A 13 1.11 -6.55 -12.67
N ILE A 14 1.11 -5.28 -12.28
CA ILE A 14 2.21 -4.73 -11.48
C ILE A 14 2.00 -5.14 -10.02
N LEU A 15 0.75 -5.06 -9.60
CA LEU A 15 0.32 -5.53 -8.29
C LEU A 15 0.74 -7.00 -8.06
N LYS A 16 0.53 -7.85 -9.08
CA LYS A 16 0.96 -9.26 -9.02
C LYS A 16 2.46 -9.39 -8.72
N GLU A 17 3.27 -8.57 -9.40
CA GLU A 17 4.73 -8.58 -9.22
C GLU A 17 5.13 -8.16 -7.80
N ILE A 18 4.44 -7.14 -7.27
CA ILE A 18 4.69 -6.66 -5.90
C ILE A 18 4.41 -7.77 -4.88
N VAL A 19 3.22 -8.36 -4.96
CA VAL A 19 2.79 -9.41 -4.03
C VAL A 19 3.82 -10.56 -3.92
N ARG A 20 4.19 -11.15 -5.05
CA ARG A 20 5.13 -12.29 -5.05
C ARG A 20 6.49 -11.94 -4.41
N GLU A 21 6.94 -10.70 -4.61
CA GLU A 21 8.19 -10.24 -3.99
C GLU A 21 8.03 -10.03 -2.47
N ILE A 22 6.86 -9.58 -2.04
CA ILE A 22 6.57 -9.43 -0.61
C ILE A 22 6.55 -10.80 0.10
N LYS A 23 5.81 -11.75 -0.47
CA LYS A 23 5.77 -13.12 0.05
C LYS A 23 7.17 -13.73 0.08
N ARG A 24 7.97 -13.40 -0.95
CA ARG A 24 9.37 -13.83 -1.04
C ARG A 24 10.18 -13.37 0.19
N GLN A 25 10.01 -12.10 0.59
CA GLN A 25 10.77 -11.56 1.73
C GLN A 25 10.28 -12.15 3.06
N GLY A 26 9.01 -12.55 3.11
CA GLY A 26 8.43 -13.11 4.32
C GLY A 26 7.54 -12.13 5.08
N VAL A 27 6.80 -11.29 4.35
CA VAL A 27 5.88 -10.32 4.95
C VAL A 27 4.42 -10.62 4.55
N ARG A 28 3.48 -10.33 5.45
CA ARG A 28 2.05 -10.53 5.17
C ARG A 28 1.49 -9.42 4.26
N VAL A 29 0.67 -9.81 3.28
CA VAL A 29 0.14 -8.85 2.29
C VAL A 29 -1.37 -8.62 2.48
N VAL A 30 -1.78 -7.35 2.48
CA VAL A 30 -3.20 -6.97 2.59
C VAL A 30 -3.64 -6.19 1.35
N LEU A 31 -4.37 -6.86 0.45
CA LEU A 31 -4.82 -6.24 -0.81
C LEU A 31 -6.22 -5.63 -0.69
N LEU A 32 -6.30 -4.31 -0.84
CA LEU A 32 -7.60 -3.62 -0.88
C LEU A 32 -8.06 -3.47 -2.33
N TYR A 33 -8.87 -4.43 -2.79
CA TYR A 33 -9.20 -4.53 -4.21
C TYR A 33 -10.48 -3.77 -4.58
N SER A 34 -10.34 -2.73 -5.40
CA SER A 34 -11.48 -1.89 -5.81
C SER A 34 -12.01 -2.27 -7.20
N ASP A 35 -13.12 -3.01 -7.24
CA ASP A 35 -13.78 -3.36 -8.51
C ASP A 35 -15.31 -3.16 -8.40
N GLN A 36 -16.03 -3.34 -9.51
CA GLN A 36 -17.48 -3.06 -9.55
C GLN A 36 -18.33 -4.34 -9.49
N ASP A 37 -17.82 -5.43 -10.05
CA ASP A 37 -18.59 -6.69 -10.15
C ASP A 37 -18.30 -7.66 -9.00
N GLU A 38 -19.01 -8.79 -9.01
CA GLU A 38 -18.71 -9.90 -8.10
C GLU A 38 -17.80 -10.92 -8.80
N LYS A 39 -18.28 -11.45 -9.92
CA LYS A 39 -17.54 -12.48 -10.67
C LYS A 39 -16.23 -11.93 -11.25
N ARG A 40 -16.31 -10.81 -11.96
CA ARG A 40 -15.11 -10.17 -12.54
C ARG A 40 -14.09 -9.81 -11.45
N ARG A 41 -14.57 -9.14 -10.40
CA ARG A 41 -13.73 -8.80 -9.23
C ARG A 41 -13.06 -10.06 -8.65
N ARG A 42 -13.81 -11.17 -8.58
CA ARG A 42 -13.25 -12.44 -8.11
C ARG A 42 -12.13 -12.94 -9.04
N GLU A 43 -12.40 -12.98 -10.34
CA GLU A 43 -11.43 -13.46 -11.35
C GLU A 43 -10.04 -12.82 -11.16
N ARG A 44 -10.03 -11.57 -10.72
CA ARG A 44 -8.79 -10.83 -10.48
C ARG A 44 -8.16 -11.20 -9.13
N LEU A 45 -8.91 -11.00 -8.04
CA LEU A 45 -8.38 -11.13 -6.68
C LEU A 45 -8.14 -12.59 -6.26
N GLU A 46 -8.87 -13.52 -6.86
CA GLU A 46 -8.76 -14.95 -6.51
C GLU A 46 -7.32 -15.44 -6.68
N GLU A 47 -6.66 -14.97 -7.73
CA GLU A 47 -5.27 -15.32 -8.00
C GLU A 47 -4.35 -14.94 -6.82
N PHE A 48 -4.74 -13.93 -6.05
CA PHE A 48 -3.98 -13.50 -4.87
C PHE A 48 -4.37 -14.31 -3.63
N GLU A 49 -5.64 -14.69 -3.53
CA GLU A 49 -6.11 -15.54 -2.42
C GLU A 49 -5.30 -16.84 -2.37
N LYS A 50 -5.22 -17.51 -3.51
CA LYS A 50 -4.50 -18.78 -3.65
C LYS A 50 -2.98 -18.62 -3.47
N GLN A 51 -2.49 -17.37 -3.53
CA GLN A 51 -1.07 -17.09 -3.30
C GLN A 51 -0.80 -16.70 -1.84
N GLY A 52 -1.87 -16.57 -1.04
CA GLY A 52 -1.72 -16.24 0.37
C GLY A 52 -1.76 -14.73 0.66
N VAL A 53 -2.82 -14.08 0.20
CA VAL A 53 -2.99 -12.62 0.41
C VAL A 53 -4.36 -12.29 1.03
N ASP A 54 -4.36 -11.44 2.05
CA ASP A 54 -5.60 -10.95 2.65
C ASP A 54 -6.29 -9.94 1.72
N VAL A 55 -7.18 -10.41 0.86
CA VAL A 55 -7.89 -9.53 -0.07
C VAL A 55 -9.16 -8.94 0.57
N ARG A 56 -9.10 -7.65 0.87
CA ARG A 56 -10.27 -6.89 1.33
C ARG A 56 -10.95 -6.21 0.15
N THR A 57 -12.19 -6.61 -0.17
CA THR A 57 -12.90 -6.09 -1.34
C THR A 57 -13.54 -4.73 -1.07
N VAL A 58 -13.12 -3.72 -1.85
CA VAL A 58 -13.68 -2.37 -1.75
C VAL A 58 -14.23 -1.89 -3.10
N GLU A 59 -14.87 -0.73 -3.08
CA GLU A 59 -15.48 -0.15 -4.29
C GLU A 59 -15.65 1.37 -4.19
N ASP A 60 -15.84 1.89 -2.98
CA ASP A 60 -15.97 3.34 -2.77
C ASP A 60 -14.94 3.82 -1.74
N LYS A 61 -14.74 5.13 -1.65
CA LYS A 61 -13.76 5.70 -0.71
C LYS A 61 -14.16 5.40 0.74
N GLU A 62 -15.46 5.30 0.99
CA GLU A 62 -15.97 4.98 2.33
C GLU A 62 -15.79 3.48 2.64
N ASP A 63 -16.11 2.60 1.69
CA ASP A 63 -15.89 1.17 1.87
C ASP A 63 -14.37 0.90 2.01
N PHE A 64 -13.60 1.76 1.34
CA PHE A 64 -12.13 1.75 1.43
C PHE A 64 -11.65 1.97 2.87
N ARG A 65 -12.00 3.12 3.45
CA ARG A 65 -11.60 3.45 4.83
C ARG A 65 -12.11 2.40 5.85
N GLU A 66 -13.28 1.83 5.59
CA GLU A 66 -13.85 0.79 6.48
C GLU A 66 -12.91 -0.42 6.61
N ASN A 67 -12.44 -0.94 5.48
CA ASN A 67 -11.48 -2.06 5.48
C ASN A 67 -10.13 -1.65 6.10
N ILE A 68 -9.77 -0.37 5.97
CA ILE A 68 -8.58 0.18 6.63
C ILE A 68 -8.76 0.16 8.16
N ARG A 69 -9.97 0.49 8.61
CA ARG A 69 -10.31 0.49 10.04
C ARG A 69 -10.19 -0.93 10.64
N GLU A 70 -10.30 -1.95 9.79
CA GLU A 70 -9.97 -3.32 10.18
C GLU A 70 -8.47 -3.46 10.42
N ILE A 71 -7.66 -2.96 9.48
CA ILE A 71 -6.20 -3.07 9.54
C ILE A 71 -5.63 -2.56 10.89
N TRP A 72 -6.10 -1.38 11.32
CA TRP A 72 -5.63 -0.78 12.58
C TRP A 72 -5.89 -1.69 13.80
N GLU A 73 -6.97 -2.46 13.74
CA GLU A 73 -7.36 -3.35 14.84
C GLU A 73 -6.72 -4.73 14.69
N ARG A 74 -6.63 -5.20 13.44
CA ARG A 74 -6.10 -6.53 13.13
C ARG A 74 -4.57 -6.60 13.32
N TYR A 75 -3.86 -5.57 12.83
CA TYR A 75 -2.40 -5.58 12.86
C TYR A 75 -1.87 -4.25 13.45
N PRO A 76 -1.98 -4.06 14.79
CA PRO A 76 -1.58 -2.79 15.45
C PRO A 76 -0.06 -2.55 15.39
N GLN A 77 0.70 -3.57 15.01
CA GLN A 77 2.16 -3.45 14.86
C GLN A 77 2.54 -3.06 13.42
N LEU A 78 1.55 -3.07 12.52
CA LEU A 78 1.71 -2.58 11.14
C LEU A 78 2.79 -3.31 10.32
N ASP A 79 3.18 -4.51 10.76
CA ASP A 79 4.16 -5.33 10.02
C ASP A 79 3.55 -5.99 8.77
N VAL A 80 2.65 -5.29 8.09
CA VAL A 80 1.98 -5.82 6.89
C VAL A 80 2.01 -4.82 5.73
N VAL A 81 2.10 -5.31 4.51
CA VAL A 81 2.10 -4.45 3.32
C VAL A 81 0.70 -4.32 2.70
N VAL A 82 0.18 -3.11 2.68
CA VAL A 82 -1.15 -2.84 2.12
C VAL A 82 -1.04 -2.35 0.67
N ILE A 83 -1.80 -2.98 -0.23
CA ILE A 83 -1.80 -2.58 -1.65
C ILE A 83 -3.22 -2.22 -2.11
N VAL A 84 -3.36 -1.05 -2.75
CA VAL A 84 -4.65 -0.57 -3.23
C VAL A 84 -4.68 -0.45 -4.76
N THR A 85 -5.70 -1.02 -5.38
CA THR A 85 -5.82 -1.02 -6.84
C THR A 85 -6.44 0.28 -7.38
N THR A 86 -5.63 1.34 -7.41
CA THR A 86 -6.03 2.63 -7.99
C THR A 86 -4.91 3.68 -7.87
N ASP A 87 -4.99 4.73 -8.67
CA ASP A 87 -4.05 5.85 -8.61
C ASP A 87 -4.78 7.14 -8.18
N ASP A 88 -6.07 7.00 -7.87
CA ASP A 88 -6.95 8.15 -7.65
C ASP A 88 -6.53 9.02 -6.45
N LYS A 89 -6.57 10.34 -6.64
CA LYS A 89 -6.21 11.32 -5.60
C LYS A 89 -6.97 11.09 -4.29
N GLU A 90 -8.28 10.86 -4.39
CA GLU A 90 -9.13 10.77 -3.20
C GLU A 90 -8.89 9.47 -2.41
N TRP A 91 -8.57 8.39 -3.11
CA TRP A 91 -8.26 7.12 -2.44
C TRP A 91 -6.94 7.20 -1.66
N ILE A 92 -5.93 7.84 -2.26
CA ILE A 92 -4.66 8.08 -1.56
C ILE A 92 -4.86 9.07 -0.40
N LYS A 93 -5.70 10.07 -0.64
CA LYS A 93 -6.00 11.12 0.34
C LYS A 93 -6.75 10.56 1.57
N ASP A 94 -7.87 9.87 1.33
CA ASP A 94 -8.65 9.25 2.42
C ASP A 94 -7.80 8.30 3.29
N PHE A 95 -6.94 7.51 2.65
CA PHE A 95 -6.06 6.58 3.38
C PHE A 95 -5.21 7.33 4.43
N ILE A 96 -4.56 8.41 4.00
CA ILE A 96 -3.73 9.21 4.88
C ILE A 96 -4.55 9.84 6.03
N GLU A 97 -5.73 10.38 5.71
CA GLU A 97 -6.58 11.01 6.72
C GLU A 97 -6.92 10.06 7.88
N GLU A 98 -7.44 8.87 7.55
CA GLU A 98 -7.77 7.88 8.58
C GLU A 98 -6.53 7.49 9.41
N ALA A 99 -5.38 7.38 8.76
CA ALA A 99 -4.12 7.10 9.46
C ALA A 99 -3.76 8.22 10.44
N LYS A 100 -3.78 9.46 9.95
CA LYS A 100 -3.53 10.65 10.79
C LYS A 100 -4.53 10.72 11.96
N GLU A 101 -5.77 10.31 11.68
CA GLU A 101 -6.83 10.26 12.70
C GLU A 101 -6.47 9.27 13.82
N ARG A 102 -5.77 8.19 13.47
CA ARG A 102 -5.28 7.22 14.46
C ARG A 102 -3.90 7.61 15.02
N GLY A 103 -3.36 8.72 14.54
CA GLY A 103 -2.08 9.22 15.04
C GLY A 103 -0.87 8.36 14.63
N VAL A 104 -0.98 7.68 13.49
CA VAL A 104 0.12 6.83 12.99
C VAL A 104 0.87 7.48 11.82
N GLU A 105 2.02 6.92 11.48
CA GLU A 105 2.84 7.42 10.37
C GLU A 105 2.53 6.63 9.08
N VAL A 106 2.66 7.29 7.93
CA VAL A 106 2.26 6.70 6.64
C VAL A 106 3.43 6.61 5.65
N PHE A 107 3.43 5.56 4.83
CA PHE A 107 4.42 5.42 3.75
C PHE A 107 3.69 5.06 2.44
N VAL A 108 3.58 6.04 1.53
CA VAL A 108 2.79 5.89 0.31
C VAL A 108 3.68 5.80 -0.94
N VAL A 109 3.61 4.67 -1.65
CA VAL A 109 4.33 4.48 -2.92
C VAL A 109 3.36 4.14 -4.05
N TYR A 110 3.30 4.99 -5.08
CA TYR A 110 2.36 4.79 -6.20
C TYR A 110 3.01 4.99 -7.58
N ASN A 111 2.50 4.26 -8.57
CA ASN A 111 3.05 4.24 -9.92
C ASN A 111 2.27 5.15 -10.89
N ASN A 112 2.99 5.92 -11.70
CA ASN A 112 2.40 6.76 -12.75
C ASN A 112 3.48 7.17 -13.77
N LYS A 113 3.18 7.03 -15.06
CA LYS A 113 4.16 7.31 -16.12
C LYS A 113 4.54 8.80 -16.21
N ASP A 114 3.56 9.69 -15.99
CA ASP A 114 3.80 11.13 -16.11
C ASP A 114 4.47 11.70 -14.85
N ASP A 115 5.47 12.55 -15.04
CA ASP A 115 6.23 13.10 -13.92
C ASP A 115 5.52 14.31 -13.27
N ASP A 116 4.95 15.21 -14.09
CA ASP A 116 4.24 16.39 -13.56
C ASP A 116 3.12 16.00 -12.58
N ARG A 117 2.31 15.03 -12.98
CA ARG A 117 1.27 14.47 -12.11
C ARG A 117 1.88 13.96 -10.78
N ARG A 118 3.07 13.38 -10.88
CA ARG A 118 3.78 12.87 -9.70
C ARG A 118 4.40 14.01 -8.87
N LYS A 119 4.83 15.08 -9.53
CA LYS A 119 5.43 16.23 -8.84
C LYS A 119 4.38 16.94 -7.96
N GLU A 120 3.23 17.24 -8.55
CA GLU A 120 2.13 17.86 -7.80
C GLU A 120 1.63 16.94 -6.68
N ALA A 121 1.59 15.64 -6.96
CA ALA A 121 1.14 14.64 -5.99
C ALA A 121 2.09 14.57 -4.78
N GLN A 122 3.40 14.62 -5.04
CA GLN A 122 4.40 14.62 -3.96
C GLN A 122 4.28 15.88 -3.09
N GLN A 123 3.60 16.90 -3.61
CA GLN A 123 3.29 18.10 -2.81
C GLN A 123 1.96 17.93 -2.07
N GLU A 124 0.95 17.45 -2.79
CA GLU A 124 -0.41 17.27 -2.25
C GLU A 124 -0.43 16.35 -1.02
N PHE A 125 0.14 15.16 -1.15
CA PHE A 125 0.04 14.13 -0.10
C PHE A 125 1.21 14.19 0.91
N ARG A 126 2.14 15.13 0.72
CA ARG A 126 3.31 15.22 1.59
C ARG A 126 2.95 15.84 2.94
N SER A 127 2.47 15.01 3.87
CA SER A 127 2.09 15.47 5.21
C SER A 127 3.09 15.02 6.28
N ASP A 128 2.88 15.48 7.50
CA ASP A 128 3.75 15.14 8.64
C ASP A 128 3.81 13.63 8.89
N GLY A 129 5.00 13.04 8.71
CA GLY A 129 5.19 11.61 8.91
C GLY A 129 4.67 10.75 7.77
N VAL A 130 4.61 11.33 6.56
CA VAL A 130 4.13 10.60 5.37
C VAL A 130 5.19 10.59 4.25
N ASP A 131 5.74 9.42 3.96
CA ASP A 131 6.71 9.26 2.87
C ASP A 131 6.00 9.10 1.51
N VAL A 132 5.99 10.16 0.71
CA VAL A 132 5.36 10.12 -0.61
C VAL A 132 6.41 9.81 -1.70
N ARG A 133 6.36 8.59 -2.23
CA ARG A 133 7.31 8.15 -3.26
C ARG A 133 6.60 7.86 -4.58
N THR A 134 7.11 8.41 -5.68
CA THR A 134 6.48 8.23 -6.99
C THR A 134 7.43 7.56 -8.00
N VAL A 135 6.91 6.60 -8.75
CA VAL A 135 7.70 5.87 -9.76
C VAL A 135 6.95 5.76 -11.10
N SER A 136 7.70 5.73 -12.19
CA SER A 136 7.12 5.54 -13.53
C SER A 136 7.21 4.08 -13.96
N ASP A 137 8.27 3.41 -13.51
CA ASP A 137 8.53 2.01 -13.89
C ASP A 137 7.96 1.02 -12.85
N LYS A 138 7.89 -0.26 -13.23
CA LYS A 138 7.47 -1.32 -12.33
C LYS A 138 8.55 -1.59 -11.26
N GLU A 139 9.76 -1.91 -11.71
CA GLU A 139 10.86 -2.30 -10.81
C GLU A 139 11.23 -1.16 -9.86
N GLU A 140 11.08 0.09 -10.31
CA GLU A 140 11.26 1.25 -9.42
C GLU A 140 10.37 1.13 -8.19
N LEU A 141 9.13 0.69 -8.40
CA LEU A 141 8.18 0.47 -7.31
C LEU A 141 8.67 -0.67 -6.41
N ILE A 142 9.14 -1.74 -7.05
CA ILE A 142 9.70 -2.89 -6.33
C ILE A 142 10.87 -2.46 -5.42
N GLU A 143 11.70 -1.52 -5.90
CA GLU A 143 12.80 -0.97 -5.10
C GLU A 143 12.31 -0.50 -3.73
N GLN A 144 11.27 0.34 -3.74
CA GLN A 144 10.70 0.88 -2.50
C GLN A 144 10.25 -0.25 -1.55
N VAL A 145 9.60 -1.27 -2.10
CA VAL A 145 9.13 -2.41 -1.30
C VAL A 145 10.30 -3.12 -0.59
N ARG A 146 11.38 -3.38 -1.32
CA ARG A 146 12.56 -4.05 -0.76
C ARG A 146 13.21 -3.16 0.32
N ARG A 147 13.29 -1.87 0.06
CA ARG A 147 13.85 -0.90 1.01
C ARG A 147 13.00 -0.82 2.30
N PHE A 148 11.68 -0.99 2.15
CA PHE A 148 10.78 -1.04 3.31
C PHE A 148 11.12 -2.21 4.23
N VAL A 149 11.29 -3.39 3.64
CA VAL A 149 11.69 -4.59 4.39
C VAL A 149 12.99 -4.35 5.18
N ARG A 150 13.85 -3.49 4.64
CA ARG A 150 15.11 -3.16 5.29
C ARG A 150 14.92 -2.22 6.50
N LYS A 151 14.16 -1.13 6.33
CA LYS A 151 13.95 -0.17 7.42
C LYS A 151 13.18 -0.81 8.61
N VAL A 152 12.25 -1.72 8.32
CA VAL A 152 11.56 -2.47 9.39
C VAL A 152 12.41 -3.67 9.85
N GLY A 153 13.21 -4.22 8.93
CA GLY A 153 14.09 -5.33 9.27
C GLY A 153 15.43 -4.87 9.83
N SER A 154 15.51 -3.59 10.23
CA SER A 154 16.73 -3.02 10.85
C SER A 154 16.88 -3.48 12.30
N LEU A 155 16.75 -4.78 12.51
CA LEU A 155 16.84 -5.41 13.84
C LEU A 155 17.68 -6.69 13.74
N GLU A 156 17.40 -7.68 14.59
CA GLU A 156 18.02 -9.00 14.48
C GLU A 156 17.62 -9.71 13.16
N HIS A 157 16.47 -9.29 12.60
CA HIS A 157 15.93 -9.82 11.33
C HIS A 157 16.21 -11.33 11.12
N HIS A 158 15.48 -12.18 11.83
CA HIS A 158 15.69 -13.64 11.75
C HIS A 158 14.78 -14.31 10.69
N HIS A 159 14.50 -13.61 9.59
CA HIS A 159 13.78 -14.22 8.47
C HIS A 159 14.61 -15.36 7.84
N HIS A 160 15.92 -15.15 7.77
CA HIS A 160 16.87 -16.19 7.32
C HIS A 160 18.29 -15.89 7.83
N HIS A 161 18.49 -16.12 9.13
CA HIS A 161 19.76 -15.82 9.80
C HIS A 161 19.82 -16.45 11.21
N HIS A 162 20.49 -17.59 11.32
CA HIS A 162 20.63 -18.29 12.62
C HIS A 162 21.71 -17.64 13.51
N MET A 1 8.24 3.02 15.94
CA MET A 1 7.74 3.45 14.60
C MET A 1 6.40 2.76 14.28
N SER A 2 5.30 3.47 14.46
CA SER A 2 3.98 2.96 14.06
C SER A 2 3.59 3.51 12.69
N GLN A 3 4.20 2.94 11.65
CA GLN A 3 3.99 3.41 10.28
C GLN A 3 3.35 2.33 9.40
N ILE A 4 2.44 2.75 8.53
CA ILE A 4 1.75 1.82 7.63
C ILE A 4 2.16 2.08 6.16
N PHE A 5 2.59 1.01 5.49
CA PHE A 5 3.06 1.09 4.11
C PHE A 5 1.92 0.74 3.13
N VAL A 6 1.66 1.64 2.17
CA VAL A 6 0.58 1.43 1.20
C VAL A 6 1.04 1.73 -0.24
N VAL A 7 0.68 0.84 -1.17
CA VAL A 7 1.00 1.01 -2.58
C VAL A 7 -0.27 1.12 -3.44
N PHE A 8 -0.45 2.26 -4.10
CA PHE A 8 -1.57 2.44 -5.02
C PHE A 8 -1.10 2.19 -6.46
N SER A 9 -1.75 1.28 -7.17
CA SER A 9 -1.37 0.93 -8.54
C SER A 9 -2.58 0.77 -9.45
N SER A 10 -2.44 1.24 -10.69
CA SER A 10 -3.51 1.12 -11.70
C SER A 10 -3.42 -0.20 -12.47
N ASP A 11 -2.28 -0.88 -12.35
CA ASP A 11 -2.02 -2.11 -13.11
C ASP A 11 -1.98 -3.36 -12.22
N PRO A 12 -2.92 -4.31 -12.40
CA PRO A 12 -2.94 -5.57 -11.64
C PRO A 12 -1.70 -6.45 -11.92
N GLU A 13 -1.14 -6.31 -13.13
CA GLU A 13 0.06 -7.07 -13.51
C GLU A 13 1.29 -6.63 -12.69
N ILE A 14 1.30 -5.36 -12.27
CA ILE A 14 2.40 -4.84 -11.45
C ILE A 14 2.18 -5.26 -9.99
N LEU A 15 0.92 -5.16 -9.56
CA LEU A 15 0.50 -5.63 -8.25
C LEU A 15 0.88 -7.12 -8.05
N LYS A 16 0.67 -7.94 -9.08
CA LYS A 16 1.09 -9.35 -9.06
C LYS A 16 2.60 -9.48 -8.73
N GLU A 17 3.42 -8.67 -9.40
CA GLU A 17 4.87 -8.72 -9.22
C GLU A 17 5.30 -8.16 -7.85
N ILE A 18 4.51 -7.25 -7.30
CA ILE A 18 4.75 -6.77 -5.93
C ILE A 18 4.50 -7.89 -4.92
N VAL A 19 3.36 -8.58 -5.07
CA VAL A 19 2.97 -9.68 -4.18
C VAL A 19 4.06 -10.77 -4.10
N ARG A 20 4.52 -11.25 -5.26
CA ARG A 20 5.55 -12.31 -5.29
C ARG A 20 6.78 -11.92 -4.44
N GLU A 21 7.16 -10.64 -4.51
CA GLU A 21 8.27 -10.14 -3.70
C GLU A 21 7.91 -10.13 -2.21
N ILE A 22 6.79 -9.49 -1.85
CA ILE A 22 6.36 -9.42 -0.44
C ILE A 22 6.42 -10.81 0.24
N LYS A 23 5.89 -11.82 -0.45
CA LYS A 23 5.89 -13.20 0.07
C LYS A 23 7.31 -13.73 0.27
N ARG A 24 8.25 -13.37 -0.61
CA ARG A 24 9.65 -13.79 -0.49
C ARG A 24 10.48 -12.82 0.37
N GLN A 25 9.91 -11.67 0.76
CA GLN A 25 10.60 -10.74 1.66
C GLN A 25 10.51 -11.21 3.12
N GLY A 26 9.44 -11.97 3.42
CA GLY A 26 9.16 -12.37 4.79
C GLY A 26 8.17 -11.43 5.48
N VAL A 27 7.34 -10.77 4.67
CA VAL A 27 6.37 -9.78 5.17
C VAL A 27 4.93 -10.17 4.77
N ARG A 28 3.97 -9.91 5.66
CA ARG A 28 2.57 -10.20 5.39
C ARG A 28 1.96 -9.16 4.42
N VAL A 29 1.10 -9.62 3.52
CA VAL A 29 0.54 -8.77 2.46
C VAL A 29 -0.98 -8.55 2.61
N VAL A 30 -1.40 -7.28 2.56
CA VAL A 30 -2.81 -6.90 2.63
C VAL A 30 -3.26 -6.20 1.33
N LEU A 31 -4.20 -6.79 0.61
CA LEU A 31 -4.66 -6.23 -0.66
C LEU A 31 -6.11 -5.72 -0.57
N LEU A 32 -6.31 -4.45 -0.94
CA LEU A 32 -7.64 -3.86 -1.05
C LEU A 32 -8.07 -3.82 -2.52
N TYR A 33 -8.87 -4.78 -2.94
CA TYR A 33 -9.19 -4.98 -4.35
C TYR A 33 -10.50 -4.27 -4.77
N SER A 34 -10.38 -3.25 -5.60
CA SER A 34 -11.55 -2.49 -6.09
C SER A 34 -11.80 -2.75 -7.59
N ASP A 35 -12.78 -3.60 -7.89
CA ASP A 35 -13.13 -3.91 -9.28
C ASP A 35 -14.59 -3.50 -9.59
N GLN A 36 -14.87 -3.29 -10.87
CA GLN A 36 -16.17 -2.76 -11.32
C GLN A 36 -17.31 -3.80 -11.24
N ASP A 37 -16.99 -5.07 -11.43
CA ASP A 37 -18.01 -6.13 -11.47
C ASP A 37 -17.93 -7.06 -10.24
N GLU A 38 -18.93 -7.91 -10.07
CA GLU A 38 -18.94 -8.90 -8.98
C GLU A 38 -18.10 -10.14 -9.34
N LYS A 39 -18.42 -10.74 -10.48
CA LYS A 39 -17.80 -12.00 -10.92
C LYS A 39 -16.33 -11.78 -11.32
N ARG A 40 -16.07 -10.71 -12.08
CA ARG A 40 -14.70 -10.38 -12.48
C ARG A 40 -13.82 -10.08 -11.25
N ARG A 41 -14.39 -9.32 -10.32
CA ARG A 41 -13.71 -9.01 -9.05
C ARG A 41 -13.22 -10.29 -8.35
N ARG A 42 -14.14 -11.22 -8.10
CA ARG A 42 -13.82 -12.49 -7.45
C ARG A 42 -12.73 -13.26 -8.22
N GLU A 43 -12.95 -13.41 -9.53
CA GLU A 43 -12.02 -14.14 -10.40
C GLU A 43 -10.59 -13.55 -10.34
N ARG A 44 -10.50 -12.24 -10.27
CA ARG A 44 -9.20 -11.55 -10.25
C ARG A 44 -8.51 -11.65 -8.87
N LEU A 45 -9.24 -11.36 -7.80
CA LEU A 45 -8.67 -11.42 -6.44
C LEU A 45 -8.34 -12.88 -6.05
N GLU A 46 -9.04 -13.83 -6.65
CA GLU A 46 -8.78 -15.26 -6.45
C GLU A 46 -7.31 -15.61 -6.73
N GLU A 47 -6.73 -14.93 -7.72
CA GLU A 47 -5.31 -15.06 -8.04
C GLU A 47 -4.43 -14.86 -6.80
N PHE A 48 -4.80 -13.88 -5.99
CA PHE A 48 -4.02 -13.52 -4.81
C PHE A 48 -4.39 -14.36 -3.58
N GLU A 49 -5.66 -14.75 -3.48
CA GLU A 49 -6.11 -15.62 -2.37
C GLU A 49 -5.29 -16.93 -2.35
N LYS A 50 -5.18 -17.57 -3.51
CA LYS A 50 -4.45 -18.83 -3.64
C LYS A 50 -2.94 -18.65 -3.36
N GLN A 51 -2.45 -17.41 -3.46
CA GLN A 51 -1.04 -17.10 -3.17
C GLN A 51 -0.82 -16.75 -1.69
N GLY A 52 -1.90 -16.74 -0.91
CA GLY A 52 -1.79 -16.41 0.51
C GLY A 52 -1.70 -14.90 0.77
N VAL A 53 -2.72 -14.16 0.33
CA VAL A 53 -2.77 -12.71 0.51
C VAL A 53 -4.01 -12.27 1.30
N ASP A 54 -3.84 -11.35 2.24
CA ASP A 54 -4.98 -10.80 2.99
C ASP A 54 -5.81 -9.85 2.09
N VAL A 55 -6.64 -10.44 1.23
CA VAL A 55 -7.43 -9.66 0.26
C VAL A 55 -8.80 -9.26 0.81
N ARG A 56 -9.13 -7.98 0.68
CA ARG A 56 -10.46 -7.47 1.03
C ARG A 56 -11.03 -6.69 -0.16
N THR A 57 -12.34 -6.75 -0.37
CA THR A 57 -12.97 -6.07 -1.51
C THR A 57 -13.42 -4.64 -1.15
N VAL A 58 -13.16 -3.70 -2.06
CA VAL A 58 -13.65 -2.33 -1.93
C VAL A 58 -14.35 -1.86 -3.21
N GLU A 59 -15.06 -0.75 -3.10
CA GLU A 59 -15.90 -0.25 -4.21
C GLU A 59 -15.96 1.29 -4.23
N ASP A 60 -16.12 1.90 -3.05
CA ASP A 60 -16.20 3.36 -2.95
C ASP A 60 -15.26 3.89 -1.86
N LYS A 61 -15.44 5.15 -1.46
CA LYS A 61 -14.54 5.80 -0.50
C LYS A 61 -14.84 5.35 0.94
N GLU A 62 -16.12 5.25 1.26
CA GLU A 62 -16.57 4.85 2.60
C GLU A 62 -16.18 3.40 2.90
N ASP A 63 -16.40 2.49 1.95
CA ASP A 63 -16.01 1.09 2.12
C ASP A 63 -14.48 0.97 2.15
N PHE A 64 -13.81 1.86 1.41
CA PHE A 64 -12.34 1.92 1.40
C PHE A 64 -11.78 2.14 2.81
N ARG A 65 -12.13 3.26 3.44
CA ARG A 65 -11.68 3.57 4.80
C ARG A 65 -12.11 2.48 5.80
N GLU A 66 -13.29 1.91 5.61
CA GLU A 66 -13.77 0.81 6.47
C GLU A 66 -12.77 -0.37 6.49
N ASN A 67 -12.34 -0.82 5.31
CA ASN A 67 -11.33 -1.89 5.22
C ASN A 67 -9.98 -1.45 5.83
N ILE A 68 -9.68 -0.16 5.74
CA ILE A 68 -8.48 0.40 6.38
C ILE A 68 -8.60 0.33 7.91
N ARG A 69 -9.79 0.63 8.42
CA ARG A 69 -10.06 0.63 9.86
C ARG A 69 -9.87 -0.77 10.47
N GLU A 70 -10.05 -1.81 9.65
CA GLU A 70 -9.77 -3.18 10.09
C GLU A 70 -8.28 -3.34 10.43
N ILE A 71 -7.42 -2.78 9.59
CA ILE A 71 -5.96 -2.90 9.73
C ILE A 71 -5.48 -2.51 11.14
N TRP A 72 -6.03 -1.42 11.67
CA TRP A 72 -5.64 -0.91 12.99
C TRP A 72 -5.91 -1.95 14.10
N GLU A 73 -6.99 -2.71 13.96
CA GLU A 73 -7.36 -3.75 14.93
C GLU A 73 -6.61 -5.06 14.64
N ARG A 74 -6.49 -5.39 13.35
CA ARG A 74 -5.85 -6.63 12.90
C ARG A 74 -4.38 -6.71 13.30
N TYR A 75 -3.60 -5.70 12.92
CA TYR A 75 -2.13 -5.76 13.03
C TYR A 75 -1.58 -4.67 13.98
N PRO A 76 -1.22 -5.06 15.22
CA PRO A 76 -0.68 -4.12 16.22
C PRO A 76 0.66 -3.47 15.82
N GLN A 77 1.60 -4.25 15.28
CA GLN A 77 2.93 -3.75 14.91
C GLN A 77 2.93 -3.14 13.48
N LEU A 78 1.90 -3.48 12.69
CA LEU A 78 1.75 -2.97 11.32
C LEU A 78 2.80 -3.55 10.36
N ASP A 79 3.18 -4.82 10.57
CA ASP A 79 4.19 -5.49 9.73
C ASP A 79 3.62 -5.94 8.38
N VAL A 80 2.69 -5.16 7.82
CA VAL A 80 1.98 -5.58 6.60
C VAL A 80 2.12 -4.56 5.44
N VAL A 81 2.24 -5.08 4.22
CA VAL A 81 2.24 -4.24 3.02
C VAL A 81 0.83 -4.11 2.43
N VAL A 82 0.24 -2.94 2.55
CA VAL A 82 -1.11 -2.70 2.02
C VAL A 82 -1.06 -2.21 0.57
N ILE A 83 -1.77 -2.89 -0.32
CA ILE A 83 -1.83 -2.50 -1.74
C ILE A 83 -3.27 -2.21 -2.17
N VAL A 84 -3.49 -1.09 -2.86
CA VAL A 84 -4.83 -0.72 -3.34
C VAL A 84 -4.85 -0.57 -4.86
N THR A 85 -5.87 -1.14 -5.50
CA THR A 85 -5.97 -1.13 -6.98
C THR A 85 -6.62 0.17 -7.50
N THR A 86 -5.87 1.27 -7.44
CA THR A 86 -6.33 2.56 -7.97
C THR A 86 -5.22 3.62 -7.89
N ASP A 87 -5.35 4.66 -8.70
CA ASP A 87 -4.40 5.79 -8.69
C ASP A 87 -5.11 7.10 -8.32
N ASP A 88 -6.37 6.99 -7.90
CA ASP A 88 -7.21 8.17 -7.66
C ASP A 88 -6.72 9.01 -6.46
N LYS A 89 -6.73 10.34 -6.63
CA LYS A 89 -6.25 11.27 -5.61
C LYS A 89 -7.06 11.18 -4.31
N GLU A 90 -8.39 11.09 -4.44
CA GLU A 90 -9.27 11.09 -3.27
C GLU A 90 -9.06 9.84 -2.41
N TRP A 91 -8.86 8.69 -3.06
CA TRP A 91 -8.57 7.44 -2.35
C TRP A 91 -7.22 7.53 -1.61
N ILE A 92 -6.18 8.02 -2.30
CA ILE A 92 -4.86 8.21 -1.68
C ILE A 92 -4.95 9.16 -0.48
N LYS A 93 -5.68 10.26 -0.66
CA LYS A 93 -5.87 11.27 0.39
C LYS A 93 -6.66 10.70 1.59
N ASP A 94 -7.74 9.97 1.29
CA ASP A 94 -8.63 9.42 2.32
C ASP A 94 -7.86 8.43 3.22
N PHE A 95 -7.01 7.61 2.60
CA PHE A 95 -6.14 6.69 3.34
C PHE A 95 -5.30 7.44 4.40
N ILE A 96 -4.67 8.54 3.97
CA ILE A 96 -3.86 9.37 4.87
C ILE A 96 -4.71 9.99 5.98
N GLU A 97 -5.89 10.49 5.62
CA GLU A 97 -6.82 11.08 6.59
C GLU A 97 -7.09 10.13 7.77
N GLU A 98 -7.61 8.94 7.47
CA GLU A 98 -7.87 7.92 8.50
C GLU A 98 -6.63 7.61 9.35
N ALA A 99 -5.48 7.43 8.70
CA ALA A 99 -4.24 7.14 9.40
C ALA A 99 -3.86 8.25 10.40
N LYS A 100 -3.92 9.51 9.94
CA LYS A 100 -3.58 10.64 10.81
C LYS A 100 -4.63 10.84 11.91
N GLU A 101 -5.86 10.43 11.64
CA GLU A 101 -6.91 10.38 12.68
C GLU A 101 -6.54 9.40 13.79
N ARG A 102 -5.84 8.32 13.43
CA ARG A 102 -5.31 7.36 14.41
C ARG A 102 -4.01 7.86 15.05
N GLY A 103 -3.36 8.84 14.41
CA GLY A 103 -2.08 9.35 14.89
C GLY A 103 -0.92 8.44 14.52
N VAL A 104 -1.03 7.74 13.39
CA VAL A 104 0.01 6.82 12.93
C VAL A 104 0.76 7.38 11.70
N GLU A 105 2.02 6.97 11.55
CA GLU A 105 2.85 7.39 10.42
C GLU A 105 2.45 6.66 9.14
N VAL A 106 2.59 7.32 7.99
CA VAL A 106 2.16 6.74 6.71
C VAL A 106 3.30 6.71 5.69
N PHE A 107 3.29 5.69 4.83
CA PHE A 107 4.25 5.59 3.72
C PHE A 107 3.50 5.24 2.42
N VAL A 108 3.32 6.24 1.56
CA VAL A 108 2.53 6.08 0.33
C VAL A 108 3.41 6.00 -0.92
N VAL A 109 3.31 4.88 -1.64
CA VAL A 109 4.02 4.71 -2.91
C VAL A 109 3.02 4.35 -4.03
N TYR A 110 2.71 5.30 -4.91
CA TYR A 110 1.74 5.03 -5.99
C TYR A 110 2.37 5.12 -7.39
N ASN A 111 1.91 4.23 -8.27
CA ASN A 111 2.39 4.16 -9.65
C ASN A 111 1.42 4.83 -10.63
N ASN A 112 1.96 5.55 -11.59
CA ASN A 112 1.18 6.08 -12.70
C ASN A 112 2.12 6.48 -13.85
N LYS A 113 1.59 6.49 -15.07
CA LYS A 113 2.43 6.60 -16.27
C LYS A 113 2.90 8.03 -16.57
N ASP A 114 3.10 8.83 -15.52
CA ASP A 114 3.69 10.17 -15.66
C ASP A 114 4.62 10.48 -14.48
N ASP A 115 5.47 11.48 -14.64
CA ASP A 115 6.30 11.97 -13.53
C ASP A 115 5.98 13.45 -13.22
N ASP A 116 5.37 14.14 -14.20
CA ASP A 116 5.01 15.55 -14.07
C ASP A 116 3.96 15.77 -12.96
N ARG A 117 2.85 15.07 -13.07
CA ARG A 117 1.74 15.19 -12.10
C ARG A 117 2.09 14.48 -10.78
N ARG A 118 2.96 13.46 -10.87
CA ARG A 118 3.40 12.71 -9.69
C ARG A 118 4.27 13.58 -8.76
N LYS A 119 5.34 14.17 -9.30
CA LYS A 119 6.30 14.94 -8.52
C LYS A 119 5.62 16.09 -7.73
N GLU A 120 4.75 16.84 -8.41
CA GLU A 120 4.02 17.94 -7.75
C GLU A 120 3.12 17.40 -6.62
N ALA A 121 2.53 16.23 -6.84
CA ALA A 121 1.65 15.61 -5.86
C ALA A 121 2.40 15.23 -4.58
N GLN A 122 3.67 14.80 -4.73
CA GLN A 122 4.53 14.49 -3.58
C GLN A 122 4.60 15.66 -2.59
N GLN A 123 4.51 16.88 -3.13
CA GLN A 123 4.57 18.10 -2.32
C GLN A 123 3.29 18.30 -1.51
N GLU A 124 2.14 17.94 -2.09
CA GLU A 124 0.83 18.17 -1.48
C GLU A 124 0.46 17.06 -0.46
N PHE A 125 0.69 15.81 -0.84
CA PHE A 125 0.30 14.66 0.00
C PHE A 125 1.35 14.36 1.10
N ARG A 126 2.34 15.24 1.25
CA ARG A 126 3.39 15.03 2.26
C ARG A 126 2.93 15.55 3.64
N SER A 127 2.15 14.75 4.35
CA SER A 127 1.68 15.12 5.69
C SER A 127 2.74 14.85 6.76
N ASP A 128 2.50 15.36 7.97
CA ASP A 128 3.43 15.17 9.10
C ASP A 128 3.67 13.68 9.40
N GLY A 129 4.89 13.21 9.17
CA GLY A 129 5.22 11.80 9.36
C GLY A 129 4.70 10.91 8.24
N VAL A 130 4.69 11.42 7.01
CA VAL A 130 4.24 10.65 5.85
C VAL A 130 5.30 10.64 4.73
N ASP A 131 5.86 9.46 4.45
CA ASP A 131 6.81 9.27 3.35
C ASP A 131 6.07 9.10 2.01
N VAL A 132 6.29 10.01 1.07
CA VAL A 132 5.59 9.96 -0.24
C VAL A 132 6.57 9.67 -1.40
N ARG A 133 6.42 8.50 -2.02
CA ARG A 133 7.26 8.10 -3.16
C ARG A 133 6.40 7.82 -4.40
N THR A 134 6.86 8.28 -5.56
CA THR A 134 6.08 8.18 -6.80
C THR A 134 6.93 7.62 -7.95
N VAL A 135 6.37 6.64 -8.67
CA VAL A 135 7.08 5.99 -9.78
C VAL A 135 6.19 5.77 -11.00
N SER A 136 6.80 5.64 -12.18
CA SER A 136 6.08 5.33 -13.43
C SER A 136 6.34 3.88 -13.85
N ASP A 137 7.58 3.43 -13.67
CA ASP A 137 7.99 2.07 -14.07
C ASP A 137 7.68 1.04 -12.98
N LYS A 138 7.69 -0.23 -13.37
CA LYS A 138 7.41 -1.35 -12.46
C LYS A 138 8.56 -1.59 -11.47
N GLU A 139 9.79 -1.70 -11.98
CA GLU A 139 10.96 -1.96 -11.13
C GLU A 139 11.07 -0.91 -10.01
N GLU A 140 10.98 0.37 -10.38
CA GLU A 140 11.06 1.48 -9.44
C GLU A 140 10.05 1.31 -8.28
N LEU A 141 8.91 0.68 -8.56
CA LEU A 141 7.91 0.41 -7.53
C LEU A 141 8.39 -0.73 -6.62
N ILE A 142 8.81 -1.83 -7.24
CA ILE A 142 9.30 -3.01 -6.49
C ILE A 142 10.43 -2.60 -5.53
N GLU A 143 11.38 -1.81 -6.03
CA GLU A 143 12.50 -1.33 -5.22
C GLU A 143 12.02 -0.59 -3.95
N GLN A 144 10.98 0.22 -4.07
CA GLN A 144 10.40 0.91 -2.90
C GLN A 144 9.84 -0.10 -1.88
N VAL A 145 9.11 -1.10 -2.38
CA VAL A 145 8.58 -2.16 -1.53
C VAL A 145 9.71 -2.92 -0.81
N ARG A 146 10.79 -3.19 -1.54
CA ARG A 146 11.98 -3.83 -0.97
C ARG A 146 12.63 -2.92 0.08
N ARG A 147 12.69 -1.62 -0.22
CA ARG A 147 13.23 -0.63 0.73
C ARG A 147 12.42 -0.55 2.02
N PHE A 148 11.10 -0.77 1.92
CA PHE A 148 10.26 -0.90 3.11
C PHE A 148 10.76 -2.06 3.99
N VAL A 149 10.98 -3.21 3.36
CA VAL A 149 11.54 -4.37 4.07
C VAL A 149 12.96 -4.06 4.60
N ARG A 150 13.71 -3.23 3.89
CA ARG A 150 15.05 -2.84 4.33
C ARG A 150 15.01 -1.89 5.54
N LYS A 151 13.96 -1.07 5.67
CA LYS A 151 13.84 -0.13 6.79
C LYS A 151 13.18 -0.76 8.03
N VAL A 152 12.27 -1.72 7.83
CA VAL A 152 11.59 -2.39 8.95
C VAL A 152 12.14 -3.81 9.23
N GLY A 153 12.90 -4.34 8.27
CA GLY A 153 13.43 -5.70 8.41
C GLY A 153 14.88 -5.75 8.87
N SER A 154 15.47 -4.60 9.16
CA SER A 154 16.84 -4.55 9.69
C SER A 154 16.90 -5.03 11.14
N LEU A 155 16.65 -6.32 11.35
CA LEU A 155 16.61 -6.90 12.69
C LEU A 155 17.99 -7.41 13.15
N GLU A 156 18.02 -8.02 14.33
CA GLU A 156 19.28 -8.42 14.97
C GLU A 156 19.95 -9.60 14.24
N HIS A 157 20.79 -9.27 13.26
CA HIS A 157 21.59 -10.30 12.55
C HIS A 157 22.80 -9.67 11.84
N HIS A 158 23.98 -10.26 12.05
CA HIS A 158 25.20 -9.83 11.38
C HIS A 158 25.68 -10.88 10.36
N HIS A 159 25.85 -10.48 9.10
CA HIS A 159 26.31 -11.40 8.06
C HIS A 159 27.70 -11.99 8.39
N HIS A 160 28.53 -11.18 9.03
CA HIS A 160 29.87 -11.60 9.42
C HIS A 160 30.45 -10.63 10.46
N HIS A 161 30.75 -9.41 10.02
CA HIS A 161 31.23 -8.32 10.88
C HIS A 161 31.23 -7.01 10.07
N HIS A 162 31.76 -7.09 8.85
CA HIS A 162 31.73 -5.97 7.89
C HIS A 162 31.15 -6.42 6.53
N MET A 1 8.73 5.56 14.49
CA MET A 1 8.93 4.32 13.71
C MET A 1 7.62 3.52 13.52
N SER A 2 6.51 4.06 14.03
CA SER A 2 5.20 3.41 13.86
C SER A 2 4.62 3.78 12.49
N GLN A 3 5.06 3.06 11.47
CA GLN A 3 4.76 3.44 10.08
C GLN A 3 4.03 2.31 9.31
N ILE A 4 3.07 2.69 8.48
CA ILE A 4 2.33 1.73 7.64
C ILE A 4 2.64 1.96 6.15
N PHE A 5 2.83 0.86 5.42
CA PHE A 5 3.23 0.92 4.00
C PHE A 5 2.03 0.69 3.07
N VAL A 6 1.90 1.51 2.03
CA VAL A 6 0.81 1.38 1.07
C VAL A 6 1.26 1.67 -0.37
N VAL A 7 0.74 0.88 -1.32
CA VAL A 7 1.04 1.06 -2.75
C VAL A 7 -0.24 1.27 -3.55
N PHE A 8 -0.29 2.34 -4.35
CA PHE A 8 -1.44 2.56 -5.25
C PHE A 8 -1.03 2.35 -6.71
N SER A 9 -1.68 1.41 -7.38
CA SER A 9 -1.41 1.14 -8.79
C SER A 9 -2.68 0.77 -9.55
N SER A 10 -2.91 1.38 -10.71
CA SER A 10 -4.03 1.01 -11.58
C SER A 10 -3.61 -0.10 -12.56
N ASP A 11 -2.42 -0.67 -12.34
CA ASP A 11 -1.87 -1.71 -13.20
C ASP A 11 -1.70 -3.05 -12.44
N PRO A 12 -2.61 -4.02 -12.66
CA PRO A 12 -2.57 -5.33 -11.97
C PRO A 12 -1.26 -6.11 -12.23
N GLU A 13 -0.68 -5.92 -13.42
CA GLU A 13 0.56 -6.62 -13.79
C GLU A 13 1.74 -6.19 -12.92
N ILE A 14 1.63 -5.02 -12.29
CA ILE A 14 2.65 -4.54 -11.35
C ILE A 14 2.34 -5.04 -9.94
N LEU A 15 1.07 -4.96 -9.57
CA LEU A 15 0.56 -5.48 -8.30
C LEU A 15 0.97 -6.95 -8.08
N LYS A 16 0.83 -7.77 -9.13
CA LYS A 16 1.21 -9.20 -9.07
C LYS A 16 2.67 -9.37 -8.61
N GLU A 17 3.56 -8.57 -9.18
CA GLU A 17 4.99 -8.65 -8.88
C GLU A 17 5.29 -8.20 -7.44
N ILE A 18 4.53 -7.21 -6.95
CA ILE A 18 4.69 -6.74 -5.58
C ILE A 18 4.34 -7.86 -4.58
N VAL A 19 3.19 -8.48 -4.79
CA VAL A 19 2.71 -9.57 -3.92
C VAL A 19 3.72 -10.72 -3.79
N ARG A 20 4.20 -11.21 -4.94
CA ARG A 20 5.14 -12.34 -4.96
C ARG A 20 6.41 -12.02 -4.15
N GLU A 21 6.81 -10.74 -4.15
CA GLU A 21 7.94 -10.29 -3.34
C GLU A 21 7.59 -10.34 -1.85
N ILE A 22 6.52 -9.65 -1.47
CA ILE A 22 6.07 -9.61 -0.07
C ILE A 22 6.05 -11.00 0.58
N LYS A 23 5.52 -11.98 -0.15
CA LYS A 23 5.44 -13.36 0.35
C LYS A 23 6.84 -13.96 0.60
N ARG A 24 7.78 -13.71 -0.31
CA ARG A 24 9.13 -14.29 -0.20
C ARG A 24 9.93 -13.62 0.93
N GLN A 25 9.56 -12.39 1.28
CA GLN A 25 10.26 -11.62 2.30
C GLN A 25 9.77 -11.97 3.72
N GLY A 26 8.65 -12.68 3.80
CA GLY A 26 8.09 -13.07 5.08
C GLY A 26 7.17 -12.01 5.70
N VAL A 27 6.45 -11.28 4.85
CA VAL A 27 5.54 -10.22 5.29
C VAL A 27 4.09 -10.51 4.82
N ARG A 28 3.11 -10.04 5.58
CA ARG A 28 1.71 -10.20 5.21
C ARG A 28 1.24 -9.07 4.27
N VAL A 29 0.35 -9.40 3.34
CA VAL A 29 -0.09 -8.46 2.31
C VAL A 29 -1.63 -8.25 2.33
N VAL A 30 -2.06 -7.00 2.47
CA VAL A 30 -3.48 -6.64 2.45
C VAL A 30 -3.86 -6.00 1.10
N LEU A 31 -4.52 -6.77 0.24
CA LEU A 31 -4.91 -6.28 -1.09
C LEU A 31 -6.36 -5.78 -1.10
N LEU A 32 -6.55 -4.52 -1.47
CA LEU A 32 -7.88 -3.94 -1.61
C LEU A 32 -8.26 -3.84 -3.09
N TYR A 33 -9.04 -4.81 -3.55
CA TYR A 33 -9.34 -4.98 -4.98
C TYR A 33 -10.60 -4.19 -5.39
N SER A 34 -10.40 -3.15 -6.20
CA SER A 34 -11.50 -2.34 -6.72
C SER A 34 -11.81 -2.68 -8.18
N ASP A 35 -12.86 -3.46 -8.41
CA ASP A 35 -13.25 -3.88 -9.77
C ASP A 35 -14.76 -3.72 -10.00
N GLN A 36 -15.15 -3.55 -11.27
CA GLN A 36 -16.55 -3.33 -11.65
C GLN A 36 -17.42 -4.59 -11.42
N ASP A 37 -16.90 -5.74 -11.82
CA ASP A 37 -17.66 -7.01 -11.74
C ASP A 37 -17.63 -7.61 -10.33
N GLU A 38 -18.49 -8.59 -10.07
CA GLU A 38 -18.48 -9.35 -8.80
C GLU A 38 -17.91 -10.76 -9.01
N LYS A 39 -18.57 -11.53 -9.89
CA LYS A 39 -18.14 -12.91 -10.17
C LYS A 39 -16.78 -12.96 -10.86
N ARG A 40 -16.61 -12.14 -11.89
CA ARG A 40 -15.34 -12.00 -12.61
C ARG A 40 -14.25 -11.46 -11.67
N ARG A 41 -14.64 -10.50 -10.83
CA ARG A 41 -13.75 -9.94 -9.81
C ARG A 41 -13.11 -11.05 -8.95
N ARG A 42 -13.95 -11.94 -8.42
CA ARG A 42 -13.47 -13.07 -7.60
C ARG A 42 -12.47 -13.93 -8.38
N GLU A 43 -12.79 -14.24 -9.63
CA GLU A 43 -11.92 -15.03 -10.50
C GLU A 43 -10.52 -14.37 -10.65
N ARG A 44 -10.50 -13.04 -10.61
CA ARG A 44 -9.26 -12.27 -10.72
C ARG A 44 -8.47 -12.27 -9.39
N LEU A 45 -9.12 -11.82 -8.31
CA LEU A 45 -8.44 -11.66 -7.02
C LEU A 45 -8.16 -13.01 -6.30
N GLU A 46 -8.93 -14.05 -6.61
CA GLU A 46 -8.73 -15.38 -6.01
C GLU A 46 -7.29 -15.87 -6.24
N GLU A 47 -6.72 -15.51 -7.39
CA GLU A 47 -5.33 -15.88 -7.71
C GLU A 47 -4.38 -15.48 -6.58
N PHE A 48 -4.64 -14.34 -5.97
CA PHE A 48 -3.85 -13.87 -4.83
C PHE A 48 -4.29 -14.55 -3.53
N GLU A 49 -5.61 -14.75 -3.36
CA GLU A 49 -6.15 -15.41 -2.17
C GLU A 49 -5.49 -16.79 -1.95
N LYS A 50 -5.42 -17.59 -3.01
CA LYS A 50 -4.84 -18.94 -2.95
C LYS A 50 -3.32 -18.91 -2.73
N GLN A 51 -2.70 -17.75 -2.93
CA GLN A 51 -1.27 -17.58 -2.68
C GLN A 51 -1.00 -17.05 -1.26
N GLY A 52 -2.07 -16.78 -0.51
CA GLY A 52 -1.93 -16.32 0.88
C GLY A 52 -1.96 -14.79 1.01
N VAL A 53 -2.86 -14.14 0.27
CA VAL A 53 -2.98 -12.68 0.33
C VAL A 53 -4.29 -12.25 1.00
N ASP A 54 -4.20 -11.27 1.90
CA ASP A 54 -5.37 -10.74 2.61
C ASP A 54 -6.18 -9.81 1.68
N VAL A 55 -6.97 -10.39 0.79
CA VAL A 55 -7.72 -9.61 -0.21
C VAL A 55 -9.16 -9.29 0.23
N ARG A 56 -9.54 -8.02 0.13
CA ARG A 56 -10.93 -7.58 0.28
C ARG A 56 -11.34 -6.68 -0.89
N THR A 57 -12.64 -6.47 -1.06
CA THR A 57 -13.16 -5.68 -2.18
C THR A 57 -13.47 -4.23 -1.79
N VAL A 58 -13.18 -3.29 -2.69
CA VAL A 58 -13.50 -1.87 -2.49
C VAL A 58 -14.12 -1.24 -3.74
N GLU A 59 -15.00 -0.23 -3.54
CA GLU A 59 -15.64 0.48 -4.65
C GLU A 59 -15.61 2.02 -4.48
N ASP A 60 -15.52 2.49 -3.24
CA ASP A 60 -15.56 3.93 -2.96
C ASP A 60 -14.55 4.34 -1.87
N LYS A 61 -14.35 5.65 -1.71
CA LYS A 61 -13.44 6.18 -0.68
C LYS A 61 -13.88 5.70 0.71
N GLU A 62 -15.19 5.78 0.97
CA GLU A 62 -15.76 5.36 2.24
C GLU A 62 -15.66 3.83 2.42
N ASP A 63 -15.73 3.09 1.31
CA ASP A 63 -15.59 1.64 1.36
C ASP A 63 -14.11 1.26 1.53
N PHE A 64 -13.23 2.15 1.08
CA PHE A 64 -11.78 1.99 1.20
C PHE A 64 -11.29 2.22 2.65
N ARG A 65 -11.68 3.36 3.23
CA ARG A 65 -11.22 3.74 4.57
C ARG A 65 -11.60 2.71 5.65
N GLU A 66 -12.74 2.04 5.49
CA GLU A 66 -13.18 1.01 6.44
C GLU A 66 -12.20 -0.18 6.48
N ASN A 67 -11.70 -0.59 5.32
CA ASN A 67 -10.69 -1.67 5.24
C ASN A 67 -9.39 -1.25 5.97
N ILE A 68 -9.08 0.04 5.93
CA ILE A 68 -7.93 0.58 6.67
C ILE A 68 -8.16 0.45 8.19
N ARG A 69 -9.38 0.73 8.61
CA ARG A 69 -9.75 0.65 10.04
C ARG A 69 -9.72 -0.80 10.55
N GLU A 70 -9.76 -1.76 9.63
CA GLU A 70 -9.52 -3.17 9.97
C GLU A 70 -8.04 -3.39 10.36
N ILE A 71 -7.16 -2.71 9.64
CA ILE A 71 -5.71 -2.84 9.84
C ILE A 71 -5.29 -2.37 11.24
N TRP A 72 -5.77 -1.20 11.65
CA TRP A 72 -5.47 -0.67 12.99
C TRP A 72 -5.87 -1.68 14.09
N GLU A 73 -6.99 -2.37 13.86
CA GLU A 73 -7.52 -3.39 14.78
C GLU A 73 -6.67 -4.67 14.75
N ARG A 74 -6.47 -5.22 13.56
CA ARG A 74 -5.85 -6.55 13.38
C ARG A 74 -4.32 -6.53 13.54
N TYR A 75 -3.68 -5.44 13.10
CA TYR A 75 -2.20 -5.38 13.08
C TYR A 75 -1.67 -4.20 13.92
N PRO A 76 -1.26 -4.47 15.17
CA PRO A 76 -0.77 -3.42 16.10
C PRO A 76 0.55 -2.77 15.65
N GLN A 77 1.45 -3.56 15.06
CA GLN A 77 2.76 -3.06 14.65
C GLN A 77 2.77 -2.56 13.20
N LEU A 78 1.60 -2.58 12.54
CA LEU A 78 1.47 -2.13 11.14
C LEU A 78 2.39 -2.94 10.21
N ASP A 79 2.64 -4.20 10.60
CA ASP A 79 3.59 -5.09 9.93
C ASP A 79 3.03 -5.69 8.61
N VAL A 80 2.19 -4.93 7.91
CA VAL A 80 1.55 -5.43 6.68
C VAL A 80 1.69 -4.45 5.51
N VAL A 81 1.86 -5.01 4.31
CA VAL A 81 1.93 -4.21 3.08
C VAL A 81 0.54 -4.06 2.45
N VAL A 82 0.03 -2.83 2.39
CA VAL A 82 -1.29 -2.56 1.83
C VAL A 82 -1.20 -2.17 0.34
N ILE A 83 -1.91 -2.90 -0.52
CA ILE A 83 -1.91 -2.60 -1.95
C ILE A 83 -3.33 -2.29 -2.46
N VAL A 84 -3.46 -1.23 -3.24
CA VAL A 84 -4.75 -0.80 -3.78
C VAL A 84 -4.74 -0.74 -5.31
N THR A 85 -5.77 -1.28 -5.95
CA THR A 85 -5.81 -1.36 -7.43
C THR A 85 -6.33 -0.07 -8.07
N THR A 86 -5.79 1.07 -7.63
CA THR A 86 -6.14 2.39 -8.20
C THR A 86 -5.19 3.48 -7.70
N ASP A 87 -5.02 4.53 -8.48
CA ASP A 87 -4.16 5.66 -8.11
C ASP A 87 -4.99 6.88 -7.69
N ASP A 88 -6.27 6.67 -7.41
CA ASP A 88 -7.22 7.75 -7.10
C ASP A 88 -6.67 8.69 -6.00
N LYS A 89 -6.53 9.98 -6.35
CA LYS A 89 -5.98 10.99 -5.44
C LYS A 89 -6.70 11.01 -4.07
N GLU A 90 -8.01 10.84 -4.08
CA GLU A 90 -8.80 10.92 -2.85
C GLU A 90 -8.58 9.67 -1.98
N TRP A 91 -8.43 8.51 -2.60
CA TRP A 91 -8.08 7.29 -1.87
C TRP A 91 -6.70 7.41 -1.20
N ILE A 92 -5.74 7.98 -1.94
CA ILE A 92 -4.41 8.27 -1.39
C ILE A 92 -4.53 9.22 -0.19
N LYS A 93 -5.37 10.23 -0.32
CA LYS A 93 -5.63 11.19 0.76
C LYS A 93 -6.21 10.51 2.00
N ASP A 94 -7.41 9.92 1.85
CA ASP A 94 -8.11 9.30 2.98
C ASP A 94 -7.27 8.24 3.71
N PHE A 95 -6.40 7.53 2.99
CA PHE A 95 -5.48 6.58 3.64
C PHE A 95 -4.61 7.32 4.67
N ILE A 96 -3.95 8.39 4.23
CA ILE A 96 -3.11 9.20 5.11
C ILE A 96 -3.95 9.88 6.22
N GLU A 97 -5.14 10.35 5.86
CA GLU A 97 -6.03 11.01 6.80
C GLU A 97 -6.59 10.06 7.86
N GLU A 98 -6.77 8.79 7.51
CA GLU A 98 -7.12 7.76 8.51
C GLU A 98 -5.95 7.53 9.46
N ALA A 99 -4.73 7.60 8.92
CA ALA A 99 -3.52 7.55 9.72
C ALA A 99 -3.43 8.78 10.64
N LYS A 100 -3.88 9.94 10.13
CA LYS A 100 -4.01 11.15 10.96
C LYS A 100 -4.97 10.90 12.13
N GLU A 101 -6.11 10.27 11.81
CA GLU A 101 -7.13 9.93 12.81
C GLU A 101 -6.54 9.05 13.94
N ARG A 102 -5.63 8.15 13.58
CA ARG A 102 -4.97 7.29 14.56
C ARG A 102 -3.66 7.93 15.09
N GLY A 103 -3.13 8.91 14.37
CA GLY A 103 -1.88 9.55 14.77
C GLY A 103 -0.64 8.68 14.51
N VAL A 104 -0.61 8.03 13.34
CA VAL A 104 0.51 7.14 12.98
C VAL A 104 1.25 7.62 11.71
N GLU A 105 2.45 7.06 11.49
CA GLU A 105 3.30 7.45 10.35
C GLU A 105 2.96 6.62 9.10
N VAL A 106 3.20 7.19 7.91
CA VAL A 106 2.79 6.55 6.65
C VAL A 106 3.93 6.50 5.63
N PHE A 107 3.89 5.50 4.76
CA PHE A 107 4.82 5.41 3.62
C PHE A 107 4.02 5.07 2.35
N VAL A 108 3.88 6.05 1.46
CA VAL A 108 3.05 5.92 0.26
C VAL A 108 3.89 5.82 -1.02
N VAL A 109 3.73 4.72 -1.76
CA VAL A 109 4.37 4.54 -3.06
C VAL A 109 3.32 4.27 -4.15
N TYR A 110 3.14 5.20 -5.09
CA TYR A 110 2.15 5.03 -6.16
C TYR A 110 2.77 5.13 -7.55
N ASN A 111 2.18 4.39 -8.50
CA ASN A 111 2.71 4.29 -9.86
C ASN A 111 1.85 5.02 -10.90
N ASN A 112 2.44 6.00 -11.57
CA ASN A 112 1.77 6.71 -12.67
C ASN A 112 2.78 7.47 -13.53
N LYS A 113 2.52 7.57 -14.83
CA LYS A 113 3.47 8.16 -15.78
C LYS A 113 3.47 9.70 -15.75
N ASP A 114 2.38 10.31 -15.26
CA ASP A 114 2.28 11.78 -15.19
C ASP A 114 3.29 12.39 -14.21
N ASP A 115 4.40 12.89 -14.74
CA ASP A 115 5.42 13.58 -13.93
C ASP A 115 4.81 14.74 -13.14
N ASP A 116 4.21 15.68 -13.87
CA ASP A 116 3.65 16.90 -13.29
C ASP A 116 2.56 16.58 -12.23
N ARG A 117 1.62 15.71 -12.57
CA ARG A 117 0.55 15.33 -11.64
C ARG A 117 1.10 14.61 -10.40
N ARG A 118 2.30 14.06 -10.49
CA ARG A 118 2.99 13.49 -9.32
C ARG A 118 3.67 14.59 -8.48
N LYS A 119 4.15 15.63 -9.16
CA LYS A 119 4.71 16.80 -8.47
C LYS A 119 3.67 17.46 -7.55
N GLU A 120 2.51 17.82 -8.12
CA GLU A 120 1.40 18.40 -7.34
C GLU A 120 0.97 17.43 -6.21
N ALA A 121 0.92 16.15 -6.53
CA ALA A 121 0.54 15.11 -5.57
C ALA A 121 1.44 15.14 -4.32
N GLN A 122 2.75 15.24 -4.53
CA GLN A 122 3.69 15.32 -3.40
C GLN A 122 3.51 16.60 -2.60
N GLN A 123 3.23 17.70 -3.29
CA GLN A 123 2.94 18.98 -2.64
C GLN A 123 1.64 18.91 -1.81
N GLU A 124 0.73 18.03 -2.25
CA GLU A 124 -0.57 17.85 -1.61
C GLU A 124 -0.53 16.87 -0.42
N PHE A 125 0.04 15.69 -0.64
CA PHE A 125 -0.08 14.57 0.31
C PHE A 125 1.08 14.48 1.33
N ARG A 126 2.21 15.12 1.06
CA ARG A 126 3.40 14.94 1.91
C ARG A 126 3.21 15.59 3.29
N SER A 127 2.72 14.81 4.25
CA SER A 127 2.61 15.25 5.64
C SER A 127 3.84 14.83 6.45
N ASP A 128 3.99 15.36 7.65
CA ASP A 128 5.11 14.98 8.52
C ASP A 128 4.97 13.50 8.96
N GLY A 129 6.02 12.72 8.78
CA GLY A 129 5.97 11.29 9.08
C GLY A 129 5.44 10.47 7.91
N VAL A 130 5.32 11.12 6.74
CA VAL A 130 4.84 10.45 5.52
C VAL A 130 5.89 10.53 4.39
N ASP A 131 6.46 9.38 4.04
CA ASP A 131 7.37 9.30 2.90
C ASP A 131 6.60 9.08 1.59
N VAL A 132 6.80 9.96 0.62
CA VAL A 132 6.07 9.90 -0.65
C VAL A 132 7.00 9.56 -1.83
N ARG A 133 6.88 8.33 -2.34
CA ARG A 133 7.66 7.91 -3.53
C ARG A 133 6.77 7.88 -4.77
N THR A 134 7.23 8.53 -5.83
CA THR A 134 6.50 8.58 -7.09
C THR A 134 7.29 7.89 -8.22
N VAL A 135 6.73 6.81 -8.75
CA VAL A 135 7.40 6.04 -9.80
C VAL A 135 6.50 5.82 -11.01
N SER A 136 7.12 5.70 -12.19
CA SER A 136 6.39 5.40 -13.44
C SER A 136 6.63 3.95 -13.85
N ASP A 137 7.80 3.42 -13.51
CA ASP A 137 8.21 2.06 -13.88
C ASP A 137 7.73 1.02 -12.86
N LYS A 138 7.83 -0.25 -13.23
CA LYS A 138 7.48 -1.36 -12.35
C LYS A 138 8.62 -1.66 -11.34
N GLU A 139 9.83 -1.87 -11.85
CA GLU A 139 10.99 -2.21 -11.00
C GLU A 139 11.23 -1.14 -9.92
N GLU A 140 11.11 0.13 -10.32
CA GLU A 140 11.26 1.24 -9.36
C GLU A 140 10.31 1.11 -8.17
N LEU A 141 9.10 0.62 -8.43
CA LEU A 141 8.11 0.39 -7.36
C LEU A 141 8.54 -0.80 -6.50
N ILE A 142 8.86 -1.91 -7.16
CA ILE A 142 9.31 -3.13 -6.47
C ILE A 142 10.48 -2.83 -5.51
N GLU A 143 11.44 -2.04 -5.99
CA GLU A 143 12.61 -1.66 -5.18
C GLU A 143 12.20 -0.98 -3.85
N GLN A 144 11.15 -0.16 -3.89
CA GLN A 144 10.68 0.52 -2.68
C GLN A 144 10.17 -0.51 -1.66
N VAL A 145 9.44 -1.50 -2.14
CA VAL A 145 8.92 -2.59 -1.28
C VAL A 145 10.08 -3.41 -0.69
N ARG A 146 11.05 -3.76 -1.55
CA ARG A 146 12.24 -4.52 -1.12
C ARG A 146 13.02 -3.76 -0.02
N ARG A 147 13.15 -2.44 -0.20
CA ARG A 147 13.80 -1.60 0.80
C ARG A 147 12.93 -1.41 2.06
N PHE A 148 11.61 -1.47 1.91
CA PHE A 148 10.69 -1.41 3.05
C PHE A 148 10.89 -2.60 4.00
N VAL A 149 11.04 -3.79 3.43
CA VAL A 149 11.34 -4.99 4.23
C VAL A 149 12.58 -4.77 5.11
N ARG A 150 13.61 -4.16 4.54
CA ARG A 150 14.82 -3.83 5.31
C ARG A 150 14.59 -2.62 6.22
N LYS A 151 13.63 -1.78 5.85
CA LYS A 151 13.26 -0.63 6.68
C LYS A 151 12.72 -1.07 8.03
N VAL A 152 11.65 -1.87 8.03
CA VAL A 152 11.06 -2.39 9.28
C VAL A 152 12.01 -3.38 9.98
N GLY A 153 12.78 -4.12 9.19
CA GLY A 153 13.74 -5.05 9.76
C GLY A 153 14.96 -4.37 10.36
N SER A 154 15.18 -3.09 10.01
CA SER A 154 16.34 -2.34 10.50
C SER A 154 15.95 -0.95 11.02
N LEU A 155 14.81 -0.85 11.71
CA LEU A 155 14.40 0.40 12.35
C LEU A 155 15.45 0.85 13.39
N GLU A 156 16.26 1.83 13.01
CA GLU A 156 17.37 2.29 13.87
C GLU A 156 16.92 3.32 14.92
N HIS A 157 17.25 3.02 16.18
CA HIS A 157 16.80 3.81 17.33
C HIS A 157 17.64 5.09 17.54
N HIS A 158 17.68 5.95 16.53
CA HIS A 158 18.43 7.22 16.63
C HIS A 158 17.58 8.30 17.33
N HIS A 159 18.17 8.98 18.32
CA HIS A 159 17.45 9.97 19.11
C HIS A 159 17.32 11.32 18.38
N HIS A 160 16.18 11.51 17.73
CA HIS A 160 15.86 12.80 17.09
C HIS A 160 15.15 13.73 18.08
N HIS A 161 15.84 14.78 18.50
CA HIS A 161 15.31 15.73 19.47
C HIS A 161 15.50 17.17 18.97
N HIS A 162 14.43 17.78 18.47
CA HIS A 162 14.49 19.14 17.91
C HIS A 162 13.15 19.88 18.13
N MET A 1 7.24 2.81 17.18
CA MET A 1 7.54 3.03 15.74
C MET A 1 6.41 2.47 14.87
N SER A 2 5.31 3.21 14.78
CA SER A 2 4.12 2.75 14.04
C SER A 2 4.09 3.37 12.62
N GLN A 3 4.66 2.65 11.65
CA GLN A 3 4.66 3.10 10.26
C GLN A 3 4.13 1.99 9.33
N ILE A 4 3.16 2.33 8.49
CA ILE A 4 2.55 1.35 7.57
C ILE A 4 2.89 1.66 6.10
N PHE A 5 3.19 0.61 5.34
CA PHE A 5 3.54 0.74 3.92
C PHE A 5 2.30 0.49 3.03
N VAL A 6 2.07 1.38 2.06
CA VAL A 6 0.91 1.23 1.17
C VAL A 6 1.26 1.56 -0.29
N VAL A 7 0.79 0.71 -1.20
CA VAL A 7 1.01 0.88 -2.64
C VAL A 7 -0.30 1.14 -3.38
N PHE A 8 -0.28 2.08 -4.34
CA PHE A 8 -1.43 2.31 -5.21
C PHE A 8 -1.06 2.06 -6.67
N SER A 9 -1.74 1.12 -7.32
CA SER A 9 -1.51 0.83 -8.75
C SER A 9 -2.82 0.46 -9.46
N SER A 10 -3.01 1.00 -10.67
CA SER A 10 -4.20 0.67 -11.47
C SER A 10 -3.89 -0.49 -12.44
N ASP A 11 -2.62 -0.89 -12.50
CA ASP A 11 -2.18 -1.98 -13.38
C ASP A 11 -2.11 -3.32 -12.63
N PRO A 12 -3.02 -4.28 -12.93
CA PRO A 12 -3.00 -5.61 -12.31
C PRO A 12 -1.70 -6.37 -12.58
N GLU A 13 -1.09 -6.10 -13.74
CA GLU A 13 0.22 -6.65 -14.09
C GLU A 13 1.25 -6.33 -12.99
N ILE A 14 1.35 -5.05 -12.66
CA ILE A 14 2.33 -4.57 -11.67
C ILE A 14 2.01 -5.04 -10.26
N LEU A 15 0.75 -4.85 -9.81
CA LEU A 15 0.35 -5.22 -8.45
C LEU A 15 0.54 -6.72 -8.22
N LYS A 16 0.31 -7.52 -9.26
CA LYS A 16 0.48 -8.98 -9.18
C LYS A 16 1.95 -9.34 -8.91
N GLU A 17 2.87 -8.57 -9.45
CA GLU A 17 4.31 -8.78 -9.22
C GLU A 17 4.69 -8.36 -7.79
N ILE A 18 4.17 -7.20 -7.35
CA ILE A 18 4.41 -6.73 -5.99
C ILE A 18 4.01 -7.79 -4.96
N VAL A 19 2.86 -8.44 -5.21
CA VAL A 19 2.36 -9.52 -4.34
C VAL A 19 3.42 -10.62 -4.12
N ARG A 20 3.86 -11.27 -5.21
CA ARG A 20 4.84 -12.37 -5.10
C ARG A 20 6.17 -11.90 -4.49
N GLU A 21 6.52 -10.63 -4.71
CA GLU A 21 7.70 -10.04 -4.08
C GLU A 21 7.55 -10.01 -2.54
N ILE A 22 6.45 -9.40 -2.08
CA ILE A 22 6.16 -9.33 -0.64
C ILE A 22 6.16 -10.72 0.01
N LYS A 23 5.56 -11.69 -0.68
CA LYS A 23 5.48 -13.06 -0.18
C LYS A 23 6.87 -13.71 -0.04
N ARG A 24 7.81 -13.37 -0.94
CA ARG A 24 9.17 -13.93 -0.85
C ARG A 24 10.06 -13.11 0.10
N GLN A 25 9.71 -11.85 0.34
CA GLN A 25 10.42 -11.02 1.32
C GLN A 25 10.02 -11.43 2.75
N GLY A 26 8.90 -12.14 2.88
CA GLY A 26 8.46 -12.65 4.18
C GLY A 26 7.55 -11.69 4.95
N VAL A 27 6.86 -10.80 4.22
CA VAL A 27 5.96 -9.83 4.84
C VAL A 27 4.50 -10.14 4.49
N ARG A 28 3.57 -9.81 5.39
CA ARG A 28 2.15 -10.04 5.15
C ARG A 28 1.55 -8.96 4.23
N VAL A 29 0.77 -9.38 3.25
CA VAL A 29 0.23 -8.47 2.23
C VAL A 29 -1.30 -8.33 2.33
N VAL A 30 -1.77 -7.10 2.52
CA VAL A 30 -3.21 -6.81 2.56
C VAL A 30 -3.67 -6.09 1.28
N LEU A 31 -4.34 -6.83 0.40
CA LEU A 31 -4.81 -6.27 -0.88
C LEU A 31 -6.26 -5.78 -0.79
N LEU A 32 -6.45 -4.48 -0.99
CA LEU A 32 -7.80 -3.90 -1.04
C LEU A 32 -8.25 -3.78 -2.50
N TYR A 33 -9.00 -4.78 -2.97
CA TYR A 33 -9.35 -4.90 -4.38
C TYR A 33 -10.65 -4.15 -4.74
N SER A 34 -10.52 -3.14 -5.59
CA SER A 34 -11.66 -2.33 -6.03
C SER A 34 -11.96 -2.56 -7.52
N ASP A 35 -13.00 -3.36 -7.80
CA ASP A 35 -13.42 -3.63 -9.19
C ASP A 35 -14.95 -3.51 -9.32
N GLN A 36 -15.42 -3.18 -10.52
CA GLN A 36 -16.85 -2.91 -10.75
C GLN A 36 -17.67 -4.21 -10.90
N ASP A 37 -17.15 -5.17 -11.66
CA ASP A 37 -17.91 -6.38 -12.01
C ASP A 37 -17.62 -7.55 -11.06
N GLU A 38 -18.66 -8.32 -10.74
CA GLU A 38 -18.52 -9.50 -9.86
C GLU A 38 -17.49 -10.50 -10.38
N LYS A 39 -17.69 -10.96 -11.61
CA LYS A 39 -16.85 -12.00 -12.21
C LYS A 39 -15.41 -11.51 -12.41
N ARG A 40 -15.25 -10.29 -12.91
CA ARG A 40 -13.92 -9.69 -13.05
C ARG A 40 -13.23 -9.59 -11.69
N ARG A 41 -13.95 -9.06 -10.72
CA ARG A 41 -13.46 -8.90 -9.35
C ARG A 41 -13.02 -10.24 -8.73
N ARG A 42 -13.95 -11.18 -8.62
CA ARG A 42 -13.68 -12.47 -7.97
C ARG A 42 -12.57 -13.25 -8.66
N GLU A 43 -12.64 -13.40 -9.99
CA GLU A 43 -11.68 -14.26 -10.71
C GLU A 43 -10.25 -13.71 -10.60
N ARG A 44 -10.13 -12.39 -10.56
CA ARG A 44 -8.82 -11.73 -10.42
C ARG A 44 -8.28 -11.83 -8.97
N LEU A 45 -9.12 -11.51 -7.98
CA LEU A 45 -8.68 -11.47 -6.58
C LEU A 45 -8.45 -12.88 -6.00
N GLU A 46 -9.28 -13.84 -6.42
CA GLU A 46 -9.20 -15.21 -5.91
C GLU A 46 -7.81 -15.82 -6.15
N GLU A 47 -7.17 -15.44 -7.25
CA GLU A 47 -5.80 -15.89 -7.54
C GLU A 47 -4.82 -15.44 -6.46
N PHE A 48 -5.05 -14.27 -5.88
CA PHE A 48 -4.22 -13.77 -4.80
C PHE A 48 -4.55 -14.47 -3.47
N GLU A 49 -5.83 -14.77 -3.26
CA GLU A 49 -6.28 -15.55 -2.10
C GLU A 49 -5.50 -16.88 -2.00
N LYS A 50 -5.53 -17.65 -3.09
CA LYS A 50 -4.81 -18.94 -3.16
C LYS A 50 -3.28 -18.78 -3.15
N GLN A 51 -2.79 -17.57 -3.39
CA GLN A 51 -1.35 -17.27 -3.27
C GLN A 51 -0.96 -16.80 -1.86
N GLY A 52 -1.93 -16.77 -0.94
CA GLY A 52 -1.65 -16.38 0.45
C GLY A 52 -1.64 -14.86 0.66
N VAL A 53 -2.59 -14.17 0.05
CA VAL A 53 -2.74 -12.71 0.19
C VAL A 53 -4.01 -12.35 0.97
N ASP A 54 -3.93 -11.35 1.84
CA ASP A 54 -5.10 -10.89 2.59
C ASP A 54 -5.94 -9.91 1.77
N VAL A 55 -6.88 -10.43 0.98
CA VAL A 55 -7.66 -9.60 0.06
C VAL A 55 -9.04 -9.21 0.62
N ARG A 56 -9.33 -7.91 0.58
CA ARG A 56 -10.66 -7.37 0.91
C ARG A 56 -11.25 -6.65 -0.30
N THR A 57 -12.57 -6.66 -0.43
CA THR A 57 -13.23 -5.96 -1.55
C THR A 57 -13.70 -4.56 -1.15
N VAL A 58 -13.38 -3.57 -1.98
CA VAL A 58 -13.81 -2.19 -1.74
C VAL A 58 -14.50 -1.59 -2.99
N GLU A 59 -15.60 -0.88 -2.76
CA GLU A 59 -16.36 -0.27 -3.87
C GLU A 59 -16.31 1.27 -3.83
N ASP A 60 -16.12 1.85 -2.64
CA ASP A 60 -16.19 3.30 -2.47
C ASP A 60 -15.15 3.80 -1.44
N LYS A 61 -15.01 5.12 -1.31
CA LYS A 61 -14.06 5.71 -0.36
C LYS A 61 -14.40 5.29 1.08
N GLU A 62 -15.69 5.29 1.39
CA GLU A 62 -16.17 4.89 2.72
C GLU A 62 -15.93 3.40 2.99
N ASP A 63 -16.25 2.57 1.99
CA ASP A 63 -15.99 1.13 2.08
C ASP A 63 -14.48 0.88 2.21
N PHE A 64 -13.70 1.79 1.62
CA PHE A 64 -12.23 1.76 1.69
C PHE A 64 -11.73 2.02 3.12
N ARG A 65 -12.10 3.16 3.70
CA ARG A 65 -11.66 3.53 5.05
C ARG A 65 -12.05 2.49 6.12
N GLU A 66 -13.24 1.91 5.98
CA GLU A 66 -13.71 0.87 6.93
C GLU A 66 -12.73 -0.32 6.99
N ASN A 67 -12.31 -0.81 5.82
CA ASN A 67 -11.32 -1.90 5.76
C ASN A 67 -9.95 -1.45 6.31
N ILE A 68 -9.60 -0.18 6.08
CA ILE A 68 -8.38 0.41 6.67
C ILE A 68 -8.46 0.38 8.20
N ARG A 69 -9.64 0.69 8.73
CA ARG A 69 -9.87 0.68 10.18
C ARG A 69 -9.69 -0.72 10.78
N GLU A 70 -9.96 -1.76 9.99
CA GLU A 70 -9.65 -3.14 10.40
C GLU A 70 -8.13 -3.35 10.49
N ILE A 71 -7.39 -2.75 9.56
CA ILE A 71 -5.92 -2.85 9.56
C ILE A 71 -5.33 -2.31 10.86
N TRP A 72 -5.82 -1.16 11.32
CA TRP A 72 -5.37 -0.56 12.58
C TRP A 72 -5.60 -1.52 13.78
N GLU A 73 -6.71 -2.23 13.75
CA GLU A 73 -7.05 -3.20 14.82
C GLU A 73 -6.21 -4.48 14.71
N ARG A 74 -6.35 -5.16 13.57
CA ARG A 74 -5.70 -6.45 13.34
C ARG A 74 -4.17 -6.37 13.38
N TYR A 75 -3.63 -5.22 12.99
CA TYR A 75 -2.17 -5.03 12.95
C TYR A 75 -1.72 -3.86 13.84
N PRO A 76 -1.36 -4.12 15.11
CA PRO A 76 -0.86 -3.08 16.03
C PRO A 76 0.58 -2.65 15.71
N GLN A 77 1.31 -3.52 15.01
CA GLN A 77 2.71 -3.26 14.64
C GLN A 77 2.80 -2.45 13.35
N LEU A 78 1.88 -2.72 12.41
CA LEU A 78 1.78 -1.99 11.13
C LEU A 78 2.95 -2.30 10.18
N ASP A 79 3.77 -3.28 10.54
CA ASP A 79 4.91 -3.70 9.70
C ASP A 79 4.47 -4.60 8.54
N VAL A 80 3.32 -4.30 7.95
CA VAL A 80 2.77 -5.06 6.82
C VAL A 80 2.65 -4.18 5.57
N VAL A 81 2.42 -4.80 4.41
CA VAL A 81 2.29 -4.07 3.15
C VAL A 81 0.84 -4.12 2.61
N VAL A 82 0.23 -2.95 2.47
CA VAL A 82 -1.12 -2.85 1.92
C VAL A 82 -1.09 -2.39 0.45
N ILE A 83 -1.88 -3.03 -0.41
CA ILE A 83 -1.95 -2.66 -1.83
C ILE A 83 -3.38 -2.30 -2.24
N VAL A 84 -3.53 -1.18 -2.95
CA VAL A 84 -4.85 -0.73 -3.43
C VAL A 84 -4.87 -0.66 -4.96
N THR A 85 -5.94 -1.17 -5.57
CA THR A 85 -6.03 -1.29 -7.03
C THR A 85 -6.53 0.00 -7.71
N THR A 86 -5.91 1.14 -7.37
CA THR A 86 -6.24 2.43 -8.01
C THR A 86 -5.24 3.52 -7.58
N ASP A 87 -5.02 4.48 -8.48
CA ASP A 87 -4.16 5.63 -8.19
C ASP A 87 -5.00 6.90 -7.92
N ASP A 88 -6.29 6.71 -7.66
CA ASP A 88 -7.23 7.80 -7.41
C ASP A 88 -6.79 8.68 -6.21
N LYS A 89 -6.70 10.00 -6.44
CA LYS A 89 -6.32 10.94 -5.38
C LYS A 89 -7.23 10.81 -4.15
N GLU A 90 -8.51 10.54 -4.38
CA GLU A 90 -9.49 10.38 -3.29
C GLU A 90 -9.10 9.24 -2.34
N TRP A 91 -8.65 8.13 -2.91
CA TRP A 91 -8.30 6.95 -2.14
C TRP A 91 -6.93 7.11 -1.45
N ILE A 92 -5.98 7.72 -2.15
CA ILE A 92 -4.68 8.04 -1.55
C ILE A 92 -4.86 9.01 -0.37
N LYS A 93 -5.75 9.98 -0.56
CA LYS A 93 -6.08 10.97 0.48
C LYS A 93 -6.71 10.30 1.70
N ASP A 94 -7.82 9.59 1.49
CA ASP A 94 -8.61 8.99 2.58
C ASP A 94 -7.75 8.11 3.51
N PHE A 95 -6.86 7.32 2.90
CA PHE A 95 -5.93 6.47 3.67
C PHE A 95 -5.08 7.31 4.65
N ILE A 96 -4.55 8.43 4.15
CA ILE A 96 -3.75 9.35 4.96
C ILE A 96 -4.59 9.99 6.08
N GLU A 97 -5.80 10.41 5.72
CA GLU A 97 -6.74 11.03 6.68
C GLU A 97 -7.03 10.11 7.87
N GLU A 98 -7.35 8.84 7.59
CA GLU A 98 -7.64 7.87 8.64
C GLU A 98 -6.37 7.55 9.46
N ALA A 99 -5.21 7.56 8.82
CA ALA A 99 -3.94 7.37 9.52
C ALA A 99 -3.68 8.51 10.51
N LYS A 100 -3.92 9.75 10.07
CA LYS A 100 -3.79 10.92 10.94
C LYS A 100 -4.70 10.80 12.17
N GLU A 101 -5.92 10.32 11.95
CA GLU A 101 -6.85 10.06 13.05
C GLU A 101 -6.25 9.12 14.10
N ARG A 102 -5.41 8.18 13.66
CA ARG A 102 -4.80 7.19 14.55
C ARG A 102 -3.41 7.62 15.04
N GLY A 103 -2.92 8.76 14.53
CA GLY A 103 -1.60 9.24 14.90
C GLY A 103 -0.47 8.30 14.49
N VAL A 104 -0.58 7.75 13.28
CA VAL A 104 0.42 6.79 12.76
C VAL A 104 1.11 7.31 11.50
N GLU A 105 2.31 6.77 11.23
CA GLU A 105 3.10 7.15 10.05
C GLU A 105 2.74 6.29 8.83
N VAL A 106 2.77 6.90 7.66
CA VAL A 106 2.42 6.19 6.41
C VAL A 106 3.47 6.42 5.32
N PHE A 107 3.83 5.34 4.63
CA PHE A 107 4.76 5.42 3.50
C PHE A 107 4.02 5.04 2.20
N VAL A 108 3.68 6.06 1.40
CA VAL A 108 2.86 5.87 0.19
C VAL A 108 3.72 5.79 -1.08
N VAL A 109 3.64 4.67 -1.79
CA VAL A 109 4.35 4.50 -3.06
C VAL A 109 3.38 4.06 -4.17
N TYR A 110 3.23 4.89 -5.21
CA TYR A 110 2.31 4.56 -6.31
C TYR A 110 2.96 4.73 -7.70
N ASN A 111 2.49 3.91 -8.64
CA ASN A 111 3.09 3.83 -9.98
C ASN A 111 2.31 4.63 -11.03
N ASN A 112 2.99 5.59 -11.67
CA ASN A 112 2.45 6.30 -12.82
C ASN A 112 3.57 7.04 -13.58
N LYS A 113 3.50 7.03 -14.91
CA LYS A 113 4.57 7.56 -15.75
C LYS A 113 4.68 9.09 -15.72
N ASP A 114 3.55 9.77 -15.49
CA ASP A 114 3.52 11.24 -15.53
C ASP A 114 4.19 11.89 -14.31
N ASP A 115 5.41 12.42 -14.51
CA ASP A 115 6.17 13.06 -13.43
C ASP A 115 5.47 14.31 -12.86
N ASP A 116 5.10 15.25 -13.73
CA ASP A 116 4.45 16.51 -13.30
C ASP A 116 3.21 16.25 -12.43
N ARG A 117 2.26 15.48 -12.95
CA ARG A 117 1.05 15.10 -12.20
C ARG A 117 1.41 14.46 -10.84
N ARG A 118 2.50 13.71 -10.81
CA ARG A 118 2.95 13.04 -9.59
C ARG A 118 3.78 13.96 -8.67
N LYS A 119 4.47 14.94 -9.25
CA LYS A 119 5.28 15.86 -8.47
C LYS A 119 4.41 16.80 -7.64
N GLU A 120 3.38 17.37 -8.30
CA GLU A 120 2.38 18.18 -7.60
C GLU A 120 1.63 17.32 -6.57
N ALA A 121 1.39 16.05 -6.91
CA ALA A 121 0.77 15.09 -5.99
C ALA A 121 1.63 14.89 -4.73
N GLN A 122 2.93 14.64 -4.90
CA GLN A 122 3.84 14.54 -3.76
C GLN A 122 3.77 15.81 -2.90
N GLN A 123 3.83 16.95 -3.56
CA GLN A 123 3.76 18.26 -2.88
C GLN A 123 2.52 18.36 -1.97
N GLU A 124 1.38 17.84 -2.43
CA GLU A 124 0.12 17.91 -1.67
C GLU A 124 0.01 16.80 -0.60
N PHE A 125 0.37 15.57 -0.98
CA PHE A 125 0.22 14.42 -0.07
C PHE A 125 1.38 14.30 0.94
N ARG A 126 2.48 15.01 0.70
CA ARG A 126 3.61 14.98 1.62
C ARG A 126 3.25 15.69 2.93
N SER A 127 3.03 14.91 3.98
CA SER A 127 2.56 15.45 5.26
C SER A 127 3.49 15.07 6.41
N ASP A 128 3.17 15.55 7.61
CA ASP A 128 3.97 15.32 8.82
C ASP A 128 4.57 13.90 8.90
N GLY A 129 3.72 12.89 9.07
CA GLY A 129 4.20 11.52 9.15
C GLY A 129 3.93 10.71 7.88
N VAL A 130 3.97 11.38 6.73
CA VAL A 130 3.66 10.70 5.45
C VAL A 130 4.73 10.97 4.37
N ASP A 131 5.45 9.93 4.00
CA ASP A 131 6.42 9.99 2.90
C ASP A 131 5.78 9.47 1.59
N VAL A 132 6.06 10.14 0.48
CA VAL A 132 5.45 9.80 -0.81
C VAL A 132 6.51 9.50 -1.89
N ARG A 133 6.34 8.39 -2.60
CA ARG A 133 7.22 8.01 -3.71
C ARG A 133 6.42 7.84 -5.01
N THR A 134 6.91 8.43 -6.09
CA THR A 134 6.24 8.33 -7.40
C THR A 134 7.19 7.76 -8.46
N VAL A 135 6.83 6.62 -9.01
CA VAL A 135 7.68 5.92 -9.98
C VAL A 135 6.92 5.51 -11.24
N SER A 136 7.61 5.53 -12.38
CA SER A 136 7.03 5.12 -13.67
C SER A 136 7.15 3.60 -13.87
N ASP A 137 8.31 3.06 -13.51
CA ASP A 137 8.61 1.65 -13.74
C ASP A 137 8.10 0.73 -12.62
N LYS A 138 7.94 -0.55 -12.94
CA LYS A 138 7.50 -1.55 -11.96
C LYS A 138 8.56 -1.76 -10.88
N GLU A 139 9.78 -2.12 -11.29
CA GLU A 139 10.86 -2.44 -10.35
C GLU A 139 11.20 -1.24 -9.45
N GLU A 140 11.09 -0.02 -9.98
CA GLU A 140 11.26 1.20 -9.16
C GLU A 140 10.36 1.16 -7.92
N LEU A 141 9.12 0.68 -8.10
CA LEU A 141 8.17 0.52 -7.00
C LEU A 141 8.57 -0.67 -6.12
N ILE A 142 8.94 -1.78 -6.77
CA ILE A 142 9.40 -2.99 -6.05
C ILE A 142 10.55 -2.64 -5.09
N GLU A 143 11.48 -1.81 -5.55
CA GLU A 143 12.62 -1.37 -4.73
C GLU A 143 12.17 -0.74 -3.40
N GLN A 144 11.12 0.08 -3.45
CA GLN A 144 10.59 0.71 -2.23
C GLN A 144 10.07 -0.35 -1.24
N VAL A 145 9.44 -1.41 -1.77
CA VAL A 145 8.98 -2.52 -0.94
C VAL A 145 10.17 -3.24 -0.28
N ARG A 146 11.21 -3.48 -1.07
CA ARG A 146 12.44 -4.12 -0.58
C ARG A 146 13.08 -3.27 0.54
N ARG A 147 13.07 -1.94 0.35
CA ARG A 147 13.57 -1.00 1.36
C ARG A 147 12.77 -1.09 2.66
N PHE A 148 11.44 -1.16 2.55
CA PHE A 148 10.56 -1.24 3.72
C PHE A 148 10.95 -2.38 4.67
N VAL A 149 11.12 -3.58 4.11
CA VAL A 149 11.59 -4.74 4.88
C VAL A 149 12.91 -4.42 5.60
N ARG A 150 13.78 -3.67 4.93
CA ARG A 150 15.07 -3.29 5.49
C ARG A 150 14.90 -2.19 6.57
N LYS A 151 13.89 -1.35 6.42
CA LYS A 151 13.58 -0.30 7.41
C LYS A 151 13.16 -0.93 8.74
N VAL A 152 12.14 -1.79 8.70
CA VAL A 152 11.60 -2.42 9.90
C VAL A 152 12.63 -3.33 10.59
N GLY A 153 13.60 -3.82 9.81
CA GLY A 153 14.68 -4.64 10.36
C GLY A 153 15.86 -3.81 10.87
N SER A 154 15.74 -2.49 10.83
CA SER A 154 16.83 -1.59 11.25
C SER A 154 16.92 -1.47 12.78
N LEU A 155 16.19 -2.33 13.50
CA LEU A 155 16.25 -2.35 14.97
C LEU A 155 17.63 -2.83 15.45
N GLU A 156 18.47 -1.88 15.87
CA GLU A 156 19.83 -2.18 16.32
C GLU A 156 19.92 -2.33 17.85
N HIS A 157 20.58 -3.39 18.30
CA HIS A 157 20.82 -3.59 19.74
C HIS A 157 21.82 -2.54 20.24
N HIS A 158 22.92 -2.42 19.52
CA HIS A 158 23.94 -1.40 19.76
C HIS A 158 24.79 -1.19 18.50
N HIS A 159 25.63 -0.16 18.51
CA HIS A 159 26.54 0.09 17.38
C HIS A 159 27.93 -0.53 17.64
N HIS A 160 28.69 -0.75 16.58
CA HIS A 160 30.05 -1.29 16.70
C HIS A 160 31.09 -0.25 16.26
N HIS A 161 31.96 0.16 17.19
CA HIS A 161 32.92 1.23 16.94
C HIS A 161 34.14 0.74 16.16
N HIS A 162 34.48 1.46 15.08
CA HIS A 162 35.69 1.17 14.29
C HIS A 162 36.77 2.24 14.54
N MET A 1 3.80 7.04 15.93
CA MET A 1 5.13 6.38 16.09
C MET A 1 5.19 5.04 15.35
N SER A 2 4.44 4.92 14.26
CA SER A 2 4.40 3.71 13.44
C SER A 2 4.03 4.06 12.00
N GLN A 3 4.87 3.68 11.05
CA GLN A 3 4.66 4.00 9.64
C GLN A 3 4.21 2.79 8.83
N ILE A 4 3.20 2.98 7.99
CA ILE A 4 2.63 1.87 7.19
C ILE A 4 2.93 2.04 5.69
N PHE A 5 3.28 0.93 5.03
CA PHE A 5 3.63 0.94 3.61
C PHE A 5 2.38 0.59 2.75
N VAL A 6 2.00 1.50 1.86
CA VAL A 6 0.83 1.29 0.99
C VAL A 6 1.13 1.64 -0.47
N VAL A 7 0.75 0.75 -1.38
CA VAL A 7 0.95 0.95 -2.83
C VAL A 7 -0.40 1.13 -3.55
N PHE A 8 -0.53 2.21 -4.31
CA PHE A 8 -1.72 2.42 -5.16
C PHE A 8 -1.36 2.21 -6.64
N SER A 9 -2.06 1.30 -7.30
CA SER A 9 -1.81 1.03 -8.73
C SER A 9 -3.11 0.72 -9.47
N SER A 10 -3.25 1.28 -10.66
CA SER A 10 -4.38 0.96 -11.55
C SER A 10 -4.00 -0.20 -12.48
N ASP A 11 -2.75 -0.64 -12.41
CA ASP A 11 -2.24 -1.72 -13.25
C ASP A 11 -2.12 -3.04 -12.45
N PRO A 12 -3.09 -3.96 -12.60
CA PRO A 12 -3.14 -5.20 -11.81
C PRO A 12 -1.97 -6.16 -12.11
N GLU A 13 -1.48 -6.13 -13.35
CA GLU A 13 -0.37 -7.00 -13.76
C GLU A 13 0.95 -6.57 -13.10
N ILE A 14 0.99 -5.35 -12.57
CA ILE A 14 2.16 -4.85 -11.85
C ILE A 14 2.15 -5.32 -10.38
N LEU A 15 0.99 -5.25 -9.73
CA LEU A 15 0.89 -5.60 -8.30
C LEU A 15 1.22 -7.07 -8.06
N LYS A 16 1.02 -7.92 -9.09
CA LYS A 16 1.41 -9.34 -9.02
C LYS A 16 2.91 -9.49 -8.67
N GLU A 17 3.74 -8.75 -9.40
CA GLU A 17 5.19 -8.74 -9.18
C GLU A 17 5.53 -8.31 -7.74
N ILE A 18 4.76 -7.37 -7.21
CA ILE A 18 4.94 -6.90 -5.84
C ILE A 18 4.62 -8.00 -4.82
N VAL A 19 3.46 -8.64 -5.01
CA VAL A 19 2.99 -9.70 -4.10
C VAL A 19 4.05 -10.81 -3.91
N ARG A 20 4.57 -11.36 -5.01
CA ARG A 20 5.53 -12.47 -4.95
C ARG A 20 6.79 -12.08 -4.14
N GLU A 21 7.25 -10.84 -4.30
CA GLU A 21 8.39 -10.34 -3.51
C GLU A 21 8.04 -10.29 -2.02
N ILE A 22 6.95 -9.61 -1.68
CA ILE A 22 6.51 -9.49 -0.29
C ILE A 22 6.42 -10.87 0.39
N LYS A 23 5.81 -11.83 -0.30
CA LYS A 23 5.68 -13.19 0.22
C LYS A 23 7.04 -13.91 0.35
N ARG A 24 7.98 -13.63 -0.56
CA ARG A 24 9.31 -14.24 -0.48
C ARG A 24 10.17 -13.56 0.60
N GLN A 25 9.81 -12.32 0.96
CA GLN A 25 10.47 -11.61 2.07
C GLN A 25 9.94 -12.10 3.42
N GLY A 26 8.75 -12.68 3.41
CA GLY A 26 8.14 -13.17 4.64
C GLY A 26 7.26 -12.12 5.32
N VAL A 27 6.61 -11.26 4.53
CA VAL A 27 5.69 -10.24 5.06
C VAL A 27 4.28 -10.46 4.51
N ARG A 28 3.27 -10.15 5.33
CA ARG A 28 1.87 -10.31 4.93
C ARG A 28 1.43 -9.23 3.93
N VAL A 29 0.65 -9.65 2.93
CA VAL A 29 0.13 -8.74 1.89
C VAL A 29 -1.36 -8.47 2.10
N VAL A 30 -1.72 -7.21 2.33
CA VAL A 30 -3.13 -6.81 2.46
C VAL A 30 -3.61 -6.11 1.18
N LEU A 31 -4.28 -6.85 0.30
CA LEU A 31 -4.74 -6.32 -0.98
C LEU A 31 -6.19 -5.85 -0.91
N LEU A 32 -6.40 -4.54 -1.03
CA LEU A 32 -7.75 -3.96 -1.04
C LEU A 32 -8.20 -3.78 -2.49
N TYR A 33 -8.95 -4.77 -2.99
CA TYR A 33 -9.30 -4.82 -4.42
C TYR A 33 -10.56 -4.00 -4.73
N SER A 34 -10.35 -2.86 -5.38
CA SER A 34 -11.46 -1.98 -5.79
C SER A 34 -11.81 -2.19 -7.27
N ASP A 35 -12.87 -2.96 -7.53
CA ASP A 35 -13.30 -3.25 -8.91
C ASP A 35 -14.80 -2.96 -9.09
N GLN A 36 -15.21 -2.77 -10.34
CA GLN A 36 -16.58 -2.34 -10.64
C GLN A 36 -17.58 -3.52 -10.69
N ASP A 37 -17.08 -4.70 -11.04
CA ASP A 37 -17.94 -5.87 -11.22
C ASP A 37 -17.81 -6.86 -10.04
N GLU A 38 -18.54 -7.98 -10.12
CA GLU A 38 -18.46 -9.04 -9.09
C GLU A 38 -17.60 -10.21 -9.57
N LYS A 39 -17.98 -10.82 -10.69
CA LYS A 39 -17.25 -11.96 -11.26
C LYS A 39 -15.80 -11.57 -11.61
N ARG A 40 -15.66 -10.64 -12.54
CA ARG A 40 -14.35 -10.08 -12.93
C ARG A 40 -13.47 -9.78 -11.71
N ARG A 41 -14.03 -9.05 -10.76
CA ARG A 41 -13.37 -8.76 -9.48
C ARG A 41 -12.90 -10.04 -8.78
N ARG A 42 -13.84 -10.94 -8.50
CA ARG A 42 -13.57 -12.15 -7.72
C ARG A 42 -12.53 -13.05 -8.41
N GLU A 43 -12.68 -13.25 -9.71
CA GLU A 43 -11.81 -14.14 -10.48
C GLU A 43 -10.36 -13.63 -10.52
N ARG A 44 -10.19 -12.31 -10.37
CA ARG A 44 -8.85 -11.72 -10.35
C ARG A 44 -8.23 -11.72 -8.93
N LEU A 45 -9.01 -11.39 -7.92
CA LEU A 45 -8.51 -11.40 -6.53
C LEU A 45 -8.25 -12.83 -6.03
N GLU A 46 -9.02 -13.78 -6.57
CA GLU A 46 -8.86 -15.21 -6.23
C GLU A 46 -7.42 -15.68 -6.44
N GLU A 47 -6.82 -15.25 -7.55
CA GLU A 47 -5.43 -15.60 -7.89
C GLU A 47 -4.49 -15.31 -6.72
N PHE A 48 -4.75 -14.23 -6.00
CA PHE A 48 -3.89 -13.82 -4.89
C PHE A 48 -4.26 -14.53 -3.58
N GLU A 49 -5.56 -14.70 -3.31
CA GLU A 49 -6.00 -15.38 -2.08
C GLU A 49 -5.49 -16.83 -2.02
N LYS A 50 -5.52 -17.52 -3.16
CA LYS A 50 -5.00 -18.90 -3.25
C LYS A 50 -3.49 -18.94 -3.01
N GLN A 51 -2.82 -17.80 -3.19
CA GLN A 51 -1.37 -17.68 -2.93
C GLN A 51 -1.10 -17.21 -1.50
N GLY A 52 -2.14 -17.17 -0.66
CA GLY A 52 -1.98 -16.73 0.72
C GLY A 52 -1.85 -15.22 0.86
N VAL A 53 -2.82 -14.49 0.35
CA VAL A 53 -2.85 -13.03 0.44
C VAL A 53 -4.16 -12.53 1.07
N ASP A 54 -4.06 -11.56 1.98
CA ASP A 54 -5.25 -10.96 2.62
C ASP A 54 -5.94 -9.97 1.68
N VAL A 55 -6.78 -10.49 0.79
CA VAL A 55 -7.49 -9.65 -0.18
C VAL A 55 -8.94 -9.36 0.27
N ARG A 56 -9.30 -8.09 0.32
CA ARG A 56 -10.68 -7.70 0.64
C ARG A 56 -11.24 -6.76 -0.45
N THR A 57 -12.55 -6.79 -0.65
CA THR A 57 -13.19 -6.00 -1.71
C THR A 57 -13.64 -4.62 -1.22
N VAL A 58 -13.39 -3.59 -2.03
CA VAL A 58 -13.86 -2.23 -1.74
C VAL A 58 -14.51 -1.57 -2.97
N GLU A 59 -15.50 -0.71 -2.73
CA GLU A 59 -16.24 -0.05 -3.82
C GLU A 59 -16.11 1.49 -3.77
N ASP A 60 -16.15 2.08 -2.59
CA ASP A 60 -16.10 3.54 -2.45
C ASP A 60 -15.36 3.96 -1.15
N LYS A 61 -15.12 5.26 -0.97
CA LYS A 61 -14.30 5.77 0.16
C LYS A 61 -14.73 5.21 1.52
N GLU A 62 -16.00 5.38 1.88
CA GLU A 62 -16.49 4.94 3.20
C GLU A 62 -16.46 3.41 3.33
N ASP A 63 -16.44 2.70 2.20
CA ASP A 63 -16.27 1.26 2.19
C ASP A 63 -14.77 0.91 2.29
N PHE A 64 -13.95 1.82 1.78
CA PHE A 64 -12.48 1.68 1.78
C PHE A 64 -11.90 1.80 3.21
N ARG A 65 -12.17 2.91 3.88
CA ARG A 65 -11.63 3.17 5.23
C ARG A 65 -12.04 2.08 6.24
N GLU A 66 -13.23 1.49 6.09
CA GLU A 66 -13.68 0.41 6.97
C GLU A 66 -12.72 -0.78 6.92
N ASN A 67 -12.22 -1.10 5.74
CA ASN A 67 -11.21 -2.15 5.57
C ASN A 67 -9.84 -1.72 6.15
N ILE A 68 -9.55 -0.43 6.06
CA ILE A 68 -8.33 0.13 6.65
C ILE A 68 -8.37 0.04 8.19
N ARG A 69 -9.53 0.30 8.77
CA ARG A 69 -9.71 0.21 10.22
C ARG A 69 -9.53 -1.23 10.73
N GLU A 70 -9.82 -2.20 9.87
CA GLU A 70 -9.42 -3.58 10.15
C GLU A 70 -7.89 -3.68 10.32
N ILE A 71 -7.16 -3.12 9.35
CA ILE A 71 -5.69 -3.11 9.38
C ILE A 71 -5.14 -2.52 10.70
N TRP A 72 -5.71 -1.38 11.12
CA TRP A 72 -5.26 -0.69 12.34
C TRP A 72 -5.36 -1.59 13.58
N GLU A 73 -6.40 -2.41 13.66
CA GLU A 73 -6.62 -3.28 14.83
C GLU A 73 -5.94 -4.66 14.66
N ARG A 74 -5.94 -5.17 13.43
CA ARG A 74 -5.29 -6.45 13.12
C ARG A 74 -3.78 -6.36 13.34
N TYR A 75 -3.18 -5.27 12.87
CA TYR A 75 -1.74 -5.06 12.94
C TYR A 75 -1.42 -3.66 13.48
N PRO A 76 -1.55 -3.45 14.81
CA PRO A 76 -1.40 -2.11 15.43
C PRO A 76 0.00 -1.49 15.28
N GLN A 77 0.99 -2.33 14.97
CA GLN A 77 2.36 -1.84 14.75
C GLN A 77 2.75 -1.85 13.26
N LEU A 78 1.76 -2.16 12.41
CA LEU A 78 1.87 -1.99 10.96
C LEU A 78 2.99 -2.84 10.32
N ASP A 79 3.16 -4.06 10.84
CA ASP A 79 4.18 -4.99 10.32
C ASP A 79 3.74 -5.67 9.00
N VAL A 80 3.01 -4.95 8.14
CA VAL A 80 2.48 -5.51 6.88
C VAL A 80 2.56 -4.52 5.71
N VAL A 81 2.32 -5.02 4.50
CA VAL A 81 2.29 -4.18 3.30
C VAL A 81 0.86 -4.14 2.70
N VAL A 82 0.35 -2.95 2.42
CA VAL A 82 -1.01 -2.80 1.87
C VAL A 82 -0.97 -2.37 0.40
N ILE A 83 -1.80 -3.00 -0.44
CA ILE A 83 -1.89 -2.65 -1.87
C ILE A 83 -3.35 -2.35 -2.27
N VAL A 84 -3.58 -1.21 -2.93
CA VAL A 84 -4.92 -0.83 -3.37
C VAL A 84 -4.98 -0.69 -4.90
N THR A 85 -5.99 -1.29 -5.52
CA THR A 85 -6.09 -1.32 -6.99
C THR A 85 -6.87 -0.13 -7.56
N THR A 86 -6.25 1.05 -7.52
CA THR A 86 -6.88 2.25 -8.10
C THR A 86 -5.89 3.43 -8.24
N ASP A 87 -6.29 4.40 -9.07
CA ASP A 87 -5.52 5.63 -9.28
C ASP A 87 -6.20 6.83 -8.58
N ASP A 88 -7.35 6.57 -7.94
CA ASP A 88 -8.14 7.61 -7.29
C ASP A 88 -7.36 8.36 -6.19
N LYS A 89 -7.03 9.61 -6.48
CA LYS A 89 -6.34 10.50 -5.53
C LYS A 89 -7.13 10.65 -4.22
N GLU A 90 -8.46 10.66 -4.32
CA GLU A 90 -9.33 10.74 -3.15
C GLU A 90 -9.06 9.58 -2.17
N TRP A 91 -8.86 8.39 -2.73
CA TRP A 91 -8.57 7.19 -1.94
C TRP A 91 -7.18 7.26 -1.30
N ILE A 92 -6.19 7.72 -2.09
CA ILE A 92 -4.85 7.96 -1.57
C ILE A 92 -4.89 8.90 -0.35
N LYS A 93 -5.70 9.94 -0.46
CA LYS A 93 -5.89 10.91 0.62
C LYS A 93 -6.63 10.29 1.82
N ASP A 94 -7.74 9.58 1.53
CA ASP A 94 -8.58 8.99 2.59
C ASP A 94 -7.76 8.06 3.49
N PHE A 95 -6.93 7.20 2.89
CA PHE A 95 -6.04 6.31 3.63
C PHE A 95 -5.15 7.11 4.60
N ILE A 96 -4.60 8.23 4.12
CA ILE A 96 -3.75 9.10 4.94
C ILE A 96 -4.57 9.74 6.09
N GLU A 97 -5.78 10.19 5.78
CA GLU A 97 -6.64 10.84 6.78
C GLU A 97 -6.97 9.88 7.93
N GLU A 98 -7.27 8.62 7.60
CA GLU A 98 -7.48 7.57 8.60
C GLU A 98 -6.25 7.41 9.50
N ALA A 99 -5.06 7.41 8.89
CA ALA A 99 -3.80 7.32 9.64
C ALA A 99 -3.63 8.50 10.61
N LYS A 100 -3.99 9.71 10.17
CA LYS A 100 -3.95 10.89 11.01
C LYS A 100 -4.81 10.72 12.28
N GLU A 101 -5.99 10.14 12.11
CA GLU A 101 -6.90 9.85 13.23
C GLU A 101 -6.26 8.88 14.23
N ARG A 102 -5.55 7.87 13.71
CA ARG A 102 -4.86 6.88 14.55
C ARG A 102 -3.49 7.39 15.05
N GLY A 103 -3.02 8.50 14.49
CA GLY A 103 -1.74 9.07 14.88
C GLY A 103 -0.54 8.26 14.40
N VAL A 104 -0.66 7.70 13.19
CA VAL A 104 0.41 6.89 12.59
C VAL A 104 0.94 7.52 11.29
N GLU A 105 2.20 7.23 10.97
CA GLU A 105 2.85 7.81 9.80
C GLU A 105 2.51 7.01 8.52
N VAL A 106 2.44 7.70 7.38
CA VAL A 106 2.02 7.07 6.13
C VAL A 106 3.17 7.04 5.10
N PHE A 107 3.36 5.90 4.46
CA PHE A 107 4.33 5.76 3.38
C PHE A 107 3.62 5.29 2.09
N VAL A 108 3.39 6.22 1.16
CA VAL A 108 2.60 5.94 -0.03
C VAL A 108 3.47 5.85 -1.30
N VAL A 109 3.37 4.73 -2.02
CA VAL A 109 4.08 4.54 -3.28
C VAL A 109 3.10 4.15 -4.41
N TYR A 110 2.91 5.05 -5.38
CA TYR A 110 2.01 4.77 -6.51
C TYR A 110 2.70 4.95 -7.87
N ASN A 111 2.26 4.16 -8.85
CA ASN A 111 2.85 4.18 -10.20
C ASN A 111 2.06 5.12 -11.13
N ASN A 112 2.76 6.07 -11.74
CA ASN A 112 2.14 7.07 -12.62
C ASN A 112 3.16 7.57 -13.65
N LYS A 113 2.68 7.95 -14.83
CA LYS A 113 3.56 8.31 -15.96
C LYS A 113 4.21 9.70 -15.80
N ASP A 114 3.45 10.76 -16.01
CA ASP A 114 4.00 12.13 -16.05
C ASP A 114 4.75 12.50 -14.76
N ASP A 115 6.03 12.86 -14.92
CA ASP A 115 6.91 13.17 -13.77
C ASP A 115 6.49 14.46 -13.04
N ASP A 116 6.09 15.47 -13.79
CA ASP A 116 5.72 16.76 -13.19
C ASP A 116 4.43 16.65 -12.37
N ARG A 117 3.43 15.96 -12.91
CA ARG A 117 2.20 15.69 -12.18
C ARG A 117 2.49 14.89 -10.91
N ARG A 118 3.45 13.97 -11.01
CA ARG A 118 3.92 13.21 -9.85
C ARG A 118 4.56 14.14 -8.80
N LYS A 119 5.34 15.11 -9.28
CA LYS A 119 6.00 16.08 -8.40
C LYS A 119 4.97 16.88 -7.56
N GLU A 120 3.99 17.48 -8.25
CA GLU A 120 2.97 18.28 -7.54
C GLU A 120 2.08 17.39 -6.66
N ALA A 121 1.89 16.14 -7.09
CA ALA A 121 1.16 15.15 -6.29
C ALA A 121 1.91 14.85 -4.97
N GLN A 122 3.23 14.68 -5.05
CA GLN A 122 4.06 14.48 -3.86
C GLN A 122 3.93 15.66 -2.90
N GLN A 123 3.83 16.87 -3.45
CA GLN A 123 3.63 18.08 -2.64
C GLN A 123 2.20 18.13 -2.07
N GLU A 124 1.26 17.55 -2.80
CA GLU A 124 -0.17 17.60 -2.44
C GLU A 124 -0.50 16.73 -1.21
N PHE A 125 -0.10 15.45 -1.25
CA PHE A 125 -0.47 14.48 -0.20
C PHE A 125 0.55 14.42 0.95
N ARG A 126 1.64 15.19 0.84
CA ARG A 126 2.70 15.16 1.85
C ARG A 126 2.31 15.92 3.13
N SER A 127 1.69 15.22 4.07
CA SER A 127 1.31 15.81 5.37
C SER A 127 2.47 15.69 6.38
N ASP A 128 2.20 16.07 7.64
CA ASP A 128 3.21 16.09 8.71
C ASP A 128 4.13 14.84 8.72
N GLY A 129 3.53 13.65 8.62
CA GLY A 129 4.31 12.41 8.63
C GLY A 129 3.96 11.48 7.49
N VAL A 130 4.09 11.96 6.25
CA VAL A 130 3.76 11.15 5.06
C VAL A 130 4.89 11.18 4.02
N ASP A 131 5.43 10.01 3.71
CA ASP A 131 6.40 9.87 2.61
C ASP A 131 5.69 9.53 1.30
N VAL A 132 5.56 10.51 0.41
CA VAL A 132 4.95 10.27 -0.89
C VAL A 132 6.01 9.98 -1.97
N ARG A 133 6.09 8.72 -2.37
CA ARG A 133 7.03 8.28 -3.41
C ARG A 133 6.27 7.91 -4.69
N THR A 134 6.69 8.48 -5.82
CA THR A 134 6.03 8.22 -7.11
C THR A 134 7.02 7.70 -8.16
N VAL A 135 6.64 6.66 -8.88
CA VAL A 135 7.50 6.06 -9.91
C VAL A 135 6.73 5.77 -11.21
N SER A 136 7.44 5.75 -12.33
CA SER A 136 6.83 5.39 -13.63
C SER A 136 7.10 3.91 -13.95
N ASP A 137 8.29 3.43 -13.57
CA ASP A 137 8.67 2.03 -13.80
C ASP A 137 8.16 1.10 -12.69
N LYS A 138 8.10 -0.19 -13.01
CA LYS A 138 7.67 -1.22 -12.06
C LYS A 138 8.79 -1.57 -11.06
N GLU A 139 9.99 -1.79 -11.58
CA GLU A 139 11.15 -2.14 -10.75
C GLU A 139 11.45 -1.07 -9.68
N GLU A 140 11.33 0.20 -10.08
CA GLU A 140 11.46 1.32 -9.13
C GLU A 140 10.48 1.18 -7.95
N LEU A 141 9.29 0.66 -8.25
CA LEU A 141 8.26 0.44 -7.23
C LEU A 141 8.62 -0.77 -6.35
N ILE A 142 9.05 -1.86 -6.99
CA ILE A 142 9.44 -3.09 -6.29
C ILE A 142 10.51 -2.82 -5.22
N GLU A 143 11.54 -2.05 -5.58
CA GLU A 143 12.64 -1.75 -4.66
C GLU A 143 12.18 -0.99 -3.42
N GLN A 144 11.17 -0.11 -3.57
CA GLN A 144 10.59 0.58 -2.41
C GLN A 144 10.08 -0.45 -1.38
N VAL A 145 9.42 -1.50 -1.87
CA VAL A 145 8.94 -2.59 -1.01
C VAL A 145 10.12 -3.32 -0.33
N ARG A 146 11.15 -3.63 -1.11
CA ARG A 146 12.34 -4.31 -0.59
C ARG A 146 13.00 -3.50 0.52
N ARG A 147 13.21 -2.21 0.26
CA ARG A 147 13.77 -1.27 1.25
C ARG A 147 12.90 -1.20 2.52
N PHE A 148 11.58 -1.31 2.36
CA PHE A 148 10.66 -1.36 3.50
C PHE A 148 10.97 -2.58 4.39
N VAL A 149 11.10 -3.76 3.77
CA VAL A 149 11.49 -4.97 4.49
C VAL A 149 12.82 -4.78 5.24
N ARG A 150 13.74 -4.04 4.61
CA ARG A 150 15.02 -3.70 5.25
C ARG A 150 14.81 -2.82 6.49
N LYS A 151 13.77 -1.98 6.46
CA LYS A 151 13.42 -1.14 7.61
C LYS A 151 12.93 -2.00 8.79
N VAL A 152 11.91 -2.82 8.53
CA VAL A 152 11.28 -3.65 9.57
C VAL A 152 12.18 -4.82 10.03
N GLY A 153 13.24 -5.09 9.27
CA GLY A 153 14.19 -6.14 9.66
C GLY A 153 14.71 -6.00 11.08
N SER A 154 14.87 -4.75 11.54
CA SER A 154 15.30 -4.48 12.92
C SER A 154 14.48 -3.35 13.55
N LEU A 155 13.54 -3.72 14.41
CA LEU A 155 12.67 -2.74 15.11
C LEU A 155 12.88 -2.82 16.63
N GLU A 156 12.53 -1.75 17.33
CA GLU A 156 12.81 -1.66 18.78
C GLU A 156 11.64 -2.19 19.65
N HIS A 157 10.83 -3.10 19.13
CA HIS A 157 9.72 -3.66 19.92
C HIS A 157 10.24 -4.66 20.97
N HIS A 158 10.92 -4.14 22.00
CA HIS A 158 11.56 -4.98 23.02
C HIS A 158 10.92 -4.80 24.40
N HIS A 159 11.25 -5.70 25.32
CA HIS A 159 10.73 -5.67 26.69
C HIS A 159 11.06 -4.34 27.39
N HIS A 160 10.03 -3.69 27.93
CA HIS A 160 10.20 -2.43 28.67
C HIS A 160 9.10 -2.26 29.73
N HIS A 161 9.39 -1.54 30.80
CA HIS A 161 8.44 -1.39 31.92
C HIS A 161 7.33 -0.38 31.61
N HIS A 162 6.08 -0.80 31.78
CA HIS A 162 4.92 0.10 31.61
C HIS A 162 4.31 0.47 32.98
N MET A 1 7.16 1.76 17.45
CA MET A 1 7.11 2.37 16.09
C MET A 1 5.85 1.95 15.33
N SER A 2 5.26 2.88 14.58
CA SER A 2 4.04 2.61 13.80
C SER A 2 4.01 3.44 12.51
N GLN A 3 4.42 2.81 11.41
CA GLN A 3 4.33 3.42 10.08
C GLN A 3 3.71 2.42 9.10
N ILE A 4 2.80 2.88 8.25
CA ILE A 4 2.06 1.98 7.35
C ILE A 4 2.45 2.17 5.88
N PHE A 5 2.83 1.07 5.24
CA PHE A 5 3.28 1.08 3.84
C PHE A 5 2.13 0.72 2.89
N VAL A 6 1.78 1.64 2.01
CA VAL A 6 0.69 1.41 1.05
C VAL A 6 1.15 1.65 -0.40
N VAL A 7 0.82 0.71 -1.28
CA VAL A 7 1.15 0.82 -2.71
C VAL A 7 -0.12 0.99 -3.55
N PHE A 8 -0.11 1.95 -4.46
CA PHE A 8 -1.24 2.13 -5.39
C PHE A 8 -0.80 1.79 -6.82
N SER A 9 -1.51 0.84 -7.45
CA SER A 9 -1.26 0.48 -8.85
C SER A 9 -2.56 0.12 -9.57
N SER A 10 -2.92 0.89 -10.60
CA SER A 10 -4.14 0.61 -11.39
C SER A 10 -3.97 -0.57 -12.35
N ASP A 11 -2.80 -1.23 -12.32
CA ASP A 11 -2.54 -2.40 -13.16
C ASP A 11 -2.29 -3.68 -12.33
N PRO A 12 -3.22 -4.66 -12.41
CA PRO A 12 -3.07 -5.93 -11.69
C PRO A 12 -1.80 -6.70 -12.10
N GLU A 13 -1.35 -6.47 -13.34
CA GLU A 13 -0.11 -7.08 -13.83
C GLU A 13 1.12 -6.62 -13.03
N ILE A 14 1.07 -5.39 -12.52
CA ILE A 14 2.16 -4.84 -11.71
C ILE A 14 2.03 -5.35 -10.28
N LEU A 15 0.81 -5.33 -9.79
CA LEU A 15 0.46 -5.87 -8.48
C LEU A 15 0.93 -7.34 -8.35
N LYS A 16 0.75 -8.15 -9.40
CA LYS A 16 1.20 -9.55 -9.38
C LYS A 16 2.71 -9.66 -9.16
N GLU A 17 3.48 -8.77 -9.78
CA GLU A 17 4.94 -8.74 -9.61
C GLU A 17 5.32 -8.36 -8.17
N ILE A 18 4.55 -7.44 -7.58
CA ILE A 18 4.79 -6.99 -6.21
C ILE A 18 4.51 -8.11 -5.19
N VAL A 19 3.39 -8.82 -5.38
CA VAL A 19 2.98 -9.90 -4.49
C VAL A 19 4.11 -10.93 -4.25
N ARG A 20 4.69 -11.45 -5.34
CA ARG A 20 5.75 -12.47 -5.22
C ARG A 20 6.94 -11.96 -4.39
N GLU A 21 7.24 -10.67 -4.51
CA GLU A 21 8.32 -10.06 -3.72
C GLU A 21 7.96 -10.06 -2.23
N ILE A 22 6.77 -9.60 -1.90
CA ILE A 22 6.29 -9.59 -0.51
C ILE A 22 6.33 -11.01 0.10
N LYS A 23 5.87 -11.99 -0.67
CA LYS A 23 5.83 -13.38 -0.22
C LYS A 23 7.24 -13.98 -0.07
N ARG A 24 8.18 -13.56 -0.92
CA ARG A 24 9.57 -14.06 -0.82
C ARG A 24 10.28 -13.45 0.40
N GLN A 25 9.81 -12.27 0.84
CA GLN A 25 10.35 -11.61 2.04
C GLN A 25 9.76 -12.24 3.31
N GLY A 26 8.55 -12.78 3.20
CA GLY A 26 7.88 -13.40 4.36
C GLY A 26 6.96 -12.43 5.09
N VAL A 27 6.57 -11.34 4.42
CA VAL A 27 5.69 -10.33 5.00
C VAL A 27 4.23 -10.54 4.56
N ARG A 28 3.27 -10.17 5.40
CA ARG A 28 1.85 -10.28 5.06
C ARG A 28 1.41 -9.17 4.09
N VAL A 29 0.57 -9.53 3.12
CA VAL A 29 0.10 -8.59 2.10
C VAL A 29 -1.42 -8.37 2.17
N VAL A 30 -1.83 -7.13 2.39
CA VAL A 30 -3.25 -6.76 2.44
C VAL A 30 -3.66 -6.07 1.13
N LEU A 31 -4.27 -6.83 0.23
CA LEU A 31 -4.69 -6.31 -1.08
C LEU A 31 -6.15 -5.83 -1.05
N LEU A 32 -6.33 -4.53 -1.16
CA LEU A 32 -7.67 -3.93 -1.23
C LEU A 32 -8.12 -3.81 -2.69
N TYR A 33 -8.90 -4.79 -3.14
CA TYR A 33 -9.25 -4.92 -4.55
C TYR A 33 -10.51 -4.10 -4.89
N SER A 34 -10.35 -3.11 -5.77
CA SER A 34 -11.47 -2.27 -6.20
C SER A 34 -11.85 -2.56 -7.67
N ASP A 35 -12.92 -3.32 -7.87
CA ASP A 35 -13.42 -3.64 -9.20
C ASP A 35 -14.95 -3.51 -9.25
N GLN A 36 -15.49 -3.17 -10.42
CA GLN A 36 -16.93 -2.88 -10.56
C GLN A 36 -17.80 -4.14 -10.55
N ASP A 37 -17.30 -5.23 -11.13
CA ASP A 37 -18.10 -6.46 -11.28
C ASP A 37 -17.94 -7.39 -10.07
N GLU A 38 -18.71 -8.47 -10.05
CA GLU A 38 -18.60 -9.50 -9.01
C GLU A 38 -17.86 -10.75 -9.54
N LYS A 39 -18.35 -11.30 -10.65
CA LYS A 39 -17.78 -12.53 -11.22
C LYS A 39 -16.37 -12.30 -11.75
N ARG A 40 -16.23 -11.41 -12.73
CA ARG A 40 -14.92 -11.06 -13.29
C ARG A 40 -13.95 -10.63 -12.18
N ARG A 41 -14.47 -9.89 -11.20
CA ARG A 41 -13.69 -9.47 -10.03
C ARG A 41 -13.19 -10.69 -9.21
N ARG A 42 -14.10 -11.60 -8.90
CA ARG A 42 -13.79 -12.75 -8.06
C ARG A 42 -12.69 -13.63 -8.68
N GLU A 43 -12.82 -13.93 -9.96
CA GLU A 43 -11.81 -14.72 -10.68
C GLU A 43 -10.46 -13.96 -10.76
N ARG A 44 -10.53 -12.63 -10.72
CA ARG A 44 -9.31 -11.80 -10.65
C ARG A 44 -8.60 -11.95 -9.30
N LEU A 45 -9.31 -11.67 -8.21
CA LEU A 45 -8.71 -11.68 -6.86
C LEU A 45 -8.46 -13.11 -6.33
N GLU A 46 -9.23 -14.09 -6.82
CA GLU A 46 -9.05 -15.48 -6.41
C GLU A 46 -7.60 -15.94 -6.62
N GLU A 47 -7.01 -15.50 -7.73
CA GLU A 47 -5.61 -15.80 -8.05
C GLU A 47 -4.67 -15.38 -6.91
N PHE A 48 -5.01 -14.30 -6.22
CA PHE A 48 -4.19 -13.81 -5.12
C PHE A 48 -4.50 -14.54 -3.80
N GLU A 49 -5.80 -14.79 -3.56
CA GLU A 49 -6.23 -15.50 -2.34
C GLU A 49 -5.60 -16.89 -2.25
N LYS A 50 -5.60 -17.63 -3.37
CA LYS A 50 -5.01 -18.97 -3.43
C LYS A 50 -3.48 -18.91 -3.26
N GLN A 51 -2.90 -17.72 -3.39
CA GLN A 51 -1.46 -17.51 -3.16
C GLN A 51 -1.19 -16.93 -1.77
N GLY A 52 -2.21 -16.94 -0.90
CA GLY A 52 -2.04 -16.51 0.48
C GLY A 52 -2.08 -15.00 0.69
N VAL A 53 -2.68 -14.28 -0.25
CA VAL A 53 -2.80 -12.83 -0.16
C VAL A 53 -4.11 -12.40 0.52
N ASP A 54 -4.01 -11.53 1.53
CA ASP A 54 -5.20 -11.07 2.25
C ASP A 54 -5.96 -10.01 1.43
N VAL A 55 -6.92 -10.47 0.62
CA VAL A 55 -7.64 -9.58 -0.30
C VAL A 55 -9.03 -9.18 0.24
N ARG A 56 -9.32 -7.87 0.24
CA ARG A 56 -10.65 -7.36 0.61
C ARG A 56 -11.21 -6.47 -0.51
N THR A 57 -12.51 -6.61 -0.77
CA THR A 57 -13.16 -5.85 -1.84
C THR A 57 -13.63 -4.45 -1.39
N VAL A 58 -13.17 -3.42 -2.08
CA VAL A 58 -13.59 -2.03 -1.82
C VAL A 58 -14.33 -1.42 -3.03
N GLU A 59 -15.47 -0.80 -2.78
CA GLU A 59 -16.28 -0.17 -3.84
C GLU A 59 -16.03 1.35 -3.91
N ASP A 60 -15.77 1.98 -2.77
CA ASP A 60 -15.47 3.42 -2.71
C ASP A 60 -14.47 3.72 -1.58
N LYS A 61 -14.09 4.99 -1.41
CA LYS A 61 -13.04 5.33 -0.44
C LYS A 61 -13.55 5.36 1.02
N GLU A 62 -14.88 5.43 1.23
CA GLU A 62 -15.42 5.34 2.59
C GLU A 62 -15.37 3.88 3.09
N ASP A 63 -15.62 2.92 2.19
CA ASP A 63 -15.40 1.50 2.51
C ASP A 63 -13.89 1.26 2.66
N PHE A 64 -13.12 1.86 1.76
CA PHE A 64 -11.66 1.83 1.81
C PHE A 64 -11.12 2.19 3.21
N ARG A 65 -11.52 3.35 3.75
CA ARG A 65 -11.07 3.76 5.08
C ARG A 65 -11.58 2.81 6.20
N GLU A 66 -12.72 2.16 5.98
CA GLU A 66 -13.19 1.11 6.90
C GLU A 66 -12.18 -0.04 6.95
N ASN A 67 -11.72 -0.47 5.78
CA ASN A 67 -10.67 -1.49 5.69
C ASN A 67 -9.38 -1.00 6.37
N ILE A 68 -9.06 0.28 6.21
CA ILE A 68 -7.93 0.89 6.90
C ILE A 68 -8.09 0.82 8.42
N ARG A 69 -9.31 1.11 8.89
CA ARG A 69 -9.64 1.00 10.31
C ARG A 69 -9.49 -0.45 10.79
N GLU A 70 -9.86 -1.39 9.93
CA GLU A 70 -9.61 -2.81 10.18
C GLU A 70 -8.10 -3.12 10.24
N ILE A 71 -7.30 -2.39 9.46
CA ILE A 71 -5.84 -2.52 9.51
C ILE A 71 -5.31 -2.10 10.89
N TRP A 72 -5.83 -0.99 11.42
CA TRP A 72 -5.45 -0.54 12.78
C TRP A 72 -5.79 -1.62 13.82
N GLU A 73 -6.94 -2.27 13.63
CA GLU A 73 -7.41 -3.33 14.53
C GLU A 73 -6.55 -4.61 14.42
N ARG A 74 -6.47 -5.16 13.22
CA ARG A 74 -5.74 -6.40 12.96
C ARG A 74 -4.23 -6.26 13.19
N TYR A 75 -3.64 -5.18 12.69
CA TYR A 75 -2.18 -5.02 12.71
C TYR A 75 -1.74 -3.74 13.45
N PRO A 76 -1.45 -3.84 14.76
CA PRO A 76 -1.05 -2.68 15.59
C PRO A 76 0.37 -2.17 15.29
N GLN A 77 1.25 -3.06 14.85
CA GLN A 77 2.65 -2.70 14.56
C GLN A 77 2.81 -2.20 13.11
N LEU A 78 1.83 -2.52 12.26
CA LEU A 78 1.81 -2.07 10.86
C LEU A 78 2.95 -2.68 10.02
N ASP A 79 3.46 -3.84 10.45
CA ASP A 79 4.53 -4.56 9.73
C ASP A 79 4.00 -5.29 8.47
N VAL A 80 2.94 -4.76 7.85
CA VAL A 80 2.31 -5.41 6.70
C VAL A 80 2.30 -4.49 5.46
N VAL A 81 2.30 -5.09 4.28
CA VAL A 81 2.27 -4.34 3.02
C VAL A 81 0.85 -4.24 2.46
N VAL A 82 0.30 -3.03 2.43
CA VAL A 82 -1.03 -2.79 1.90
C VAL A 82 -0.97 -2.36 0.42
N ILE A 83 -1.77 -3.00 -0.44
CA ILE A 83 -1.80 -2.67 -1.87
C ILE A 83 -3.23 -2.34 -2.34
N VAL A 84 -3.35 -1.29 -3.16
CA VAL A 84 -4.66 -0.87 -3.70
C VAL A 84 -4.63 -0.89 -5.24
N THR A 85 -5.69 -1.40 -5.85
CA THR A 85 -5.75 -1.59 -7.31
C THR A 85 -6.14 -0.30 -8.07
N THR A 86 -5.71 0.86 -7.59
CA THR A 86 -6.02 2.13 -8.26
C THR A 86 -5.10 3.26 -7.81
N ASP A 87 -4.79 4.18 -8.74
CA ASP A 87 -3.95 5.34 -8.44
C ASP A 87 -4.81 6.60 -8.17
N ASP A 88 -6.07 6.40 -7.78
CA ASP A 88 -6.97 7.52 -7.46
C ASP A 88 -6.43 8.39 -6.31
N LYS A 89 -6.18 9.66 -6.62
CA LYS A 89 -5.63 10.62 -5.65
C LYS A 89 -6.50 10.70 -4.37
N GLU A 90 -7.82 10.73 -4.54
CA GLU A 90 -8.74 10.83 -3.40
C GLU A 90 -8.58 9.65 -2.44
N TRP A 91 -8.37 8.46 -3.00
CA TRP A 91 -8.16 7.27 -2.17
C TRP A 91 -6.84 7.36 -1.40
N ILE A 92 -5.81 7.90 -2.04
CA ILE A 92 -4.52 8.15 -1.39
C ILE A 92 -4.68 9.16 -0.24
N LYS A 93 -5.45 10.22 -0.51
CA LYS A 93 -5.71 11.27 0.47
C LYS A 93 -6.54 10.72 1.66
N ASP A 94 -7.70 10.15 1.35
CA ASP A 94 -8.59 9.57 2.37
C ASP A 94 -7.88 8.46 3.17
N PHE A 95 -6.84 7.86 2.60
CA PHE A 95 -5.99 6.91 3.33
C PHE A 95 -5.23 7.61 4.47
N ILE A 96 -4.53 8.69 4.12
CA ILE A 96 -3.70 9.41 5.09
C ILE A 96 -4.56 10.04 6.21
N GLU A 97 -5.76 10.50 5.85
CA GLU A 97 -6.72 11.05 6.82
C GLU A 97 -6.77 10.19 8.10
N GLU A 98 -7.14 8.92 7.93
CA GLU A 98 -7.31 8.02 9.07
C GLU A 98 -6.01 7.88 9.88
N ALA A 99 -4.88 7.83 9.18
CA ALA A 99 -3.57 7.72 9.82
C ALA A 99 -3.22 8.98 10.62
N LYS A 100 -3.68 10.14 10.16
CA LYS A 100 -3.43 11.41 10.85
C LYS A 100 -4.18 11.48 12.18
N GLU A 101 -5.46 11.09 12.17
CA GLU A 101 -6.27 11.06 13.40
C GLU A 101 -5.76 9.99 14.39
N ARG A 102 -5.19 8.90 13.86
CA ARG A 102 -4.53 7.90 14.70
C ARG A 102 -3.14 8.39 15.15
N GLY A 103 -2.59 9.38 14.45
CA GLY A 103 -1.28 9.95 14.79
C GLY A 103 -0.11 9.09 14.33
N VAL A 104 -0.38 8.11 13.47
CA VAL A 104 0.64 7.18 12.98
C VAL A 104 1.32 7.68 11.69
N GLU A 105 2.51 7.18 11.42
CA GLU A 105 3.29 7.59 10.24
C GLU A 105 2.80 6.90 8.97
N VAL A 106 2.84 7.62 7.85
CA VAL A 106 2.36 7.11 6.56
C VAL A 106 3.51 6.94 5.56
N PHE A 107 3.42 5.91 4.72
CA PHE A 107 4.38 5.71 3.64
C PHE A 107 3.64 5.28 2.35
N VAL A 108 3.59 6.18 1.37
CA VAL A 108 2.80 5.97 0.15
C VAL A 108 3.69 5.82 -1.10
N VAL A 109 3.52 4.73 -1.83
CA VAL A 109 4.20 4.52 -3.11
C VAL A 109 3.19 4.19 -4.23
N TYR A 110 2.93 5.16 -5.12
CA TYR A 110 1.98 4.94 -6.23
C TYR A 110 2.68 5.00 -7.59
N ASN A 111 2.14 4.24 -8.55
CA ASN A 111 2.78 4.09 -9.87
C ASN A 111 2.15 5.02 -10.92
N ASN A 112 2.89 6.06 -11.31
CA ASN A 112 2.44 6.99 -12.34
C ASN A 112 3.63 7.41 -13.22
N LYS A 113 3.46 7.31 -14.53
CA LYS A 113 4.56 7.54 -15.48
C LYS A 113 4.87 9.02 -15.68
N ASP A 114 3.85 9.88 -15.61
CA ASP A 114 4.05 11.32 -15.81
C ASP A 114 4.51 12.01 -14.51
N ASP A 115 5.77 12.41 -14.47
CA ASP A 115 6.38 12.98 -13.26
C ASP A 115 5.68 14.26 -12.77
N ASP A 116 5.14 15.07 -13.69
CA ASP A 116 4.48 16.33 -13.32
C ASP A 116 3.17 16.08 -12.54
N ARG A 117 2.35 15.15 -13.02
CA ARG A 117 1.10 14.80 -12.33
C ARG A 117 1.38 14.20 -10.94
N ARG A 118 2.60 13.71 -10.74
CA ARG A 118 3.01 13.17 -9.44
C ARG A 118 3.38 14.31 -8.47
N LYS A 119 4.13 15.30 -8.97
CA LYS A 119 4.58 16.44 -8.14
C LYS A 119 3.40 17.11 -7.42
N GLU A 120 2.40 17.52 -8.20
CA GLU A 120 1.19 18.15 -7.64
C GLU A 120 0.57 17.31 -6.52
N ALA A 121 0.59 15.99 -6.70
CA ALA A 121 0.04 15.05 -5.71
C ALA A 121 0.91 14.97 -4.45
N GLN A 122 2.24 14.96 -4.63
CA GLN A 122 3.19 14.92 -3.51
C GLN A 122 2.92 16.06 -2.52
N GLN A 123 2.80 17.27 -3.04
CA GLN A 123 2.48 18.46 -2.23
C GLN A 123 1.18 18.27 -1.44
N GLU A 124 0.21 17.61 -2.05
CA GLU A 124 -1.13 17.45 -1.48
C GLU A 124 -1.18 16.34 -0.39
N PHE A 125 -0.42 15.26 -0.60
CA PHE A 125 -0.46 14.11 0.31
C PHE A 125 0.59 14.21 1.43
N ARG A 126 1.71 14.87 1.17
CA ARG A 126 2.80 14.97 2.15
C ARG A 126 2.38 15.80 3.38
N SER A 127 1.71 15.16 4.33
CA SER A 127 1.29 15.83 5.58
C SER A 127 2.27 15.50 6.72
N ASP A 128 3.37 16.26 6.78
CA ASP A 128 4.40 16.11 7.82
C ASP A 128 4.93 14.66 7.93
N GLY A 129 4.24 13.81 8.68
CA GLY A 129 4.67 12.43 8.89
C GLY A 129 4.23 11.49 7.76
N VAL A 130 4.53 11.86 6.53
CA VAL A 130 4.14 11.06 5.35
C VAL A 130 5.30 10.95 4.35
N ASP A 131 5.82 9.73 4.20
CA ASP A 131 6.84 9.45 3.19
C ASP A 131 6.20 9.21 1.81
N VAL A 132 6.27 10.22 0.94
CA VAL A 132 5.71 10.11 -0.41
C VAL A 132 6.79 9.73 -1.43
N ARG A 133 6.67 8.54 -2.00
CA ARG A 133 7.58 8.08 -3.06
C ARG A 133 6.83 7.84 -4.37
N THR A 134 7.15 8.67 -5.38
CA THR A 134 6.47 8.59 -6.67
C THR A 134 7.33 7.86 -7.71
N VAL A 135 6.83 6.75 -8.23
CA VAL A 135 7.59 5.94 -9.20
C VAL A 135 6.95 5.97 -10.60
N SER A 136 7.80 6.00 -11.63
CA SER A 136 7.33 5.97 -13.03
C SER A 136 7.24 4.53 -13.56
N ASP A 137 8.20 3.69 -13.17
CA ASP A 137 8.29 2.32 -13.68
C ASP A 137 7.87 1.29 -12.62
N LYS A 138 7.83 0.02 -13.04
CA LYS A 138 7.44 -1.08 -12.15
C LYS A 138 8.53 -1.42 -11.14
N GLU A 139 9.77 -1.63 -11.62
CA GLU A 139 10.89 -1.96 -10.74
C GLU A 139 11.16 -0.84 -9.71
N GLU A 140 11.00 0.41 -10.14
CA GLU A 140 11.10 1.56 -9.23
C GLU A 140 10.24 1.36 -7.98
N LEU A 141 9.07 0.74 -8.17
CA LEU A 141 8.14 0.45 -7.08
C LEU A 141 8.63 -0.75 -6.26
N ILE A 142 9.02 -1.82 -6.96
CA ILE A 142 9.50 -3.06 -6.32
C ILE A 142 10.63 -2.77 -5.32
N GLU A 143 11.63 -2.00 -5.74
CA GLU A 143 12.77 -1.66 -4.89
C GLU A 143 12.33 -1.04 -3.55
N GLN A 144 11.27 -0.24 -3.57
CA GLN A 144 10.73 0.36 -2.34
C GLN A 144 10.16 -0.73 -1.42
N VAL A 145 9.41 -1.66 -1.99
CA VAL A 145 8.85 -2.80 -1.22
C VAL A 145 9.96 -3.65 -0.59
N ARG A 146 10.96 -3.99 -1.40
CA ARG A 146 12.10 -4.80 -0.93
C ARG A 146 12.82 -4.11 0.24
N ARG A 147 12.98 -2.79 0.13
CA ARG A 147 13.70 -2.01 1.16
C ARG A 147 12.82 -1.70 2.39
N PHE A 148 11.50 -1.64 2.20
CA PHE A 148 10.57 -1.45 3.32
C PHE A 148 10.75 -2.56 4.38
N VAL A 149 10.80 -3.81 3.90
CA VAL A 149 11.04 -4.96 4.79
C VAL A 149 12.31 -4.76 5.63
N ARG A 150 13.32 -4.12 5.03
CA ARG A 150 14.57 -3.81 5.73
C ARG A 150 14.35 -2.70 6.77
N LYS A 151 13.55 -1.68 6.41
CA LYS A 151 13.24 -0.58 7.34
C LYS A 151 12.69 -1.11 8.67
N VAL A 152 11.57 -1.84 8.59
CA VAL A 152 10.92 -2.37 9.79
C VAL A 152 11.81 -3.37 10.54
N GLY A 153 12.70 -4.04 9.81
CA GLY A 153 13.64 -4.96 10.43
C GLY A 153 14.97 -4.30 10.80
N SER A 154 15.00 -2.96 10.80
CA SER A 154 16.22 -2.21 11.13
C SER A 154 15.93 -0.93 11.93
N LEU A 155 14.68 -0.75 12.37
CA LEU A 155 14.28 0.44 13.14
C LEU A 155 15.03 0.54 14.48
N GLU A 156 15.45 1.76 14.83
CA GLU A 156 16.21 2.01 16.06
C GLU A 156 15.35 2.65 17.16
N HIS A 157 14.98 3.91 16.98
CA HIS A 157 14.20 4.65 17.99
C HIS A 157 12.93 5.28 17.40
N HIS A 158 12.30 6.16 18.18
CA HIS A 158 11.05 6.81 17.76
C HIS A 158 11.29 7.77 16.58
N HIS A 159 10.85 7.38 15.37
CA HIS A 159 10.94 8.25 14.21
C HIS A 159 10.06 9.51 14.43
N HIS A 160 8.77 9.31 14.66
CA HIS A 160 7.92 10.40 15.12
C HIS A 160 8.21 10.70 16.61
N HIS A 161 9.01 11.73 16.85
CA HIS A 161 9.56 12.02 18.18
C HIS A 161 8.65 12.99 18.98
N HIS A 162 7.35 13.00 18.64
CA HIS A 162 6.38 13.93 19.25
C HIS A 162 6.73 15.40 18.89
N MET A 1 9.62 5.29 14.79
CA MET A 1 8.98 4.92 13.50
C MET A 1 7.77 3.99 13.70
N SER A 2 6.56 4.56 13.54
CA SER A 2 5.32 3.78 13.49
C SER A 2 4.62 4.04 12.16
N GLN A 3 5.09 3.38 11.11
CA GLN A 3 4.70 3.73 9.73
C GLN A 3 4.06 2.52 9.01
N ILE A 4 3.04 2.81 8.20
CA ILE A 4 2.36 1.77 7.41
C ILE A 4 2.63 1.96 5.91
N PHE A 5 2.94 0.86 5.23
CA PHE A 5 3.27 0.89 3.80
C PHE A 5 2.00 0.67 2.96
N VAL A 6 1.75 1.56 2.01
CA VAL A 6 0.60 1.42 1.10
C VAL A 6 0.97 1.74 -0.36
N VAL A 7 0.58 0.84 -1.26
CA VAL A 7 0.87 0.97 -2.69
C VAL A 7 -0.42 1.20 -3.50
N PHE A 8 -0.37 2.10 -4.46
CA PHE A 8 -1.48 2.31 -5.39
C PHE A 8 -1.04 2.01 -6.84
N SER A 9 -1.70 1.06 -7.49
CA SER A 9 -1.39 0.70 -8.88
C SER A 9 -2.65 0.32 -9.67
N SER A 10 -2.87 0.96 -10.80
CA SER A 10 -3.99 0.60 -11.68
C SER A 10 -3.74 -0.73 -12.42
N ASP A 11 -2.47 -1.07 -12.63
CA ASP A 11 -2.10 -2.28 -13.37
C ASP A 11 -2.01 -3.52 -12.47
N PRO A 12 -2.89 -4.53 -12.70
CA PRO A 12 -2.87 -5.79 -11.91
C PRO A 12 -1.59 -6.60 -12.17
N GLU A 13 -1.00 -6.43 -13.35
CA GLU A 13 0.24 -7.14 -13.70
C GLU A 13 1.45 -6.57 -12.95
N ILE A 14 1.37 -5.31 -12.54
CA ILE A 14 2.39 -4.69 -11.69
C ILE A 14 2.12 -5.03 -10.22
N LEU A 15 0.86 -4.80 -9.81
CA LEU A 15 0.38 -5.16 -8.48
C LEU A 15 0.79 -6.59 -8.10
N LYS A 16 0.59 -7.52 -9.04
CA LYS A 16 0.90 -8.94 -8.82
C LYS A 16 2.38 -9.16 -8.46
N GLU A 17 3.28 -8.45 -9.13
CA GLU A 17 4.72 -8.60 -8.89
C GLU A 17 5.13 -7.98 -7.55
N ILE A 18 4.47 -6.89 -7.17
CA ILE A 18 4.68 -6.27 -5.87
C ILE A 18 4.33 -7.27 -4.74
N VAL A 19 3.17 -7.90 -4.88
CA VAL A 19 2.69 -8.88 -3.89
C VAL A 19 3.63 -10.08 -3.74
N ARG A 20 4.01 -10.70 -4.86
CA ARG A 20 4.86 -11.90 -4.83
C ARG A 20 6.20 -11.62 -4.13
N GLU A 21 6.69 -10.38 -4.25
CA GLU A 21 7.87 -9.94 -3.50
C GLU A 21 7.57 -9.91 -2.00
N ILE A 22 6.56 -9.13 -1.61
CA ILE A 22 6.17 -9.00 -0.19
C ILE A 22 6.06 -10.36 0.51
N LYS A 23 5.41 -11.32 -0.15
CA LYS A 23 5.26 -12.67 0.38
C LYS A 23 6.62 -13.35 0.61
N ARG A 24 7.45 -13.40 -0.42
CA ARG A 24 8.75 -14.10 -0.33
C ARG A 24 9.73 -13.35 0.58
N GLN A 25 9.46 -12.05 0.82
CA GLN A 25 10.28 -11.26 1.74
C GLN A 25 9.97 -11.61 3.21
N GLY A 26 8.80 -12.22 3.45
CA GLY A 26 8.41 -12.59 4.80
C GLY A 26 7.47 -11.58 5.47
N VAL A 27 6.74 -10.83 4.66
CA VAL A 27 5.78 -9.83 5.16
C VAL A 27 4.37 -10.11 4.65
N ARG A 28 3.35 -9.71 5.42
CA ARG A 28 1.95 -9.89 5.00
C ARG A 28 1.49 -8.77 4.06
N VAL A 29 0.67 -9.14 3.08
CA VAL A 29 0.18 -8.19 2.07
C VAL A 29 -1.36 -8.07 2.12
N VAL A 30 -1.86 -6.85 2.29
CA VAL A 30 -3.30 -6.60 2.35
C VAL A 30 -3.78 -5.88 1.09
N LEU A 31 -4.37 -6.63 0.16
CA LEU A 31 -4.88 -6.07 -1.10
C LEU A 31 -6.34 -5.63 -0.97
N LEU A 32 -6.59 -4.35 -1.20
CA LEU A 32 -7.96 -3.82 -1.23
C LEU A 32 -8.42 -3.67 -2.69
N TYR A 33 -9.16 -4.67 -3.16
CA TYR A 33 -9.44 -4.81 -4.58
C TYR A 33 -10.72 -4.09 -5.01
N SER A 34 -10.57 -3.03 -5.81
CA SER A 34 -11.71 -2.29 -6.38
C SER A 34 -11.78 -2.50 -7.91
N ASP A 35 -12.84 -3.15 -8.37
CA ASP A 35 -12.98 -3.49 -9.80
C ASP A 35 -14.41 -3.15 -10.30
N GLN A 36 -14.62 -3.31 -11.61
CA GLN A 36 -15.91 -2.97 -12.24
C GLN A 36 -17.00 -4.02 -11.92
N ASP A 37 -16.74 -5.27 -12.27
CA ASP A 37 -17.72 -6.35 -12.13
C ASP A 37 -17.71 -6.97 -10.73
N GLU A 38 -18.63 -7.90 -10.47
CA GLU A 38 -18.59 -8.69 -9.23
C GLU A 38 -17.83 -10.00 -9.44
N LYS A 39 -18.30 -10.82 -10.38
CA LYS A 39 -17.70 -12.13 -10.64
C LYS A 39 -16.22 -12.01 -11.06
N ARG A 40 -15.93 -11.15 -12.04
CA ARG A 40 -14.55 -10.94 -12.51
C ARG A 40 -13.66 -10.40 -11.38
N ARG A 41 -14.20 -9.49 -10.59
CA ARG A 41 -13.51 -8.97 -9.40
C ARG A 41 -13.14 -10.11 -8.44
N ARG A 42 -14.08 -11.02 -8.22
CA ARG A 42 -13.86 -12.18 -7.34
C ARG A 42 -12.80 -13.13 -7.93
N GLU A 43 -12.92 -13.41 -9.23
CA GLU A 43 -11.95 -14.26 -9.95
C GLU A 43 -10.53 -13.66 -9.91
N ARG A 44 -10.45 -12.35 -10.07
CA ARG A 44 -9.16 -11.64 -10.09
C ARG A 44 -8.49 -11.63 -8.70
N LEU A 45 -9.25 -11.39 -7.64
CA LEU A 45 -8.69 -11.38 -6.29
C LEU A 45 -8.43 -12.82 -5.79
N GLU A 46 -9.22 -13.77 -6.29
CA GLU A 46 -9.07 -15.18 -5.94
C GLU A 46 -7.67 -15.71 -6.28
N GLU A 47 -7.16 -15.36 -7.46
CA GLU A 47 -5.85 -15.84 -7.90
C GLU A 47 -4.75 -15.42 -6.91
N PHE A 48 -4.99 -14.32 -6.20
CA PHE A 48 -4.05 -13.87 -5.16
C PHE A 48 -4.23 -14.65 -3.86
N GLU A 49 -5.47 -14.88 -3.44
CA GLU A 49 -5.74 -15.62 -2.20
C GLU A 49 -5.11 -17.02 -2.24
N LYS A 50 -5.25 -17.69 -3.38
CA LYS A 50 -4.65 -19.02 -3.59
C LYS A 50 -3.11 -18.96 -3.65
N GLN A 51 -2.57 -17.75 -3.81
CA GLN A 51 -1.12 -17.53 -3.71
C GLN A 51 -0.70 -17.14 -2.28
N GLY A 52 -1.68 -17.02 -1.39
CA GLY A 52 -1.40 -16.69 0.02
C GLY A 52 -1.52 -15.20 0.34
N VAL A 53 -2.35 -14.48 -0.42
CA VAL A 53 -2.52 -13.03 -0.24
C VAL A 53 -3.79 -12.71 0.56
N ASP A 54 -3.73 -11.67 1.40
CA ASP A 54 -4.88 -11.23 2.18
C ASP A 54 -5.66 -10.12 1.43
N VAL A 55 -6.71 -10.51 0.71
CA VAL A 55 -7.45 -9.58 -0.14
C VAL A 55 -8.88 -9.32 0.37
N ARG A 56 -9.32 -8.06 0.26
CA ARG A 56 -10.69 -7.67 0.57
C ARG A 56 -11.32 -6.92 -0.63
N THR A 57 -12.65 -6.88 -0.70
CA THR A 57 -13.34 -6.15 -1.78
C THR A 57 -13.73 -4.74 -1.33
N VAL A 58 -13.50 -3.77 -2.22
CA VAL A 58 -13.94 -2.39 -2.00
C VAL A 58 -14.69 -1.84 -3.22
N GLU A 59 -15.73 -1.04 -2.96
CA GLU A 59 -16.54 -0.43 -4.02
C GLU A 59 -16.46 1.11 -4.00
N ASP A 60 -16.40 1.69 -2.81
CA ASP A 60 -16.43 3.14 -2.65
C ASP A 60 -15.28 3.61 -1.74
N LYS A 61 -15.08 4.93 -1.65
CA LYS A 61 -14.05 5.50 -0.77
C LYS A 61 -14.38 5.20 0.70
N GLU A 62 -15.66 5.34 1.03
CA GLU A 62 -16.15 5.07 2.39
C GLU A 62 -16.07 3.56 2.72
N ASP A 63 -16.17 2.72 1.68
CA ASP A 63 -16.03 1.28 1.85
C ASP A 63 -14.55 0.91 1.97
N PHE A 64 -13.70 1.70 1.29
CA PHE A 64 -12.25 1.56 1.36
C PHE A 64 -11.71 1.95 2.75
N ARG A 65 -12.03 3.15 3.20
CA ARG A 65 -11.48 3.70 4.45
C ARG A 65 -11.81 2.83 5.67
N GLU A 66 -12.97 2.17 5.67
CA GLU A 66 -13.37 1.32 6.80
C GLU A 66 -12.49 0.06 6.93
N ASN A 67 -12.10 -0.53 5.80
CA ASN A 67 -11.19 -1.69 5.81
C ASN A 67 -9.86 -1.36 6.52
N ILE A 68 -9.50 -0.08 6.51
CA ILE A 68 -8.28 0.41 7.18
C ILE A 68 -8.41 0.30 8.71
N ARG A 69 -9.63 0.44 9.23
CA ARG A 69 -9.89 0.37 10.68
C ARG A 69 -9.44 -0.98 11.27
N GLU A 70 -9.64 -2.05 10.49
CA GLU A 70 -9.24 -3.40 10.93
C GLU A 70 -7.71 -3.49 11.15
N ILE A 71 -6.95 -2.78 10.32
CA ILE A 71 -5.48 -2.78 10.41
C ILE A 71 -5.01 -2.38 11.81
N TRP A 72 -5.64 -1.34 12.37
CA TRP A 72 -5.26 -0.81 13.69
C TRP A 72 -5.55 -1.83 14.81
N GLU A 73 -6.46 -2.76 14.54
CA GLU A 73 -6.81 -3.82 15.49
C GLU A 73 -5.92 -5.06 15.28
N ARG A 74 -5.61 -5.34 14.03
CA ARG A 74 -4.88 -6.57 13.66
C ARG A 74 -3.37 -6.45 13.87
N TYR A 75 -2.78 -5.35 13.43
CA TYR A 75 -1.31 -5.23 13.38
C TYR A 75 -0.80 -4.05 14.22
N PRO A 76 -0.42 -4.30 15.49
CA PRO A 76 0.06 -3.25 16.40
C PRO A 76 1.37 -2.59 15.94
N GLN A 77 2.18 -3.32 15.19
CA GLN A 77 3.44 -2.79 14.66
C GLN A 77 3.32 -2.43 13.16
N LEU A 78 2.10 -2.51 12.63
CA LEU A 78 1.84 -2.21 11.20
C LEU A 78 2.67 -3.15 10.29
N ASP A 79 2.68 -4.43 10.64
CA ASP A 79 3.52 -5.45 10.00
C ASP A 79 3.03 -5.84 8.59
N VAL A 80 2.36 -4.93 7.88
CA VAL A 80 1.73 -5.28 6.60
C VAL A 80 1.90 -4.19 5.53
N VAL A 81 1.90 -4.63 4.27
CA VAL A 81 1.90 -3.70 3.13
C VAL A 81 0.53 -3.74 2.42
N VAL A 82 -0.20 -2.63 2.50
CA VAL A 82 -1.53 -2.53 1.89
C VAL A 82 -1.44 -2.03 0.43
N ILE A 83 -2.09 -2.75 -0.49
CA ILE A 83 -2.07 -2.37 -1.91
C ILE A 83 -3.50 -2.12 -2.41
N VAL A 84 -3.67 -1.07 -3.23
CA VAL A 84 -4.98 -0.70 -3.78
C VAL A 84 -4.93 -0.69 -5.32
N THR A 85 -6.00 -1.17 -5.96
CA THR A 85 -6.04 -1.31 -7.42
C THR A 85 -6.50 -0.02 -8.13
N THR A 86 -5.88 1.10 -7.77
CA THR A 86 -6.15 2.40 -8.41
C THR A 86 -5.16 3.47 -7.93
N ASP A 87 -5.02 4.54 -8.71
CA ASP A 87 -4.11 5.65 -8.35
C ASP A 87 -4.89 6.93 -8.03
N ASP A 88 -6.19 6.78 -7.78
CA ASP A 88 -7.06 7.92 -7.47
C ASP A 88 -6.57 8.76 -6.28
N LYS A 89 -6.54 10.07 -6.46
CA LYS A 89 -6.08 11.02 -5.44
C LYS A 89 -7.01 11.00 -4.22
N GLU A 90 -8.31 10.87 -4.48
CA GLU A 90 -9.32 10.79 -3.41
C GLU A 90 -9.04 9.62 -2.47
N TRP A 91 -8.80 8.44 -3.04
CA TRP A 91 -8.53 7.23 -2.26
C TRP A 91 -7.21 7.37 -1.46
N ILE A 92 -6.20 7.98 -2.08
CA ILE A 92 -4.91 8.23 -1.40
C ILE A 92 -5.08 9.15 -0.19
N LYS A 93 -5.86 10.21 -0.35
CA LYS A 93 -6.10 11.19 0.72
C LYS A 93 -6.81 10.55 1.93
N ASP A 94 -7.90 9.82 1.66
CA ASP A 94 -8.67 9.14 2.71
C ASP A 94 -7.77 8.21 3.55
N PHE A 95 -6.97 7.36 2.88
CA PHE A 95 -6.06 6.44 3.58
C PHE A 95 -5.18 7.19 4.60
N ILE A 96 -4.73 8.38 4.22
CA ILE A 96 -3.90 9.21 5.09
C ILE A 96 -4.67 9.67 6.34
N GLU A 97 -5.92 10.14 6.15
CA GLU A 97 -6.75 10.61 7.28
C GLU A 97 -6.99 9.50 8.30
N GLU A 98 -7.54 8.37 7.84
CA GLU A 98 -7.79 7.20 8.69
C GLU A 98 -6.57 6.82 9.54
N ALA A 99 -5.37 7.01 9.00
CA ALA A 99 -4.14 6.75 9.72
C ALA A 99 -3.84 7.85 10.75
N LYS A 100 -4.00 9.11 10.33
CA LYS A 100 -3.74 10.25 11.22
C LYS A 100 -4.72 10.32 12.40
N GLU A 101 -5.92 9.75 12.25
CA GLU A 101 -6.84 9.61 13.38
C GLU A 101 -6.19 8.81 14.51
N ARG A 102 -5.36 7.83 14.13
CA ARG A 102 -4.68 6.97 15.08
C ARG A 102 -3.29 7.52 15.44
N GLY A 103 -2.88 8.58 14.74
CA GLY A 103 -1.58 9.22 14.99
C GLY A 103 -0.40 8.45 14.38
N VAL A 104 -0.69 7.55 13.45
CA VAL A 104 0.35 6.72 12.84
C VAL A 104 0.89 7.32 11.52
N GLU A 105 2.13 6.96 11.18
CA GLU A 105 2.80 7.48 9.98
C GLU A 105 2.40 6.70 8.72
N VAL A 106 2.29 7.40 7.60
CA VAL A 106 1.87 6.78 6.33
C VAL A 106 2.99 6.82 5.28
N PHE A 107 3.09 5.78 4.47
CA PHE A 107 4.07 5.74 3.38
C PHE A 107 3.40 5.28 2.07
N VAL A 108 3.14 6.24 1.18
CA VAL A 108 2.37 6.00 -0.05
C VAL A 108 3.27 5.91 -1.29
N VAL A 109 3.16 4.80 -2.03
CA VAL A 109 3.87 4.63 -3.30
C VAL A 109 2.90 4.27 -4.43
N TYR A 110 2.73 5.17 -5.39
CA TYR A 110 1.81 4.94 -6.52
C TYR A 110 2.53 4.94 -7.87
N ASN A 111 1.98 4.17 -8.82
CA ASN A 111 2.60 4.01 -10.14
C ASN A 111 2.01 4.98 -11.17
N ASN A 112 2.78 5.97 -11.57
CA ASN A 112 2.36 6.97 -12.56
C ASN A 112 3.58 7.42 -13.39
N LYS A 113 3.39 7.63 -14.69
CA LYS A 113 4.50 7.99 -15.57
C LYS A 113 4.75 9.51 -15.59
N ASP A 114 3.69 10.29 -15.74
CA ASP A 114 3.82 11.75 -15.93
C ASP A 114 4.54 12.43 -14.75
N ASP A 115 5.83 12.70 -14.94
CA ASP A 115 6.67 13.34 -13.92
C ASP A 115 6.06 14.67 -13.44
N ASP A 116 5.48 15.41 -14.38
CA ASP A 116 4.86 16.71 -14.07
C ASP A 116 3.83 16.58 -12.93
N ARG A 117 2.82 15.74 -13.13
CA ARG A 117 1.77 15.51 -12.13
C ARG A 117 2.33 14.81 -10.88
N ARG A 118 3.40 14.03 -11.06
CA ARG A 118 4.06 13.33 -9.95
C ARG A 118 4.72 14.32 -8.98
N LYS A 119 5.34 15.37 -9.51
CA LYS A 119 5.96 16.41 -8.67
C LYS A 119 4.92 17.10 -7.78
N GLU A 120 3.85 17.62 -8.40
CA GLU A 120 2.80 18.32 -7.67
C GLU A 120 2.04 17.36 -6.72
N ALA A 121 1.87 16.12 -7.14
CA ALA A 121 1.18 15.10 -6.32
C ALA A 121 1.92 14.85 -5.00
N GLN A 122 3.25 14.78 -5.06
CA GLN A 122 4.07 14.63 -3.85
C GLN A 122 3.88 15.84 -2.91
N GLN A 123 3.93 17.05 -3.48
CA GLN A 123 3.66 18.27 -2.70
C GLN A 123 2.24 18.25 -2.11
N GLU A 124 1.31 17.66 -2.85
CA GLU A 124 -0.10 17.60 -2.45
C GLU A 124 -0.33 16.72 -1.20
N PHE A 125 0.20 15.50 -1.22
CA PHE A 125 -0.07 14.52 -0.15
C PHE A 125 1.01 14.47 0.93
N ARG A 126 2.27 14.76 0.59
CA ARG A 126 3.37 14.57 1.53
C ARG A 126 3.38 15.63 2.65
N SER A 127 2.68 15.34 3.74
CA SER A 127 2.76 16.14 4.95
C SER A 127 3.58 15.39 6.02
N ASP A 128 3.75 15.97 7.20
CA ASP A 128 4.55 15.34 8.25
C ASP A 128 3.98 13.96 8.63
N GLY A 129 4.88 12.97 8.72
CA GLY A 129 4.45 11.61 9.03
C GLY A 129 4.04 10.82 7.80
N VAL A 130 3.80 11.52 6.69
CA VAL A 130 3.39 10.88 5.44
C VAL A 130 4.47 10.99 4.37
N ASP A 131 5.08 9.87 4.01
CA ASP A 131 6.10 9.82 2.97
C ASP A 131 5.47 9.44 1.62
N VAL A 132 5.74 10.21 0.58
CA VAL A 132 5.14 9.97 -0.75
C VAL A 132 6.19 9.71 -1.82
N ARG A 133 6.02 8.61 -2.57
CA ARG A 133 6.94 8.24 -3.66
C ARG A 133 6.19 8.01 -4.97
N THR A 134 6.80 8.43 -6.07
CA THR A 134 6.21 8.25 -7.40
C THR A 134 7.12 7.39 -8.28
N VAL A 135 6.54 6.40 -8.95
CA VAL A 135 7.32 5.53 -9.84
C VAL A 135 6.66 5.43 -11.23
N SER A 136 7.50 5.48 -12.27
CA SER A 136 7.01 5.38 -13.65
C SER A 136 6.94 3.92 -14.11
N ASP A 137 7.88 3.11 -13.64
CA ASP A 137 7.99 1.71 -14.06
C ASP A 137 7.62 0.75 -12.90
N LYS A 138 7.72 -0.55 -13.17
CA LYS A 138 7.35 -1.57 -12.19
C LYS A 138 8.45 -1.79 -11.13
N GLU A 139 9.67 -2.12 -11.58
CA GLU A 139 10.78 -2.42 -10.66
C GLU A 139 11.13 -1.22 -9.78
N GLU A 140 10.87 0.00 -10.28
CA GLU A 140 11.00 1.23 -9.48
C GLU A 140 10.21 1.10 -8.17
N LEU A 141 8.98 0.61 -8.27
CA LEU A 141 8.09 0.46 -7.13
C LEU A 141 8.58 -0.66 -6.20
N ILE A 142 9.07 -1.76 -6.81
CA ILE A 142 9.60 -2.90 -6.05
C ILE A 142 10.71 -2.45 -5.08
N GLU A 143 11.55 -1.51 -5.52
CA GLU A 143 12.64 -0.98 -4.67
C GLU A 143 12.13 -0.51 -3.31
N GLN A 144 11.05 0.28 -3.32
CA GLN A 144 10.49 0.83 -2.08
C GLN A 144 10.02 -0.29 -1.13
N VAL A 145 9.39 -1.32 -1.70
CA VAL A 145 8.95 -2.48 -0.93
C VAL A 145 10.14 -3.21 -0.28
N ARG A 146 11.20 -3.40 -1.05
CA ARG A 146 12.43 -4.03 -0.55
C ARG A 146 13.05 -3.19 0.59
N ARG A 147 12.98 -1.87 0.46
CA ARG A 147 13.43 -0.95 1.52
C ARG A 147 12.66 -1.20 2.83
N PHE A 148 11.35 -1.40 2.72
CA PHE A 148 10.50 -1.69 3.88
C PHE A 148 11.05 -2.90 4.67
N VAL A 149 11.33 -3.99 3.95
CA VAL A 149 11.96 -5.17 4.55
C VAL A 149 13.26 -4.80 5.28
N ARG A 150 14.07 -3.92 4.67
CA ARG A 150 15.32 -3.46 5.29
C ARG A 150 15.06 -2.63 6.56
N LYS A 151 13.88 -2.00 6.63
CA LYS A 151 13.46 -1.27 7.83
C LYS A 151 13.11 -2.23 8.96
N VAL A 152 12.17 -3.16 8.69
CA VAL A 152 11.72 -4.12 9.69
C VAL A 152 12.80 -5.17 10.04
N GLY A 153 13.78 -5.31 9.15
CA GLY A 153 14.90 -6.24 9.40
C GLY A 153 15.82 -5.78 10.53
N SER A 154 15.56 -4.60 11.08
CA SER A 154 16.37 -4.05 12.19
C SER A 154 15.95 -4.62 13.56
N LEU A 155 14.95 -5.51 13.56
CA LEU A 155 14.52 -6.18 14.80
C LEU A 155 15.60 -7.15 15.31
N GLU A 156 15.42 -7.68 16.52
CA GLU A 156 16.36 -8.66 17.08
C GLU A 156 16.28 -9.99 16.34
N HIS A 157 17.38 -10.74 16.33
CA HIS A 157 17.43 -12.03 15.65
C HIS A 157 17.46 -13.18 16.68
N HIS A 158 16.50 -14.10 16.56
CA HIS A 158 16.40 -15.21 17.50
C HIS A 158 17.45 -16.30 17.22
N HIS A 159 17.82 -17.07 18.24
CA HIS A 159 18.81 -18.13 18.09
C HIS A 159 18.19 -19.42 17.52
N HIS A 160 18.45 -19.68 16.23
CA HIS A 160 17.93 -20.87 15.56
C HIS A 160 18.91 -22.05 15.67
N HIS A 161 20.16 -21.76 16.00
CA HIS A 161 21.22 -22.79 16.05
C HIS A 161 22.18 -22.57 17.23
N HIS A 162 23.12 -23.49 17.40
CA HIS A 162 24.17 -23.36 18.43
C HIS A 162 25.28 -22.39 17.98
#